data_8BUC
#
_entry.id   8BUC
#
_cell.length_a   249.773
_cell.length_b   249.773
_cell.length_c   218.027
_cell.angle_alpha   90.000
_cell.angle_beta   90.000
_cell.angle_gamma   120.000
#
_symmetry.space_group_name_H-M   'P 31 2 1'
#
loop_
_entity.id
_entity.type
_entity.pdbx_description
1 polymer 'DNA damage-binding protein 1'
2 polymer 'Cyclin-dependent kinase 12'
3 polymer Cyclin-K
4 non-polymer 'SULFATE ION'
5 non-polymer 2-(1~{H}-benzimidazol-2-ylsulfanyl)-~{N}-(5-chloranylpyridin-2-yl)ethanamide
6 non-polymer 'CITRIC ACID'
#
loop_
_entity_poly.entity_id
_entity_poly.type
_entity_poly.pdbx_seq_one_letter_code
_entity_poly.pdbx_strand_id
1 'polypeptide(L)'
;GGGRMSYNYVVTAQKPTAVNGCVTGHFTSAEDLNLLIAKNTRLEIYVVTAEGLRPVKEVGMYGKIAVMELFRPKGESKDL
LFILTAKYNACILEYKQSGESIDIITRAHGNVQDRIGRPSETGIIGIIDPECRMIGLRLYDGLFKVIPLDRDNKELKAFN
IRLEELHVIDVKFLYGCQAPTICFVYQDPQGRHVKTYEVSLREKEFNKGPWKQENVEAEASMVIAVPEPFGGAIIIGQES
ITYHNGDKYLAIAPPIIKQSTIVCHNRVDPNGSRYLLGDMEGRLFMLLLEKEEQMDGTVTLKDLRVELLGETSIAECLTY
LDNGVVFVGSRLGDSQLVKLNVDSNEQGSYVVAMETFTNLGPIVDMCVVDLERQGQGQLVTCSGAFKEGSLRIIRNGIGG
NGNSGEIQKLHIRTVPLYESPRKICYQEVSQCFGVLSSRIEVQDTSGGTTALRPSASTQALSSSVSSSKLFSSSTAPHET
SFGEEVEVHNLLIIDQHTFEVLHAHQFLQNEYALSLVSCKLGKDPNTYFIVGTAMVYPEEAEPKQGRIVVFQYSDGKLQT
VAEKEVKGAVYSMVEFNGKLLASINSTVRLYEWTTEKELRTECNHYNNIMALYLKTKGDFILVGDLMRSVLLLAYKPMEG
NFEEIARDFNPNWMSAVEILDDDNFLGAENAFNLFVCQKDSAATTDEERQHLQEVGLFHLGEFVNVFCHGSLVMQNLGET
STPTQGSVLFGTVNGMIGLVTSLSESWYNLLLDMQNRLNKVIKSVGKIEHSFWRSFHTERKTEPATGFIDGDLIESFLDI
SRPKMQEVVANLQYDDGSGMKREATADDLIKVVEELTRIH
;
A,D,G
2 'polypeptide(L)'
;GGGRRQTESDWGKRCVDKFDIIGIIGEGTYGQVYKAKDKDTGELVALKKVRLDNEKEGFPITAIREIKILRQLIHRSVVN
MKEIVTDKQDALDFKKDKGAFYLVFEYMDHDLMGLLESGLVHFSEDHIKSFMKQLMEGLEYCHKKNFLHRDIKCSNILLN
NSGQIKLADFGLARLYNSEESRPY(TPO)NKVITLWYRPPELLLGEERYTPAIDVWSCGCILGELFTKKPIFQANLELAQ
LELISRLCGSPCPAVWPDVIRLPYFNTMKPKKQYRRRLREEFSFIPSAALDLLDHMLTLDPSKRCTAEQTLQSDFLKDVE
LSKMAPPDLPHWQDCHELWSKKRRRQRQ
;
B,E,H
3 'polypeptide(L)'
;GGGRMKENKENSSPSVTSANLDHTKPCWYWDKKDLAHTPSQLEGLDPATEARYRREGARFIFDVGTRLGLHYDTLATGII
YFHRFYMFHSFKQFPRYVTGACCLFLAGKVEETPKKCKDIIKTARSLLNDVQFGQFGDDPKEEVMVLERILLQTIKFDLQ
VEHPYQFLLKYAKQLKGDKNKIQKLVQMAWTFVNDSLCTTLSLQWEPEIIAVAVMYLAGRLCKFEIQEWTSKPMYRRWWE
QFVQDVPVDVLEDICHQILDLYSQGKQQMPH
;
C,F,I
#
# COMPACT_ATOMS: atom_id res chain seq x y z
N MET A 5 15.66 35.83 47.23
CA MET A 5 16.67 34.90 47.79
C MET A 5 15.93 33.79 48.55
N SER A 6 16.60 32.68 48.82
CA SER A 6 16.03 31.57 49.57
C SER A 6 16.90 31.23 50.78
N TYR A 7 16.26 30.66 51.81
CA TYR A 7 16.90 30.39 53.08
C TYR A 7 16.58 28.96 53.50
N ASN A 8 17.62 28.15 53.71
CA ASN A 8 17.44 26.75 54.04
C ASN A 8 18.45 26.31 55.08
N TYR A 9 18.17 25.15 55.69
CA TYR A 9 18.91 24.63 56.84
C TYR A 9 19.17 23.14 56.60
N VAL A 10 20.42 22.73 56.66
CA VAL A 10 20.83 21.35 56.39
C VAL A 10 21.54 20.79 57.63
N VAL A 11 21.10 19.62 58.08
CA VAL A 11 21.65 18.98 59.27
C VAL A 11 21.92 17.52 58.98
N THR A 12 22.97 16.99 59.60
CA THR A 12 23.35 15.58 59.46
C THR A 12 22.59 14.75 60.49
N ALA A 13 21.73 13.86 60.01
CA ALA A 13 20.99 12.97 60.90
C ALA A 13 21.77 11.72 61.28
N GLN A 14 22.49 11.12 60.34
CA GLN A 14 23.35 9.98 60.60
C GLN A 14 24.68 10.23 59.91
N LYS A 15 25.76 10.12 60.67
CA LYS A 15 27.08 10.43 60.14
C LYS A 15 27.53 9.39 59.14
N PRO A 16 28.49 9.75 58.28
CA PRO A 16 29.04 8.77 57.33
C PRO A 16 29.54 7.53 58.04
N THR A 17 29.14 6.37 57.52
CA THR A 17 29.46 5.08 58.12
C THR A 17 30.49 4.27 57.34
N ALA A 18 30.66 4.53 56.06
CA ALA A 18 31.58 3.75 55.24
C ALA A 18 33.02 4.06 55.62
N VAL A 19 33.86 3.03 55.62
CA VAL A 19 35.27 3.19 55.96
C VAL A 19 36.03 3.54 54.69
N ASN A 20 36.67 4.71 54.68
CA ASN A 20 37.43 5.20 53.55
C ASN A 20 38.93 4.93 53.70
N GLY A 21 39.42 4.79 54.93
CA GLY A 21 40.81 4.38 55.15
C GLY A 21 41.02 4.04 56.60
N CYS A 22 42.07 3.25 56.85
CA CYS A 22 42.39 2.88 58.22
C CYS A 22 43.88 2.59 58.34
N VAL A 23 44.49 3.09 59.43
CA VAL A 23 45.92 2.90 59.70
C VAL A 23 46.09 2.50 61.16
N THR A 24 47.26 1.93 61.45
CA THR A 24 47.63 1.56 62.82
C THR A 24 48.97 2.19 63.17
N GLY A 25 49.19 2.40 64.46
CA GLY A 25 50.42 3.01 64.91
C GLY A 25 50.34 3.34 66.39
N HIS A 26 51.16 4.33 66.78
CA HIS A 26 51.32 4.72 68.18
C HIS A 26 51.07 6.22 68.25
N PHE A 27 49.80 6.61 68.09
CA PHE A 27 49.41 8.00 67.93
C PHE A 27 49.01 8.65 69.25
N THR A 28 48.22 7.97 70.07
CA THR A 28 47.76 8.58 71.32
C THR A 28 48.85 8.55 72.38
N SER A 29 49.69 7.51 72.38
CA SER A 29 50.81 7.37 73.29
C SER A 29 51.87 6.53 72.59
N ALA A 30 53.14 6.76 72.93
CA ALA A 30 54.19 5.94 72.35
C ALA A 30 54.04 4.48 72.76
N GLU A 31 53.16 4.19 73.71
CA GLU A 31 52.96 2.86 74.29
C GLU A 31 51.76 2.13 73.73
N ASP A 32 50.64 2.81 73.54
CA ASP A 32 49.42 2.17 73.05
C ASP A 32 49.52 1.77 71.58
N LEU A 33 48.73 0.77 71.21
CA LEU A 33 48.51 0.42 69.81
C LEU A 33 47.18 1.02 69.37
N ASN A 34 47.25 1.93 68.40
CA ASN A 34 46.07 2.68 67.94
C ASN A 34 45.57 2.16 66.61
N LEU A 35 44.26 2.29 66.42
CA LEU A 35 43.62 2.12 65.13
C LEU A 35 42.88 3.40 64.80
N LEU A 36 43.30 4.07 63.73
CA LEU A 36 42.65 5.28 63.25
C LEU A 36 41.80 4.91 62.04
N ILE A 37 40.49 5.12 62.14
CA ILE A 37 39.55 4.80 61.07
C ILE A 37 39.05 6.12 60.50
N ALA A 38 39.09 6.24 59.17
CA ALA A 38 38.70 7.47 58.49
C ALA A 38 37.39 7.23 57.76
N LYS A 39 36.35 7.94 58.17
CA LYS A 39 35.11 8.04 57.42
C LYS A 39 35.02 9.44 56.85
N ASN A 40 34.22 9.61 55.79
CA ASN A 40 34.24 10.88 55.07
C ASN A 40 34.05 12.03 56.05
N THR A 41 35.08 12.88 56.18
CA THR A 41 35.12 14.06 57.03
C THR A 41 35.28 13.71 58.51
N ARG A 42 35.26 12.42 58.89
CA ARG A 42 35.30 12.01 60.28
C ARG A 42 36.54 11.16 60.54
N LEU A 43 37.24 11.43 61.65
CA LEU A 43 38.36 10.62 62.12
C LEU A 43 37.99 9.97 63.46
N GLU A 44 38.10 8.64 63.52
CA GLU A 44 37.83 7.89 64.74
C GLU A 44 39.14 7.30 65.25
N ILE A 45 39.42 7.49 66.54
CA ILE A 45 40.65 6.99 67.15
C ILE A 45 40.27 5.90 68.14
N TYR A 46 40.86 4.72 67.99
CA TYR A 46 40.63 3.59 68.89
C TYR A 46 41.95 3.14 69.50
N VAL A 47 41.86 2.38 70.58
CA VAL A 47 43.01 1.73 71.19
C VAL A 47 42.75 0.23 71.18
N VAL A 48 43.74 -0.54 70.75
CA VAL A 48 43.59 -1.97 70.56
C VAL A 48 43.73 -2.68 71.89
N THR A 49 42.75 -3.53 72.22
CA THR A 49 42.73 -4.34 73.43
C THR A 49 42.77 -5.81 73.03
N ALA A 50 42.70 -6.70 74.03
CA ALA A 50 42.63 -8.13 73.75
C ALA A 50 41.23 -8.60 73.36
N GLU A 51 40.19 -7.79 73.58
CA GLU A 51 38.84 -8.18 73.22
C GLU A 51 38.35 -7.49 71.95
N GLY A 52 38.85 -6.28 71.68
CA GLY A 52 38.38 -5.48 70.59
C GLY A 52 39.00 -4.10 70.65
N LEU A 53 38.19 -3.07 70.37
CA LEU A 53 38.67 -1.71 70.30
C LEU A 53 38.04 -0.87 71.40
N ARG A 54 38.87 -0.05 72.06
CA ARG A 54 38.35 0.90 73.03
C ARG A 54 38.33 2.27 72.35
N PRO A 55 37.17 2.87 72.12
CA PRO A 55 37.16 4.22 71.53
C PRO A 55 37.73 5.22 72.52
N VAL A 56 38.42 6.22 71.99
CA VAL A 56 39.06 7.22 72.84
C VAL A 56 38.68 8.63 72.39
N LYS A 57 38.61 8.86 71.08
CA LYS A 57 38.37 10.21 70.59
C LYS A 57 37.86 10.17 69.16
N GLU A 58 36.94 11.09 68.85
CA GLU A 58 36.47 11.30 67.49
C GLU A 58 36.42 12.80 67.19
N VAL A 59 36.97 13.20 66.04
CA VAL A 59 36.93 14.59 65.60
C VAL A 59 36.34 14.64 64.20
N GLY A 60 35.74 15.77 63.88
CA GLY A 60 35.37 16.10 62.51
C GLY A 60 36.39 17.06 61.93
N MET A 61 36.55 17.01 60.62
CA MET A 61 37.41 17.93 59.88
C MET A 61 36.57 18.59 58.80
N TYR A 62 36.94 19.83 58.47
CA TYR A 62 36.20 20.59 57.46
C TYR A 62 36.77 20.27 56.08
N GLY A 63 36.60 19.00 55.71
CA GLY A 63 37.16 18.46 54.48
C GLY A 63 37.03 16.95 54.37
N LYS A 64 37.03 16.44 53.14
CA LYS A 64 37.05 14.99 52.91
C LYS A 64 38.47 14.47 53.08
N ILE A 65 38.66 13.47 53.92
CA ILE A 65 39.99 12.96 54.24
C ILE A 65 40.46 12.12 53.06
N ALA A 66 41.47 12.62 52.35
CA ALA A 66 42.03 11.93 51.20
C ALA A 66 43.27 11.10 51.55
N VAL A 67 44.19 11.66 52.33
CA VAL A 67 45.40 10.96 52.74
C VAL A 67 45.40 10.91 54.25
N MET A 68 45.69 9.73 54.82
CA MET A 68 45.83 9.55 56.26
C MET A 68 46.99 8.62 56.51
N GLU A 69 48.02 9.11 57.19
CA GLU A 69 49.22 8.32 57.44
C GLU A 69 49.84 8.71 58.76
N LEU A 70 50.37 7.72 59.47
CA LEU A 70 51.11 7.93 60.70
C LEU A 70 52.61 7.77 60.47
N PHE A 71 53.40 8.64 61.09
CA PHE A 71 54.86 8.63 60.97
C PHE A 71 55.45 9.16 62.27
N ARG A 72 56.72 8.84 62.49
CA ARG A 72 57.40 9.27 63.72
C ARG A 72 58.79 9.81 63.38
N PRO A 73 58.94 11.13 63.23
CA PRO A 73 60.26 11.69 62.90
C PRO A 73 61.19 11.62 64.11
N LYS A 74 62.48 11.51 63.82
CA LYS A 74 63.49 11.48 64.88
C LYS A 74 63.32 12.67 65.82
N GLY A 75 63.26 12.37 67.11
CA GLY A 75 63.07 13.36 68.14
C GLY A 75 61.68 13.35 68.75
N GLU A 76 60.71 12.75 68.08
CA GLU A 76 59.36 12.64 68.62
C GLU A 76 59.23 11.35 69.42
N SER A 77 58.44 11.41 70.49
CA SER A 77 58.20 10.21 71.30
C SER A 77 57.16 9.30 70.66
N LYS A 78 56.24 9.85 69.89
CA LYS A 78 55.09 9.10 69.41
C LYS A 78 54.75 9.55 68.00
N ASP A 79 53.87 8.78 67.36
CA ASP A 79 53.57 9.01 65.95
C ASP A 79 52.79 10.32 65.77
N LEU A 80 53.08 11.00 64.68
CA LEU A 80 52.29 12.14 64.24
C LEU A 80 51.40 11.72 63.08
N LEU A 81 50.33 12.46 62.89
CA LEU A 81 49.32 12.13 61.89
C LEU A 81 49.35 13.16 60.78
N PHE A 82 49.48 12.69 59.54
CA PHE A 82 49.37 13.55 58.38
C PHE A 82 48.01 13.32 57.73
N ILE A 83 47.32 14.41 57.39
CA ILE A 83 46.06 14.33 56.67
C ILE A 83 46.07 15.38 55.57
N LEU A 84 45.56 15.01 54.41
CA LEU A 84 45.36 15.91 53.28
C LEU A 84 43.91 15.79 52.87
N THR A 85 43.22 16.91 52.71
CA THR A 85 41.83 16.84 52.33
C THR A 85 41.72 16.86 50.81
N ALA A 86 40.52 16.53 50.31
CA ALA A 86 40.31 16.50 48.87
C ALA A 86 40.37 17.88 48.23
N LYS A 87 40.20 18.94 49.01
CA LYS A 87 40.39 20.30 48.50
C LYS A 87 41.82 20.77 48.70
N TYR A 88 42.72 19.84 49.06
CA TYR A 88 44.16 20.04 49.17
C TYR A 88 44.55 20.81 50.43
N ASN A 89 43.78 20.65 51.50
CA ASN A 89 44.18 21.18 52.81
C ASN A 89 45.07 20.16 53.50
N ALA A 90 46.32 20.52 53.77
CA ALA A 90 47.28 19.66 54.43
C ALA A 90 47.53 20.13 55.85
N CYS A 91 47.80 19.16 56.73
CA CYS A 91 48.11 19.47 58.13
C CYS A 91 48.81 18.28 58.77
N ILE A 92 49.56 18.57 59.83
CA ILE A 92 50.16 17.56 60.69
C ILE A 92 49.55 17.71 62.08
N LEU A 93 49.07 16.61 62.64
CA LEU A 93 48.29 16.63 63.86
C LEU A 93 48.98 15.85 64.97
N GLU A 94 48.76 16.28 66.22
CA GLU A 94 49.29 15.59 67.38
C GLU A 94 48.20 15.39 68.42
N TYR A 95 48.19 14.20 69.02
CA TYR A 95 47.31 13.87 70.14
C TYR A 95 47.95 14.33 71.44
N LYS A 96 47.18 15.05 72.26
CA LYS A 96 47.64 15.52 73.56
C LYS A 96 46.52 15.35 74.57
N GLN A 97 46.84 14.78 75.73
CA GLN A 97 45.86 14.47 76.76
C GLN A 97 46.35 15.01 78.09
N SER A 98 45.49 15.75 78.78
CA SER A 98 45.81 16.34 80.08
C SER A 98 44.81 15.77 81.07
N GLY A 99 45.11 14.63 81.64
CA GLY A 99 44.13 14.02 82.53
C GLY A 99 42.92 13.61 81.70
N GLU A 100 41.79 14.23 82.04
CA GLU A 100 40.51 13.97 81.40
C GLU A 100 40.30 14.77 80.11
N SER A 101 41.15 15.76 79.83
CA SER A 101 40.99 16.64 78.68
C SER A 101 41.76 16.13 77.47
N ILE A 102 41.04 15.76 76.41
CA ILE A 102 41.65 15.29 75.17
C ILE A 102 41.45 16.35 74.09
N ASP A 103 42.53 16.75 73.42
CA ASP A 103 42.47 17.70 72.32
C ASP A 103 43.44 17.28 71.22
N ILE A 104 43.22 17.81 70.01
CA ILE A 104 44.07 17.52 68.85
C ILE A 104 44.81 18.79 68.41
N ILE A 105 46.14 18.68 68.32
CA ILE A 105 47.03 19.81 68.05
C ILE A 105 47.29 19.89 66.55
N THR A 106 47.19 21.09 65.99
CA THR A 106 47.57 21.32 64.60
C THR A 106 49.02 21.82 64.61
N ARG A 107 49.96 20.94 64.26
CA ARG A 107 51.37 21.29 64.34
C ARG A 107 51.85 22.07 63.11
N ALA A 108 51.33 21.75 61.93
CA ALA A 108 51.68 22.39 60.68
C ALA A 108 50.47 22.33 59.78
N HIS A 109 50.32 23.32 58.91
CA HIS A 109 49.16 23.32 58.04
C HIS A 109 49.34 24.24 56.85
N GLY A 110 48.63 23.91 55.77
CA GLY A 110 48.62 24.73 54.58
C GLY A 110 47.86 24.04 53.47
N ASN A 111 47.61 24.79 52.41
CA ASN A 111 46.91 24.32 51.22
C ASN A 111 47.93 24.18 50.09
N VAL A 112 47.99 22.99 49.50
CA VAL A 112 49.05 22.64 48.57
C VAL A 112 48.57 22.66 47.11
N GLN A 113 47.43 23.29 46.85
CA GLN A 113 46.87 23.32 45.50
C GLN A 113 47.75 24.13 44.56
N ASP A 114 47.92 23.63 43.35
CA ASP A 114 48.66 24.33 42.31
C ASP A 114 47.71 25.11 41.41
N ARG A 115 48.16 26.28 40.98
CA ARG A 115 47.37 27.11 40.08
C ARG A 115 47.03 26.36 38.81
N ILE A 116 48.00 25.61 38.27
CA ILE A 116 47.87 24.91 37.00
C ILE A 116 48.31 23.46 37.21
N GLY A 117 47.45 22.53 36.78
CA GLY A 117 47.77 21.11 36.87
C GLY A 117 46.59 20.24 36.48
N ARG A 118 46.86 19.03 35.98
CA ARG A 118 45.76 18.14 35.59
C ARG A 118 45.56 17.07 36.66
N PRO A 119 44.40 17.04 37.32
CA PRO A 119 44.14 15.98 38.31
C PRO A 119 44.26 14.59 37.72
N SER A 120 44.94 13.71 38.45
CA SER A 120 45.27 12.37 37.96
C SER A 120 44.08 11.41 38.03
N GLU A 121 44.12 10.39 37.17
CA GLU A 121 43.03 9.42 37.09
C GLU A 121 42.94 8.58 38.36
N THR A 122 44.08 8.08 38.85
CA THR A 122 44.09 7.22 40.03
C THR A 122 44.02 8.01 41.32
N GLY A 123 43.69 9.29 41.26
CA GLY A 123 43.38 10.06 42.45
C GLY A 123 44.61 10.50 43.20
N ILE A 124 44.36 11.24 44.29
CA ILE A 124 45.46 11.69 45.15
C ILE A 124 46.14 10.50 45.77
N ILE A 125 47.47 10.48 45.73
CA ILE A 125 48.27 9.50 46.44
C ILE A 125 49.21 10.26 47.38
N GLY A 126 49.30 9.79 48.62
CA GLY A 126 50.23 10.34 49.59
C GLY A 126 51.03 9.27 50.28
N ILE A 127 52.35 9.44 50.32
CA ILE A 127 53.26 8.48 50.93
C ILE A 127 54.32 9.25 51.71
N ILE A 128 54.90 8.58 52.70
CA ILE A 128 55.93 9.19 53.54
C ILE A 128 57.18 8.31 53.56
N ASP A 129 58.32 8.96 53.52
CA ASP A 129 59.63 8.30 53.50
C ASP A 129 59.82 7.45 54.75
N PRO A 130 60.47 6.28 54.62
CA PRO A 130 60.75 5.48 55.83
C PRO A 130 61.59 6.21 56.86
N GLU A 131 62.46 7.11 56.44
CA GLU A 131 63.21 7.94 57.37
C GLU A 131 62.45 9.22 57.71
N CYS A 132 61.20 9.33 57.31
CA CYS A 132 60.36 10.49 57.60
C CYS A 132 61.10 11.78 57.27
N ARG A 133 61.77 11.78 56.12
CA ARG A 133 62.44 12.99 55.65
C ARG A 133 61.51 13.87 54.83
N MET A 134 60.51 13.29 54.18
CA MET A 134 59.63 14.05 53.31
C MET A 134 58.30 13.33 53.16
N ILE A 135 57.29 14.10 52.74
CA ILE A 135 55.99 13.57 52.33
C ILE A 135 55.90 13.69 50.81
N GLY A 136 55.59 12.58 50.14
CA GLY A 136 55.38 12.57 48.72
C GLY A 136 53.90 12.67 48.40
N LEU A 137 53.57 13.55 47.45
CA LEU A 137 52.20 13.70 46.99
C LEU A 137 52.14 13.59 45.48
N ARG A 138 51.21 12.78 44.98
CA ARG A 138 50.89 12.71 43.55
C ARG A 138 49.51 13.31 43.37
N LEU A 139 49.46 14.60 43.02
CA LEU A 139 48.19 15.30 42.82
C LEU A 139 47.85 15.50 41.35
N TYR A 140 48.84 15.78 40.49
CA TYR A 140 48.59 16.11 39.10
C TYR A 140 49.43 15.25 38.18
N ASP A 141 48.88 14.97 36.99
CA ASP A 141 49.64 14.25 35.98
C ASP A 141 50.93 14.98 35.66
N GLY A 142 52.02 14.24 35.58
CA GLY A 142 53.28 14.80 35.19
C GLY A 142 54.02 15.55 36.29
N LEU A 143 53.52 15.55 37.52
CA LEU A 143 54.15 16.26 38.61
C LEU A 143 54.21 15.42 39.88
N PHE A 144 55.33 15.53 40.60
CA PHE A 144 55.52 14.93 41.92
C PHE A 144 55.81 16.07 42.89
N LYS A 145 54.99 16.22 43.92
CA LYS A 145 55.15 17.27 44.91
C LYS A 145 55.80 16.71 46.17
N VAL A 146 56.76 17.46 46.70
CA VAL A 146 57.52 17.04 47.88
C VAL A 146 57.32 18.09 48.97
N ILE A 147 56.80 17.67 50.11
CA ILE A 147 56.84 18.47 51.33
C ILE A 147 57.98 17.93 52.19
N PRO A 148 59.10 18.65 52.31
CA PRO A 148 60.17 18.17 53.18
C PRO A 148 59.79 18.33 54.65
N LEU A 149 60.06 17.29 55.44
CA LEU A 149 59.68 17.30 56.85
C LEU A 149 60.81 17.85 57.73
N ASP A 150 61.13 19.12 57.53
CA ASP A 150 62.04 19.82 58.42
C ASP A 150 61.24 20.50 59.52
N ARG A 151 61.90 20.73 60.65
CA ARG A 151 61.26 21.36 61.80
C ARG A 151 60.66 22.71 61.48
N ASP A 152 61.25 23.43 60.53
CA ASP A 152 60.83 24.82 60.29
C ASP A 152 59.65 24.93 59.34
N ASN A 153 59.27 23.85 58.67
CA ASN A 153 58.21 23.91 57.66
C ASN A 153 56.83 23.80 58.31
N LYS A 154 56.51 24.81 59.12
CA LYS A 154 55.23 24.81 59.80
C LYS A 154 54.08 25.14 58.85
N GLU A 155 54.39 25.70 57.69
CA GLU A 155 53.39 26.01 56.68
C GLU A 155 53.29 24.94 55.61
N LEU A 156 54.07 23.87 55.71
CA LEU A 156 54.08 22.79 54.73
C LEU A 156 54.31 23.32 53.32
N LYS A 157 55.31 24.18 53.17
CA LYS A 157 55.71 24.65 51.85
C LYS A 157 56.35 23.51 51.05
N ALA A 158 56.12 23.53 49.73
CA ALA A 158 56.52 22.41 48.90
C ALA A 158 56.90 22.85 47.50
N PHE A 159 57.59 21.95 46.80
CA PHE A 159 58.03 22.14 45.43
C PHE A 159 57.66 20.94 44.58
N ASN A 160 57.59 21.16 43.26
CA ASN A 160 57.26 20.12 42.30
C ASN A 160 58.49 19.70 41.53
N ILE A 161 58.61 18.39 41.28
CA ILE A 161 59.64 17.82 40.43
C ILE A 161 58.96 17.33 39.15
N ARG A 162 59.47 17.77 38.00
CA ARG A 162 58.90 17.29 36.75
C ARG A 162 59.04 15.77 36.66
N LEU A 163 57.95 15.12 36.27
CA LEU A 163 57.88 13.67 36.14
C LEU A 163 57.54 13.37 34.69
N GLU A 164 58.45 12.66 34.01
CA GLU A 164 58.24 12.37 32.59
C GLU A 164 57.02 11.48 32.40
N GLU A 165 56.83 10.51 33.29
CA GLU A 165 55.77 9.51 33.16
C GLU A 165 54.44 10.15 33.57
N LEU A 166 53.59 10.44 32.59
CA LEU A 166 52.40 11.25 32.84
C LEU A 166 51.31 10.47 33.57
N HIS A 167 51.16 9.18 33.24
CA HIS A 167 50.06 8.36 33.76
C HIS A 167 50.64 7.36 34.76
N VAL A 168 50.60 7.73 36.05
CA VAL A 168 51.10 6.89 37.12
C VAL A 168 49.93 6.14 37.75
N ILE A 169 50.15 4.86 38.04
CA ILE A 169 49.12 4.04 38.66
C ILE A 169 49.22 4.07 40.18
N ASP A 170 50.40 3.78 40.72
CA ASP A 170 50.62 3.77 42.16
C ASP A 170 52.10 4.00 42.45
N VAL A 171 52.37 4.56 43.63
CA VAL A 171 53.74 4.84 44.05
C VAL A 171 53.88 4.63 45.55
N LYS A 172 55.08 4.18 45.95
CA LYS A 172 55.44 4.00 47.35
C LYS A 172 56.90 4.39 47.51
N PHE A 173 57.26 4.84 48.72
CA PHE A 173 58.68 4.93 49.07
C PHE A 173 59.18 3.53 49.39
N LEU A 174 60.39 3.22 48.95
CA LEU A 174 60.97 1.90 49.14
C LEU A 174 61.78 1.84 50.44
N TYR A 175 61.96 0.63 50.94
CA TYR A 175 62.75 0.40 52.14
C TYR A 175 64.13 -0.07 51.71
N GLY A 176 65.15 0.34 52.47
CA GLY A 176 66.49 -0.15 52.23
C GLY A 176 67.26 0.55 51.13
N CYS A 177 67.16 1.87 51.03
CA CYS A 177 67.85 2.63 50.01
C CYS A 177 68.77 3.68 50.61
N GLN A 178 69.86 3.96 49.87
CA GLN A 178 70.84 4.92 50.32
C GLN A 178 70.28 6.34 50.35
N ALA A 179 69.34 6.64 49.48
CA ALA A 179 68.63 7.90 49.41
C ALA A 179 67.13 7.66 49.35
N PRO A 180 66.31 8.68 49.66
CA PRO A 180 64.86 8.52 49.48
C PRO A 180 64.52 8.09 48.07
N THR A 181 63.86 6.93 47.92
CA THR A 181 63.62 6.33 46.62
C THR A 181 62.14 6.01 46.47
N ILE A 182 61.58 6.33 45.30
CA ILE A 182 60.20 6.01 44.97
C ILE A 182 60.17 4.88 43.95
N CYS A 183 59.23 3.96 44.12
CA CYS A 183 58.97 2.89 43.16
C CYS A 183 57.52 3.03 42.72
N PHE A 184 57.28 3.03 41.41
CA PHE A 184 55.92 3.26 40.93
C PHE A 184 55.68 2.48 39.65
N VAL A 185 54.40 2.18 39.41
CA VAL A 185 53.93 1.60 38.16
C VAL A 185 53.28 2.71 37.35
N TYR A 186 53.61 2.77 36.06
CA TYR A 186 53.07 3.81 35.18
C TYR A 186 52.59 3.18 33.88
N GLN A 187 51.76 3.92 33.16
CA GLN A 187 51.20 3.45 31.90
C GLN A 187 51.52 4.43 30.78
N ASP A 188 51.99 3.89 29.65
CA ASP A 188 52.22 4.62 28.40
C ASP A 188 51.69 3.72 27.30
N PRO A 189 51.79 4.10 26.02
CA PRO A 189 51.17 3.27 24.97
C PRO A 189 51.73 1.86 24.86
N GLN A 190 52.93 1.59 25.40
CA GLN A 190 53.53 0.27 25.25
C GLN A 190 53.14 -0.69 26.35
N GLY A 191 52.21 -0.30 27.23
CA GLY A 191 51.85 -1.14 28.35
C GLY A 191 52.18 -0.50 29.68
N ARG A 192 52.26 -1.30 30.75
CA ARG A 192 52.60 -0.81 32.07
C ARG A 192 54.00 -1.25 32.45
N HIS A 193 54.65 -0.40 33.24
CA HIS A 193 56.05 -0.58 33.61
C HIS A 193 56.21 -0.25 35.08
N VAL A 194 57.27 -0.77 35.67
CA VAL A 194 57.70 -0.42 37.01
C VAL A 194 59.06 0.28 36.88
N LYS A 195 59.24 1.36 37.62
CA LYS A 195 60.41 2.22 37.47
C LYS A 195 60.73 2.86 38.81
N THR A 196 61.99 3.24 38.98
CA THR A 196 62.43 3.87 40.22
C THR A 196 63.12 5.21 39.97
N TYR A 197 63.01 6.09 40.95
CA TYR A 197 63.76 7.34 41.02
C TYR A 197 64.26 7.53 42.44
N GLU A 198 65.31 8.33 42.57
CA GLU A 198 65.77 8.83 43.87
C GLU A 198 65.37 10.29 44.00
N VAL A 199 65.01 10.70 45.21
CA VAL A 199 64.51 12.06 45.47
C VAL A 199 65.59 12.80 46.24
N SER A 200 66.08 13.91 45.66
CA SER A 200 67.11 14.73 46.28
C SER A 200 66.49 16.03 46.78
N LEU A 201 66.40 16.16 48.11
CA LEU A 201 65.92 17.41 48.68
C LEU A 201 66.91 18.55 48.40
N ARG A 202 68.19 18.24 48.32
CA ARG A 202 69.20 19.27 48.08
C ARG A 202 69.11 19.82 46.67
N GLU A 203 69.01 18.94 45.67
CA GLU A 203 68.91 19.36 44.28
C GLU A 203 67.49 19.67 43.84
N LYS A 204 66.47 19.17 44.55
CA LYS A 204 65.07 19.39 44.18
C LYS A 204 64.80 18.86 42.78
N GLU A 205 65.22 17.61 42.54
CA GLU A 205 64.93 16.92 41.30
C GLU A 205 65.12 15.42 41.54
N PHE A 206 64.75 14.63 40.52
CA PHE A 206 64.98 13.19 40.52
C PHE A 206 66.38 12.89 40.00
N ASN A 207 66.99 11.84 40.55
CA ASN A 207 68.21 11.25 40.03
C ASN A 207 67.90 9.81 39.63
N LYS A 208 68.79 9.22 38.83
CA LYS A 208 68.59 7.84 38.40
C LYS A 208 68.34 6.93 39.60
N GLY A 209 67.37 6.03 39.44
CA GLY A 209 66.94 5.16 40.49
C GLY A 209 67.77 3.91 40.66
N PRO A 210 67.62 3.21 41.79
CA PRO A 210 68.50 2.06 42.07
C PRO A 210 68.37 0.91 41.09
N TRP A 211 67.19 0.62 40.53
CA TRP A 211 67.11 -0.52 39.62
C TRP A 211 66.29 -0.21 38.38
N LYS A 212 66.55 -1.00 37.34
CA LYS A 212 66.06 -0.68 36.01
C LYS A 212 64.55 -0.90 35.92
N GLN A 213 63.98 -0.33 34.87
CA GLN A 213 62.57 -0.54 34.57
C GLN A 213 62.33 -1.98 34.12
N GLU A 214 61.19 -2.51 34.52
CA GLU A 214 60.71 -3.82 34.10
C GLU A 214 59.27 -3.69 33.59
N ASN A 215 58.98 -4.35 32.48
CA ASN A 215 57.61 -4.41 31.98
C ASN A 215 56.79 -5.34 32.86
N VAL A 216 55.59 -4.89 33.23
CA VAL A 216 54.75 -5.60 34.17
C VAL A 216 53.37 -5.83 33.56
N GLU A 217 52.56 -6.60 34.29
CA GLU A 217 51.20 -6.95 33.85
C GLU A 217 50.44 -5.70 33.41
N ALA A 218 49.58 -5.88 32.40
CA ALA A 218 48.84 -4.76 31.84
C ALA A 218 47.92 -4.12 32.87
N GLU A 219 47.39 -4.90 33.82
CA GLU A 219 46.50 -4.39 34.85
C GLU A 219 47.17 -4.35 36.23
N ALA A 220 48.48 -4.16 36.25
CA ALA A 220 49.21 -3.94 37.50
C ALA A 220 48.59 -2.79 38.28
N SER A 221 48.12 -3.07 39.50
CA SER A 221 47.30 -2.11 40.24
C SER A 221 47.96 -1.51 41.47
N MET A 222 48.69 -2.29 42.27
CA MET A 222 49.15 -1.81 43.57
C MET A 222 50.64 -2.07 43.75
N VAL A 223 51.28 -1.17 44.48
CA VAL A 223 52.70 -1.26 44.80
C VAL A 223 52.82 -1.50 46.30
N ILE A 224 53.50 -2.58 46.68
CA ILE A 224 53.74 -2.95 48.07
C ILE A 224 55.21 -2.74 48.36
N ALA A 225 55.52 -1.94 49.38
CA ALA A 225 56.89 -1.67 49.77
C ALA A 225 57.34 -2.72 50.78
N VAL A 226 58.28 -3.58 50.37
CA VAL A 226 58.77 -4.66 51.23
C VAL A 226 59.77 -4.13 52.23
N PRO A 227 59.73 -4.60 53.49
CA PRO A 227 60.63 -4.04 54.52
C PRO A 227 62.09 -4.45 54.36
N GLU A 228 62.91 -3.99 55.31
CA GLU A 228 64.36 -4.11 55.18
C GLU A 228 64.86 -5.53 54.99
N PRO A 229 64.33 -6.55 55.67
CA PRO A 229 64.93 -7.89 55.54
C PRO A 229 65.01 -8.37 54.10
N PHE A 230 63.96 -8.13 53.30
CA PHE A 230 63.98 -8.47 51.89
C PHE A 230 64.35 -7.26 51.03
N GLY A 231 63.70 -6.13 51.28
CA GLY A 231 63.87 -4.96 50.45
C GLY A 231 63.02 -5.07 49.19
N GLY A 232 63.10 -4.06 48.34
CA GLY A 232 62.40 -4.11 47.08
C GLY A 232 60.91 -3.86 47.19
N ALA A 233 60.17 -4.38 46.21
CA ALA A 233 58.73 -4.13 46.11
C ALA A 233 58.00 -5.35 45.55
N ILE A 234 56.70 -5.41 45.84
CA ILE A 234 55.78 -6.39 45.25
C ILE A 234 54.73 -5.65 44.43
N ILE A 235 54.37 -6.19 43.28
CA ILE A 235 53.40 -5.60 42.36
C ILE A 235 52.23 -6.58 42.21
N ILE A 236 51.03 -6.12 42.58
CA ILE A 236 49.82 -6.94 42.54
C ILE A 236 49.04 -6.61 41.27
N GLY A 237 48.61 -7.64 40.55
CA GLY A 237 47.79 -7.44 39.36
C GLY A 237 46.45 -8.13 39.40
N GLN A 238 45.88 -8.41 38.22
CA GLN A 238 44.66 -9.20 38.11
C GLN A 238 44.97 -10.69 38.09
N GLU A 239 46.06 -11.08 37.42
CA GLU A 239 46.44 -12.48 37.33
C GLU A 239 47.70 -12.85 38.09
N SER A 240 48.61 -11.90 38.32
CA SER A 240 49.91 -12.27 38.84
C SER A 240 50.37 -11.32 39.95
N ILE A 241 51.26 -11.85 40.78
CA ILE A 241 51.97 -11.09 41.80
C ILE A 241 53.46 -11.28 41.54
N THR A 242 54.20 -10.17 41.48
CA THR A 242 55.62 -10.23 41.15
C THR A 242 56.42 -9.48 42.20
N TYR A 243 57.67 -9.91 42.37
CA TYR A 243 58.62 -9.25 43.27
C TYR A 243 59.79 -8.74 42.44
N HIS A 244 60.17 -7.49 42.67
CA HIS A 244 61.25 -6.84 41.94
C HIS A 244 62.25 -6.25 42.92
N ASN A 245 63.54 -6.46 42.64
CA ASN A 245 64.59 -5.82 43.42
C ASN A 245 65.92 -5.95 42.69
N GLY A 246 66.26 -4.95 41.87
CA GLY A 246 67.49 -5.00 41.12
C GLY A 246 67.54 -6.19 40.19
N ASP A 247 68.43 -7.14 40.49
CA ASP A 247 68.57 -8.34 39.66
C ASP A 247 67.55 -9.42 40.00
N LYS A 248 66.91 -9.35 41.16
CA LYS A 248 65.99 -10.39 41.59
C LYS A 248 64.61 -10.16 40.96
N TYR A 249 64.00 -11.24 40.46
CA TYR A 249 62.67 -11.18 39.89
C TYR A 249 61.95 -12.48 40.17
N LEU A 250 60.76 -12.39 40.77
CA LEU A 250 59.89 -13.53 41.00
C LEU A 250 58.49 -13.24 40.46
N ALA A 251 57.77 -14.32 40.12
CA ALA A 251 56.40 -14.18 39.68
C ALA A 251 55.61 -15.43 40.02
N ILE A 252 54.51 -15.25 40.76
CA ILE A 252 53.54 -16.29 41.04
C ILE A 252 52.22 -15.86 40.43
N ALA A 253 51.54 -16.79 39.74
CA ALA A 253 50.29 -16.51 39.05
C ALA A 253 49.29 -17.60 39.40
N PRO A 254 48.86 -17.64 40.65
CA PRO A 254 47.94 -18.71 41.08
C PRO A 254 46.56 -18.48 40.51
N PRO A 255 45.92 -19.52 39.98
CA PRO A 255 44.62 -19.30 39.32
C PRO A 255 43.54 -18.74 40.22
N ILE A 256 43.72 -18.80 41.54
CA ILE A 256 42.64 -18.44 42.44
C ILE A 256 42.39 -16.94 42.39
N ILE A 257 43.45 -16.14 42.25
CA ILE A 257 43.26 -14.69 42.26
C ILE A 257 42.69 -14.15 40.96
N LYS A 258 42.86 -14.87 39.84
CA LYS A 258 42.31 -14.39 38.57
C LYS A 258 40.81 -14.20 38.63
N GLN A 259 40.14 -14.94 39.53
CA GLN A 259 38.69 -14.89 39.61
C GLN A 259 38.16 -13.55 40.09
N SER A 260 38.86 -12.87 40.98
CA SER A 260 38.37 -11.60 41.52
C SER A 260 39.53 -10.63 41.71
N THR A 261 39.27 -9.37 41.34
CA THR A 261 40.27 -8.33 41.43
C THR A 261 40.66 -8.08 42.89
N ILE A 262 41.95 -7.98 43.15
CA ILE A 262 42.47 -7.68 44.48
C ILE A 262 42.58 -6.18 44.65
N VAL A 263 42.01 -5.65 45.74
CA VAL A 263 41.93 -4.21 45.91
C VAL A 263 42.69 -3.68 47.13
N CYS A 264 42.98 -4.49 48.15
CA CYS A 264 43.59 -3.95 49.36
C CYS A 264 44.69 -4.85 49.89
N HIS A 265 45.71 -4.23 50.48
CA HIS A 265 46.86 -4.94 51.02
C HIS A 265 47.27 -4.35 52.36
N ASN A 266 47.79 -5.22 53.23
CA ASN A 266 48.35 -4.83 54.53
C ASN A 266 49.46 -5.81 54.89
N ARG A 267 50.35 -5.38 55.79
CA ARG A 267 51.49 -6.18 56.23
C ARG A 267 51.19 -6.81 57.59
N VAL A 268 51.40 -8.12 57.69
CA VAL A 268 51.16 -8.82 58.96
C VAL A 268 52.41 -8.86 59.82
N ASP A 269 53.53 -9.30 59.24
CA ASP A 269 54.78 -9.45 59.98
C ASP A 269 55.66 -8.25 59.66
N PRO A 270 56.05 -7.44 60.65
CA PRO A 270 56.83 -6.23 60.35
C PRO A 270 58.03 -6.45 59.44
N ASN A 271 58.59 -7.65 59.42
CA ASN A 271 59.74 -7.97 58.59
C ASN A 271 59.39 -8.26 57.14
N GLY A 272 58.11 -8.26 56.78
CA GLY A 272 57.68 -8.46 55.42
C GLY A 272 57.41 -9.89 55.02
N SER A 273 57.46 -10.83 55.96
CA SER A 273 57.27 -12.23 55.61
C SER A 273 55.84 -12.50 55.15
N ARG A 274 54.85 -11.85 55.78
CA ARG A 274 53.46 -12.14 55.53
C ARG A 274 52.67 -10.86 55.26
N TYR A 275 51.91 -10.87 54.17
CA TYR A 275 51.03 -9.76 53.80
C TYR A 275 49.61 -10.27 53.60
N LEU A 276 48.62 -9.40 53.82
CA LEU A 276 47.23 -9.76 53.63
C LEU A 276 46.71 -9.10 52.35
N LEU A 277 45.88 -9.84 51.60
CA LEU A 277 45.30 -9.38 50.35
C LEU A 277 43.81 -9.66 50.34
N GLY A 278 43.02 -8.72 49.83
CA GLY A 278 41.60 -8.90 49.71
C GLY A 278 41.11 -8.59 48.31
N ASP A 279 39.97 -9.18 47.94
CA ASP A 279 39.44 -9.04 46.59
C ASP A 279 37.97 -8.62 46.62
N MET A 280 37.48 -8.21 45.46
CA MET A 280 36.16 -7.60 45.36
C MET A 280 35.03 -8.55 45.70
N GLU A 281 35.26 -9.86 45.65
CA GLU A 281 34.25 -10.85 46.03
C GLU A 281 34.27 -11.15 47.52
N GLY A 282 35.10 -10.44 48.29
CA GLY A 282 35.18 -10.61 49.73
C GLY A 282 36.17 -11.63 50.23
N ARG A 283 36.95 -12.25 49.35
CA ARG A 283 37.91 -13.25 49.80
C ARG A 283 39.16 -12.62 50.40
N LEU A 284 39.67 -13.24 51.46
CA LEU A 284 40.86 -12.77 52.17
C LEU A 284 41.97 -13.78 51.97
N PHE A 285 43.11 -13.33 51.47
CA PHE A 285 44.26 -14.18 51.20
C PHE A 285 45.45 -13.83 52.10
N MET A 286 46.36 -14.79 52.24
CA MET A 286 47.65 -14.57 52.87
C MET A 286 48.73 -14.72 51.80
N LEU A 287 49.56 -13.68 51.64
CA LEU A 287 50.71 -13.72 50.75
C LEU A 287 51.95 -13.98 51.59
N LEU A 288 52.68 -15.04 51.27
CA LEU A 288 53.80 -15.49 52.08
C LEU A 288 55.10 -15.26 51.35
N LEU A 289 56.07 -14.67 52.04
CA LEU A 289 57.42 -14.49 51.51
C LEU A 289 58.32 -15.57 52.13
N GLU A 290 58.70 -16.53 51.31
CA GLU A 290 59.51 -17.67 51.74
C GLU A 290 60.97 -17.27 51.71
N LYS A 291 61.62 -17.30 52.87
CA LYS A 291 62.99 -16.83 53.00
C LYS A 291 64.00 -17.94 52.73
N GLU A 292 65.15 -17.54 52.19
CA GLU A 292 66.30 -18.41 52.02
C GLU A 292 67.55 -17.64 52.46
N GLU A 293 68.22 -18.13 53.50
CA GLU A 293 69.44 -17.49 53.98
C GLU A 293 70.67 -18.19 53.40
N GLN A 294 71.57 -17.41 52.79
CA GLN A 294 72.81 -17.95 52.26
C GLN A 294 73.88 -18.03 53.33
N MET A 295 74.90 -18.86 53.06
CA MET A 295 76.02 -18.96 53.99
C MET A 295 76.73 -17.62 54.14
N ASP A 296 76.51 -16.71 53.19
CA ASP A 296 77.01 -15.35 53.29
C ASP A 296 76.44 -14.63 54.51
N GLY A 297 75.37 -15.15 55.09
CA GLY A 297 74.64 -14.43 56.10
C GLY A 297 73.56 -13.51 55.58
N THR A 298 73.42 -13.42 54.26
CA THR A 298 72.42 -12.55 53.67
C THR A 298 71.10 -13.31 53.56
N VAL A 299 70.01 -12.56 53.49
CA VAL A 299 68.68 -13.13 53.43
C VAL A 299 68.09 -12.69 52.10
N THR A 300 67.61 -13.65 51.32
CA THR A 300 67.03 -13.40 50.02
C THR A 300 65.60 -13.93 50.01
N LEU A 301 64.86 -13.53 48.99
CA LEU A 301 63.49 -13.99 48.82
C LEU A 301 63.53 -15.22 47.91
N LYS A 302 63.07 -16.36 48.43
CA LYS A 302 63.13 -17.61 47.69
C LYS A 302 61.93 -17.78 46.78
N ASP A 303 60.73 -17.57 47.30
CA ASP A 303 59.53 -17.81 46.52
C ASP A 303 58.37 -17.08 47.19
N LEU A 304 57.28 -16.94 46.43
CA LEU A 304 56.03 -16.38 46.93
C LEU A 304 54.96 -17.46 46.87
N ARG A 305 54.05 -17.43 47.85
CA ARG A 305 52.95 -18.37 47.95
C ARG A 305 51.71 -17.59 48.34
N VAL A 306 50.55 -18.00 47.82
CA VAL A 306 49.28 -17.38 48.15
C VAL A 306 48.37 -18.46 48.73
N GLU A 307 47.77 -18.15 49.88
CA GLU A 307 46.91 -19.10 50.59
C GLU A 307 45.59 -18.41 50.94
N LEU A 308 44.48 -19.08 50.60
CA LEU A 308 43.15 -18.55 50.88
C LEU A 308 42.76 -18.80 52.34
N LEU A 309 42.38 -17.73 53.04
CA LEU A 309 42.03 -17.81 54.45
C LEU A 309 40.53 -17.96 54.71
N GLY A 310 39.71 -17.19 54.01
CA GLY A 310 38.26 -17.24 54.22
C GLY A 310 37.60 -16.06 53.56
N GLU A 311 36.45 -15.67 54.10
CA GLU A 311 35.67 -14.60 53.51
C GLU A 311 35.45 -13.50 54.54
N THR A 312 35.62 -12.26 54.09
CA THR A 312 35.33 -11.06 54.86
C THR A 312 34.35 -10.21 54.04
N SER A 313 33.91 -9.10 54.61
CA SER A 313 33.18 -8.13 53.81
C SER A 313 34.09 -7.52 52.75
N ILE A 314 33.51 -7.14 51.61
CA ILE A 314 34.30 -6.44 50.60
C ILE A 314 34.91 -5.22 51.25
N ALA A 315 36.24 -5.14 51.27
CA ALA A 315 36.95 -4.22 52.14
C ALA A 315 37.71 -3.15 51.37
N GLU A 316 37.48 -1.88 51.72
CA GLU A 316 38.32 -0.80 51.20
C GLU A 316 39.71 -0.81 51.83
N CYS A 317 39.80 -1.12 53.13
CA CYS A 317 41.07 -1.14 53.82
C CYS A 317 41.12 -2.35 54.72
N LEU A 318 42.28 -2.97 54.78
CA LEU A 318 42.55 -4.01 55.76
C LEU A 318 43.64 -3.48 56.69
N THR A 319 43.54 -3.81 57.96
CA THR A 319 44.64 -3.54 58.88
C THR A 319 44.66 -4.66 59.90
N TYR A 320 45.82 -5.32 60.00
CA TYR A 320 46.06 -6.31 61.02
C TYR A 320 46.40 -5.59 62.32
N LEU A 321 45.74 -6.00 63.41
CA LEU A 321 45.98 -5.33 64.68
C LEU A 321 46.99 -6.09 65.53
N ASP A 322 46.58 -7.22 66.11
CA ASP A 322 47.50 -7.98 66.95
C ASP A 322 46.91 -9.37 67.16
N ASN A 323 47.78 -10.31 67.49
CA ASN A 323 47.35 -11.68 67.78
C ASN A 323 46.74 -12.17 66.47
N GLY A 324 45.50 -12.66 66.47
CA GLY A 324 44.81 -13.05 65.26
C GLY A 324 43.79 -12.07 64.74
N VAL A 325 43.74 -10.85 65.28
CA VAL A 325 42.65 -9.92 64.98
C VAL A 325 43.01 -8.99 63.84
N VAL A 326 42.09 -8.87 62.89
CA VAL A 326 42.21 -8.03 61.71
C VAL A 326 40.97 -7.13 61.67
N PHE A 327 41.17 -5.85 61.42
CA PHE A 327 40.04 -4.97 61.19
C PHE A 327 39.76 -4.87 59.70
N VAL A 328 38.52 -5.11 59.30
CA VAL A 328 38.10 -5.08 57.91
C VAL A 328 37.28 -3.81 57.71
N GLY A 329 37.86 -2.84 57.02
CA GLY A 329 37.15 -1.60 56.73
C GLY A 329 36.41 -1.68 55.42
N SER A 330 35.08 -1.61 55.46
CA SER A 330 34.26 -1.84 54.28
C SER A 330 33.49 -0.58 53.91
N ARG A 331 33.50 -0.25 52.62
CA ARG A 331 32.74 0.87 52.06
C ARG A 331 31.42 0.44 51.42
N LEU A 332 31.34 -0.79 50.92
CA LEU A 332 30.15 -1.31 50.26
C LEU A 332 29.30 -2.14 51.21
N GLY A 333 29.85 -2.56 52.34
CA GLY A 333 29.13 -3.36 53.31
C GLY A 333 29.57 -3.06 54.74
N ASP A 334 29.09 -3.85 55.69
CA ASP A 334 29.45 -3.64 57.08
C ASP A 334 30.91 -3.97 57.33
N SER A 335 31.58 -3.14 58.13
CA SER A 335 32.98 -3.36 58.48
C SER A 335 33.05 -4.40 59.60
N GLN A 336 34.25 -4.90 59.88
CA GLN A 336 34.34 -6.01 60.80
C GLN A 336 35.65 -6.07 61.57
N LEU A 337 35.58 -6.75 62.71
CA LEU A 337 36.72 -7.42 63.35
C LEU A 337 36.56 -8.92 63.11
N VAL A 338 37.61 -9.55 62.60
CA VAL A 338 37.62 -10.98 62.35
C VAL A 338 38.90 -11.53 62.97
N LYS A 339 38.85 -12.78 63.42
CA LYS A 339 40.03 -13.44 63.96
C LYS A 339 40.53 -14.51 63.01
N LEU A 340 41.83 -14.49 62.74
CA LEU A 340 42.49 -15.49 61.91
C LEU A 340 43.02 -16.60 62.80
N ASN A 341 42.62 -17.83 62.52
CA ASN A 341 43.03 -18.97 63.32
C ASN A 341 44.11 -19.76 62.60
N VAL A 342 44.97 -20.43 63.38
CA VAL A 342 45.99 -21.28 62.78
C VAL A 342 45.36 -22.54 62.21
N ASP A 343 44.35 -23.06 62.88
CA ASP A 343 43.61 -24.22 62.42
C ASP A 343 42.32 -23.77 61.74
N SER A 344 42.01 -24.42 60.62
CA SER A 344 40.77 -24.16 59.91
C SER A 344 39.59 -24.79 60.66
N ASN A 345 38.40 -24.26 60.41
CA ASN A 345 37.20 -24.86 60.99
C ASN A 345 36.74 -26.00 60.07
N GLU A 346 35.63 -26.64 60.42
CA GLU A 346 35.22 -27.83 59.67
C GLU A 346 34.81 -27.52 58.24
N GLN A 347 34.59 -26.26 57.90
CA GLN A 347 34.26 -25.87 56.53
C GLN A 347 35.51 -25.54 55.72
N GLY A 348 36.68 -25.55 56.36
CA GLY A 348 37.92 -25.18 55.71
C GLY A 348 38.35 -23.74 55.89
N SER A 349 37.62 -22.95 56.67
CA SER A 349 37.91 -21.54 56.83
C SER A 349 38.77 -21.28 58.06
N TYR A 350 39.70 -20.34 57.92
CA TYR A 350 40.50 -19.86 59.04
C TYR A 350 39.99 -18.54 59.60
N VAL A 351 38.90 -17.99 59.07
CA VAL A 351 38.41 -16.67 59.42
C VAL A 351 37.07 -16.84 60.13
N VAL A 352 36.94 -16.23 61.31
CA VAL A 352 35.70 -16.28 62.08
C VAL A 352 35.39 -14.86 62.54
N ALA A 353 34.18 -14.39 62.23
CA ALA A 353 33.79 -13.03 62.56
C ALA A 353 33.64 -12.84 64.06
N MET A 354 34.16 -11.70 64.55
CA MET A 354 34.01 -11.31 65.93
C MET A 354 32.88 -10.29 66.13
N GLU A 355 33.04 -9.11 65.54
CA GLU A 355 32.09 -8.02 65.69
C GLU A 355 31.73 -7.49 64.32
N THR A 356 30.56 -6.88 64.24
CA THR A 356 30.07 -6.29 63.00
C THR A 356 29.67 -4.85 63.27
N PHE A 357 30.26 -3.93 62.51
CA PHE A 357 30.05 -2.50 62.66
C PHE A 357 29.12 -2.06 61.54
N THR A 358 27.97 -1.49 61.91
CA THR A 358 26.98 -1.13 60.91
C THR A 358 27.53 -0.12 59.91
N ASN A 359 27.38 -0.43 58.63
CA ASN A 359 27.66 0.48 57.53
C ASN A 359 26.41 0.56 56.67
N LEU A 360 25.79 1.73 56.61
CA LEU A 360 24.63 1.86 55.73
C LEU A 360 24.99 1.72 54.26
N GLY A 361 26.27 1.58 53.93
CA GLY A 361 26.71 1.31 52.57
C GLY A 361 26.23 2.38 51.63
N PRO A 362 26.39 2.15 50.32
CA PRO A 362 25.76 3.06 49.35
C PRO A 362 24.25 3.00 49.46
N ILE A 363 23.61 4.16 49.65
CA ILE A 363 22.16 4.24 49.73
C ILE A 363 21.69 4.59 48.31
N VAL A 364 21.35 3.56 47.53
CA VAL A 364 20.96 3.79 46.15
C VAL A 364 19.59 4.44 46.07
N ASP A 365 18.64 3.97 46.86
CA ASP A 365 17.31 4.57 46.91
C ASP A 365 16.77 4.36 48.32
N MET A 366 15.69 5.06 48.64
CA MET A 366 15.05 4.90 49.93
C MET A 366 13.67 5.52 49.90
N CYS A 367 12.80 5.04 50.79
CA CYS A 367 11.46 5.58 50.95
C CYS A 367 11.14 5.66 52.43
N VAL A 368 10.36 6.67 52.82
CA VAL A 368 9.94 6.83 54.21
C VAL A 368 8.48 6.41 54.28
N VAL A 369 8.18 5.47 55.18
CA VAL A 369 6.84 4.91 55.33
C VAL A 369 6.57 4.61 56.80
N ASP A 370 5.34 4.86 57.22
CA ASP A 370 4.87 4.61 58.58
C ASP A 370 4.32 3.19 58.65
N LEU A 371 5.19 2.25 59.03
CA LEU A 371 4.80 0.84 59.01
C LEU A 371 3.84 0.49 60.13
N GLU A 372 4.14 0.93 61.35
CA GLU A 372 3.37 0.59 62.55
C GLU A 372 2.23 1.55 62.83
N ARG A 373 1.93 2.48 61.91
CA ARG A 373 0.95 3.54 62.14
C ARG A 373 1.37 4.43 63.30
N GLN A 374 2.66 4.41 63.64
CA GLN A 374 3.16 5.19 64.76
C GLN A 374 3.08 6.69 64.53
N GLY A 375 3.04 7.13 63.27
CA GLY A 375 3.15 8.52 62.93
C GLY A 375 4.56 9.04 63.07
N GLN A 376 5.50 8.19 63.48
CA GLN A 376 6.91 8.52 63.59
C GLN A 376 7.56 8.40 62.23
N GLY A 377 7.16 7.37 61.49
CA GLY A 377 7.75 7.13 60.18
C GLY A 377 9.04 6.36 60.30
N GLN A 378 9.18 5.36 59.43
CA GLN A 378 10.38 4.54 59.35
C GLN A 378 10.98 4.69 57.96
N LEU A 379 12.31 4.66 57.90
CA LEU A 379 13.07 4.81 56.66
C LEU A 379 13.65 3.48 56.24
N VAL A 380 13.26 3.00 55.07
CA VAL A 380 13.76 1.75 54.50
C VAL A 380 14.70 2.15 53.36
N THR A 381 15.97 1.74 53.45
CA THR A 381 16.98 2.16 52.50
C THR A 381 17.49 0.97 51.71
N CYS A 382 17.77 1.20 50.43
CA CYS A 382 18.50 0.23 49.61
C CYS A 382 19.99 0.46 49.85
N SER A 383 20.63 -0.45 50.56
CA SER A 383 21.99 -0.25 51.04
C SER A 383 22.89 -1.41 50.65
N GLY A 384 24.15 -1.09 50.41
CA GLY A 384 25.15 -2.08 50.07
C GLY A 384 25.17 -2.43 48.60
N ALA A 385 26.14 -3.27 48.24
CA ALA A 385 26.29 -3.74 46.88
C ALA A 385 26.78 -5.19 46.91
N PHE A 386 26.39 -5.94 45.89
CA PHE A 386 26.83 -7.31 45.68
C PHE A 386 26.47 -8.12 46.93
N LYS A 387 27.41 -8.85 47.52
CA LYS A 387 27.18 -9.69 48.68
C LYS A 387 26.67 -8.90 49.88
N GLU A 388 27.07 -7.64 49.99
CA GLU A 388 26.69 -6.81 51.12
C GLU A 388 25.32 -6.16 50.94
N GLY A 389 24.64 -6.44 49.83
CA GLY A 389 23.37 -5.83 49.53
C GLY A 389 22.36 -6.09 50.62
N SER A 390 21.64 -5.03 51.02
CA SER A 390 20.78 -5.13 52.19
C SER A 390 19.68 -4.08 52.09
N LEU A 391 18.60 -4.36 52.79
CA LEU A 391 17.56 -3.38 53.10
C LEU A 391 17.71 -3.02 54.57
N ARG A 392 17.71 -1.74 54.89
CA ARG A 392 17.93 -1.27 56.25
C ARG A 392 16.73 -0.45 56.68
N ILE A 393 16.06 -0.89 57.73
CA ILE A 393 14.89 -0.20 58.28
C ILE A 393 15.35 0.61 59.48
N ILE A 394 15.15 1.93 59.42
CA ILE A 394 15.73 2.87 60.36
C ILE A 394 14.61 3.65 61.05
N ARG A 395 14.65 3.69 62.38
CA ARG A 395 13.67 4.42 63.17
C ARG A 395 14.40 5.18 64.28
N ASN A 396 13.81 6.28 64.73
CA ASN A 396 14.34 7.03 65.86
C ASN A 396 13.83 6.51 67.20
N GLY A 397 14.73 6.37 68.16
CA GLY A 397 14.38 5.87 69.48
C GLY A 397 15.53 5.94 70.46
N GLN A 408 19.31 8.25 73.18
CA GLN A 408 19.23 8.95 71.91
C GLN A 408 20.16 8.30 70.88
N LYS A 409 19.59 7.40 70.08
CA LYS A 409 20.31 6.71 69.01
C LYS A 409 19.27 6.25 68.00
N LEU A 410 19.73 5.91 66.80
CA LEU A 410 18.85 5.42 65.75
C LEU A 410 18.86 3.89 65.79
N HIS A 411 17.68 3.27 65.73
CA HIS A 411 17.56 1.83 65.67
C HIS A 411 17.51 1.35 64.22
N ILE A 412 18.41 0.42 63.87
CA ILE A 412 18.57 -0.01 62.49
C ILE A 412 18.43 -1.53 62.42
N ARG A 413 17.55 -2.00 61.54
CA ARG A 413 17.39 -3.42 61.23
C ARG A 413 17.94 -3.72 59.84
N THR A 414 18.60 -4.87 59.69
CA THR A 414 19.25 -5.24 58.44
C THR A 414 18.60 -6.48 57.83
N VAL A 415 18.25 -6.40 56.55
CA VAL A 415 17.67 -7.50 55.79
C VAL A 415 18.69 -7.93 54.74
N PRO A 416 19.38 -9.06 54.90
CA PRO A 416 20.41 -9.44 53.92
C PRO A 416 19.81 -9.88 52.60
N LEU A 417 20.37 -9.35 51.50
CA LEU A 417 19.93 -9.69 50.15
C LEU A 417 20.99 -10.41 49.33
N TYR A 418 22.27 -10.17 49.60
CA TYR A 418 23.38 -10.84 48.91
C TYR A 418 23.38 -10.55 47.42
N GLU A 419 22.63 -9.54 47.00
CA GLU A 419 22.66 -9.02 45.64
C GLU A 419 22.40 -7.53 45.75
N SER A 420 22.68 -6.81 44.67
CA SER A 420 22.64 -5.35 44.71
C SER A 420 21.19 -4.85 44.68
N PRO A 421 20.76 -4.06 45.67
CA PRO A 421 19.45 -3.40 45.60
C PRO A 421 19.56 -2.09 44.84
N ARG A 422 18.55 -1.79 44.03
CA ARG A 422 18.62 -0.63 43.15
C ARG A 422 17.56 0.43 43.46
N LYS A 423 16.28 0.06 43.50
CA LYS A 423 15.21 0.99 43.80
C LYS A 423 14.20 0.33 44.73
N ILE A 424 13.53 1.13 45.54
CA ILE A 424 12.52 0.63 46.46
C ILE A 424 11.30 1.54 46.44
N CYS A 425 10.11 0.94 46.58
CA CYS A 425 8.84 1.65 46.63
C CYS A 425 7.87 0.82 47.47
N TYR A 426 7.03 1.49 48.25
CA TYR A 426 6.10 0.83 49.16
C TYR A 426 4.69 0.79 48.57
N GLN A 427 4.05 -0.39 48.68
CA GLN A 427 2.69 -0.63 48.20
C GLN A 427 1.86 -1.06 49.39
N GLU A 428 1.12 -0.12 49.98
CA GLU A 428 0.39 -0.43 51.21
C GLU A 428 -0.71 -1.46 50.96
N VAL A 429 -1.43 -1.34 49.84
CA VAL A 429 -2.55 -2.24 49.58
C VAL A 429 -2.12 -3.69 49.73
N SER A 430 -0.87 -3.99 49.39
CA SER A 430 -0.34 -5.35 49.41
C SER A 430 0.49 -5.65 50.66
N GLN A 431 0.58 -4.71 51.59
CA GLN A 431 1.39 -4.88 52.81
C GLN A 431 2.80 -5.37 52.48
N CYS A 432 3.40 -4.80 51.43
CA CYS A 432 4.73 -5.24 51.01
C CYS A 432 5.45 -4.12 50.28
N PHE A 433 6.76 -4.33 50.08
CA PHE A 433 7.61 -3.47 49.29
C PHE A 433 7.96 -4.12 47.96
N GLY A 434 8.11 -3.29 46.92
CA GLY A 434 8.75 -3.71 45.69
C GLY A 434 10.17 -3.19 45.64
N VAL A 435 11.11 -4.08 45.35
CA VAL A 435 12.53 -3.73 45.32
C VAL A 435 13.16 -4.23 44.02
N LEU A 436 13.79 -3.32 43.29
CA LEU A 436 14.58 -3.68 42.11
C LEU A 436 15.99 -4.07 42.55
N SER A 437 16.51 -5.14 41.94
CA SER A 437 17.79 -5.70 42.36
C SER A 437 18.52 -6.26 41.16
N SER A 438 19.84 -6.44 41.31
CA SER A 438 20.64 -7.09 40.29
C SER A 438 21.69 -7.98 40.96
N ARG A 439 21.96 -9.13 40.35
CA ARG A 439 22.95 -10.08 40.83
C ARG A 439 23.90 -10.42 39.69
N ILE A 440 25.11 -10.83 40.06
CA ILE A 440 26.17 -11.11 39.10
C ILE A 440 26.21 -12.61 38.83
N GLU A 441 26.06 -12.99 37.57
CA GLU A 441 26.32 -14.34 37.11
C GLU A 441 27.45 -14.27 36.09
N VAL A 442 28.09 -15.41 35.85
CA VAL A 442 29.27 -15.48 35.00
C VAL A 442 29.01 -16.49 33.90
N GLN A 443 29.45 -16.17 32.67
CA GLN A 443 29.27 -17.09 31.56
C GLN A 443 29.97 -18.41 31.90
N ASP A 444 29.25 -19.51 31.80
CA ASP A 444 29.79 -20.81 32.18
C ASP A 444 29.83 -21.71 30.94
N THR A 445 30.34 -22.92 31.14
CA THR A 445 30.59 -23.83 30.02
C THR A 445 29.32 -24.30 29.35
N SER A 446 28.16 -24.18 30.01
CA SER A 446 26.90 -24.58 29.39
C SER A 446 26.45 -23.62 28.29
N GLY A 447 27.08 -22.45 28.19
CA GLY A 447 26.58 -21.38 27.36
C GLY A 447 25.69 -20.40 28.08
N GLY A 448 25.13 -20.80 29.20
CA GLY A 448 24.38 -19.94 30.08
C GLY A 448 25.26 -19.28 31.11
N THR A 449 24.66 -18.91 32.24
CA THR A 449 25.39 -18.28 33.33
C THR A 449 25.05 -18.94 34.65
N THR A 450 25.97 -18.80 35.60
CA THR A 450 25.86 -19.38 36.94
C THR A 450 26.15 -18.30 37.97
N ALA A 451 25.31 -18.25 39.01
CA ALA A 451 25.46 -17.26 40.06
C ALA A 451 26.54 -17.68 41.06
N LEU A 452 27.34 -16.71 41.49
CA LEU A 452 28.45 -16.99 42.39
C LEU A 452 27.97 -17.46 43.75
N ARG A 453 26.77 -17.04 44.15
CA ARG A 453 26.19 -17.38 45.45
C ARG A 453 24.68 -17.21 45.34
N PRO A 454 23.92 -17.94 46.14
CA PRO A 454 22.47 -17.69 46.18
C PRO A 454 22.20 -16.32 46.78
N SER A 455 21.08 -15.72 46.37
CA SER A 455 20.72 -14.39 46.82
C SER A 455 19.22 -14.22 46.74
N ALA A 456 18.75 -13.03 47.12
CA ALA A 456 17.32 -12.79 47.31
C ALA A 456 16.51 -13.24 46.12
N SER A 457 16.97 -12.91 44.90
CA SER A 457 16.18 -13.21 43.71
C SER A 457 16.09 -14.70 43.43
N THR A 458 17.02 -15.50 43.97
CA THR A 458 17.00 -16.95 43.82
C THR A 458 16.35 -17.66 45.01
N GLN A 459 16.19 -16.98 46.14
CA GLN A 459 15.62 -17.58 47.35
C GLN A 459 14.19 -17.10 47.59
N ALA A 460 13.53 -16.58 46.56
CA ALA A 460 12.14 -16.17 46.69
C ALA A 460 11.24 -17.39 46.87
N LEU A 461 10.11 -17.19 47.54
CA LEU A 461 9.17 -18.28 47.72
C LEU A 461 8.63 -18.75 46.38
N SER A 462 8.03 -17.83 45.61
CA SER A 462 7.57 -18.07 44.24
C SER A 462 8.36 -17.19 43.29
N SER A 463 8.47 -17.60 42.03
CA SER A 463 9.29 -16.87 41.07
C SER A 463 8.67 -16.89 39.68
N SER A 464 9.09 -15.93 38.87
CA SER A 464 8.61 -15.78 37.49
C SER A 464 9.70 -15.13 36.64
N VAL A 465 9.58 -15.33 35.32
CA VAL A 465 10.52 -14.79 34.35
C VAL A 465 9.73 -14.17 33.20
N SER A 466 10.12 -12.96 32.79
CA SER A 466 9.42 -12.34 31.66
C SER A 466 9.55 -13.21 30.42
N SER A 467 8.44 -13.35 29.70
CA SER A 467 8.40 -14.07 28.43
C SER A 467 8.10 -13.12 27.28
N SER A 468 8.40 -11.83 27.46
CA SER A 468 8.06 -10.82 26.48
C SER A 468 8.73 -11.14 25.16
N LYS A 469 8.00 -10.90 24.07
CA LYS A 469 8.47 -11.15 22.73
C LYS A 469 8.86 -9.85 22.04
N LEU A 470 8.88 -8.74 22.77
CA LEU A 470 9.03 -7.43 22.14
C LEU A 470 10.31 -7.33 21.32
N PHE A 471 11.45 -7.64 21.92
CA PHE A 471 12.76 -7.60 21.29
C PHE A 471 13.20 -8.94 20.72
N SER A 472 12.35 -9.96 20.82
CA SER A 472 12.70 -11.29 20.34
C SER A 472 13.12 -11.37 18.87
N SER A 473 12.83 -10.36 18.06
CA SER A 473 13.22 -10.47 16.65
C SER A 473 14.74 -10.43 16.50
N SER A 474 15.41 -9.73 17.40
CA SER A 474 16.86 -9.67 17.44
C SER A 474 17.53 -9.55 16.08
N THR A 475 18.35 -10.53 15.71
CA THR A 475 19.18 -10.53 14.47
C THR A 475 20.41 -9.65 14.75
N ALA A 476 20.62 -9.22 15.99
CA ALA A 476 21.78 -8.45 16.43
C ALA A 476 22.71 -9.34 17.24
N PRO A 477 23.94 -9.61 16.81
CA PRO A 477 24.79 -10.60 17.51
C PRO A 477 25.53 -10.01 18.71
N HIS A 478 25.50 -10.75 19.82
CA HIS A 478 26.26 -10.37 21.02
C HIS A 478 27.02 -11.60 21.51
N GLU A 479 28.30 -11.71 21.16
CA GLU A 479 29.08 -12.88 21.53
C GLU A 479 29.47 -12.91 23.01
N THR A 480 29.55 -14.13 23.54
CA THR A 480 29.83 -14.39 24.93
C THR A 480 31.11 -15.20 25.09
N SER A 481 31.99 -14.76 26.00
CA SER A 481 33.21 -15.47 26.32
C SER A 481 33.09 -16.02 27.74
N PHE A 482 33.56 -17.25 27.94
CA PHE A 482 33.48 -17.87 29.26
C PHE A 482 34.21 -17.02 30.30
N GLY A 483 33.57 -16.82 31.44
CA GLY A 483 34.15 -16.07 32.54
C GLY A 483 33.70 -14.62 32.65
N GLU A 484 33.08 -14.07 31.61
CA GLU A 484 32.64 -12.69 31.65
C GLU A 484 31.44 -12.53 32.58
N GLU A 485 31.35 -11.37 33.22
CA GLU A 485 30.26 -11.08 34.14
C GLU A 485 29.06 -10.48 33.40
N VAL A 486 27.88 -10.78 33.93
CA VAL A 486 26.62 -10.21 33.45
C VAL A 486 25.80 -9.83 34.68
N GLU A 487 24.92 -8.86 34.51
CA GLU A 487 23.98 -8.48 35.55
C GLU A 487 22.63 -9.12 35.23
N VAL A 488 21.98 -9.68 36.24
CA VAL A 488 20.64 -10.21 36.10
C VAL A 488 19.75 -9.39 37.02
N HIS A 489 18.80 -8.66 36.44
CA HIS A 489 17.96 -7.74 37.20
C HIS A 489 16.62 -8.41 37.52
N ASN A 490 16.08 -8.10 38.71
CA ASN A 490 14.88 -8.73 39.21
C ASN A 490 14.03 -7.72 39.96
N LEU A 491 12.72 -7.96 39.99
CA LEU A 491 11.81 -7.25 40.87
C LEU A 491 11.46 -8.17 42.05
N LEU A 492 11.72 -7.71 43.26
CA LEU A 492 11.44 -8.49 44.47
C LEU A 492 10.20 -7.95 45.16
N ILE A 493 9.33 -8.87 45.59
CA ILE A 493 8.18 -8.54 46.41
C ILE A 493 8.50 -9.01 47.83
N ILE A 494 8.54 -8.07 48.77
CA ILE A 494 9.05 -8.29 50.13
C ILE A 494 8.01 -7.84 51.15
N ASP A 495 7.69 -8.73 52.08
CA ASP A 495 6.66 -8.47 53.09
C ASP A 495 7.13 -7.41 54.08
N GLN A 496 6.21 -6.52 54.46
CA GLN A 496 6.57 -5.37 55.28
C GLN A 496 6.79 -5.70 56.75
N HIS A 497 6.33 -6.85 57.23
CA HIS A 497 6.53 -7.23 58.62
C HIS A 497 7.68 -8.23 58.78
N THR A 498 7.66 -9.32 58.02
CA THR A 498 8.72 -10.32 58.08
C THR A 498 9.93 -9.92 57.26
N PHE A 499 9.73 -9.12 56.21
CA PHE A 499 10.80 -8.79 55.25
C PHE A 499 11.34 -10.06 54.61
N GLU A 500 10.42 -10.95 54.26
CA GLU A 500 10.72 -12.20 53.57
C GLU A 500 10.43 -11.99 52.10
N VAL A 501 11.30 -12.54 51.25
CA VAL A 501 11.09 -12.40 49.81
C VAL A 501 9.95 -13.31 49.40
N LEU A 502 8.82 -12.69 49.04
CA LEU A 502 7.63 -13.44 48.66
C LEU A 502 7.66 -13.82 47.19
N HIS A 503 8.19 -12.93 46.35
CA HIS A 503 8.21 -13.18 44.93
C HIS A 503 9.39 -12.46 44.30
N ALA A 504 9.97 -13.11 43.30
CA ALA A 504 11.05 -12.54 42.50
C ALA A 504 10.71 -12.73 41.03
N HIS A 505 10.69 -11.62 40.28
CA HIS A 505 10.47 -11.64 38.84
C HIS A 505 11.80 -11.31 38.17
N GLN A 506 12.27 -12.21 37.32
CA GLN A 506 13.54 -12.03 36.64
C GLN A 506 13.29 -11.38 35.28
N PHE A 507 14.00 -10.29 35.00
CA PHE A 507 13.77 -9.58 33.76
C PHE A 507 14.56 -10.23 32.62
N LEU A 508 14.31 -9.74 31.42
CA LEU A 508 14.88 -10.36 30.22
C LEU A 508 16.40 -10.32 30.25
N GLN A 509 17.01 -11.19 29.45
CA GLN A 509 18.46 -11.22 29.33
C GLN A 509 18.95 -9.87 28.82
N ASN A 510 19.94 -9.31 29.50
CA ASN A 510 20.52 -8.01 29.15
C ASN A 510 19.53 -6.87 29.34
N GLU A 511 18.52 -7.06 30.19
CA GLU A 511 17.57 -6.02 30.53
C GLU A 511 17.91 -5.49 31.92
N TYR A 512 18.14 -4.19 32.04
CA TYR A 512 18.44 -3.54 33.31
C TYR A 512 17.20 -2.78 33.78
N ALA A 513 16.83 -2.98 35.05
CA ALA A 513 15.70 -2.26 35.64
C ALA A 513 16.17 -0.94 36.25
N LEU A 514 15.57 0.16 35.79
CA LEU A 514 16.02 1.49 36.18
C LEU A 514 15.03 2.26 37.05
N SER A 515 13.73 2.05 36.89
CA SER A 515 12.73 2.85 37.59
C SER A 515 11.60 1.97 38.08
N LEU A 516 11.01 2.38 39.21
CA LEU A 516 9.97 1.59 39.86
C LEU A 516 8.99 2.51 40.58
N VAL A 517 7.70 2.30 40.34
CA VAL A 517 6.65 3.01 41.04
C VAL A 517 5.54 2.03 41.42
N SER A 518 4.78 2.40 42.45
CA SER A 518 3.56 1.69 42.85
C SER A 518 2.43 2.69 42.87
N CYS A 519 1.38 2.44 42.07
CA CYS A 519 0.32 3.42 41.96
C CYS A 519 -0.90 2.86 41.25
N LYS A 520 -2.03 3.58 41.40
CA LYS A 520 -3.22 3.38 40.58
C LYS A 520 -3.20 4.38 39.43
N LEU A 521 -3.75 3.98 38.29
CA LEU A 521 -3.83 4.86 37.13
C LEU A 521 -5.25 4.99 36.63
N GLY A 522 -5.59 6.19 36.14
CA GLY A 522 -6.87 6.39 35.48
C GLY A 522 -8.05 6.02 36.34
N LYS A 523 -8.97 5.29 35.72
CA LYS A 523 -10.16 4.75 36.39
C LYS A 523 -9.96 3.29 36.80
N ASP A 524 -8.72 2.80 36.82
CA ASP A 524 -8.44 1.42 37.17
C ASP A 524 -8.28 1.29 38.68
N PRO A 525 -9.13 0.53 39.37
CA PRO A 525 -9.02 0.43 40.83
C PRO A 525 -7.85 -0.38 41.33
N ASN A 526 -7.21 -1.17 40.47
CA ASN A 526 -6.11 -2.03 40.90
C ASN A 526 -4.84 -1.22 41.16
N THR A 527 -4.09 -1.63 42.18
CA THR A 527 -2.80 -1.01 42.49
C THR A 527 -1.69 -1.85 41.87
N TYR A 528 -0.84 -1.21 41.07
CA TYR A 528 0.16 -1.93 40.29
C TYR A 528 1.58 -1.55 40.71
N PHE A 529 2.50 -2.49 40.48
CA PHE A 529 3.92 -2.20 40.42
C PHE A 529 4.28 -1.96 38.96
N ILE A 530 4.88 -0.80 38.66
CA ILE A 530 5.30 -0.48 37.30
C ILE A 530 6.80 -0.29 37.29
N VAL A 531 7.48 -0.97 36.38
CA VAL A 531 8.94 -0.99 36.32
C VAL A 531 9.35 -0.50 34.93
N GLY A 532 10.32 0.40 34.90
CA GLY A 532 10.92 0.87 33.66
C GLY A 532 12.29 0.25 33.47
N THR A 533 12.51 -0.33 32.29
CA THR A 533 13.71 -1.11 32.00
C THR A 533 14.38 -0.58 30.74
N ALA A 534 15.60 -1.05 30.50
CA ALA A 534 16.38 -0.68 29.33
C ALA A 534 17.15 -1.89 28.84
N MET A 535 17.21 -2.07 27.51
CA MET A 535 18.01 -3.13 26.92
C MET A 535 19.45 -2.63 26.77
N VAL A 536 20.37 -3.27 27.50
CA VAL A 536 21.73 -2.78 27.65
C VAL A 536 22.63 -3.77 26.92
N TYR A 537 23.29 -3.32 25.86
CA TYR A 537 24.27 -4.14 25.17
C TYR A 537 25.63 -3.43 25.16
N PRO A 538 26.72 -4.15 25.45
CA PRO A 538 28.03 -3.47 25.57
C PRO A 538 28.36 -2.58 24.39
N GLU A 539 27.83 -2.90 23.20
CA GLU A 539 28.18 -2.16 22.00
C GLU A 539 27.62 -0.74 22.02
N GLU A 540 26.48 -0.53 22.68
CA GLU A 540 25.80 0.75 22.64
C GLU A 540 26.31 1.67 23.74
N ALA A 541 26.60 2.92 23.38
CA ALA A 541 26.93 3.91 24.40
C ALA A 541 25.67 4.31 25.17
N GLU A 542 24.56 4.50 24.47
CA GLU A 542 23.24 4.74 25.04
C GLU A 542 22.24 3.70 24.56
N PRO A 543 21.46 3.10 25.46
CA PRO A 543 20.49 2.09 25.02
C PRO A 543 19.45 2.67 24.09
N LYS A 544 19.05 1.86 23.09
CA LYS A 544 18.05 2.29 22.13
C LYS A 544 16.73 1.52 22.24
N GLN A 545 16.60 0.66 23.25
CA GLN A 545 15.39 -0.14 23.44
C GLN A 545 14.99 -0.15 24.91
N GLY A 546 13.70 -0.33 25.17
CA GLY A 546 13.24 -0.40 26.55
C GLY A 546 11.81 -0.84 26.66
N ARG A 547 11.42 -1.15 27.90
CA ARG A 547 10.06 -1.58 28.22
C ARG A 547 9.57 -0.80 29.43
N ILE A 548 8.28 -0.48 29.42
CA ILE A 548 7.54 -0.09 30.62
C ILE A 548 6.59 -1.24 30.90
N VAL A 549 6.69 -1.85 32.08
CA VAL A 549 5.95 -3.05 32.39
C VAL A 549 5.02 -2.79 33.55
N VAL A 550 3.76 -3.21 33.43
CA VAL A 550 2.76 -3.09 34.48
C VAL A 550 2.55 -4.48 35.06
N PHE A 551 2.83 -4.61 36.35
CA PHE A 551 2.63 -5.84 37.10
C PHE A 551 1.51 -5.63 38.11
N GLN A 552 0.84 -6.72 38.48
CA GLN A 552 -0.06 -6.70 39.63
C GLN A 552 0.39 -7.79 40.60
N TYR A 553 0.61 -7.42 41.85
CA TYR A 553 0.88 -8.40 42.89
C TYR A 553 -0.44 -8.80 43.54
N SER A 554 -0.83 -10.07 43.34
CA SER A 554 -2.12 -10.55 43.83
C SER A 554 -1.98 -12.01 44.24
N ASP A 555 -2.42 -12.32 45.46
CA ASP A 555 -2.47 -13.68 45.96
C ASP A 555 -1.13 -14.39 45.79
N GLY A 556 -0.07 -13.72 46.21
CA GLY A 556 1.23 -14.36 46.22
C GLY A 556 1.89 -14.49 44.87
N LYS A 557 1.25 -14.02 43.81
CA LYS A 557 1.79 -14.10 42.48
C LYS A 557 1.78 -12.72 41.82
N LEU A 558 2.77 -12.50 40.97
CA LEU A 558 2.92 -11.26 40.22
C LEU A 558 2.47 -11.54 38.79
N GLN A 559 1.49 -10.78 38.31
CA GLN A 559 0.90 -10.98 37.00
C GLN A 559 1.36 -9.85 36.09
N THR A 560 1.80 -10.19 34.88
CA THR A 560 2.15 -9.17 33.90
C THR A 560 0.86 -8.63 33.30
N VAL A 561 0.60 -7.34 33.50
CA VAL A 561 -0.68 -6.77 33.10
C VAL A 561 -0.60 -6.13 31.72
N ALA A 562 0.49 -5.43 31.43
CA ALA A 562 0.65 -4.73 30.17
C ALA A 562 2.10 -4.33 30.00
N GLU A 563 2.52 -4.18 28.75
CA GLU A 563 3.89 -3.79 28.42
C GLU A 563 3.87 -2.79 27.26
N LYS A 564 4.69 -1.76 27.36
CA LYS A 564 4.80 -0.72 26.35
C LYS A 564 6.25 -0.63 25.90
N GLU A 565 6.47 -0.68 24.59
CA GLU A 565 7.83 -0.60 24.03
C GLU A 565 8.21 0.86 23.83
N VAL A 566 9.40 1.22 24.31
CA VAL A 566 9.94 2.56 24.17
C VAL A 566 11.30 2.46 23.50
N LYS A 567 11.70 3.53 22.83
CA LYS A 567 12.96 3.56 22.06
C LYS A 567 14.08 4.21 22.89
N GLY A 568 14.36 3.61 24.04
CA GLY A 568 15.39 4.13 24.91
C GLY A 568 15.30 3.52 26.31
N ALA A 569 16.02 4.15 27.23
CA ALA A 569 16.11 3.68 28.61
C ALA A 569 15.13 4.46 29.46
N VAL A 570 14.32 3.76 30.24
CA VAL A 570 13.33 4.40 31.11
C VAL A 570 14.04 4.73 32.41
N TYR A 571 14.73 5.87 32.43
CA TYR A 571 15.56 6.22 33.58
C TYR A 571 14.72 6.54 34.81
N SER A 572 13.58 7.20 34.65
CA SER A 572 12.79 7.62 35.81
C SER A 572 11.31 7.66 35.48
N MET A 573 10.48 7.35 36.49
CA MET A 573 9.04 7.40 36.36
C MET A 573 8.43 7.98 37.62
N VAL A 574 7.25 8.60 37.47
CA VAL A 574 6.53 9.20 38.60
C VAL A 574 5.07 9.35 38.21
N GLU A 575 4.17 9.03 39.15
CA GLU A 575 2.75 9.16 38.90
C GLU A 575 2.34 10.62 38.86
N PHE A 576 1.50 10.96 37.88
CA PHE A 576 1.09 12.34 37.62
C PHE A 576 -0.41 12.39 37.46
N ASN A 577 -1.12 12.58 38.57
CA ASN A 577 -2.57 12.81 38.56
C ASN A 577 -3.30 11.76 37.72
N GLY A 578 -3.07 10.50 38.09
CA GLY A 578 -3.70 9.38 37.41
C GLY A 578 -3.04 8.97 36.12
N LYS A 579 -2.01 9.68 35.69
CA LYS A 579 -1.27 9.39 34.48
C LYS A 579 0.15 8.99 34.87
N LEU A 580 0.87 8.38 33.92
CA LEU A 580 2.22 7.90 34.18
C LEU A 580 3.21 8.79 33.44
N LEU A 581 4.06 9.48 34.21
CA LEU A 581 5.11 10.33 33.68
C LEU A 581 6.41 9.55 33.70
N ALA A 582 7.01 9.36 32.51
CA ALA A 582 8.22 8.58 32.36
C ALA A 582 9.22 9.34 31.50
N SER A 583 10.50 9.21 31.84
CA SER A 583 11.59 9.84 31.08
C SER A 583 12.33 8.75 30.30
N ILE A 584 12.25 8.82 28.97
CA ILE A 584 12.93 7.87 28.09
C ILE A 584 14.02 8.64 27.35
N ASN A 585 15.27 8.44 27.77
CA ASN A 585 16.45 9.08 27.17
C ASN A 585 16.25 10.60 27.18
N SER A 586 16.23 11.26 26.03
CA SER A 586 16.06 12.70 25.89
C SER A 586 14.61 13.16 26.04
N THR A 587 13.66 12.24 26.00
CA THR A 587 12.24 12.55 26.01
C THR A 587 11.62 12.37 27.39
N VAL A 588 10.77 13.32 27.79
CA VAL A 588 9.87 13.17 28.94
C VAL A 588 8.47 12.98 28.36
N ARG A 589 7.80 11.88 28.71
CA ARG A 589 6.54 11.51 28.09
C ARG A 589 5.50 11.21 29.17
N LEU A 590 4.27 11.67 28.93
CA LEU A 590 3.13 11.39 29.80
C LEU A 590 2.22 10.38 29.12
N TYR A 591 1.86 9.33 29.85
CA TYR A 591 1.00 8.27 29.34
C TYR A 591 -0.33 8.30 30.08
N GLU A 592 -1.43 8.00 29.37
CA GLU A 592 -2.71 7.74 30.00
C GLU A 592 -2.99 6.24 30.02
N TRP A 593 -3.73 5.81 31.04
CA TRP A 593 -4.07 4.41 31.25
C TRP A 593 -5.50 4.22 30.76
N THR A 594 -5.67 3.49 29.66
CA THR A 594 -6.96 3.38 29.03
C THR A 594 -7.84 2.37 29.77
N THR A 595 -9.11 2.35 29.39
CA THR A 595 -10.02 1.32 29.90
C THR A 595 -9.68 -0.06 29.37
N GLU A 596 -8.82 -0.17 28.35
CA GLU A 596 -8.33 -1.45 27.88
C GLU A 596 -7.03 -1.87 28.58
N LYS A 597 -6.66 -1.21 29.67
CA LYS A 597 -5.48 -1.57 30.45
C LYS A 597 -4.23 -1.59 29.56
N GLU A 598 -4.05 -0.49 28.83
CA GLU A 598 -2.85 -0.27 28.03
C GLU A 598 -2.47 1.21 28.12
N LEU A 599 -1.17 1.48 28.04
CA LEU A 599 -0.64 2.84 28.14
C LEU A 599 -0.82 3.57 26.81
N ARG A 600 -1.18 4.84 26.88
CA ARG A 600 -1.37 5.65 25.68
C ARG A 600 -0.54 6.93 25.79
N THR A 601 0.28 7.18 24.76
CA THR A 601 1.08 8.40 24.72
C THR A 601 0.15 9.60 24.63
N GLU A 602 0.40 10.60 25.48
CA GLU A 602 -0.38 11.84 25.44
C GLU A 602 0.47 13.01 24.94
N CYS A 603 1.55 13.35 25.63
CA CYS A 603 2.40 14.46 25.25
C CYS A 603 3.86 14.12 25.53
N ASN A 604 4.75 14.78 24.80
CA ASN A 604 6.18 14.54 24.88
C ASN A 604 6.92 15.86 25.03
N HIS A 605 8.15 15.76 25.56
CA HIS A 605 9.06 16.91 25.62
C HIS A 605 10.44 16.42 25.20
N TYR A 606 11.17 17.22 24.41
CA TYR A 606 12.42 16.74 23.85
C TYR A 606 13.61 17.67 24.04
N ASN A 607 13.47 18.79 24.75
CA ASN A 607 14.62 19.66 25.01
C ASN A 607 15.33 19.15 26.28
N ASN A 608 15.86 17.94 26.16
CA ASN A 608 16.56 17.28 27.26
C ASN A 608 17.71 16.51 26.62
N ILE A 609 18.91 16.63 27.18
CA ILE A 609 20.03 15.83 26.69
C ILE A 609 19.85 14.38 27.14
N MET A 610 19.64 14.18 28.44
CA MET A 610 19.35 12.88 29.03
C MET A 610 18.56 13.13 30.30
N ALA A 611 17.29 12.72 30.31
CA ALA A 611 16.39 13.01 31.43
C ALA A 611 16.58 11.95 32.52
N LEU A 612 17.38 12.28 33.53
CA LEU A 612 17.77 11.26 34.51
C LEU A 612 16.83 11.22 35.72
N TYR A 613 16.29 12.36 36.16
CA TYR A 613 15.48 12.42 37.37
C TYR A 613 14.20 13.21 37.15
N LEU A 614 13.10 12.74 37.74
CA LEU A 614 11.80 13.38 37.64
C LEU A 614 11.15 13.54 39.02
N LYS A 615 10.47 14.68 39.22
CA LYS A 615 9.75 15.01 40.45
C LYS A 615 8.54 15.86 40.10
N THR A 616 7.42 15.66 40.83
CA THR A 616 6.17 16.33 40.50
C THR A 616 5.55 17.01 41.71
N LYS A 617 4.95 18.19 41.50
CA LYS A 617 4.10 18.83 42.51
C LYS A 617 2.94 19.49 41.78
N GLY A 618 1.73 18.97 41.97
CA GLY A 618 0.60 19.54 41.24
C GLY A 618 0.72 19.20 39.78
N ASP A 619 0.58 20.21 38.93
CA ASP A 619 0.79 20.07 37.49
C ASP A 619 2.19 20.48 37.05
N PHE A 620 3.13 20.63 37.99
CA PHE A 620 4.49 21.02 37.68
C PHE A 620 5.45 19.84 37.78
N ILE A 621 6.46 19.83 36.91
CA ILE A 621 7.43 18.74 36.82
C ILE A 621 8.84 19.34 36.82
N LEU A 622 9.76 18.65 37.49
CA LEU A 622 11.17 19.01 37.51
C LEU A 622 12.00 17.89 36.91
N VAL A 623 12.77 18.21 35.88
CA VAL A 623 13.59 17.25 35.16
C VAL A 623 15.06 17.54 35.45
N GLY A 624 15.81 16.53 35.82
CA GLY A 624 17.23 16.66 36.05
C GLY A 624 17.99 16.03 34.89
N ASP A 625 18.78 16.86 34.22
CA ASP A 625 19.55 16.42 33.07
C ASP A 625 20.95 16.03 33.52
N LEU A 626 21.62 15.23 32.68
CA LEU A 626 22.98 14.83 33.03
C LEU A 626 23.91 16.03 33.15
N MET A 627 23.69 17.07 32.36
CA MET A 627 24.59 18.21 32.35
C MET A 627 23.87 19.55 32.25
N ARG A 628 22.54 19.57 32.11
CA ARG A 628 21.83 20.82 31.89
C ARG A 628 21.07 21.29 33.15
N SER A 629 21.46 20.81 34.33
CA SER A 629 20.95 21.30 35.61
C SER A 629 19.46 20.88 35.69
N VAL A 630 18.57 21.77 36.11
CA VAL A 630 17.17 21.43 36.36
C VAL A 630 16.27 22.23 35.42
N LEU A 631 15.14 21.61 35.03
CA LEU A 631 14.14 22.25 34.17
C LEU A 631 12.79 22.17 34.85
N LEU A 632 12.08 23.30 34.91
CA LEU A 632 10.73 23.37 35.47
C LEU A 632 9.71 23.28 34.34
N LEU A 633 9.02 22.15 34.25
CA LEU A 633 7.98 21.92 33.27
C LEU A 633 6.60 22.07 33.92
N ALA A 634 5.59 22.28 33.07
CA ALA A 634 4.21 22.32 33.54
C ALA A 634 3.30 21.60 32.55
N TYR A 635 2.40 20.78 33.07
CA TYR A 635 1.35 20.16 32.27
C TYR A 635 0.19 21.13 32.15
N LYS A 636 -0.22 21.43 30.91
CA LYS A 636 -1.31 22.36 30.71
C LYS A 636 -2.57 21.61 30.32
N PRO A 637 -3.47 21.34 31.26
CA PRO A 637 -4.60 20.43 30.96
C PRO A 637 -5.54 20.94 29.90
N MET A 638 -5.70 22.26 29.80
CA MET A 638 -6.58 22.80 28.77
C MET A 638 -6.12 22.40 27.38
N GLU A 639 -4.80 22.23 27.20
CA GLU A 639 -4.23 21.94 25.89
C GLU A 639 -3.79 20.50 25.68
N GLY A 640 -3.51 19.76 26.75
CA GLY A 640 -2.99 18.41 26.61
C GLY A 640 -1.56 18.30 26.13
N ASN A 641 -0.68 19.14 26.67
CA ASN A 641 0.73 19.14 26.28
C ASN A 641 1.59 19.69 27.42
N PHE A 642 2.90 19.80 27.16
CA PHE A 642 3.87 20.35 28.10
C PHE A 642 4.29 21.77 27.73
N GLU A 643 4.66 22.55 28.75
CA GLU A 643 5.22 23.88 28.58
C GLU A 643 6.49 24.02 29.41
N GLU A 644 7.54 24.61 28.83
CA GLU A 644 8.76 24.89 29.58
C GLU A 644 8.56 26.17 30.39
N ILE A 645 8.56 26.05 31.73
CA ILE A 645 8.35 27.21 32.58
C ILE A 645 9.64 27.99 32.76
N ALA A 646 10.70 27.30 33.22
CA ALA A 646 11.96 27.96 33.51
C ALA A 646 13.04 26.90 33.66
N ARG A 647 14.26 27.22 33.21
CA ARG A 647 15.39 26.29 33.24
C ARG A 647 16.58 27.00 33.86
N ASP A 648 17.42 26.21 34.54
CA ASP A 648 18.66 26.71 35.13
C ASP A 648 19.77 26.69 34.10
N PHE A 649 20.09 27.85 33.55
CA PHE A 649 21.09 27.90 32.48
C PHE A 649 22.50 27.60 32.97
N ASN A 650 22.83 27.91 34.21
CA ASN A 650 24.14 27.54 34.74
C ASN A 650 24.31 26.03 34.61
N PRO A 651 25.44 25.54 34.12
CA PRO A 651 25.56 24.09 33.87
C PRO A 651 26.06 23.31 35.06
N ASN A 652 25.29 22.32 35.50
CA ASN A 652 25.72 21.40 36.55
C ASN A 652 25.34 19.97 36.18
N TRP A 653 26.18 19.05 36.61
CA TRP A 653 25.93 17.62 36.53
C TRP A 653 25.03 17.20 37.69
N MET A 654 23.92 16.56 37.40
CA MET A 654 22.92 16.24 38.41
C MET A 654 23.04 14.78 38.88
N SER A 655 22.94 14.58 40.20
CA SER A 655 22.87 13.26 40.79
C SER A 655 21.54 12.95 41.47
N ALA A 656 20.81 13.97 41.92
CA ALA A 656 19.51 13.81 42.54
C ALA A 656 18.86 15.18 42.65
N VAL A 657 17.53 15.21 42.55
CA VAL A 657 16.77 16.46 42.63
C VAL A 657 15.58 16.28 43.55
N GLU A 658 14.99 17.42 43.96
CA GLU A 658 13.82 17.42 44.82
C GLU A 658 13.13 18.78 44.73
N ILE A 659 11.81 18.76 44.85
CA ILE A 659 11.00 19.97 44.89
C ILE A 659 10.78 20.35 46.36
N LEU A 660 11.16 21.57 46.72
CA LEU A 660 10.94 22.06 48.09
C LEU A 660 9.57 22.70 48.26
N ASP A 661 9.22 23.63 47.38
CA ASP A 661 7.90 24.25 47.34
C ASP A 661 7.68 24.73 45.91
N ASP A 662 6.54 25.36 45.66
CA ASP A 662 6.19 25.69 44.28
C ASP A 662 7.21 26.62 43.63
N ASP A 663 8.08 27.27 44.43
CA ASP A 663 9.07 28.18 43.87
C ASP A 663 10.51 27.73 44.07
N ASN A 664 10.81 26.92 45.08
CA ASN A 664 12.19 26.53 45.36
C ASN A 664 12.42 25.08 44.92
N PHE A 665 13.59 24.83 44.32
CA PHE A 665 13.94 23.50 43.82
C PHE A 665 15.36 23.15 44.25
N LEU A 666 15.53 21.93 44.75
CA LEU A 666 16.78 21.47 45.33
C LEU A 666 17.44 20.45 44.40
N GLY A 667 18.77 20.56 44.26
CA GLY A 667 19.51 19.68 43.39
C GLY A 667 20.83 19.29 44.02
N ALA A 668 21.38 18.19 43.53
CA ALA A 668 22.65 17.67 44.03
C ALA A 668 23.63 17.51 42.88
N GLU A 669 24.83 18.04 43.04
CA GLU A 669 25.85 18.02 41.99
C GLU A 669 26.76 16.83 42.24
N ASN A 670 27.32 16.30 41.16
CA ASN A 670 28.25 15.18 41.28
C ASN A 670 29.59 15.60 41.86
N ALA A 671 29.82 16.91 42.05
CA ALA A 671 30.99 17.42 42.73
C ALA A 671 30.77 17.50 44.23
N PHE A 672 29.82 16.71 44.72
CA PHE A 672 29.39 16.70 46.12
C PHE A 672 28.79 18.03 46.56
N ASN A 673 28.27 18.84 45.64
CA ASN A 673 27.75 20.17 45.98
C ASN A 673 26.23 20.17 45.89
N LEU A 674 25.60 21.11 46.61
CA LEU A 674 24.14 21.28 46.61
C LEU A 674 23.73 22.69 46.23
N PHE A 675 22.69 22.80 45.38
CA PHE A 675 22.18 24.09 44.94
C PHE A 675 20.66 24.13 44.95
N VAL A 676 20.11 25.34 45.08
CA VAL A 676 18.67 25.58 45.10
C VAL A 676 18.35 26.72 44.14
N CYS A 677 17.48 26.44 43.17
CA CYS A 677 17.04 27.44 42.21
C CYS A 677 15.61 27.87 42.49
N GLN A 678 15.29 29.11 42.14
CA GLN A 678 13.94 29.63 42.32
C GLN A 678 13.54 30.41 41.07
N LYS A 679 12.24 30.38 40.78
CA LYS A 679 11.66 31.18 39.72
C LYS A 679 11.88 32.66 40.03
N ASP A 680 12.20 33.45 39.01
CA ASP A 680 12.48 34.85 39.32
C ASP A 680 11.25 35.63 39.76
N SER A 681 10.06 35.06 39.58
CA SER A 681 8.79 35.63 40.02
C SER A 681 8.58 37.09 39.64
N ALA A 682 9.34 37.60 38.68
CA ALA A 682 9.21 38.97 38.19
C ALA A 682 8.88 38.84 36.71
N ALA A 683 7.64 39.18 36.34
CA ALA A 683 7.17 38.96 34.99
C ALA A 683 7.45 40.13 34.04
N THR A 684 8.19 41.15 34.49
CA THR A 684 8.65 42.23 33.61
C THR A 684 8.85 41.75 32.18
N THR A 685 9.85 40.90 31.96
CA THR A 685 10.10 40.26 30.68
C THR A 685 9.82 38.76 30.79
N ASP A 686 9.29 38.16 29.72
CA ASP A 686 9.09 36.72 29.75
C ASP A 686 10.39 35.99 30.04
N GLU A 687 11.53 36.58 29.62
CA GLU A 687 12.82 35.91 29.81
C GLU A 687 13.16 35.74 31.28
N GLU A 688 12.84 36.74 32.11
CA GLU A 688 13.15 36.65 33.53
C GLU A 688 12.49 35.44 34.17
N ARG A 689 11.22 35.20 33.86
CA ARG A 689 10.53 34.04 34.42
C ARG A 689 11.16 32.75 33.93
N GLN A 690 11.53 32.70 32.65
CA GLN A 690 12.12 31.49 32.07
C GLN A 690 13.55 31.25 32.54
N HIS A 691 14.06 32.12 33.41
CA HIS A 691 15.38 31.98 34.01
C HIS A 691 15.23 31.54 35.46
N LEU A 692 15.80 30.38 35.79
CA LEU A 692 15.92 29.95 37.18
C LEU A 692 17.24 30.46 37.74
N GLN A 693 17.16 31.23 38.82
CA GLN A 693 18.37 31.79 39.43
C GLN A 693 18.78 30.92 40.61
N GLU A 694 20.02 30.43 40.59
CA GLU A 694 20.55 29.65 41.70
C GLU A 694 20.74 30.60 42.89
N VAL A 695 19.90 30.45 43.91
CA VAL A 695 19.98 31.30 45.10
C VAL A 695 20.62 30.58 46.27
N GLY A 696 20.77 29.26 46.20
CA GLY A 696 21.43 28.52 47.26
C GLY A 696 22.59 27.71 46.72
N LEU A 697 23.72 27.78 47.40
CA LEU A 697 24.92 27.03 47.05
C LEU A 697 25.54 26.52 48.35
N PHE A 698 25.86 25.23 48.40
CA PHE A 698 26.38 24.58 49.60
C PHE A 698 27.23 23.41 49.14
N HIS A 699 28.37 23.22 49.80
CA HIS A 699 29.27 22.15 49.35
C HIS A 699 28.90 20.78 49.93
N LEU A 700 28.37 20.72 51.13
CA LEU A 700 27.93 19.45 51.71
C LEU A 700 29.02 18.40 51.91
N GLY A 701 29.76 18.04 50.86
CA GLY A 701 30.80 17.04 50.99
C GLY A 701 30.41 15.59 50.80
N GLU A 702 29.14 15.31 50.51
CA GLU A 702 28.67 13.96 50.24
C GLU A 702 27.92 13.88 48.93
N PHE A 703 27.85 12.65 48.38
CA PHE A 703 27.22 12.37 47.09
C PHE A 703 25.77 11.93 47.33
N VAL A 704 24.82 12.78 46.97
CA VAL A 704 23.41 12.52 47.20
C VAL A 704 22.86 11.66 46.06
N ASN A 705 22.28 10.49 46.40
CA ASN A 705 21.58 9.69 45.41
C ASN A 705 20.06 9.85 45.47
N VAL A 706 19.47 10.06 46.64
CA VAL A 706 18.03 10.03 46.79
C VAL A 706 17.58 11.13 47.74
N PHE A 707 16.66 11.96 47.25
CA PHE A 707 15.96 12.96 48.05
C PHE A 707 14.57 12.39 48.32
N CYS A 708 14.10 12.48 49.56
CA CYS A 708 12.83 11.86 49.93
C CYS A 708 12.14 12.72 50.98
N HIS A 709 10.93 13.16 50.67
CA HIS A 709 10.14 13.91 51.65
C HIS A 709 9.75 13.01 52.82
N GLY A 710 9.92 13.52 54.03
CA GLY A 710 9.54 12.80 55.23
C GLY A 710 10.45 13.15 56.39
N SER A 711 9.99 12.76 57.58
CA SER A 711 10.79 12.92 58.78
C SER A 711 10.59 11.72 59.68
N LEU A 712 11.67 11.35 60.37
CA LEU A 712 11.70 10.25 61.33
C LEU A 712 11.29 10.65 62.73
N VAL A 713 11.12 11.94 63.02
CA VAL A 713 10.79 12.35 64.37
C VAL A 713 9.39 11.87 64.73
N MET A 714 9.20 11.45 65.98
CA MET A 714 7.89 11.03 66.43
C MET A 714 6.97 12.25 66.47
N GLN A 715 5.78 12.13 65.88
CA GLN A 715 4.79 13.19 65.91
C GLN A 715 3.55 12.69 66.62
N ASN A 716 3.20 13.34 67.73
CA ASN A 716 1.97 13.03 68.44
C ASN A 716 0.88 14.02 68.09
N LEU A 717 1.12 14.91 67.11
CA LEU A 717 0.29 16.03 66.70
C LEU A 717 0.44 17.18 67.70
N GLY A 718 0.97 16.93 68.90
CA GLY A 718 1.30 17.92 69.91
C GLY A 718 2.71 18.44 69.96
N GLU A 719 3.60 17.91 69.14
CA GLU A 719 5.01 18.29 69.16
C GLU A 719 5.13 19.74 68.71
N THR A 720 5.77 20.57 69.52
CA THR A 720 5.95 21.97 69.17
C THR A 720 6.48 22.11 67.75
N SER A 721 5.84 22.99 66.98
CA SER A 721 6.26 23.21 65.60
C SER A 721 7.53 24.04 65.61
N THR A 722 8.60 23.47 65.06
CA THR A 722 9.90 24.12 65.04
C THR A 722 9.91 25.29 64.05
N PRO A 723 10.82 26.25 64.25
CA PRO A 723 10.95 27.35 63.27
C PRO A 723 11.23 26.84 61.86
N THR A 724 11.96 25.73 61.73
CA THR A 724 12.25 25.16 60.42
C THR A 724 10.96 24.56 59.85
N GLN A 725 10.73 24.79 58.56
CA GLN A 725 9.51 24.31 57.90
C GLN A 725 9.85 23.43 56.70
N GLY A 726 9.18 22.27 56.63
CA GLY A 726 9.42 21.28 55.60
C GLY A 726 10.40 20.22 56.06
N SER A 727 10.47 19.13 55.28
CA SER A 727 11.37 18.03 55.65
C SER A 727 11.71 17.21 54.42
N VAL A 728 12.96 17.29 54.00
CA VAL A 728 13.53 16.46 52.94
C VAL A 728 14.71 15.71 53.54
N LEU A 729 14.65 14.39 53.52
CA LEU A 729 15.78 13.54 53.90
C LEU A 729 16.57 13.18 52.66
N PHE A 730 17.90 13.09 52.79
CA PHE A 730 18.70 12.66 51.66
C PHE A 730 19.72 11.60 52.06
N GLY A 731 19.90 10.62 51.16
CA GLY A 731 20.84 9.53 51.35
C GLY A 731 22.04 9.70 50.44
N THR A 732 23.18 9.16 50.86
CA THR A 732 24.44 9.39 50.17
C THR A 732 25.22 8.09 50.00
N VAL A 733 26.30 8.18 49.24
CA VAL A 733 27.11 7.01 48.93
C VAL A 733 27.86 6.50 50.16
N ASN A 734 28.24 7.40 51.08
CA ASN A 734 29.02 6.98 52.25
C ASN A 734 28.14 6.64 53.45
N GLY A 735 26.82 6.54 53.26
CA GLY A 735 25.92 6.19 54.33
C GLY A 735 25.38 7.36 55.12
N MET A 736 25.92 8.55 54.90
CA MET A 736 25.43 9.74 55.58
C MET A 736 24.00 10.04 55.18
N ILE A 737 23.15 10.31 56.18
CA ILE A 737 21.77 10.74 55.97
C ILE A 737 21.61 12.13 56.55
N GLY A 738 21.07 13.06 55.75
CA GLY A 738 20.90 14.43 56.17
C GLY A 738 19.47 14.88 55.95
N LEU A 739 19.16 16.07 56.48
CA LEU A 739 17.81 16.62 56.43
C LEU A 739 17.93 18.06 55.97
N VAL A 740 17.14 18.43 54.96
CA VAL A 740 17.10 19.79 54.43
C VAL A 740 15.75 20.40 54.82
N THR A 741 15.77 21.63 55.30
CA THR A 741 14.53 22.30 55.70
C THR A 741 14.69 23.80 55.46
N SER A 742 13.56 24.49 55.39
CA SER A 742 13.51 25.91 55.08
C SER A 742 13.39 26.77 56.34
N LEU A 743 13.82 28.03 56.20
CA LEU A 743 13.79 29.01 57.27
C LEU A 743 13.07 30.26 56.79
N SER A 744 12.63 31.08 57.73
CA SER A 744 12.21 32.45 57.42
C SER A 744 13.44 33.35 57.31
N GLU A 745 13.27 34.48 56.63
CA GLU A 745 14.42 35.38 56.47
C GLU A 745 15.02 35.75 57.81
N SER A 746 14.17 36.08 58.80
CA SER A 746 14.67 36.47 60.11
C SER A 746 15.49 35.36 60.75
N TRP A 747 15.01 34.12 60.68
CA TRP A 747 15.72 33.03 61.35
C TRP A 747 17.06 32.76 60.67
N TYR A 748 17.07 32.79 59.34
CA TYR A 748 18.31 32.62 58.59
C TYR A 748 19.34 33.66 58.99
N ASN A 749 18.96 34.95 58.95
CA ASN A 749 19.94 35.99 59.26
C ASN A 749 20.53 35.78 60.64
N LEU A 750 19.69 35.40 61.60
CA LEU A 750 20.17 35.13 62.95
C LEU A 750 21.17 33.98 62.96
N LEU A 751 20.75 32.83 62.41
CA LEU A 751 21.62 31.66 62.46
C LEU A 751 22.89 31.88 61.66
N LEU A 752 22.79 32.61 60.54
CA LEU A 752 23.98 32.95 59.77
C LEU A 752 24.92 33.83 60.56
N ASP A 753 24.40 34.89 61.17
CA ASP A 753 25.25 35.77 61.98
C ASP A 753 25.92 34.97 63.10
N MET A 754 25.21 33.99 63.64
CA MET A 754 25.77 33.14 64.69
C MET A 754 26.89 32.27 64.15
N GLN A 755 26.74 31.74 62.93
CA GLN A 755 27.82 30.93 62.36
C GLN A 755 29.11 31.72 62.32
N ASN A 756 29.05 32.95 61.78
CA ASN A 756 30.24 33.78 61.69
C ASN A 756 30.87 34.00 63.06
N ARG A 757 30.04 34.10 64.09
CA ARG A 757 30.55 34.23 65.45
C ARG A 757 31.13 32.91 65.94
N LEU A 758 30.45 31.80 65.64
CA LEU A 758 30.97 30.51 66.05
C LEU A 758 32.28 30.17 65.37
N ASN A 759 32.43 30.53 64.09
CA ASN A 759 33.65 30.17 63.38
C ASN A 759 34.87 30.88 63.95
N LYS A 760 34.68 32.10 64.45
CA LYS A 760 35.79 32.79 65.10
C LYS A 760 36.16 32.13 66.42
N VAL A 761 35.21 31.46 67.06
CA VAL A 761 35.42 30.89 68.40
C VAL A 761 35.93 29.46 68.32
N ILE A 762 35.36 28.65 67.44
CA ILE A 762 35.63 27.22 67.45
C ILE A 762 36.94 26.97 66.72
N LYS A 763 37.77 26.11 67.31
CA LYS A 763 39.06 25.73 66.77
C LYS A 763 38.90 24.55 65.84
N SER A 764 39.36 24.71 64.60
CA SER A 764 39.22 23.65 63.60
C SER A 764 40.45 22.76 63.60
N VAL A 765 40.21 21.46 63.38
CA VAL A 765 41.33 20.53 63.22
C VAL A 765 42.02 20.83 61.90
N GLY A 766 43.34 20.95 61.93
CA GLY A 766 44.07 21.34 60.76
C GLY A 766 43.99 22.82 60.44
N LYS A 767 43.29 23.58 61.28
CA LYS A 767 43.11 25.02 61.06
C LYS A 767 42.52 25.28 59.68
N ILE A 768 41.47 24.53 59.36
CA ILE A 768 40.76 24.68 58.10
C ILE A 768 39.63 25.68 58.31
N GLU A 769 39.61 26.74 57.50
CA GLU A 769 38.53 27.71 57.56
C GLU A 769 37.19 27.07 57.17
N HIS A 770 36.19 27.24 58.03
CA HIS A 770 34.86 26.68 57.75
C HIS A 770 34.29 27.27 56.46
N SER A 771 34.46 28.59 56.26
CA SER A 771 33.92 29.23 55.08
C SER A 771 34.49 28.62 53.80
N PHE A 772 35.76 28.21 53.81
CA PHE A 772 36.35 27.57 52.64
C PHE A 772 35.76 26.18 52.43
N TRP A 773 35.54 25.44 53.50
CA TRP A 773 35.05 24.07 53.41
C TRP A 773 33.68 24.01 52.74
N ARG A 774 32.78 24.91 53.11
CA ARG A 774 31.43 24.91 52.53
C ARG A 774 31.35 25.66 51.20
N SER A 775 32.44 26.26 50.73
CA SER A 775 32.41 26.94 49.45
C SER A 775 32.09 25.95 48.35
N PHE A 776 31.02 26.23 47.58
CA PHE A 776 30.72 25.49 46.37
C PHE A 776 31.99 25.37 45.54
N HIS A 777 32.39 24.15 45.20
CA HIS A 777 33.68 23.91 44.56
C HIS A 777 33.58 22.83 43.50
N THR A 778 33.91 23.20 42.27
CA THR A 778 34.14 22.29 41.17
C THR A 778 35.60 22.43 40.73
N GLU A 779 36.07 21.46 39.94
CA GLU A 779 37.43 21.57 39.41
C GLU A 779 37.64 22.94 38.76
N ARG A 780 36.57 23.52 38.20
CA ARG A 780 36.64 24.78 37.46
C ARG A 780 36.31 25.99 38.30
N LYS A 781 35.34 25.87 39.22
CA LYS A 781 34.86 27.00 39.99
C LYS A 781 34.92 26.79 41.50
N THR A 782 35.00 27.92 42.21
CA THR A 782 34.82 27.96 43.66
C THR A 782 34.02 29.21 44.00
N GLU A 783 32.91 29.03 44.70
CA GLU A 783 32.05 30.13 45.10
C GLU A 783 31.78 30.05 46.60
N PRO A 784 31.57 31.19 47.26
CA PRO A 784 31.16 31.15 48.66
C PRO A 784 29.74 30.60 48.77
N ALA A 785 29.51 29.86 49.85
CA ALA A 785 28.19 29.30 50.08
C ALA A 785 27.15 30.41 50.24
N THR A 786 25.90 30.08 49.91
CA THR A 786 24.82 31.04 50.06
C THR A 786 23.50 30.32 50.26
N GLY A 787 22.64 30.92 51.10
CA GLY A 787 21.31 30.41 51.31
C GLY A 787 21.19 29.17 52.17
N PHE A 788 22.27 28.74 52.82
CA PHE A 788 22.28 27.50 53.57
C PHE A 788 22.92 27.74 54.94
N ILE A 789 22.37 27.11 55.96
CA ILE A 789 22.87 27.17 57.33
C ILE A 789 23.44 25.81 57.67
N ASP A 790 24.73 25.75 57.98
CA ASP A 790 25.36 24.48 58.37
C ASP A 790 24.79 24.07 59.72
N GLY A 791 23.79 23.21 59.72
CA GLY A 791 23.16 22.84 60.98
C GLY A 791 24.11 22.22 61.97
N ASP A 792 25.11 21.49 61.48
CA ASP A 792 26.07 20.85 62.36
C ASP A 792 26.94 21.89 63.06
N LEU A 793 27.24 23.01 62.39
CA LEU A 793 27.96 24.08 63.04
C LEU A 793 27.08 24.76 64.07
N ILE A 794 25.81 24.99 63.74
CA ILE A 794 24.87 25.57 64.69
C ILE A 794 24.72 24.67 65.90
N GLU A 795 24.60 23.36 65.68
CA GLU A 795 24.39 22.44 66.80
C GLU A 795 25.61 22.27 67.68
N SER A 796 26.80 22.62 67.20
CA SER A 796 27.99 22.52 68.04
C SER A 796 28.04 23.58 69.12
N PHE A 797 27.22 24.63 69.01
CA PHE A 797 27.15 25.64 70.05
C PHE A 797 26.92 25.01 71.42
N LEU A 798 26.11 23.95 71.46
CA LEU A 798 25.79 23.30 72.73
C LEU A 798 26.98 22.55 73.32
N ASP A 799 28.03 22.31 72.55
CA ASP A 799 29.17 21.54 73.03
C ASP A 799 30.40 22.38 73.36
N ILE A 800 30.35 23.68 73.09
CA ILE A 800 31.49 24.55 73.39
C ILE A 800 31.38 25.02 74.84
N SER A 801 32.52 25.30 75.45
CA SER A 801 32.55 25.65 76.87
C SER A 801 31.82 26.97 77.13
N ARG A 802 31.42 27.15 78.39
CA ARG A 802 30.65 28.34 78.75
C ARG A 802 31.35 29.64 78.40
N PRO A 803 32.64 29.83 78.68
CA PRO A 803 33.30 31.07 78.27
C PRO A 803 33.09 31.36 76.79
N LYS A 804 33.17 30.31 75.98
CA LYS A 804 33.05 30.45 74.53
C LYS A 804 31.62 30.80 74.14
N MET A 805 30.64 30.20 74.84
CA MET A 805 29.24 30.50 74.56
C MET A 805 28.94 31.97 74.76
N GLN A 806 29.39 32.52 75.90
CA GLN A 806 29.13 33.93 76.20
C GLN A 806 29.88 34.82 75.23
N GLU A 807 31.10 34.40 74.84
CA GLU A 807 31.86 35.14 73.84
C GLU A 807 31.10 35.21 72.52
N VAL A 808 30.38 34.14 72.17
CA VAL A 808 29.66 34.11 70.90
C VAL A 808 28.47 35.07 70.93
N VAL A 809 27.74 35.12 72.05
CA VAL A 809 26.52 35.91 72.10
C VAL A 809 26.77 37.40 72.30
N ALA A 810 28.02 37.80 72.50
CA ALA A 810 28.32 39.21 72.71
C ALA A 810 27.85 40.02 71.51
N ASN A 811 27.10 41.09 71.78
CA ASN A 811 26.62 42.00 70.76
C ASN A 811 25.75 41.32 69.71
N LEU A 812 25.02 40.27 70.09
CA LEU A 812 24.14 39.57 69.14
C LEU A 812 22.71 39.96 69.46
N GLN A 813 22.09 40.72 68.55
CA GLN A 813 20.76 41.28 68.66
C GLN A 813 19.77 40.59 67.72
N TYR A 814 18.49 40.66 68.09
CA TYR A 814 17.38 40.08 67.35
C TYR A 814 16.81 41.09 66.36
N ASP A 815 16.03 40.59 65.39
CA ASP A 815 15.46 41.46 64.37
C ASP A 815 14.12 40.94 63.86
N ASP A 816 13.28 41.86 63.37
CA ASP A 816 11.99 41.56 62.74
C ASP A 816 11.08 40.67 63.60
N GLY A 817 11.27 40.67 64.93
CA GLY A 817 10.50 39.88 65.84
C GLY A 817 9.47 40.69 66.59
N SER A 818 9.10 40.14 67.76
CA SER A 818 8.29 40.94 68.66
C SER A 818 9.11 42.13 69.16
N GLY A 819 10.41 41.92 69.31
CA GLY A 819 11.34 42.97 69.67
C GLY A 819 12.30 43.18 68.52
N MET A 820 12.32 44.39 67.95
CA MET A 820 13.13 44.61 66.75
C MET A 820 14.62 44.55 67.06
N LYS A 821 15.06 45.00 68.24
CA LYS A 821 16.44 44.83 68.71
C LYS A 821 16.44 44.26 70.11
N ARG A 822 17.02 43.06 70.29
CA ARG A 822 16.94 42.34 71.57
C ARG A 822 18.16 41.44 71.71
N GLU A 823 19.21 41.92 72.37
CA GLU A 823 20.40 41.10 72.51
C GLU A 823 20.11 39.84 73.32
N ALA A 824 20.49 38.69 72.76
CA ALA A 824 20.32 37.37 73.36
C ALA A 824 21.47 37.07 74.32
N THR A 825 21.21 36.12 75.22
CA THR A 825 22.19 35.63 76.18
C THR A 825 22.56 34.19 75.82
N ALA A 826 23.63 33.70 76.46
CA ALA A 826 24.05 32.32 76.20
C ALA A 826 22.95 31.31 76.51
N ASP A 827 22.09 31.62 77.48
CA ASP A 827 20.97 30.72 77.78
C ASP A 827 19.85 30.81 76.74
N ASP A 828 19.63 32.00 76.14
CA ASP A 828 18.62 32.09 75.10
C ASP A 828 18.98 31.19 73.92
N LEU A 829 20.23 31.28 73.46
CA LEU A 829 20.64 30.50 72.30
C LEU A 829 20.67 29.01 72.58
N ILE A 830 21.04 28.62 73.81
CA ILE A 830 21.03 27.20 74.15
C ILE A 830 19.65 26.60 73.92
N LYS A 831 18.60 27.35 74.27
CA LYS A 831 17.23 26.89 74.04
C LYS A 831 16.91 26.83 72.55
N VAL A 832 17.35 27.81 71.76
CA VAL A 832 17.01 27.82 70.35
C VAL A 832 17.65 26.61 69.66
N VAL A 833 18.93 26.38 69.90
CA VAL A 833 19.61 25.26 69.24
C VAL A 833 18.98 23.94 69.66
N GLU A 834 18.66 23.81 70.96
CA GLU A 834 18.05 22.58 71.46
C GLU A 834 16.73 22.29 70.74
N GLU A 835 15.97 23.33 70.40
CA GLU A 835 14.79 23.09 69.57
C GLU A 835 15.20 22.62 68.18
N LEU A 836 16.30 23.16 67.65
CA LEU A 836 16.76 22.77 66.32
C LEU A 836 17.29 21.34 66.29
N THR A 837 17.78 20.84 67.42
CA THR A 837 18.22 19.44 67.47
C THR A 837 17.05 18.45 67.51
N ARG A 838 15.82 18.92 67.70
CA ARG A 838 14.65 18.06 67.80
C ARG A 838 14.02 17.80 66.44
N ILE A 839 14.65 18.28 65.35
CA ILE A 839 14.17 17.96 64.02
C ILE A 839 14.70 16.62 63.52
N HIS A 840 15.61 16.02 64.27
CA HIS A 840 16.20 14.74 63.85
C HIS A 840 16.57 13.91 65.08
N THR B 7 12.58 33.14 -3.73
CA THR B 7 13.82 32.39 -3.80
C THR B 7 14.42 32.22 -2.40
N GLU B 8 15.49 31.41 -2.32
CA GLU B 8 16.16 31.16 -1.06
C GLU B 8 16.73 32.43 -0.45
N SER B 9 16.90 33.49 -1.25
CA SER B 9 17.60 34.69 -0.85
C SER B 9 16.68 35.75 -0.25
N ASP B 10 15.37 35.57 -0.33
CA ASP B 10 14.40 36.53 0.19
C ASP B 10 14.24 36.29 1.69
N TRP B 11 15.14 36.89 2.47
CA TRP B 11 15.07 36.74 3.91
C TRP B 11 14.07 37.72 4.51
N GLY B 12 13.63 37.41 5.73
CA GLY B 12 12.76 38.29 6.48
C GLY B 12 11.27 38.14 6.24
N LYS B 13 10.87 37.38 5.22
CA LYS B 13 9.45 37.23 4.88
C LYS B 13 8.85 35.92 5.39
N ARG B 14 9.57 34.81 5.29
CA ARG B 14 9.05 33.53 5.76
C ARG B 14 8.71 33.61 7.25
N CYS B 15 7.62 32.98 7.64
CA CYS B 15 7.15 33.07 9.02
C CYS B 15 7.79 31.98 9.88
N VAL B 16 7.89 32.27 11.18
CA VAL B 16 8.39 31.30 12.15
C VAL B 16 7.41 30.16 12.36
N ASP B 17 6.21 30.25 11.76
CA ASP B 17 5.29 29.13 11.81
C ASP B 17 5.94 27.87 11.28
N LYS B 18 6.89 28.03 10.35
CA LYS B 18 7.50 26.91 9.67
C LYS B 18 8.39 26.07 10.56
N PHE B 19 8.58 26.49 11.81
CA PHE B 19 9.39 25.77 12.78
C PHE B 19 8.55 25.41 13.99
N ASP B 20 8.65 24.15 14.42
CA ASP B 20 7.99 23.68 15.63
C ASP B 20 9.01 23.77 16.75
N ILE B 21 8.82 24.72 17.67
CA ILE B 21 9.80 24.99 18.72
C ILE B 21 9.86 23.81 19.67
N ILE B 22 11.07 23.42 20.08
CA ILE B 22 11.25 22.30 20.99
C ILE B 22 11.40 22.78 22.43
N GLY B 23 12.21 23.81 22.65
CA GLY B 23 12.45 24.32 23.98
C GLY B 23 13.34 25.54 23.90
N ILE B 24 13.87 25.93 25.05
CA ILE B 24 14.79 27.07 25.14
C ILE B 24 16.19 26.53 25.43
N ILE B 25 17.15 26.86 24.56
CA ILE B 25 18.53 26.38 24.71
C ILE B 25 19.44 27.42 25.34
N GLY B 26 18.97 28.65 25.52
CA GLY B 26 19.80 29.63 26.19
C GLY B 26 19.27 31.03 26.03
N GLU B 27 19.68 31.93 26.91
CA GLU B 27 19.32 33.33 26.84
C GLU B 27 20.52 34.09 26.28
N GLY B 28 20.33 34.78 25.17
CA GLY B 28 21.38 35.46 24.47
C GLY B 28 21.51 36.91 24.89
N THR B 29 22.00 37.73 23.96
CA THR B 29 22.22 39.15 24.21
C THR B 29 21.06 40.01 23.75
N TYR B 30 20.51 39.76 22.55
CA TYR B 30 19.37 40.53 22.07
C TYR B 30 18.04 39.80 22.30
N GLY B 31 18.08 38.52 22.62
CA GLY B 31 16.88 37.77 22.92
C GLY B 31 17.27 36.35 23.27
N GLN B 32 16.26 35.57 23.66
CA GLN B 32 16.51 34.17 23.96
C GLN B 32 16.65 33.38 22.65
N VAL B 33 17.35 32.25 22.74
CA VAL B 33 17.53 31.35 21.62
C VAL B 33 16.82 30.05 21.95
N TYR B 34 15.93 29.61 21.05
CA TYR B 34 15.12 28.43 21.27
C TYR B 34 15.43 27.41 20.18
N LYS B 35 15.70 26.16 20.57
CA LYS B 35 15.83 25.07 19.59
C LYS B 35 14.48 24.78 18.93
N ALA B 36 14.52 24.46 17.64
CA ALA B 36 13.31 24.18 16.89
C ALA B 36 13.59 23.24 15.73
N LYS B 37 12.50 22.65 15.20
CA LYS B 37 12.57 21.72 14.08
C LYS B 37 11.84 22.32 12.88
N ASP B 38 12.47 22.27 11.72
CA ASP B 38 11.82 22.74 10.50
C ASP B 38 10.69 21.80 10.11
N LYS B 39 9.49 22.34 9.95
CA LYS B 39 8.33 21.48 9.69
C LYS B 39 8.43 20.78 8.35
N ASP B 40 9.09 21.40 7.38
CA ASP B 40 9.09 20.88 6.02
C ASP B 40 10.20 19.85 5.80
N THR B 41 11.38 20.09 6.37
CA THR B 41 12.53 19.22 6.16
C THR B 41 12.86 18.35 7.37
N GLY B 42 12.50 18.79 8.57
CA GLY B 42 12.85 18.07 9.78
C GLY B 42 14.17 18.46 10.37
N GLU B 43 14.95 19.27 9.66
CA GLU B 43 16.26 19.67 10.15
C GLU B 43 16.12 20.46 11.43
N LEU B 44 16.99 20.15 12.40
CA LEU B 44 17.01 20.90 13.64
C LEU B 44 17.80 22.19 13.44
N VAL B 45 17.23 23.28 13.92
CA VAL B 45 17.78 24.62 13.81
C VAL B 45 17.67 25.24 15.19
N ALA B 46 18.40 26.32 15.42
CA ALA B 46 18.28 27.09 16.65
C ALA B 46 18.01 28.54 16.25
N LEU B 47 16.89 29.08 16.74
CA LEU B 47 16.38 30.40 16.34
C LEU B 47 16.71 31.41 17.42
N LYS B 48 17.50 32.42 17.07
CA LYS B 48 17.85 33.54 17.95
C LYS B 48 16.82 34.66 17.77
N LYS B 49 16.16 35.07 18.85
CA LYS B 49 15.07 36.05 18.75
C LYS B 49 15.61 37.46 18.86
N VAL B 50 15.21 38.32 17.92
CA VAL B 50 15.64 39.71 17.89
C VAL B 50 14.40 40.58 18.10
N ARG B 51 14.44 41.44 19.11
CA ARG B 51 13.29 42.25 19.49
C ARG B 51 13.59 43.71 19.16
N LEU B 52 12.77 44.29 18.27
CA LEU B 52 12.84 45.71 17.97
C LEU B 52 11.78 46.50 18.73
N ASP B 53 11.01 45.83 19.58
CA ASP B 53 9.98 46.53 20.34
C ASP B 53 10.57 47.55 21.31
N ASN B 54 11.83 47.36 21.73
CA ASN B 54 12.42 48.30 22.68
C ASN B 54 12.35 49.73 22.14
N GLU B 55 12.59 49.90 20.85
CA GLU B 55 12.54 51.19 20.19
C GLU B 55 13.47 52.20 20.84
N LYS B 56 14.50 51.71 21.53
CA LYS B 56 15.56 52.57 22.04
C LYS B 56 16.52 53.01 20.94
N GLU B 57 17.11 52.04 20.25
CA GLU B 57 17.96 52.29 19.09
C GLU B 57 17.58 51.37 17.92
N GLY B 58 16.41 50.76 17.98
CA GLY B 58 15.95 49.93 16.89
C GLY B 58 16.55 48.53 16.92
N PHE B 59 16.77 47.99 15.74
CA PHE B 59 17.36 46.66 15.62
C PHE B 59 18.72 46.65 16.32
N PRO B 60 19.00 45.66 17.17
CA PRO B 60 20.29 45.66 17.86
C PRO B 60 21.45 45.58 16.87
N ILE B 61 22.44 46.45 17.06
CA ILE B 61 23.62 46.40 16.20
C ILE B 61 24.32 45.06 16.36
N THR B 62 24.30 44.48 17.57
CA THR B 62 24.92 43.17 17.79
C THR B 62 24.39 42.17 16.78
N ALA B 63 23.06 42.15 16.56
CA ALA B 63 22.49 41.28 15.54
C ALA B 63 22.89 41.73 14.14
N ILE B 64 22.93 43.05 13.89
CA ILE B 64 23.31 43.52 12.57
C ILE B 64 24.71 43.03 12.20
N ARG B 65 25.63 43.03 13.17
CA ARG B 65 26.98 42.55 12.92
C ARG B 65 26.95 41.07 12.55
N GLU B 66 26.19 40.27 13.31
CA GLU B 66 26.13 38.83 13.05
C GLU B 66 25.48 38.54 11.70
N ILE B 67 24.52 39.35 11.27
CA ILE B 67 23.89 39.15 9.97
C ILE B 67 24.84 39.53 8.85
N LYS B 68 25.54 40.66 8.99
CA LYS B 68 26.44 41.15 7.95
C LYS B 68 27.65 40.24 7.79
N ILE B 69 28.26 39.82 8.90
CA ILE B 69 29.52 39.09 8.82
C ILE B 69 29.28 37.64 8.42
N LEU B 70 28.27 37.00 9.02
CA LEU B 70 28.08 35.58 8.78
C LEU B 70 27.51 35.25 7.41
N ARG B 71 26.82 36.20 6.75
CA ARG B 71 26.44 35.98 5.36
C ARG B 71 27.62 36.09 4.41
N GLN B 72 28.75 36.65 4.86
CA GLN B 72 29.96 36.68 4.06
C GLN B 72 30.83 35.45 4.31
N LEU B 73 30.87 34.98 5.55
CA LEU B 73 31.84 33.96 5.98
C LEU B 73 31.27 32.57 5.70
N ILE B 74 32.01 31.80 4.91
CA ILE B 74 31.67 30.42 4.57
C ILE B 74 32.82 29.55 5.06
N HIS B 75 32.59 28.76 6.11
CA HIS B 75 33.64 27.87 6.58
C HIS B 75 33.06 26.73 7.40
N ARG B 76 33.72 25.57 7.31
CA ARG B 76 33.27 24.40 8.04
C ARG B 76 33.21 24.69 9.54
N SER B 77 34.15 25.51 10.01
CA SER B 77 34.32 25.80 11.43
C SER B 77 33.69 27.13 11.84
N VAL B 78 32.82 27.70 11.01
CA VAL B 78 32.11 28.93 11.38
C VAL B 78 30.62 28.71 11.17
N VAL B 79 29.82 29.11 12.17
CA VAL B 79 28.41 28.77 12.20
C VAL B 79 27.64 29.40 11.04
N ASN B 80 26.62 28.69 10.60
CA ASN B 80 25.84 29.04 9.41
C ASN B 80 24.53 29.67 9.85
N MET B 81 24.30 30.90 9.42
CA MET B 81 22.98 31.52 9.57
C MET B 81 22.17 31.07 8.36
N LYS B 82 21.22 30.15 8.56
CA LYS B 82 20.49 29.61 7.42
C LYS B 82 19.55 30.64 6.82
N GLU B 83 18.80 31.37 7.64
CA GLU B 83 17.84 32.34 7.14
C GLU B 83 17.35 33.20 8.30
N ILE B 84 16.50 34.18 7.97
CA ILE B 84 15.86 35.05 8.95
C ILE B 84 14.36 34.96 8.74
N VAL B 85 13.63 34.69 9.82
CA VAL B 85 12.18 34.52 9.78
C VAL B 85 11.55 35.53 10.75
N THR B 86 10.24 35.65 10.65
CA THR B 86 9.51 36.67 11.41
C THR B 86 8.26 36.09 12.05
N ASP B 87 7.79 36.78 13.08
CA ASP B 87 6.48 36.55 13.67
C ASP B 87 5.39 36.95 12.68
N LYS B 88 4.19 36.40 12.88
CA LYS B 88 3.07 36.78 12.02
C LYS B 88 2.93 38.29 12.12
N GLN B 89 3.23 39.01 11.04
CA GLN B 89 3.20 40.47 11.06
C GLN B 89 1.76 40.98 11.05
N ASP B 90 1.56 42.16 11.62
CA ASP B 90 0.23 42.77 11.60
C ASP B 90 -0.12 43.13 10.16
N ALA B 91 -1.36 42.86 9.76
CA ALA B 91 -1.75 43.07 8.38
C ALA B 91 -1.91 44.56 8.08
N LEU B 92 -1.14 45.03 7.09
CA LEU B 92 -1.20 46.39 6.55
C LEU B 92 -1.16 47.46 7.63
N ASP B 93 -0.36 47.23 8.68
CA ASP B 93 -0.17 48.26 9.72
C ASP B 93 1.23 48.06 10.32
N PHE B 94 2.25 48.53 9.58
CA PHE B 94 3.62 48.34 10.07
C PHE B 94 3.88 49.11 11.36
N LYS B 95 3.28 50.29 11.53
CA LYS B 95 3.51 51.06 12.76
C LYS B 95 3.02 50.32 14.00
N LYS B 96 1.83 49.70 13.93
CA LYS B 96 1.40 48.90 15.08
C LYS B 96 2.28 47.66 15.26
N ASP B 97 2.80 47.11 14.16
CA ASP B 97 3.58 45.89 14.24
C ASP B 97 4.78 46.07 15.15
N LYS B 98 4.92 45.17 16.13
CA LYS B 98 6.07 45.10 17.01
C LYS B 98 6.59 43.67 17.08
N GLY B 99 6.18 42.82 16.14
CA GLY B 99 6.63 41.44 16.18
C GLY B 99 8.14 41.34 16.02
N ALA B 100 8.69 40.28 16.58
CA ALA B 100 10.13 40.11 16.59
C ALA B 100 10.58 39.41 15.30
N PHE B 101 11.91 39.37 15.13
CA PHE B 101 12.55 38.69 14.02
C PHE B 101 13.42 37.58 14.59
N TYR B 102 13.69 36.55 13.80
CA TYR B 102 14.48 35.42 14.26
C TYR B 102 15.62 35.12 13.31
N LEU B 103 16.78 34.83 13.89
CA LEU B 103 17.97 34.44 13.15
C LEU B 103 18.10 32.92 13.23
N VAL B 104 17.79 32.23 12.14
CA VAL B 104 17.84 30.78 12.15
C VAL B 104 19.28 30.34 11.90
N PHE B 105 19.79 29.48 12.78
CA PHE B 105 21.13 28.91 12.67
C PHE B 105 21.03 27.40 12.75
N GLU B 106 22.10 26.72 12.34
CA GLU B 106 22.19 25.29 12.52
C GLU B 106 22.32 24.95 14.00
N TYR B 107 21.73 23.81 14.39
CA TYR B 107 21.77 23.36 15.77
C TYR B 107 23.00 22.49 15.99
N MET B 108 23.93 22.96 16.82
CA MET B 108 25.13 22.21 17.19
C MET B 108 24.89 21.59 18.56
N ASP B 109 25.15 20.28 18.69
CA ASP B 109 24.55 19.51 19.77
C ASP B 109 24.99 20.01 21.15
N HIS B 110 26.27 20.38 21.31
CA HIS B 110 26.74 20.78 22.63
C HIS B 110 27.69 21.98 22.49
N ASP B 111 27.96 22.64 23.61
CA ASP B 111 28.91 23.75 23.69
C ASP B 111 30.04 23.41 24.65
N LEU B 112 31.25 23.86 24.32
CA LEU B 112 32.42 23.39 25.06
C LEU B 112 32.35 23.74 26.53
N MET B 113 31.84 24.92 26.88
CA MET B 113 31.82 25.29 28.29
C MET B 113 30.98 24.27 29.07
N GLY B 114 29.83 23.88 28.52
CA GLY B 114 28.99 22.92 29.20
C GLY B 114 29.64 21.56 29.35
N LEU B 115 30.32 21.09 28.30
CA LEU B 115 30.97 19.78 28.36
C LEU B 115 32.11 19.79 29.38
N LEU B 116 32.90 20.86 29.41
CA LEU B 116 33.98 20.94 30.39
C LEU B 116 33.43 21.04 31.81
N GLU B 117 32.35 21.80 31.99
CA GLU B 117 31.81 22.02 33.34
C GLU B 117 31.36 20.70 33.96
N SER B 118 30.68 19.84 33.19
CA SER B 118 30.33 18.53 33.73
C SER B 118 31.59 17.70 33.99
N GLY B 119 32.67 17.98 33.26
CA GLY B 119 33.88 17.22 33.41
C GLY B 119 33.80 15.80 32.90
N LEU B 120 32.66 15.45 32.32
CA LEU B 120 32.44 14.09 31.81
C LEU B 120 33.38 13.80 30.65
N VAL B 121 33.56 14.77 29.76
CA VAL B 121 34.37 14.57 28.57
C VAL B 121 35.82 14.39 28.97
N HIS B 122 36.53 13.54 28.23
CA HIS B 122 37.95 13.30 28.42
C HIS B 122 38.70 13.49 27.11
N PHE B 123 39.35 14.63 26.98
CA PHE B 123 40.09 14.95 25.76
C PHE B 123 41.47 14.29 25.74
N SER B 124 41.73 13.58 24.64
CA SER B 124 43.05 13.04 24.34
C SER B 124 43.85 14.09 23.58
N GLU B 125 45.13 13.81 23.37
CA GLU B 125 45.92 14.73 22.56
C GLU B 125 45.35 14.83 21.15
N ASP B 126 44.99 13.69 20.56
CA ASP B 126 44.47 13.68 19.20
C ASP B 126 43.14 14.43 19.13
N HIS B 127 42.29 14.29 20.15
CA HIS B 127 41.04 15.03 20.14
C HIS B 127 41.31 16.53 20.10
N ILE B 128 42.22 16.98 20.96
CA ILE B 128 42.57 18.40 21.03
C ILE B 128 43.13 18.85 19.69
N LYS B 129 44.03 18.07 19.11
CA LYS B 129 44.56 18.38 17.79
C LYS B 129 43.46 18.65 16.80
N SER B 130 42.46 17.76 16.72
CA SER B 130 41.37 17.95 15.78
C SER B 130 40.57 19.20 16.15
N PHE B 131 40.24 19.34 17.42
CA PHE B 131 39.49 20.51 17.88
C PHE B 131 40.25 21.80 17.61
N MET B 132 41.51 21.87 18.02
CA MET B 132 42.27 23.10 17.84
C MET B 132 42.47 23.41 16.36
N LYS B 133 42.72 22.39 15.56
CA LYS B 133 42.95 22.62 14.13
C LYS B 133 41.74 23.29 13.49
N GLN B 134 40.54 22.80 13.80
CA GLN B 134 39.33 23.41 13.23
C GLN B 134 39.18 24.85 13.69
N LEU B 135 39.31 25.09 15.00
CA LEU B 135 39.19 26.44 15.51
C LEU B 135 40.16 27.38 14.83
N MET B 136 41.41 26.96 14.67
CA MET B 136 42.42 27.84 14.07
C MET B 136 42.14 28.04 12.59
N GLU B 137 41.72 26.98 11.90
CA GLU B 137 41.34 27.14 10.50
C GLU B 137 40.19 28.11 10.35
N GLY B 138 39.17 27.99 11.20
CA GLY B 138 38.09 28.95 11.18
C GLY B 138 38.57 30.35 11.50
N LEU B 139 39.43 30.48 12.51
CA LEU B 139 39.93 31.80 12.87
C LEU B 139 40.74 32.39 11.72
N GLU B 140 41.57 31.56 11.09
CA GLU B 140 42.38 32.01 9.96
C GLU B 140 41.51 32.51 8.83
N TYR B 141 40.47 31.75 8.46
CA TYR B 141 39.57 32.22 7.42
C TYR B 141 39.04 33.61 7.77
N CYS B 142 38.53 33.76 8.99
CA CYS B 142 37.98 35.04 9.41
C CYS B 142 39.05 36.12 9.44
N HIS B 143 40.23 35.81 9.97
CA HIS B 143 41.30 36.81 10.02
C HIS B 143 41.76 37.20 8.62
N LYS B 144 41.79 36.22 7.70
CA LYS B 144 42.15 36.54 6.33
C LYS B 144 41.13 37.46 5.67
N LYS B 145 39.85 37.32 6.02
CA LYS B 145 38.83 38.23 5.53
C LYS B 145 38.83 39.54 6.29
N ASN B 146 39.77 39.70 7.23
CA ASN B 146 39.96 40.93 8.02
C ASN B 146 38.78 41.21 8.95
N PHE B 147 38.29 40.15 9.61
CA PHE B 147 37.26 40.23 10.63
C PHE B 147 37.83 39.74 11.97
N LEU B 148 37.52 40.46 13.05
CA LEU B 148 37.95 40.11 14.39
C LEU B 148 36.76 39.61 15.20
N HIS B 149 36.92 38.47 15.91
CA HIS B 149 35.81 37.94 16.69
C HIS B 149 35.56 38.78 17.94
N ARG B 150 36.60 39.03 18.74
CA ARG B 150 36.57 39.92 19.90
C ARG B 150 35.78 39.37 21.08
N ASP B 151 35.25 38.16 20.98
CA ASP B 151 34.56 37.54 22.10
C ASP B 151 34.78 36.03 21.99
N ILE B 152 36.00 35.60 22.27
CA ILE B 152 36.35 34.19 22.20
C ILE B 152 36.19 33.62 23.60
N LYS B 153 35.26 32.68 23.74
CA LYS B 153 34.94 32.07 25.02
C LYS B 153 34.66 30.59 24.78
N CYS B 154 34.79 29.79 25.84
CA CYS B 154 34.47 28.37 25.73
C CYS B 154 33.00 28.21 25.32
N SER B 155 32.14 29.07 25.86
CA SER B 155 30.71 29.02 25.57
C SER B 155 30.42 29.30 24.09
N ASN B 156 31.24 30.10 23.42
CA ASN B 156 31.03 30.42 22.03
C ASN B 156 31.65 29.40 21.07
N ILE B 157 32.06 28.24 21.56
CA ILE B 157 32.62 27.19 20.72
C ILE B 157 31.63 26.02 20.76
N LEU B 158 30.91 25.80 19.65
CA LEU B 158 29.89 24.76 19.56
C LEU B 158 30.49 23.53 18.91
N LEU B 159 30.06 22.35 19.39
CA LEU B 159 30.67 21.10 18.98
C LEU B 159 29.62 20.02 18.78
N ASN B 160 29.51 19.51 17.55
CA ASN B 160 28.60 18.39 17.33
C ASN B 160 29.20 17.11 17.93
N ASN B 161 28.35 16.12 18.16
CA ASN B 161 28.85 14.83 18.62
C ASN B 161 29.80 14.24 17.58
N SER B 162 29.60 14.59 16.31
CA SER B 162 30.46 14.11 15.24
C SER B 162 31.91 14.50 15.47
N GLY B 163 32.14 15.58 16.22
CA GLY B 163 33.48 16.10 16.44
C GLY B 163 33.78 17.36 15.68
N GLN B 164 32.84 17.86 14.89
CA GLN B 164 33.01 19.13 14.21
C GLN B 164 32.80 20.29 15.17
N ILE B 165 33.62 21.32 15.01
CA ILE B 165 33.57 22.52 15.83
C ILE B 165 33.16 23.70 14.96
N LYS B 166 32.42 24.63 15.57
CA LYS B 166 31.96 25.85 14.90
C LYS B 166 32.00 27.04 15.86
N LEU B 167 32.48 28.18 15.36
CA LEU B 167 32.51 29.44 16.11
C LEU B 167 31.12 30.07 16.06
N ALA B 168 30.78 30.82 17.12
CA ALA B 168 29.36 31.12 17.30
C ALA B 168 28.85 32.53 17.54
N ASP B 169 29.44 33.28 18.48
CA ASP B 169 28.89 34.59 18.84
C ASP B 169 29.68 35.70 18.18
N PHE B 170 29.28 36.05 16.95
CA PHE B 170 29.87 37.17 16.23
C PHE B 170 29.18 38.49 16.56
N GLY B 171 28.63 38.60 17.77
CA GLY B 171 27.96 39.83 18.17
C GLY B 171 28.89 41.01 18.34
N LEU B 172 30.12 40.77 18.77
CA LEU B 172 31.09 41.84 18.98
C LEU B 172 32.16 41.90 17.88
N ALA B 173 31.93 41.26 16.73
CA ALA B 173 32.94 41.19 15.67
C ALA B 173 32.96 42.45 14.80
N ARG B 174 34.18 42.89 14.44
CA ARG B 174 34.38 44.07 13.60
C ARG B 174 35.60 43.89 12.69
N LEU B 175 35.60 44.66 11.60
CA LEU B 175 36.69 44.63 10.62
C LEU B 175 37.95 45.30 11.13
N TYR B 176 39.11 44.74 10.77
CA TYR B 176 40.42 45.23 11.19
C TYR B 176 41.14 45.85 10.00
N ASN B 177 41.66 47.07 10.17
CA ASN B 177 42.41 47.76 9.13
C ASN B 177 43.85 47.94 9.60
N SER B 178 44.77 47.27 8.90
CA SER B 178 46.19 47.36 9.23
C SER B 178 46.76 48.74 8.92
N GLU B 179 46.35 49.33 7.79
CA GLU B 179 46.87 50.64 7.41
C GLU B 179 46.34 51.74 8.32
N GLU B 180 45.04 51.76 8.56
CA GLU B 180 44.42 52.79 9.39
C GLU B 180 44.11 52.23 10.77
N SER B 181 44.86 52.65 11.79
CA SER B 181 44.50 52.29 13.15
C SER B 181 43.18 52.94 13.50
N ARG B 182 42.26 52.18 14.10
CA ARG B 182 40.96 52.72 14.42
C ARG B 182 40.72 52.60 15.92
N PRO B 183 40.15 53.61 16.58
CA PRO B 183 39.85 53.46 18.01
C PRO B 183 38.70 52.49 18.19
N TYR B 184 38.95 51.40 18.93
CA TYR B 184 37.90 50.43 19.23
C TYR B 184 37.47 50.46 20.69
N ASN B 186 37.69 49.18 24.32
CA ASN B 186 38.70 48.56 25.17
C ASN B 186 38.36 47.15 25.66
N LYS B 187 37.26 47.04 26.40
CA LYS B 187 36.84 45.79 27.03
C LYS B 187 35.92 45.03 26.08
N VAL B 188 36.40 43.96 25.44
CA VAL B 188 35.57 43.14 24.55
C VAL B 188 35.49 41.68 25.01
N ILE B 189 36.65 41.03 25.23
CA ILE B 189 36.65 39.59 25.55
C ILE B 189 36.37 39.40 27.03
N THR B 190 35.78 38.26 27.41
CA THR B 190 35.50 38.01 28.81
C THR B 190 36.80 37.94 29.60
N LEU B 191 36.76 38.42 30.84
CA LEU B 191 38.00 38.63 31.58
C LEU B 191 38.85 37.36 31.64
N TRP B 192 38.23 36.19 31.72
CA TRP B 192 39.01 34.96 31.85
C TRP B 192 39.86 34.69 30.63
N TYR B 193 39.40 35.09 29.45
CA TYR B 193 40.12 34.83 28.22
C TYR B 193 40.64 36.13 27.57
N ARG B 194 40.65 37.24 28.32
CA ARG B 194 40.97 38.53 27.70
C ARG B 194 42.49 38.66 27.54
N PRO B 195 42.96 39.22 26.43
CA PRO B 195 44.40 39.37 26.22
C PRO B 195 44.98 40.44 27.12
N PRO B 196 46.28 40.38 27.41
CA PRO B 196 46.87 41.37 28.34
C PRO B 196 46.84 42.78 27.80
N GLU B 197 47.13 42.94 26.50
CA GLU B 197 47.12 44.25 25.86
C GLU B 197 45.83 45.00 26.17
N LEU B 198 44.70 44.30 26.07
CA LEU B 198 43.40 44.93 26.32
C LEU B 198 43.19 45.19 27.82
N LEU B 199 43.83 44.42 28.69
CA LEU B 199 43.75 44.76 30.11
C LEU B 199 44.39 46.11 30.35
N LEU B 200 45.52 46.38 29.70
CA LEU B 200 46.15 47.68 29.77
C LEU B 200 45.49 48.68 28.83
N GLY B 201 44.50 48.25 28.04
CA GLY B 201 43.67 49.21 27.34
C GLY B 201 44.21 49.68 26.01
N GLU B 202 44.71 48.79 25.14
CA GLU B 202 45.30 49.26 23.90
C GLU B 202 44.29 50.06 23.08
N GLU B 203 43.05 49.59 23.00
CA GLU B 203 41.99 50.29 22.28
C GLU B 203 42.21 50.21 20.77
N ARG B 204 43.46 50.07 20.36
CA ARG B 204 43.84 49.82 18.96
C ARG B 204 44.48 48.44 18.90
N TYR B 205 43.64 47.41 18.85
CA TYR B 205 44.16 46.06 19.02
C TYR B 205 44.21 45.30 17.70
N THR B 206 45.08 44.32 17.67
CA THR B 206 45.32 43.49 16.49
C THR B 206 44.44 42.26 16.52
N PRO B 207 44.41 41.49 15.43
CA PRO B 207 43.73 40.19 15.49
C PRO B 207 44.33 39.25 16.51
N ALA B 208 45.53 39.55 17.01
CA ALA B 208 46.18 38.67 17.98
C ALA B 208 45.42 38.55 19.28
N ILE B 209 44.41 39.40 19.51
CA ILE B 209 43.63 39.27 20.73
C ILE B 209 42.86 37.94 20.73
N ASP B 210 42.34 37.54 19.57
CA ASP B 210 41.66 36.26 19.48
C ASP B 210 42.63 35.12 19.68
N VAL B 211 43.87 35.28 19.21
CA VAL B 211 44.86 34.23 19.37
C VAL B 211 45.13 33.96 20.85
N TRP B 212 45.26 35.02 21.64
CA TRP B 212 45.50 34.83 23.07
C TRP B 212 44.41 33.97 23.70
N SER B 213 43.15 34.27 23.42
CA SER B 213 42.04 33.50 23.97
C SER B 213 42.14 32.03 23.58
N CYS B 214 42.37 31.77 22.29
CA CYS B 214 42.43 30.39 21.84
C CYS B 214 43.55 29.63 22.52
N GLY B 215 44.63 30.33 22.87
CA GLY B 215 45.67 29.70 23.67
C GLY B 215 45.19 29.37 25.07
N CYS B 216 44.47 30.30 25.70
CA CYS B 216 43.85 30.01 26.99
C CYS B 216 42.93 28.80 26.89
N ILE B 217 42.21 28.69 25.76
CA ILE B 217 41.41 27.49 25.53
C ILE B 217 42.31 26.27 25.36
N LEU B 218 43.40 26.40 24.61
CA LEU B 218 44.31 25.27 24.42
C LEU B 218 44.78 24.75 25.78
N GLY B 219 45.28 25.64 26.63
CA GLY B 219 45.66 25.21 27.96
C GLY B 219 44.49 24.61 28.72
N GLU B 220 43.31 25.23 28.61
CA GLU B 220 42.14 24.76 29.33
C GLU B 220 41.80 23.31 28.96
N LEU B 221 41.91 22.96 27.68
CA LEU B 221 41.62 21.58 27.28
C LEU B 221 42.54 20.58 27.96
N PHE B 222 43.79 20.97 28.21
CA PHE B 222 44.74 20.05 28.83
C PHE B 222 44.54 19.96 30.34
N THR B 223 44.27 21.08 31.00
CA THR B 223 44.12 21.09 32.46
C THR B 223 42.70 20.79 32.90
N LYS B 224 41.72 20.83 32.00
CA LYS B 224 40.31 20.73 32.36
C LYS B 224 39.87 21.88 33.28
N LYS B 225 40.56 23.02 33.17
CA LYS B 225 40.33 24.20 34.02
C LYS B 225 40.79 25.46 33.29
N PRO B 226 40.00 26.54 33.30
CA PRO B 226 40.49 27.79 32.70
C PRO B 226 41.79 28.22 33.36
N ILE B 227 42.76 28.64 32.53
CA ILE B 227 44.08 28.92 33.05
C ILE B 227 44.05 30.14 33.97
N PHE B 228 43.47 31.25 33.51
CA PHE B 228 43.45 32.50 34.27
C PHE B 228 42.02 32.82 34.66
N GLN B 229 41.69 32.58 35.92
CA GLN B 229 40.37 32.83 36.47
C GLN B 229 40.48 33.91 37.53
N ALA B 230 39.88 35.06 37.27
CA ALA B 230 39.89 36.16 38.22
C ALA B 230 38.60 36.95 38.01
N ASN B 231 38.40 37.95 38.86
CA ASN B 231 37.20 38.78 38.79
C ASN B 231 37.54 40.24 38.51
N LEU B 232 38.80 40.65 38.66
CA LEU B 232 39.20 42.03 38.50
C LEU B 232 40.34 42.14 37.50
N GLU B 233 40.33 43.23 36.73
CA GLU B 233 41.26 43.36 35.61
C GLU B 233 42.70 43.29 36.09
N LEU B 234 43.00 43.90 37.23
CA LEU B 234 44.35 43.86 37.76
C LEU B 234 44.70 42.44 38.24
N ALA B 235 43.73 41.76 38.86
CA ALA B 235 43.96 40.40 39.32
C ALA B 235 44.30 39.48 38.16
N GLN B 236 43.63 39.66 37.02
CA GLN B 236 43.93 38.84 35.85
C GLN B 236 45.37 39.08 35.38
N LEU B 237 45.78 40.34 35.35
CA LEU B 237 47.14 40.67 34.95
C LEU B 237 48.16 39.96 35.84
N GLU B 238 47.87 39.87 37.13
CA GLU B 238 48.78 39.19 38.06
C GLU B 238 48.88 37.71 37.73
N LEU B 239 47.74 37.05 37.53
CA LEU B 239 47.75 35.63 37.22
C LEU B 239 48.47 35.39 35.91
N ILE B 240 48.10 36.16 34.88
CA ILE B 240 48.80 36.08 33.60
C ILE B 240 50.28 36.37 33.81
N SER B 241 50.59 37.38 34.62
CA SER B 241 51.99 37.76 34.83
C SER B 241 52.76 36.66 35.54
N ARG B 242 52.12 35.94 36.47
CA ARG B 242 52.83 34.87 37.15
C ARG B 242 53.28 33.79 36.17
N LEU B 243 52.43 33.45 35.22
CA LEU B 243 52.72 32.37 34.30
C LEU B 243 53.50 32.86 33.08
N CYS B 244 53.01 33.91 32.43
CA CYS B 244 53.59 34.38 31.17
C CYS B 244 54.69 35.42 31.39
N GLY B 245 54.90 35.84 32.62
CA GLY B 245 55.89 36.86 32.92
C GLY B 245 55.27 38.24 33.03
N SER B 246 55.87 39.07 33.87
CA SER B 246 55.33 40.41 34.08
C SER B 246 55.56 41.25 32.82
N PRO B 247 54.58 42.06 32.42
CA PRO B 247 54.82 42.99 31.31
C PRO B 247 56.03 43.87 31.63
N CYS B 248 57.01 43.88 30.73
CA CYS B 248 58.21 44.67 30.94
C CYS B 248 58.69 45.14 29.59
N PRO B 249 59.48 46.22 29.53
CA PRO B 249 59.90 46.73 28.22
C PRO B 249 60.70 45.74 27.39
N ALA B 250 61.51 44.87 28.03
CA ALA B 250 62.35 43.95 27.27
C ALA B 250 61.52 42.94 26.49
N VAL B 251 60.41 42.46 27.06
CA VAL B 251 59.59 41.49 26.37
C VAL B 251 58.52 42.17 25.54
N TRP B 252 58.20 43.43 25.84
CA TRP B 252 57.11 44.15 25.18
C TRP B 252 57.60 45.58 24.98
N PRO B 253 58.38 45.83 23.92
CA PRO B 253 59.03 47.15 23.82
C PRO B 253 58.06 48.30 23.92
N ASP B 254 56.84 48.15 23.40
CA ASP B 254 55.86 49.21 23.34
C ASP B 254 54.89 49.18 24.52
N VAL B 255 55.18 48.38 25.56
CA VAL B 255 54.29 48.32 26.71
C VAL B 255 54.18 49.69 27.37
N ILE B 256 55.22 50.51 27.28
CA ILE B 256 55.20 51.84 27.89
C ILE B 256 54.15 52.73 27.25
N ARG B 257 53.84 52.52 25.97
CA ARG B 257 52.82 53.34 25.33
C ARG B 257 51.40 52.98 25.78
N LEU B 258 51.21 51.82 26.39
CA LEU B 258 49.86 51.41 26.76
C LEU B 258 49.38 52.27 27.93
N PRO B 259 48.12 52.69 27.91
CA PRO B 259 47.67 53.68 28.90
C PRO B 259 47.93 53.32 30.35
N TYR B 260 47.64 52.10 30.76
CA TYR B 260 47.65 51.74 32.17
C TYR B 260 48.92 51.02 32.61
N PHE B 261 49.98 51.02 31.78
CA PHE B 261 51.18 50.25 32.13
C PHE B 261 51.76 50.70 33.46
N ASN B 262 51.90 52.01 33.67
CA ASN B 262 52.34 52.51 34.96
C ASN B 262 51.26 52.30 36.01
N THR B 263 50.00 52.52 35.62
CA THR B 263 48.88 52.41 36.55
C THR B 263 48.73 50.98 37.06
N MET B 264 48.66 50.01 36.15
CA MET B 264 48.42 48.62 36.50
C MET B 264 49.78 47.92 36.55
N LYS B 265 50.17 47.45 37.72
CA LYS B 265 51.45 46.76 37.88
C LYS B 265 51.25 45.47 38.65
N PRO B 266 51.93 44.39 38.25
CA PRO B 266 51.92 43.19 39.08
C PRO B 266 52.72 43.40 40.36
N LYS B 267 52.48 42.53 41.33
CA LYS B 267 53.19 42.66 42.60
C LYS B 267 54.69 42.67 42.41
N LYS B 268 55.20 41.79 41.56
CA LYS B 268 56.62 41.61 41.32
C LYS B 268 56.80 41.62 39.80
N GLN B 269 58.05 41.69 39.35
CA GLN B 269 58.33 41.42 37.92
C GLN B 269 58.58 39.92 37.79
N TYR B 270 57.49 39.17 37.67
CA TYR B 270 57.56 37.72 37.66
C TYR B 270 58.27 37.24 36.39
N ARG B 271 59.08 36.18 36.52
CA ARG B 271 59.69 35.53 35.38
C ARG B 271 58.70 34.57 34.71
N ARG B 272 58.95 34.30 33.42
CA ARG B 272 58.07 33.38 32.69
C ARG B 272 58.32 31.95 33.18
N ARG B 273 57.24 31.24 33.45
CA ARG B 273 57.26 29.88 33.98
C ARG B 273 56.41 28.94 33.16
N LEU B 274 55.94 29.37 32.00
CA LEU B 274 54.92 28.63 31.25
C LEU B 274 55.37 27.19 31.01
N ARG B 275 56.60 27.01 30.54
CA ARG B 275 57.08 25.67 30.25
C ARG B 275 57.14 24.82 31.51
N GLU B 276 57.55 25.41 32.63
CA GLU B 276 57.63 24.65 33.88
C GLU B 276 56.25 24.25 34.37
N GLU B 277 55.33 25.20 34.50
CA GLU B 277 54.02 24.88 35.06
C GLU B 277 53.23 23.98 34.14
N PHE B 278 53.57 23.93 32.85
CA PHE B 278 52.92 23.03 31.90
C PHE B 278 53.81 21.87 31.44
N SER B 279 54.72 21.41 32.31
CA SER B 279 55.61 20.32 31.91
C SER B 279 54.82 19.10 31.44
N PHE B 280 53.61 18.90 31.97
CA PHE B 280 52.84 17.71 31.59
C PHE B 280 52.36 17.80 30.14
N ILE B 281 52.16 19.01 29.61
CA ILE B 281 51.67 19.15 28.23
C ILE B 281 52.70 18.60 27.26
N PRO B 282 52.30 17.92 26.18
CA PRO B 282 53.28 17.44 25.20
C PRO B 282 54.11 18.54 24.59
N SER B 283 55.34 18.19 24.21
CA SER B 283 56.30 19.18 23.73
C SER B 283 55.74 19.94 22.52
N ALA B 284 55.15 19.23 21.58
CA ALA B 284 54.63 19.88 20.39
C ALA B 284 53.57 20.92 20.74
N ALA B 285 52.71 20.62 21.70
CA ALA B 285 51.67 21.55 22.11
C ALA B 285 52.22 22.66 23.00
N LEU B 286 53.16 22.34 23.89
CA LEU B 286 53.70 23.34 24.79
C LEU B 286 54.30 24.51 24.02
N ASP B 287 55.00 24.22 22.93
CA ASP B 287 55.52 25.29 22.08
C ASP B 287 54.39 26.15 21.53
N LEU B 288 53.30 25.53 21.10
CA LEU B 288 52.17 26.29 20.59
C LEU B 288 51.62 27.22 21.67
N LEU B 289 51.54 26.74 22.91
CA LEU B 289 51.04 27.58 24.00
C LEU B 289 51.96 28.75 24.27
N ASP B 290 53.27 28.50 24.36
CA ASP B 290 54.22 29.57 24.61
C ASP B 290 54.10 30.68 23.59
N HIS B 291 53.87 30.32 22.32
CA HIS B 291 53.75 31.34 21.28
C HIS B 291 52.38 32.00 21.33
N MET B 292 51.32 31.23 21.56
CA MET B 292 49.99 31.81 21.59
C MET B 292 49.80 32.71 22.81
N LEU B 293 50.44 32.38 23.92
CA LEU B 293 50.37 33.20 25.13
C LEU B 293 51.60 34.07 25.28
N THR B 294 51.90 34.83 24.24
CA THR B 294 53.01 35.78 24.23
C THR B 294 52.47 37.17 24.55
N LEU B 295 53.12 37.85 25.50
CA LEU B 295 52.59 39.11 26.00
C LEU B 295 52.50 40.15 24.89
N ASP B 296 53.57 40.30 24.11
CA ASP B 296 53.61 41.33 23.08
C ASP B 296 52.76 40.90 21.90
N PRO B 297 51.71 41.65 21.54
CA PRO B 297 50.86 41.22 20.40
C PRO B 297 51.64 41.12 19.11
N SER B 298 52.73 41.89 18.98
CA SER B 298 53.51 41.85 17.75
C SER B 298 54.36 40.60 17.64
N LYS B 299 54.74 40.01 18.78
CA LYS B 299 55.53 38.78 18.80
C LYS B 299 54.65 37.55 18.93
N ARG B 300 53.37 37.73 19.21
CA ARG B 300 52.43 36.62 19.33
C ARG B 300 52.16 36.02 17.95
N CYS B 301 52.08 34.69 17.92
CA CYS B 301 51.91 33.97 16.66
C CYS B 301 50.59 34.32 16.00
N THR B 302 50.53 34.06 14.69
CA THR B 302 49.30 34.27 13.94
C THR B 302 48.50 32.97 13.90
N ALA B 303 47.27 33.06 13.37
CA ALA B 303 46.48 31.85 13.19
C ALA B 303 47.13 30.91 12.18
N GLU B 304 47.64 31.46 11.07
CA GLU B 304 48.31 30.61 10.09
C GLU B 304 49.52 29.92 10.70
N GLN B 305 50.28 30.63 11.53
CA GLN B 305 51.47 30.03 12.12
C GLN B 305 51.09 28.88 13.04
N THR B 306 49.96 28.98 13.73
CA THR B 306 49.49 27.87 14.55
C THR B 306 49.14 26.66 13.68
N LEU B 307 48.54 26.90 12.51
CA LEU B 307 48.22 25.82 11.60
C LEU B 307 49.48 25.19 10.99
N GLN B 308 50.56 25.95 10.85
CA GLN B 308 51.83 25.43 10.37
C GLN B 308 52.79 25.17 11.54
N SER B 309 52.28 24.49 12.56
CA SER B 309 53.04 24.06 13.72
C SER B 309 53.12 22.54 13.74
N ASP B 310 54.16 22.02 14.40
CA ASP B 310 54.32 20.57 14.46
C ASP B 310 53.08 19.92 15.08
N PHE B 311 52.46 20.60 16.04
CA PHE B 311 51.30 20.04 16.71
C PHE B 311 50.12 19.91 15.77
N LEU B 312 49.89 20.90 14.90
CA LEU B 312 48.67 20.91 14.09
C LEU B 312 48.89 20.67 12.60
N LYS B 313 50.10 20.88 12.07
CA LYS B 313 50.27 20.82 10.62
C LYS B 313 49.90 19.45 10.06
N ASP B 314 50.30 18.38 10.74
CA ASP B 314 50.11 17.03 10.21
C ASP B 314 48.83 16.38 10.71
N VAL B 315 47.97 17.14 11.39
CA VAL B 315 46.65 16.65 11.75
C VAL B 315 45.80 16.58 10.48
N GLU B 316 45.11 15.46 10.29
CA GLU B 316 44.28 15.26 9.10
C GLU B 316 42.83 15.46 9.49
N LEU B 317 42.15 16.40 8.83
CA LEU B 317 40.75 16.66 9.16
C LEU B 317 39.82 15.54 8.74
N SER B 318 40.28 14.60 7.90
CA SER B 318 39.46 13.43 7.59
C SER B 318 39.11 12.66 8.84
N LYS B 319 40.08 12.49 9.76
CA LYS B 319 39.82 11.91 11.06
C LYS B 319 39.56 13.01 12.07
N MET B 320 38.28 13.21 12.42
CA MET B 320 37.91 14.29 13.34
C MET B 320 38.14 13.93 14.80
N ALA B 321 38.29 12.66 15.12
CA ALA B 321 38.48 12.26 16.50
C ALA B 321 37.31 12.71 17.35
N PRO B 322 36.18 12.02 17.30
CA PRO B 322 35.04 12.42 18.14
C PRO B 322 35.43 12.23 19.60
N PRO B 323 35.16 13.22 20.44
CA PRO B 323 35.58 13.13 21.84
C PRO B 323 34.80 12.06 22.57
N ASP B 324 35.26 11.73 23.78
CA ASP B 324 34.56 10.74 24.58
C ASP B 324 33.36 11.48 25.13
N LEU B 325 32.25 11.42 24.39
CA LEU B 325 31.06 12.15 24.83
C LEU B 325 30.36 11.33 25.90
N PRO B 326 29.82 11.97 26.94
CA PRO B 326 29.24 11.22 28.05
C PRO B 326 28.24 10.19 27.55
N HIS B 327 28.42 8.94 27.99
CA HIS B 327 27.53 7.85 27.62
C HIS B 327 26.67 7.42 28.81
N TRP B 328 25.87 6.37 28.58
CA TRP B 328 24.94 5.91 29.62
C TRP B 328 25.70 5.33 30.81
N GLN B 329 26.75 4.55 30.57
CA GLN B 329 27.57 4.05 31.67
C GLN B 329 28.23 5.22 32.38
N ASP B 330 28.53 6.28 31.63
CA ASP B 330 29.07 7.50 32.24
C ASP B 330 28.06 8.11 33.20
N CYS B 331 26.77 7.95 32.91
CA CYS B 331 25.74 8.39 33.84
C CYS B 331 25.75 7.53 35.10
N HIS B 332 26.01 6.23 34.93
CA HIS B 332 26.00 5.31 36.06
C HIS B 332 27.15 5.60 37.02
N GLU B 333 26.88 5.43 38.31
CA GLU B 333 27.90 5.61 39.34
C GLU B 333 28.59 4.29 39.65
N THR C 24 20.88 31.63 -2.38
CA THR C 24 22.00 32.12 -1.58
C THR C 24 21.89 33.65 -1.40
N LYS C 25 22.24 34.43 -2.43
CA LYS C 25 22.18 35.89 -2.37
C LYS C 25 21.25 36.50 -3.41
N PRO C 26 20.69 37.67 -3.11
CA PRO C 26 19.69 38.27 -4.02
C PRO C 26 20.32 39.03 -5.19
N CYS C 27 19.50 39.28 -6.21
CA CYS C 27 19.93 40.06 -7.36
C CYS C 27 19.52 41.52 -7.11
N TRP C 28 20.50 42.43 -7.14
CA TRP C 28 20.23 43.83 -6.87
C TRP C 28 20.44 44.72 -8.08
N TYR C 29 20.35 44.15 -9.28
CA TYR C 29 20.58 44.92 -10.49
C TYR C 29 19.46 44.68 -11.49
N TRP C 30 19.01 45.78 -12.10
CA TRP C 30 17.94 45.78 -13.09
C TRP C 30 18.43 46.36 -14.40
N ASP C 31 17.63 46.18 -15.45
CA ASP C 31 17.86 46.81 -16.74
C ASP C 31 17.18 48.17 -16.79
N LYS C 32 17.80 49.12 -17.50
CA LYS C 32 17.21 50.45 -17.64
C LYS C 32 15.75 50.37 -18.01
N LYS C 33 15.43 49.49 -18.96
CA LYS C 33 14.06 49.34 -19.42
C LYS C 33 13.12 48.98 -18.29
N ASP C 34 13.64 48.33 -17.25
CA ASP C 34 12.79 47.91 -16.15
C ASP C 34 12.31 49.07 -15.29
N LEU C 35 13.03 50.18 -15.30
CA LEU C 35 12.65 51.31 -14.44
C LEU C 35 11.38 52.00 -14.90
N ALA C 36 10.88 51.66 -16.09
CA ALA C 36 9.57 52.14 -16.52
C ALA C 36 8.45 51.49 -15.73
N HIS C 37 8.76 50.52 -14.87
CA HIS C 37 7.76 49.72 -14.19
C HIS C 37 8.01 49.64 -12.68
N THR C 38 8.59 50.69 -12.09
CA THR C 38 8.66 50.76 -10.64
C THR C 38 7.25 51.04 -10.10
N PRO C 39 6.99 50.67 -8.85
CA PRO C 39 5.69 51.05 -8.24
C PRO C 39 5.35 52.51 -8.43
N SER C 40 6.36 53.38 -8.32
CA SER C 40 6.12 54.81 -8.47
C SER C 40 5.58 55.13 -9.86
N GLN C 41 6.20 54.54 -10.89
CA GLN C 41 5.74 54.78 -12.26
C GLN C 41 4.30 54.33 -12.45
N LEU C 42 3.94 53.16 -11.92
CA LEU C 42 2.63 52.57 -12.18
C LEU C 42 1.52 53.25 -11.39
N GLU C 43 1.86 54.02 -10.36
CA GLU C 43 0.87 54.83 -9.65
C GLU C 43 0.73 56.22 -10.25
N GLY C 44 1.20 56.43 -11.48
CA GLY C 44 0.99 57.67 -12.21
C GLY C 44 2.10 58.69 -12.13
N LEU C 45 3.18 58.38 -11.42
CA LEU C 45 4.35 59.26 -11.40
C LEU C 45 5.11 59.14 -12.71
N ASP C 46 5.48 60.29 -13.29
CA ASP C 46 6.17 60.23 -14.58
C ASP C 46 7.67 60.03 -14.39
N PRO C 47 8.37 59.61 -15.43
CA PRO C 47 9.80 59.28 -15.24
C PRO C 47 10.62 60.43 -14.70
N ALA C 48 10.37 61.65 -15.16
CA ALA C 48 11.14 62.79 -14.69
C ALA C 48 10.96 63.00 -13.19
N THR C 49 9.73 62.89 -12.71
CA THR C 49 9.45 63.14 -11.30
C THR C 49 10.14 62.11 -10.41
N GLU C 50 10.05 60.83 -10.78
CA GLU C 50 10.74 59.82 -9.98
C GLU C 50 12.24 60.04 -10.01
N ALA C 51 12.77 60.43 -11.17
CA ALA C 51 14.19 60.78 -11.24
C ALA C 51 14.50 61.93 -10.30
N ARG C 52 13.67 62.97 -10.34
CA ARG C 52 13.87 64.10 -9.45
C ARG C 52 13.72 63.67 -8.00
N TYR C 53 12.72 62.83 -7.70
CA TYR C 53 12.53 62.38 -6.34
C TYR C 53 13.73 61.59 -5.83
N ARG C 54 14.39 60.82 -6.70
CA ARG C 54 15.56 60.06 -6.28
C ARG C 54 16.74 60.97 -5.97
N ARG C 55 17.02 61.91 -6.87
CA ARG C 55 18.12 62.84 -6.62
C ARG C 55 17.93 63.56 -5.29
N GLU C 56 16.72 64.06 -5.05
CA GLU C 56 16.45 64.79 -3.81
C GLU C 56 16.63 63.90 -2.59
N GLY C 57 16.14 62.67 -2.65
CA GLY C 57 16.30 61.77 -1.52
C GLY C 57 17.75 61.39 -1.30
N ALA C 58 18.46 61.05 -2.37
CA ALA C 58 19.87 60.74 -2.26
C ALA C 58 20.64 61.92 -1.70
N ARG C 59 20.43 63.11 -2.27
CA ARG C 59 21.17 64.29 -1.82
C ARG C 59 20.81 64.67 -0.39
N PHE C 60 19.57 64.45 0.02
CA PHE C 60 19.18 64.61 1.41
C PHE C 60 20.00 63.70 2.30
N ILE C 61 20.08 62.41 1.94
CA ILE C 61 20.90 61.48 2.71
C ILE C 61 22.34 61.95 2.74
N PHE C 62 22.86 62.37 1.59
CA PHE C 62 24.24 62.83 1.49
C PHE C 62 24.47 64.04 2.38
N ASP C 63 23.54 65.00 2.32
CA ASP C 63 23.72 66.25 3.04
C ASP C 63 23.55 66.05 4.54
N VAL C 64 22.55 65.26 4.95
CA VAL C 64 22.35 65.02 6.38
C VAL C 64 23.58 64.36 6.99
N GLY C 65 24.06 63.29 6.39
CA GLY C 65 25.19 62.57 6.94
C GLY C 65 26.48 63.37 6.91
N THR C 66 26.68 64.18 5.88
CA THR C 66 27.86 65.03 5.83
C THR C 66 27.87 66.01 7.00
N ARG C 67 26.71 66.60 7.30
CA ARG C 67 26.62 67.49 8.46
C ARG C 67 26.95 66.75 9.75
N LEU C 68 26.58 65.48 9.83
CA LEU C 68 26.87 64.67 11.01
C LEU C 68 28.30 64.10 10.99
N GLY C 69 29.06 64.37 9.93
CA GLY C 69 30.44 63.91 9.86
C GLY C 69 30.64 62.47 9.44
N LEU C 70 29.72 61.91 8.66
CA LEU C 70 29.75 60.50 8.37
C LEU C 70 30.68 60.16 7.21
N HIS C 71 31.33 58.99 7.34
CA HIS C 71 32.20 58.42 6.33
C HIS C 71 31.46 58.26 5.00
N TYR C 72 32.23 58.35 3.91
CA TYR C 72 31.61 58.34 2.59
C TYR C 72 30.90 57.00 2.33
N ASP C 73 31.45 55.91 2.85
CA ASP C 73 30.79 54.61 2.70
C ASP C 73 29.43 54.61 3.39
N THR C 74 29.34 55.22 4.56
CA THR C 74 28.06 55.26 5.27
C THR C 74 27.02 56.02 4.47
N LEU C 75 27.41 57.16 3.87
CA LEU C 75 26.49 57.90 3.02
C LEU C 75 26.04 57.06 1.85
N ALA C 76 26.98 56.40 1.18
CA ALA C 76 26.65 55.61 0.00
C ALA C 76 25.75 54.43 0.38
N THR C 77 26.07 53.75 1.48
CA THR C 77 25.26 52.61 1.89
C THR C 77 23.81 53.01 2.09
N GLY C 78 23.58 54.11 2.80
CA GLY C 78 22.22 54.61 2.93
C GLY C 78 21.57 54.90 1.60
N ILE C 79 22.33 55.50 0.68
CA ILE C 79 21.77 55.83 -0.63
C ILE C 79 21.43 54.57 -1.41
N ILE C 80 22.24 53.53 -1.28
CA ILE C 80 21.96 52.29 -2.01
C ILE C 80 20.71 51.62 -1.46
N TYR C 81 20.59 51.57 -0.13
CA TYR C 81 19.35 51.13 0.50
C TYR C 81 18.18 51.94 -0.04
N PHE C 82 18.33 53.26 -0.07
CA PHE C 82 17.26 54.14 -0.54
C PHE C 82 16.85 53.77 -1.97
N HIS C 83 17.81 53.72 -2.89
CA HIS C 83 17.49 53.39 -4.27
C HIS C 83 16.82 52.03 -4.38
N ARG C 84 17.36 51.03 -3.67
CA ARG C 84 16.76 49.70 -3.73
C ARG C 84 15.34 49.71 -3.19
N PHE C 85 15.11 50.43 -2.09
CA PHE C 85 13.78 50.47 -1.46
C PHE C 85 12.70 50.81 -2.48
N TYR C 86 12.90 51.90 -3.24
CA TYR C 86 11.86 52.37 -4.13
C TYR C 86 11.80 51.60 -5.45
N MET C 87 12.55 50.50 -5.55
CA MET C 87 12.27 49.49 -6.55
C MET C 87 11.15 48.56 -6.11
N PHE C 88 10.88 48.48 -4.81
CA PHE C 88 9.82 47.63 -4.28
C PHE C 88 8.62 48.39 -3.76
N HIS C 89 8.68 49.73 -3.71
CA HIS C 89 7.62 50.55 -3.14
C HIS C 89 7.44 51.81 -3.96
N SER C 90 6.34 52.52 -3.70
CA SER C 90 6.00 53.75 -4.41
C SER C 90 6.35 54.98 -3.61
N PHE C 91 6.78 56.03 -4.29
CA PHE C 91 7.05 57.31 -3.63
C PHE C 91 5.79 57.97 -3.08
N LYS C 92 4.61 57.63 -3.61
CA LYS C 92 3.39 58.27 -3.13
C LYS C 92 2.90 57.73 -1.79
N GLN C 93 3.31 56.52 -1.40
CA GLN C 93 2.92 55.93 -0.13
C GLN C 93 4.02 55.97 0.92
N PHE C 94 5.27 56.20 0.52
CA PHE C 94 6.40 56.29 1.45
C PHE C 94 7.14 57.59 1.21
N PRO C 95 6.93 58.60 2.05
CA PRO C 95 7.68 59.86 1.91
C PRO C 95 9.19 59.63 1.83
N ARG C 96 9.81 60.23 0.81
CA ARG C 96 11.22 59.96 0.55
C ARG C 96 12.11 60.40 1.71
N TYR C 97 11.88 61.58 2.27
CA TYR C 97 12.77 62.10 3.29
C TYR C 97 12.75 61.25 4.55
N VAL C 98 11.59 60.73 4.93
CA VAL C 98 11.55 59.79 6.04
C VAL C 98 12.36 58.55 5.70
N THR C 99 12.10 57.97 4.52
CA THR C 99 12.86 56.82 4.05
C THR C 99 14.36 57.12 4.05
N GLY C 100 14.75 58.25 3.45
CA GLY C 100 16.15 58.61 3.44
C GLY C 100 16.76 58.61 4.83
N ALA C 101 16.10 59.29 5.77
CA ALA C 101 16.58 59.33 7.14
C ALA C 101 16.70 57.92 7.73
N CYS C 102 15.72 57.06 7.45
CA CYS C 102 15.78 55.70 7.95
C CYS C 102 16.96 54.94 7.36
N CYS C 103 17.18 55.08 6.05
CA CYS C 103 18.30 54.41 5.41
C CYS C 103 19.63 54.86 6.04
N LEU C 104 19.79 56.17 6.22
CA LEU C 104 21.02 56.65 6.84
C LEU C 104 21.16 56.13 8.26
N PHE C 105 20.05 56.09 9.00
CA PHE C 105 20.10 55.54 10.36
C PHE C 105 20.58 54.10 10.35
N LEU C 106 20.02 53.27 9.48
CA LEU C 106 20.46 51.88 9.41
C LEU C 106 21.88 51.79 8.86
N ALA C 107 22.19 52.54 7.81
CA ALA C 107 23.52 52.52 7.23
C ALA C 107 24.57 52.77 8.29
N GLY C 108 24.31 53.71 9.20
CA GLY C 108 25.26 54.00 10.26
C GLY C 108 25.56 52.79 11.11
N LYS C 109 24.53 52.01 11.44
CA LYS C 109 24.77 50.79 12.23
C LYS C 109 25.48 49.72 11.41
N VAL C 110 25.14 49.59 10.13
CA VAL C 110 25.75 48.55 9.32
C VAL C 110 27.24 48.84 9.14
N GLU C 111 27.59 50.09 8.82
CA GLU C 111 28.97 50.47 8.51
C GLU C 111 29.76 50.88 9.75
N GLU C 112 29.19 50.70 10.95
CA GLU C 112 29.87 51.00 12.22
C GLU C 112 30.24 52.47 12.35
N THR C 113 29.36 53.35 11.88
CA THR C 113 29.45 54.78 12.11
C THR C 113 28.11 55.24 12.69
N PRO C 114 27.72 54.70 13.84
CA PRO C 114 26.34 54.84 14.31
C PRO C 114 26.01 56.25 14.75
N LYS C 115 24.72 56.59 14.58
CA LYS C 115 24.18 57.85 15.06
C LYS C 115 22.84 57.59 15.74
N LYS C 116 22.51 58.43 16.71
CA LYS C 116 21.21 58.33 17.38
C LYS C 116 20.14 58.90 16.46
N CYS C 117 18.97 58.26 16.46
CA CYS C 117 17.91 58.70 15.56
C CYS C 117 17.51 60.15 15.82
N LYS C 118 17.48 60.56 17.09
CA LYS C 118 17.12 61.94 17.41
C LYS C 118 18.07 62.92 16.73
N ASP C 119 19.35 62.57 16.62
CA ASP C 119 20.31 63.48 15.99
C ASP C 119 20.09 63.58 14.49
N ILE C 120 19.73 62.47 13.85
CA ILE C 120 19.41 62.54 12.41
C ILE C 120 18.18 63.42 12.19
N ILE C 121 17.18 63.29 13.07
CA ILE C 121 15.99 64.13 12.95
C ILE C 121 16.38 65.60 13.13
N LYS C 122 17.17 65.88 14.16
CA LYS C 122 17.63 67.25 14.41
C LYS C 122 18.25 67.85 13.16
N THR C 123 19.18 67.11 12.55
CA THR C 123 19.84 67.60 11.34
C THR C 123 18.86 67.69 10.18
N ALA C 124 17.98 66.69 10.06
CA ALA C 124 16.99 66.73 8.99
C ALA C 124 16.10 67.95 9.11
N ARG C 125 15.76 68.33 10.34
CA ARG C 125 14.95 69.53 10.54
C ARG C 125 15.71 70.79 10.15
N SER C 126 17.01 70.83 10.46
CA SER C 126 17.82 71.99 10.13
C SER C 126 17.84 72.24 8.63
N LEU C 127 17.90 71.17 7.83
CA LEU C 127 18.11 71.31 6.40
C LEU C 127 16.81 71.42 5.61
N LEU C 128 15.71 70.87 6.15
CA LEU C 128 14.44 70.87 5.45
C LEU C 128 13.60 72.08 5.87
N ASN C 129 12.80 72.58 4.92
CA ASN C 129 11.89 73.68 5.24
C ASN C 129 10.70 73.10 6.02
N ASP C 130 9.67 73.93 6.23
CA ASP C 130 8.52 73.47 7.02
C ASP C 130 7.65 72.50 6.24
N VAL C 131 7.43 72.75 4.95
CA VAL C 131 6.63 71.83 4.14
C VAL C 131 7.28 70.46 4.09
N GLN C 132 8.57 70.43 3.79
CA GLN C 132 9.28 69.16 3.63
C GLN C 132 9.28 68.35 4.92
N PHE C 133 9.58 69.00 6.05
CA PHE C 133 9.58 68.29 7.32
C PHE C 133 8.19 67.82 7.74
N GLY C 134 7.14 68.29 7.07
CA GLY C 134 5.81 67.78 7.37
C GLY C 134 5.65 66.30 7.08
N GLN C 135 6.52 65.75 6.23
CA GLN C 135 6.47 64.31 5.94
C GLN C 135 6.68 63.48 7.21
N PHE C 136 7.56 63.95 8.09
CA PHE C 136 7.87 63.23 9.32
C PHE C 136 6.70 63.22 10.29
N GLY C 137 5.61 63.91 9.92
CA GLY C 137 4.41 63.88 10.71
C GLY C 137 4.59 64.51 12.08
N ASP C 138 3.72 64.09 13.00
CA ASP C 138 3.68 64.69 14.32
C ASP C 138 4.85 64.22 15.17
N ASP C 139 5.34 63.01 14.92
CA ASP C 139 6.44 62.42 15.68
C ASP C 139 7.50 61.94 14.70
N PRO C 140 8.47 62.79 14.38
CA PRO C 140 9.49 62.38 13.39
C PRO C 140 10.26 61.12 13.74
N LYS C 141 10.78 61.01 14.97
CA LYS C 141 11.56 59.83 15.34
C LYS C 141 10.75 58.56 15.14
N GLU C 142 9.49 58.56 15.56
CA GLU C 142 8.66 57.36 15.44
C GLU C 142 8.46 56.95 13.98
N GLU C 143 8.12 57.91 13.12
CA GLU C 143 7.92 57.57 11.71
C GLU C 143 9.16 56.88 11.14
N VAL C 144 10.34 57.34 11.56
CA VAL C 144 11.60 56.76 11.09
C VAL C 144 11.84 55.40 11.73
N MET C 145 11.80 55.32 13.06
CA MET C 145 12.15 54.07 13.73
C MET C 145 11.22 52.95 13.29
N VAL C 146 9.94 53.30 13.05
CA VAL C 146 8.97 52.32 12.58
C VAL C 146 9.35 51.79 11.21
N LEU C 147 9.84 52.65 10.34
CA LEU C 147 10.16 52.24 8.98
C LEU C 147 11.28 51.21 8.94
N GLU C 148 12.15 51.18 9.97
CA GLU C 148 13.27 50.25 9.97
C GLU C 148 12.81 48.82 9.71
N ARG C 149 11.65 48.44 10.23
CA ARG C 149 11.15 47.09 9.99
C ARG C 149 10.99 46.82 8.50
N ILE C 150 10.32 47.73 7.79
CA ILE C 150 10.07 47.52 6.37
C ILE C 150 11.37 47.55 5.59
N LEU C 151 12.29 48.44 5.95
CA LEU C 151 13.55 48.55 5.22
C LEU C 151 14.31 47.24 5.23
N LEU C 152 14.47 46.64 6.41
CA LEU C 152 15.23 45.40 6.51
C LEU C 152 14.59 44.29 5.68
N GLN C 153 13.27 44.13 5.78
CA GLN C 153 12.60 43.13 4.95
C GLN C 153 12.72 43.47 3.47
N THR C 154 12.66 44.76 3.12
CA THR C 154 12.72 45.15 1.72
C THR C 154 14.09 44.85 1.12
N ILE C 155 15.17 45.19 1.83
CA ILE C 155 16.51 44.94 1.31
C ILE C 155 16.92 43.50 1.62
N LYS C 156 15.94 42.67 2.03
CA LYS C 156 16.15 41.24 2.18
C LYS C 156 17.33 40.93 3.09
N PHE C 157 17.53 41.78 4.10
CA PHE C 157 18.60 41.63 5.09
C PHE C 157 19.97 41.45 4.44
N ASP C 158 20.13 41.86 3.18
CA ASP C 158 21.44 41.88 2.53
C ASP C 158 22.07 43.23 2.81
N LEU C 159 22.78 43.32 3.94
CA LEU C 159 23.28 44.60 4.44
C LEU C 159 24.65 44.98 3.90
N GLN C 160 25.50 44.01 3.58
CA GLN C 160 26.83 44.31 3.09
C GLN C 160 26.72 44.89 1.69
N VAL C 161 27.36 46.03 1.47
CA VAL C 161 27.34 46.70 0.17
C VAL C 161 28.75 47.16 -0.15
N GLU C 162 29.15 47.00 -1.41
CA GLU C 162 30.42 47.46 -1.93
C GLU C 162 30.16 48.69 -2.78
N HIS C 163 31.13 49.61 -2.78
CA HIS C 163 30.91 50.89 -3.44
C HIS C 163 32.04 51.17 -4.43
N PRO C 164 31.77 51.98 -5.46
CA PRO C 164 32.81 52.27 -6.46
C PRO C 164 34.09 52.82 -5.86
N TYR C 165 34.01 53.42 -4.66
CA TYR C 165 35.18 54.06 -4.08
C TYR C 165 36.34 53.09 -3.92
N GLN C 166 36.08 51.92 -3.33
CA GLN C 166 37.18 51.00 -3.04
C GLN C 166 37.85 50.52 -4.33
N PHE C 167 37.08 50.38 -5.41
CA PHE C 167 37.65 49.91 -6.67
C PHE C 167 38.41 51.01 -7.38
N LEU C 168 37.92 52.25 -7.30
CA LEU C 168 38.66 53.37 -7.84
C LEU C 168 40.06 53.42 -7.24
N LEU C 169 40.18 53.16 -5.94
CA LEU C 169 41.49 53.18 -5.30
C LEU C 169 42.28 51.91 -5.57
N LYS C 170 41.63 50.73 -5.50
CA LYS C 170 42.35 49.49 -5.79
C LYS C 170 42.95 49.53 -7.19
N TYR C 171 42.19 50.04 -8.17
CA TYR C 171 42.69 50.08 -9.55
C TYR C 171 43.70 51.20 -9.74
N ALA C 172 43.45 52.36 -9.13
CA ALA C 172 44.39 53.47 -9.25
C ALA C 172 45.76 53.11 -8.68
N LYS C 173 45.78 52.32 -7.60
CA LYS C 173 47.05 51.94 -7.00
C LYS C 173 47.94 51.15 -7.94
N GLN C 174 47.35 50.49 -8.95
CA GLN C 174 48.10 49.72 -9.92
C GLN C 174 48.55 50.54 -11.12
N LEU C 175 48.21 51.83 -11.16
CA LEU C 175 48.70 52.72 -12.20
C LEU C 175 50.01 53.34 -11.73
N LYS C 176 50.98 53.41 -12.62
CA LYS C 176 52.27 54.02 -12.32
C LYS C 176 52.61 55.01 -13.42
N GLY C 177 53.00 56.21 -13.02
CA GLY C 177 53.30 57.29 -13.94
C GLY C 177 53.30 58.62 -13.19
N ASP C 178 53.01 59.68 -13.95
CA ASP C 178 52.96 61.02 -13.40
C ASP C 178 52.05 61.08 -12.18
N LYS C 179 52.63 61.34 -11.00
CA LYS C 179 51.85 61.35 -9.77
C LYS C 179 50.68 62.31 -9.89
N ASN C 180 50.90 63.48 -10.49
CA ASN C 180 49.90 64.53 -10.53
C ASN C 180 48.80 64.27 -11.55
N LYS C 181 49.13 63.63 -12.66
CA LYS C 181 48.09 63.31 -13.65
C LYS C 181 47.16 62.22 -13.13
N ILE C 182 47.70 61.26 -12.37
CA ILE C 182 46.87 60.19 -11.82
C ILE C 182 46.01 60.69 -10.66
N GLN C 183 46.56 61.57 -9.81
CA GLN C 183 45.74 62.13 -8.74
C GLN C 183 44.61 62.98 -9.30
N LYS C 184 44.87 63.72 -10.39
CA LYS C 184 43.78 64.44 -11.04
C LYS C 184 42.72 63.48 -11.56
N LEU C 185 43.15 62.36 -12.15
CA LEU C 185 42.20 61.36 -12.62
C LEU C 185 41.34 60.85 -11.47
N VAL C 186 41.98 60.54 -10.34
CA VAL C 186 41.24 59.94 -9.22
C VAL C 186 40.21 60.92 -8.68
N GLN C 187 40.62 62.16 -8.37
CA GLN C 187 39.67 63.09 -7.78
C GLN C 187 38.51 63.37 -8.73
N MET C 188 38.80 63.58 -10.01
CA MET C 188 37.72 63.81 -10.96
C MET C 188 36.78 62.61 -10.97
N ALA C 189 37.36 61.40 -11.05
CA ALA C 189 36.56 60.19 -11.00
C ALA C 189 35.80 60.08 -9.68
N TRP C 190 36.48 60.40 -8.57
CA TRP C 190 35.81 60.38 -7.27
C TRP C 190 34.59 61.28 -7.27
N THR C 191 34.72 62.49 -7.82
CA THR C 191 33.56 63.37 -7.95
C THR C 191 32.45 62.73 -8.77
N PHE C 192 32.81 62.04 -9.86
CA PHE C 192 31.79 61.40 -10.68
C PHE C 192 31.09 60.30 -9.88
N VAL C 193 31.81 59.59 -9.02
CA VAL C 193 31.17 58.60 -8.17
C VAL C 193 30.13 59.25 -7.28
N ASN C 194 30.51 60.32 -6.58
CA ASN C 194 29.57 61.01 -5.71
C ASN C 194 28.32 61.43 -6.47
N ASP C 195 28.49 61.84 -7.73
CA ASP C 195 27.37 62.31 -8.54
C ASP C 195 26.50 61.17 -9.02
N SER C 196 27.08 59.98 -9.25
CA SER C 196 26.30 58.84 -9.70
C SER C 196 25.37 58.30 -8.62
N LEU C 197 25.58 58.70 -7.36
CA LEU C 197 24.71 58.25 -6.28
C LEU C 197 23.32 58.85 -6.40
N CYS C 198 23.18 59.92 -7.17
CA CYS C 198 21.88 60.54 -7.43
C CYS C 198 21.11 59.84 -8.54
N THR C 199 21.69 58.82 -9.14
CA THR C 199 21.10 58.13 -10.28
C THR C 199 20.85 56.67 -9.96
N THR C 200 20.17 56.01 -10.89
CA THR C 200 19.87 54.59 -10.80
C THR C 200 21.00 53.72 -11.31
N LEU C 201 22.18 54.29 -11.56
CA LEU C 201 23.32 53.47 -11.95
C LEU C 201 23.65 52.45 -10.88
N SER C 202 23.51 52.84 -9.61
CA SER C 202 23.69 51.90 -8.51
C SER C 202 22.82 50.66 -8.68
N LEU C 203 21.72 50.78 -9.41
CA LEU C 203 20.79 49.68 -9.64
C LEU C 203 21.01 48.96 -10.95
N GLN C 204 21.88 49.47 -11.83
CA GLN C 204 22.10 48.87 -13.14
C GLN C 204 23.41 48.11 -13.27
N TRP C 205 24.47 48.57 -12.59
CA TRP C 205 25.80 48.05 -12.82
C TRP C 205 26.50 47.84 -11.48
N GLU C 206 27.26 46.75 -11.38
CA GLU C 206 28.05 46.50 -10.19
C GLU C 206 29.00 47.66 -9.93
N PRO C 207 29.42 47.84 -8.68
CA PRO C 207 30.33 48.96 -8.37
C PRO C 207 31.65 48.89 -9.14
N GLU C 208 32.18 47.68 -9.36
CA GLU C 208 33.44 47.56 -10.08
C GLU C 208 33.36 48.25 -11.44
N ILE C 209 32.24 48.05 -12.15
CA ILE C 209 32.07 48.67 -13.46
C ILE C 209 32.00 50.19 -13.32
N ILE C 210 31.30 50.66 -12.29
CA ILE C 210 31.19 52.10 -12.06
C ILE C 210 32.57 52.71 -11.88
N ALA C 211 33.42 52.07 -11.07
CA ALA C 211 34.77 52.61 -10.84
C ALA C 211 35.54 52.72 -12.14
N VAL C 212 35.44 51.70 -12.99
CA VAL C 212 36.11 51.75 -14.29
C VAL C 212 35.50 52.87 -15.15
N ALA C 213 34.17 52.92 -15.19
CA ALA C 213 33.50 53.92 -16.03
C ALA C 213 33.95 55.33 -15.68
N VAL C 214 34.09 55.62 -14.38
CA VAL C 214 34.49 56.97 -13.98
C VAL C 214 35.96 57.21 -14.28
N MET C 215 36.80 56.19 -14.20
CA MET C 215 38.18 56.32 -14.67
C MET C 215 38.22 56.59 -16.17
N TYR C 216 37.42 55.83 -16.93
CA TYR C 216 37.30 56.03 -18.38
C TYR C 216 36.84 57.45 -18.71
N LEU C 217 35.81 57.93 -18.02
CA LEU C 217 35.30 59.27 -18.30
C LEU C 217 36.35 60.33 -18.00
N ALA C 218 36.96 60.29 -16.81
CA ALA C 218 37.99 61.27 -16.48
C ALA C 218 39.16 61.20 -17.45
N GLY C 219 39.52 59.99 -17.89
CA GLY C 219 40.59 59.86 -18.88
C GLY C 219 40.27 60.59 -20.17
N ARG C 220 39.06 60.39 -20.69
CA ARG C 220 38.62 61.12 -21.87
C ARG C 220 38.67 62.62 -21.62
N LEU C 221 38.13 63.08 -20.49
CA LEU C 221 38.06 64.51 -20.25
C LEU C 221 39.45 65.12 -20.07
N CYS C 222 40.35 64.46 -19.34
CA CYS C 222 41.68 65.01 -19.14
C CYS C 222 42.63 64.71 -20.30
N LYS C 223 42.16 64.03 -21.34
CA LYS C 223 42.99 63.65 -22.49
C LYS C 223 44.20 62.84 -22.04
N PHE C 224 43.99 61.91 -21.11
CA PHE C 224 45.00 60.97 -20.67
C PHE C 224 44.76 59.63 -21.33
N GLU C 225 45.84 58.90 -21.60
CA GLU C 225 45.75 57.52 -22.12
C GLU C 225 46.21 56.58 -21.02
N ILE C 226 45.21 56.01 -20.32
CA ILE C 226 45.46 55.25 -19.10
C ILE C 226 46.24 53.97 -19.35
N GLN C 227 46.14 53.37 -20.54
CA GLN C 227 46.84 52.12 -20.80
C GLN C 227 48.33 52.29 -20.52
N GLU C 228 48.89 53.47 -20.81
CA GLU C 228 50.32 53.68 -20.60
C GLU C 228 50.72 53.45 -19.15
N TRP C 229 49.82 53.75 -18.21
CA TRP C 229 50.11 53.62 -16.79
C TRP C 229 49.94 52.19 -16.28
N THR C 230 49.44 51.28 -17.11
CA THR C 230 49.18 49.92 -16.69
C THR C 230 50.41 49.04 -16.91
N SER C 231 50.36 47.83 -16.36
CA SER C 231 51.42 46.85 -16.61
C SER C 231 51.39 46.31 -18.03
N LYS C 232 50.37 46.65 -18.82
CA LYS C 232 50.21 46.16 -20.19
C LYS C 232 50.02 47.36 -21.11
N PRO C 233 51.07 48.17 -21.29
CA PRO C 233 50.89 49.48 -21.94
C PRO C 233 50.44 49.42 -23.38
N MET C 234 50.44 48.24 -24.01
CA MET C 234 50.02 48.08 -25.39
C MET C 234 48.65 47.41 -25.46
N TYR C 235 47.98 47.30 -24.33
CA TYR C 235 46.63 46.76 -24.18
C TYR C 235 45.70 47.97 -24.17
N ARG C 236 45.16 48.32 -25.34
CA ARG C 236 44.42 49.56 -25.47
C ARG C 236 43.14 49.55 -24.63
N ARG C 237 42.53 48.38 -24.44
CA ARG C 237 41.37 48.25 -23.55
C ARG C 237 41.93 48.01 -22.15
N TRP C 238 42.37 49.10 -21.51
CA TRP C 238 43.09 49.00 -20.26
C TRP C 238 42.25 48.40 -19.15
N TRP C 239 40.93 48.64 -19.17
CA TRP C 239 40.11 48.22 -18.05
C TRP C 239 39.95 46.70 -17.97
N GLU C 240 40.13 45.98 -19.07
CA GLU C 240 39.86 44.55 -19.07
C GLU C 240 40.69 43.78 -18.05
N GLN C 241 41.84 44.30 -17.64
CA GLN C 241 42.64 43.68 -16.61
C GLN C 241 42.10 43.93 -15.20
N PHE C 242 41.20 44.91 -15.04
CA PHE C 242 40.55 45.16 -13.77
C PHE C 242 39.18 44.49 -13.68
N VAL C 243 38.39 44.61 -14.74
CA VAL C 243 37.01 44.14 -14.78
C VAL C 243 36.83 43.35 -16.06
N GLN C 244 36.65 42.04 -15.93
CA GLN C 244 36.48 41.20 -17.09
C GLN C 244 35.07 41.31 -17.66
N ASP C 245 34.98 41.22 -18.99
CA ASP C 245 33.71 41.12 -19.71
C ASP C 245 32.92 42.43 -19.71
N VAL C 246 33.59 43.56 -19.84
CA VAL C 246 32.86 44.83 -19.89
C VAL C 246 33.05 45.43 -21.28
N PRO C 247 32.00 45.50 -22.10
CA PRO C 247 32.13 46.17 -23.39
C PRO C 247 32.17 47.67 -23.19
N VAL C 248 32.74 48.36 -24.19
CA VAL C 248 32.72 49.81 -24.16
C VAL C 248 31.28 50.29 -24.14
N ASP C 249 30.38 49.53 -24.77
CA ASP C 249 28.96 49.87 -24.78
C ASP C 249 28.51 50.29 -23.38
N VAL C 250 28.89 49.48 -22.39
CA VAL C 250 28.47 49.74 -21.01
C VAL C 250 29.12 51.01 -20.47
N LEU C 251 30.43 51.13 -20.64
CA LEU C 251 31.12 52.30 -20.11
C LEU C 251 30.61 53.59 -20.74
N GLU C 252 30.23 53.54 -22.02
CA GLU C 252 29.67 54.74 -22.65
C GLU C 252 28.28 55.05 -22.12
N ASP C 253 27.44 54.02 -21.97
CA ASP C 253 26.10 54.23 -21.40
C ASP C 253 26.21 54.89 -20.04
N ILE C 254 27.17 54.46 -19.23
CA ILE C 254 27.35 55.05 -17.90
C ILE C 254 27.84 56.50 -18.03
N CYS C 255 28.86 56.73 -18.86
CA CYS C 255 29.36 58.09 -19.03
C CYS C 255 28.25 59.03 -19.49
N HIS C 256 27.47 58.60 -20.47
CA HIS C 256 26.36 59.41 -20.96
C HIS C 256 25.42 59.79 -19.82
N GLN C 257 25.07 58.80 -18.98
CA GLN C 257 24.17 59.06 -17.86
C GLN C 257 24.78 60.02 -16.85
N ILE C 258 26.09 59.91 -16.59
CA ILE C 258 26.70 60.82 -15.62
C ILE C 258 26.72 62.25 -16.16
N LEU C 259 27.18 62.42 -17.39
CA LEU C 259 27.26 63.78 -17.94
C LEU C 259 25.88 64.39 -18.14
N ASP C 260 24.83 63.58 -18.27
CA ASP C 260 23.49 64.14 -18.40
C ASP C 260 23.15 64.98 -17.17
N LEU C 261 23.50 64.48 -15.98
CA LEU C 261 23.24 65.23 -14.76
C LEU C 261 23.87 66.62 -14.84
N TYR C 262 25.11 66.71 -15.36
CA TYR C 262 25.76 68.02 -15.46
C TYR C 262 25.06 68.90 -16.50
N SER C 263 24.65 68.33 -17.64
CA SER C 263 24.01 69.14 -18.68
C SER C 263 22.64 69.61 -18.22
N GLN C 264 21.85 68.74 -17.58
CA GLN C 264 20.54 69.14 -17.09
C GLN C 264 20.68 70.26 -16.07
N GLY C 265 21.60 70.14 -15.14
CA GLY C 265 21.80 71.18 -14.14
C GLY C 265 22.53 72.36 -14.76
N LYS C 266 22.95 73.27 -13.88
CA LYS C 266 23.78 74.40 -14.29
C LYS C 266 25.25 74.07 -14.12
N GLN C 267 25.57 73.06 -13.30
CA GLN C 267 26.94 72.65 -13.02
C GLN C 267 27.60 72.05 -14.25
N GLN C 268 28.94 72.18 -14.30
CA GLN C 268 29.74 71.68 -15.40
C GLN C 268 30.76 70.66 -14.91
N MET C 269 31.44 69.99 -15.86
CA MET C 269 32.41 68.97 -15.51
C MET C 269 33.51 69.57 -14.63
N PRO C 270 33.97 68.84 -13.60
CA PRO C 270 34.87 69.48 -12.62
C PRO C 270 36.17 69.99 -13.21
N HIS C 271 36.85 69.19 -14.03
CA HIS C 271 38.16 69.51 -14.61
C HIS C 271 38.98 70.43 -13.73
N MET D 5 -48.18 28.72 -30.48
CA MET D 5 -47.29 29.92 -30.69
C MET D 5 -47.35 30.82 -29.45
N SER D 6 -46.37 31.69 -29.32
CA SER D 6 -46.27 32.61 -28.19
C SER D 6 -46.31 34.03 -28.71
N TYR D 7 -46.84 34.93 -27.89
CA TYR D 7 -47.11 36.31 -28.28
C TYR D 7 -46.51 37.24 -27.25
N ASN D 8 -45.63 38.14 -27.69
CA ASN D 8 -44.90 39.01 -26.79
C ASN D 8 -44.76 40.41 -27.38
N TYR D 9 -44.39 41.35 -26.51
CA TYR D 9 -44.35 42.78 -26.79
C TYR D 9 -43.05 43.34 -26.20
N VAL D 10 -42.26 44.03 -27.03
CA VAL D 10 -40.95 44.53 -26.64
C VAL D 10 -40.96 46.06 -26.76
N VAL D 11 -40.56 46.74 -25.68
CA VAL D 11 -40.56 48.20 -25.63
C VAL D 11 -39.24 48.70 -25.04
N THR D 12 -38.81 49.88 -25.49
CA THR D 12 -37.63 50.54 -24.96
C THR D 12 -37.99 51.40 -23.75
N ALA D 13 -37.43 51.08 -22.59
CA ALA D 13 -37.61 51.90 -21.40
C ALA D 13 -36.60 53.04 -21.35
N GLN D 14 -35.35 52.77 -21.72
CA GLN D 14 -34.31 53.79 -21.81
C GLN D 14 -33.58 53.59 -23.14
N LYS D 15 -33.47 54.67 -23.91
CA LYS D 15 -32.84 54.58 -25.22
C LYS D 15 -31.34 54.34 -25.07
N PRO D 16 -30.69 53.86 -26.13
CA PRO D 16 -29.23 53.70 -26.08
C PRO D 16 -28.55 54.99 -25.66
N THR D 17 -27.60 54.86 -24.72
CA THR D 17 -26.87 56.01 -24.21
C THR D 17 -25.42 56.06 -24.69
N ALA D 18 -24.86 54.93 -25.11
CA ALA D 18 -23.46 54.89 -25.50
C ALA D 18 -23.25 55.60 -26.83
N VAL D 19 -22.13 56.31 -26.94
CA VAL D 19 -21.77 57.04 -28.15
C VAL D 19 -21.00 56.09 -29.07
N ASN D 20 -21.53 55.84 -30.25
CA ASN D 20 -20.88 54.96 -31.21
C ASN D 20 -20.09 55.73 -32.26
N GLY D 21 -20.48 56.97 -32.58
CA GLY D 21 -19.69 57.81 -33.46
C GLY D 21 -20.24 59.23 -33.42
N CYS D 22 -19.38 60.18 -33.80
CA CYS D 22 -19.83 61.57 -33.86
C CYS D 22 -19.03 62.34 -34.90
N VAL D 23 -19.70 63.25 -35.62
CA VAL D 23 -19.10 64.08 -36.64
C VAL D 23 -19.51 65.53 -36.44
N THR D 24 -18.75 66.42 -37.07
CA THR D 24 -19.00 67.86 -37.04
C THR D 24 -19.14 68.36 -38.48
N GLY D 25 -19.93 69.42 -38.67
CA GLY D 25 -20.12 69.94 -40.01
C GLY D 25 -21.22 70.97 -40.08
N HIS D 26 -21.74 71.14 -41.30
CA HIS D 26 -22.72 72.18 -41.62
C HIS D 26 -23.93 71.53 -42.31
N PHE D 27 -24.72 70.81 -41.51
CA PHE D 27 -25.81 69.97 -41.99
C PHE D 27 -27.16 70.68 -41.98
N THR D 28 -27.48 71.41 -40.91
CA THR D 28 -28.78 72.06 -40.82
C THR D 28 -28.81 73.37 -41.62
N SER D 29 -27.70 74.10 -41.63
CA SER D 29 -27.57 75.33 -42.38
C SER D 29 -26.09 75.52 -42.71
N ALA D 30 -25.82 76.20 -43.82
CA ALA D 30 -24.44 76.50 -44.16
C ALA D 30 -23.78 77.40 -43.12
N GLU D 31 -24.57 77.99 -42.23
CA GLU D 31 -24.08 78.88 -41.18
C GLU D 31 -23.86 78.15 -39.87
N ASP D 32 -24.78 77.25 -39.51
CA ASP D 32 -24.68 76.56 -38.24
C ASP D 32 -23.49 75.62 -38.22
N LEU D 33 -22.91 75.45 -37.03
CA LEU D 33 -21.91 74.41 -36.78
C LEU D 33 -22.61 73.30 -36.03
N ASN D 34 -22.70 72.12 -36.66
CA ASN D 34 -23.45 71.00 -36.12
C ASN D 34 -22.53 69.94 -35.53
N LEU D 35 -23.03 69.28 -34.49
CA LEU D 35 -22.45 68.06 -33.96
C LEU D 35 -23.52 66.98 -34.04
N LEU D 36 -23.27 65.96 -34.85
CA LEU D 36 -24.19 64.84 -34.97
C LEU D 36 -23.60 63.67 -34.18
N ILE D 37 -24.35 63.20 -33.19
CA ILE D 37 -23.93 62.11 -32.32
C ILE D 37 -24.80 60.90 -32.66
N ALA D 38 -24.16 59.75 -32.86
CA ALA D 38 -24.85 58.54 -33.25
C ALA D 38 -24.85 57.53 -32.10
N LYS D 39 -26.05 57.17 -31.66
CA LYS D 39 -26.31 56.02 -30.80
C LYS D 39 -26.82 54.89 -31.66
N ASN D 40 -26.80 53.68 -31.09
CA ASN D 40 -26.96 52.49 -31.92
C ASN D 40 -28.04 52.64 -32.97
N THR D 41 -29.23 53.06 -32.58
CA THR D 41 -30.34 53.29 -33.50
C THR D 41 -30.79 54.74 -33.52
N ARG D 42 -30.18 55.62 -32.73
CA ARG D 42 -30.61 57.01 -32.59
C ARG D 42 -29.58 57.97 -33.15
N LEU D 43 -30.03 58.93 -33.94
CA LEU D 43 -29.21 60.02 -34.44
C LEU D 43 -29.65 61.32 -33.77
N GLU D 44 -28.71 62.00 -33.13
CA GLU D 44 -28.96 63.25 -32.43
C GLU D 44 -28.23 64.38 -33.14
N ILE D 45 -28.94 65.47 -33.40
CA ILE D 45 -28.41 66.62 -34.11
C ILE D 45 -28.36 67.80 -33.14
N TYR D 46 -27.19 68.42 -33.01
CA TYR D 46 -26.97 69.56 -32.13
C TYR D 46 -26.39 70.74 -32.90
N VAL D 47 -26.48 71.92 -32.30
CA VAL D 47 -25.82 73.12 -32.82
C VAL D 47 -24.87 73.67 -31.77
N VAL D 48 -23.67 74.04 -32.20
CA VAL D 48 -22.61 74.47 -31.30
C VAL D 48 -22.81 75.93 -30.90
N THR D 49 -22.79 76.19 -29.60
CA THR D 49 -22.81 77.53 -29.04
C THR D 49 -21.52 77.75 -28.24
N ALA D 50 -21.39 78.94 -27.66
CA ALA D 50 -20.29 79.17 -26.72
C ALA D 50 -20.57 78.58 -25.35
N GLU D 51 -21.79 78.08 -25.14
CA GLU D 51 -22.28 77.58 -23.86
C GLU D 51 -22.24 76.06 -23.76
N GLY D 52 -22.50 75.38 -24.86
CA GLY D 52 -22.62 73.94 -24.88
C GLY D 52 -23.24 73.54 -26.19
N LEU D 53 -24.16 72.58 -26.16
CA LEU D 53 -24.82 72.08 -27.35
C LEU D 53 -26.29 72.43 -27.28
N ARG D 54 -26.82 72.94 -28.39
CA ARG D 54 -28.25 73.20 -28.50
C ARG D 54 -28.91 72.12 -29.34
N PRO D 55 -29.79 71.30 -28.76
CA PRO D 55 -30.46 70.26 -29.55
C PRO D 55 -31.40 70.87 -30.56
N VAL D 56 -31.57 70.18 -31.70
CA VAL D 56 -32.46 70.67 -32.73
C VAL D 56 -33.43 69.58 -33.17
N LYS D 57 -32.95 68.35 -33.30
CA LYS D 57 -33.78 67.27 -33.81
C LYS D 57 -33.15 65.94 -33.46
N GLU D 58 -34.01 64.96 -33.13
CA GLU D 58 -33.57 63.59 -32.92
C GLU D 58 -34.49 62.66 -33.69
N VAL D 59 -33.89 61.72 -34.43
CA VAL D 59 -34.64 60.73 -35.17
C VAL D 59 -34.14 59.34 -34.82
N GLY D 60 -35.02 58.36 -34.94
CA GLY D 60 -34.66 56.96 -34.90
C GLY D 60 -34.61 56.40 -36.30
N MET D 61 -33.79 55.37 -36.49
CA MET D 61 -33.68 54.66 -37.75
C MET D 61 -33.95 53.18 -37.53
N TYR D 62 -34.46 52.53 -38.57
CA TYR D 62 -34.74 51.10 -38.54
C TYR D 62 -33.46 50.32 -38.90
N GLY D 63 -32.45 50.51 -38.05
CA GLY D 63 -31.15 49.96 -38.33
C GLY D 63 -30.05 50.45 -37.39
N LYS D 64 -29.00 49.66 -37.28
CA LYS D 64 -27.80 50.03 -36.53
C LYS D 64 -26.90 50.90 -37.40
N ILE D 65 -26.53 52.08 -36.90
CA ILE D 65 -25.74 53.03 -37.67
C ILE D 65 -24.29 52.55 -37.69
N ALA D 66 -23.81 52.14 -38.87
CA ALA D 66 -22.44 51.67 -39.02
C ALA D 66 -21.51 52.78 -39.53
N VAL D 67 -21.92 53.52 -40.55
CA VAL D 67 -21.13 54.61 -41.11
C VAL D 67 -21.94 55.89 -41.01
N MET D 68 -21.31 56.96 -40.55
CA MET D 68 -21.93 58.28 -40.49
C MET D 68 -20.91 59.32 -40.88
N GLU D 69 -21.14 60.04 -41.98
CA GLU D 69 -20.20 61.03 -42.47
C GLU D 69 -20.95 62.18 -43.12
N LEU D 70 -20.43 63.39 -42.95
CA LEU D 70 -20.97 64.57 -43.60
C LEU D 70 -20.09 64.93 -44.80
N PHE D 71 -20.74 65.26 -45.91
CA PHE D 71 -20.03 65.63 -47.13
C PHE D 71 -20.88 66.68 -47.84
N ARG D 72 -20.23 67.43 -48.74
CA ARG D 72 -20.90 68.53 -49.44
C ARG D 72 -20.49 68.49 -50.90
N PRO D 73 -21.31 67.86 -51.75
CA PRO D 73 -20.94 67.73 -53.16
C PRO D 73 -21.03 69.06 -53.89
N LYS D 74 -20.24 69.16 -54.97
CA LYS D 74 -20.23 70.35 -55.80
C LYS D 74 -21.66 70.72 -56.18
N GLY D 75 -22.04 71.97 -55.88
CA GLY D 75 -23.36 72.46 -56.20
C GLY D 75 -24.33 72.57 -55.03
N GLU D 76 -24.04 71.96 -53.88
CA GLU D 76 -24.96 72.01 -52.75
C GLU D 76 -24.76 73.22 -51.86
N SER D 77 -25.87 73.63 -51.22
CA SER D 77 -25.85 74.77 -50.32
C SER D 77 -25.19 74.45 -48.98
N LYS D 78 -25.36 73.22 -48.50
CA LYS D 78 -24.92 72.82 -47.17
C LYS D 78 -24.59 71.34 -47.20
N ASP D 79 -24.04 70.85 -46.10
CA ASP D 79 -23.57 69.48 -46.06
C ASP D 79 -24.73 68.49 -46.09
N LEU D 80 -24.51 67.36 -46.76
CA LEU D 80 -25.41 66.22 -46.72
C LEU D 80 -24.81 65.11 -45.86
N LEU D 81 -25.66 64.22 -45.37
CA LEU D 81 -25.28 63.18 -44.44
C LEU D 81 -25.40 61.81 -45.09
N PHE D 82 -24.33 61.02 -45.03
CA PHE D 82 -24.36 59.63 -45.48
C PHE D 82 -24.40 58.70 -44.27
N ILE D 83 -25.28 57.70 -44.32
CA ILE D 83 -25.36 56.68 -43.27
C ILE D 83 -25.52 55.30 -43.89
N LEU D 84 -24.80 54.33 -43.33
CA LEU D 84 -24.89 52.92 -43.70
C LEU D 84 -25.13 52.10 -42.44
N THR D 85 -26.11 51.20 -42.48
CA THR D 85 -26.43 50.38 -41.32
C THR D 85 -25.71 49.02 -41.37
N ALA D 86 -25.78 48.31 -40.24
CA ALA D 86 -25.13 47.00 -40.13
C ALA D 86 -25.82 45.94 -40.99
N LYS D 87 -27.07 46.16 -41.38
CA LYS D 87 -27.73 45.30 -42.36
C LYS D 87 -27.51 45.78 -43.78
N TYR D 88 -26.61 46.75 -43.97
CA TYR D 88 -26.18 47.23 -45.28
C TYR D 88 -27.23 48.12 -45.94
N ASN D 89 -28.01 48.84 -45.13
CA ASN D 89 -28.92 49.87 -45.64
C ASN D 89 -28.16 51.18 -45.78
N ALA D 90 -28.05 51.68 -47.00
CA ALA D 90 -27.36 52.93 -47.30
C ALA D 90 -28.37 54.02 -47.65
N CYS D 91 -28.04 55.26 -47.29
CA CYS D 91 -28.90 56.38 -47.62
C CYS D 91 -28.11 57.68 -47.52
N ILE D 92 -28.58 58.69 -48.23
CA ILE D 92 -28.09 60.06 -48.10
C ILE D 92 -29.25 60.92 -47.62
N LEU D 93 -28.99 61.71 -46.58
CA LEU D 93 -30.05 62.47 -45.90
C LEU D 93 -29.80 63.97 -46.00
N GLU D 94 -30.90 64.72 -45.99
CA GLU D 94 -30.87 66.18 -46.03
C GLU D 94 -31.75 66.73 -44.92
N TYR D 95 -31.24 67.75 -44.22
CA TYR D 95 -32.04 68.48 -43.24
C TYR D 95 -32.83 69.58 -43.96
N LYS D 96 -34.14 69.60 -43.74
CA LYS D 96 -35.00 70.60 -44.35
C LYS D 96 -35.99 71.12 -43.33
N GLN D 97 -36.04 72.44 -43.16
CA GLN D 97 -36.91 73.04 -42.14
C GLN D 97 -37.64 74.24 -42.72
N SER D 98 -38.96 74.26 -42.52
CA SER D 98 -39.83 75.34 -42.97
C SER D 98 -40.61 75.83 -41.74
N GLY D 99 -40.12 76.89 -41.11
CA GLY D 99 -40.71 77.34 -39.87
C GLY D 99 -40.43 76.31 -38.78
N GLU D 100 -41.48 75.83 -38.12
CA GLU D 100 -41.33 74.84 -37.06
C GLU D 100 -41.37 73.40 -37.54
N SER D 101 -41.65 73.15 -38.82
CA SER D 101 -41.80 71.79 -39.32
C SER D 101 -40.42 71.28 -39.71
N ILE D 102 -39.92 70.28 -38.98
CA ILE D 102 -38.61 69.69 -39.24
C ILE D 102 -38.82 68.29 -39.81
N ASP D 103 -38.16 68.00 -40.92
CA ASP D 103 -38.20 66.70 -41.55
C ASP D 103 -36.78 66.35 -41.97
N ILE D 104 -36.50 65.06 -42.08
CA ILE D 104 -35.23 64.56 -42.58
C ILE D 104 -35.53 63.84 -43.89
N ILE D 105 -34.98 64.33 -44.99
CA ILE D 105 -35.35 63.88 -46.32
C ILE D 105 -34.38 62.82 -46.81
N THR D 106 -34.93 61.77 -47.41
CA THR D 106 -34.13 60.69 -47.99
C THR D 106 -33.84 61.04 -49.44
N ARG D 107 -32.62 61.49 -49.72
CA ARG D 107 -32.25 61.88 -51.07
C ARG D 107 -31.88 60.68 -51.92
N ALA D 108 -31.27 59.66 -51.31
CA ALA D 108 -30.85 58.44 -51.99
C ALA D 108 -30.92 57.29 -51.00
N HIS D 109 -31.23 56.09 -51.49
CA HIS D 109 -31.30 54.95 -50.60
C HIS D 109 -31.25 53.63 -51.36
N GLY D 110 -30.76 52.61 -50.66
CA GLY D 110 -30.68 51.27 -51.19
C GLY D 110 -29.90 50.38 -50.26
N ASN D 111 -29.91 49.08 -50.57
CA ASN D 111 -29.18 48.08 -49.80
C ASN D 111 -27.95 47.65 -50.61
N VAL D 112 -26.78 47.75 -49.99
CA VAL D 112 -25.51 47.59 -50.70
C VAL D 112 -24.89 46.22 -50.45
N GLN D 113 -25.64 45.27 -49.93
CA GLN D 113 -25.12 43.95 -49.61
C GLN D 113 -24.80 43.17 -50.88
N ASP D 114 -23.67 42.45 -50.87
CA ASP D 114 -23.27 41.59 -51.97
C ASP D 114 -23.74 40.16 -51.72
N ARG D 115 -24.14 39.48 -52.80
CA ARG D 115 -24.57 38.09 -52.62
C ARG D 115 -23.46 37.26 -51.99
N ILE D 116 -22.22 37.47 -52.41
CA ILE D 116 -21.08 36.67 -51.98
C ILE D 116 -19.99 37.60 -51.49
N GLY D 117 -19.48 37.33 -50.29
CA GLY D 117 -18.41 38.10 -49.72
C GLY D 117 -18.13 37.69 -48.29
N ARG D 118 -16.90 37.85 -47.82
CA ARG D 118 -16.58 37.52 -46.44
C ARG D 118 -16.53 38.81 -45.63
N PRO D 119 -17.41 39.00 -44.66
CA PRO D 119 -17.34 40.21 -43.83
C PRO D 119 -15.96 40.34 -43.19
N SER D 120 -15.43 41.57 -43.23
CA SER D 120 -14.05 41.79 -42.82
C SER D 120 -13.90 41.72 -41.30
N GLU D 121 -12.69 41.42 -40.86
CA GLU D 121 -12.41 41.27 -39.44
C GLU D 121 -12.59 42.59 -38.70
N THR D 122 -12.03 43.68 -39.24
CA THR D 122 -12.10 44.98 -38.57
C THR D 122 -13.38 45.76 -38.92
N GLY D 123 -14.39 45.08 -39.46
CA GLY D 123 -15.71 45.68 -39.60
C GLY D 123 -15.87 46.60 -40.79
N ILE D 124 -17.09 47.13 -40.92
CA ILE D 124 -17.41 48.03 -42.01
C ILE D 124 -16.60 49.33 -41.86
N ILE D 125 -16.03 49.78 -42.96
CA ILE D 125 -15.39 51.09 -43.03
C ILE D 125 -16.05 51.89 -44.16
N GLY D 126 -16.34 53.15 -43.90
CA GLY D 126 -16.88 54.03 -44.92
C GLY D 126 -16.12 55.33 -45.03
N ILE D 127 -15.75 55.71 -46.26
CA ILE D 127 -14.98 56.91 -46.53
C ILE D 127 -15.52 57.62 -47.77
N ILE D 128 -15.29 58.93 -47.85
CA ILE D 128 -15.76 59.73 -48.97
C ILE D 128 -14.62 60.57 -49.53
N ASP D 129 -14.62 60.72 -50.86
CA ASP D 129 -13.60 61.48 -51.56
C ASP D 129 -13.58 62.93 -51.07
N PRO D 130 -12.40 63.56 -50.97
CA PRO D 130 -12.38 64.97 -50.53
C PRO D 130 -13.15 65.86 -51.48
N GLU D 131 -13.15 65.52 -52.77
CA GLU D 131 -13.91 66.22 -53.80
C GLU D 131 -15.32 65.67 -53.92
N CYS D 132 -15.74 64.83 -52.96
CA CYS D 132 -17.08 64.26 -52.92
C CYS D 132 -17.48 63.67 -54.26
N ARG D 133 -16.56 62.90 -54.84
CA ARG D 133 -16.84 62.22 -56.09
C ARG D 133 -17.44 60.84 -55.89
N MET D 134 -17.13 60.17 -54.78
CA MET D 134 -17.59 58.81 -54.59
C MET D 134 -17.59 58.48 -53.11
N ILE D 135 -18.32 57.43 -52.76
CA ILE D 135 -18.31 56.86 -51.42
C ILE D 135 -17.55 55.54 -51.50
N GLY D 136 -16.51 55.40 -50.69
CA GLY D 136 -15.78 54.15 -50.62
C GLY D 136 -16.30 53.31 -49.45
N LEU D 137 -16.55 52.04 -49.72
CA LEU D 137 -17.02 51.11 -48.70
C LEU D 137 -16.13 49.88 -48.66
N ARG D 138 -15.69 49.51 -47.47
CA ARG D 138 -14.97 48.25 -47.24
C ARG D 138 -15.92 47.37 -46.44
N LEU D 139 -16.66 46.51 -47.15
CA LEU D 139 -17.62 45.62 -46.52
C LEU D 139 -17.08 44.20 -46.36
N TYR D 140 -16.33 43.72 -47.35
CA TYR D 140 -15.86 42.35 -47.38
C TYR D 140 -14.37 42.30 -47.64
N ASP D 141 -13.72 41.26 -47.12
CA ASP D 141 -12.32 41.05 -47.41
C ASP D 141 -12.13 40.94 -48.92
N GLY D 142 -11.14 41.64 -49.44
CA GLY D 142 -10.76 41.50 -50.84
C GLY D 142 -11.65 42.20 -51.84
N LEU D 143 -12.68 42.91 -51.41
CA LEU D 143 -13.54 43.64 -52.32
C LEU D 143 -13.71 45.06 -51.77
N PHE D 144 -13.60 46.03 -52.68
CA PHE D 144 -13.79 47.45 -52.38
C PHE D 144 -14.99 47.92 -53.19
N LYS D 145 -16.00 48.45 -52.52
CA LYS D 145 -17.23 48.88 -53.16
C LYS D 145 -17.21 50.39 -53.32
N VAL D 146 -17.62 50.86 -54.51
CA VAL D 146 -17.62 52.29 -54.83
C VAL D 146 -19.04 52.70 -55.17
N ILE D 147 -19.58 53.66 -54.43
CA ILE D 147 -20.80 54.35 -54.79
C ILE D 147 -20.41 55.71 -55.40
N PRO D 148 -20.58 55.92 -56.69
CA PRO D 148 -20.26 57.23 -57.27
C PRO D 148 -21.26 58.30 -56.85
N LEU D 149 -20.74 59.48 -56.52
CA LEU D 149 -21.60 60.59 -56.07
C LEU D 149 -22.07 61.37 -57.30
N ASP D 150 -22.91 60.68 -58.07
CA ASP D 150 -23.61 61.26 -59.21
C ASP D 150 -24.91 61.90 -58.76
N ARG D 151 -25.36 62.91 -59.51
CA ARG D 151 -26.61 63.57 -59.17
C ARG D 151 -27.78 62.61 -59.29
N ASP D 152 -27.72 61.70 -60.27
CA ASP D 152 -28.82 60.79 -60.59
C ASP D 152 -28.75 59.46 -59.86
N ASN D 153 -27.67 59.17 -59.13
CA ASN D 153 -27.52 57.86 -58.49
C ASN D 153 -28.41 57.77 -57.25
N LYS D 154 -29.72 57.86 -57.49
CA LYS D 154 -30.71 57.88 -56.43
C LYS D 154 -30.91 56.51 -55.79
N GLU D 155 -30.46 55.44 -56.44
CA GLU D 155 -30.50 54.11 -55.87
C GLU D 155 -29.19 53.68 -55.23
N LEU D 156 -28.19 54.57 -55.20
CA LEU D 156 -26.89 54.26 -54.61
C LEU D 156 -26.32 52.98 -55.23
N LYS D 157 -26.37 52.92 -56.55
CA LYS D 157 -25.77 51.80 -57.27
C LYS D 157 -24.25 51.83 -57.11
N ALA D 158 -23.66 50.63 -57.07
CA ALA D 158 -22.24 50.54 -56.79
C ALA D 158 -21.62 49.36 -57.52
N PHE D 159 -20.29 49.40 -57.63
CA PHE D 159 -19.48 48.37 -58.26
C PHE D 159 -18.34 48.03 -57.31
N ASN D 160 -17.80 46.83 -57.44
CA ASN D 160 -16.68 46.38 -56.61
C ASN D 160 -15.40 46.37 -57.43
N ILE D 161 -14.29 46.77 -56.80
CA ILE D 161 -12.96 46.70 -57.38
C ILE D 161 -12.21 45.60 -56.63
N ARG D 162 -11.73 44.60 -57.36
CA ARG D 162 -11.02 43.51 -56.70
C ARG D 162 -9.78 44.06 -55.98
N LEU D 163 -9.58 43.61 -54.74
CA LEU D 163 -8.47 44.07 -53.91
C LEU D 163 -7.58 42.90 -53.52
N GLU D 164 -6.29 42.98 -53.87
CA GLU D 164 -5.38 41.89 -53.55
C GLU D 164 -5.19 41.73 -52.05
N GLU D 165 -5.08 42.84 -51.32
CA GLU D 165 -4.79 42.79 -49.88
C GLU D 165 -6.09 42.40 -49.17
N LEU D 166 -6.16 41.14 -48.74
CA LEU D 166 -7.43 40.61 -48.24
C LEU D 166 -7.73 41.12 -46.84
N HIS D 167 -6.70 41.29 -46.01
CA HIS D 167 -6.86 41.66 -44.61
C HIS D 167 -6.41 43.11 -44.47
N VAL D 168 -7.37 44.04 -44.55
CA VAL D 168 -7.08 45.46 -44.42
C VAL D 168 -7.41 45.88 -42.99
N ILE D 169 -6.54 46.71 -42.42
CA ILE D 169 -6.73 47.22 -41.06
C ILE D 169 -7.53 48.51 -41.07
N ASP D 170 -7.12 49.49 -41.89
CA ASP D 170 -7.81 50.77 -41.98
C ASP D 170 -7.53 51.40 -43.34
N VAL D 171 -8.46 52.22 -43.82
CA VAL D 171 -8.33 52.88 -45.10
C VAL D 171 -8.95 54.27 -45.02
N LYS D 172 -8.35 55.21 -45.75
CA LYS D 172 -8.84 56.58 -45.86
C LYS D 172 -8.57 57.09 -47.27
N PHE D 173 -9.44 57.97 -47.76
CA PHE D 173 -9.14 58.74 -48.96
C PHE D 173 -8.14 59.85 -48.62
N LEU D 174 -7.19 60.09 -49.52
CA LEU D 174 -6.14 61.06 -49.25
C LEU D 174 -6.45 62.44 -49.83
N TYR D 175 -5.80 63.45 -49.24
CA TYR D 175 -5.88 64.83 -49.68
C TYR D 175 -4.68 65.19 -50.55
N GLY D 176 -4.91 66.11 -51.49
CA GLY D 176 -3.83 66.67 -52.27
C GLY D 176 -3.36 65.77 -53.39
N CYS D 177 -4.27 65.01 -53.97
CA CYS D 177 -3.95 64.09 -55.07
C CYS D 177 -4.83 64.48 -56.25
N GLN D 178 -4.28 64.39 -57.45
CA GLN D 178 -5.08 64.76 -58.62
C GLN D 178 -6.15 63.74 -58.92
N ALA D 179 -5.90 62.48 -58.58
CA ALA D 179 -6.87 61.42 -58.80
C ALA D 179 -7.29 60.89 -57.43
N PRO D 180 -8.49 60.31 -57.31
CA PRO D 180 -8.89 59.72 -56.03
C PRO D 180 -7.90 58.67 -55.58
N THR D 181 -7.36 58.85 -54.38
CA THR D 181 -6.33 57.98 -53.85
C THR D 181 -6.78 57.43 -52.50
N ILE D 182 -6.63 56.12 -52.32
CA ILE D 182 -6.90 55.48 -51.05
C ILE D 182 -5.56 55.09 -50.46
N CYS D 183 -5.39 55.33 -49.16
CA CYS D 183 -4.20 54.93 -48.41
C CYS D 183 -4.67 54.04 -47.28
N PHE D 184 -4.05 52.86 -47.14
CA PHE D 184 -4.53 51.91 -46.16
C PHE D 184 -3.38 51.10 -45.60
N VAL D 185 -3.59 50.61 -44.37
CA VAL D 185 -2.72 49.66 -43.73
C VAL D 185 -3.36 48.29 -43.85
N TYR D 186 -2.57 47.30 -44.23
CA TYR D 186 -3.06 45.94 -44.42
C TYR D 186 -2.07 45.00 -43.73
N GLN D 187 -2.54 43.79 -43.50
CA GLN D 187 -1.74 42.77 -42.83
C GLN D 187 -1.61 41.56 -43.75
N ASP D 188 -0.40 41.08 -43.91
CA ASP D 188 -0.09 39.87 -44.65
C ASP D 188 0.87 39.09 -43.78
N PRO D 189 1.32 37.91 -44.20
CA PRO D 189 2.25 37.15 -43.35
C PRO D 189 3.57 37.87 -43.09
N GLN D 190 3.92 38.89 -43.88
CA GLN D 190 5.19 39.57 -43.76
C GLN D 190 5.15 40.73 -42.77
N GLY D 191 4.04 40.92 -42.06
CA GLY D 191 3.88 42.03 -41.14
C GLY D 191 2.78 42.96 -41.60
N ARG D 192 2.77 44.20 -41.10
CA ARG D 192 1.81 45.20 -41.54
C ARG D 192 2.50 46.20 -42.43
N HIS D 193 1.76 46.66 -43.44
CA HIS D 193 2.30 47.54 -44.46
C HIS D 193 1.28 48.63 -44.75
N VAL D 194 1.76 49.74 -45.30
CA VAL D 194 0.93 50.83 -45.79
C VAL D 194 1.10 50.89 -47.30
N LYS D 195 0.01 51.12 -48.01
CA LYS D 195 0.00 51.07 -49.46
C LYS D 195 -1.03 52.07 -49.96
N THR D 196 -0.86 52.50 -51.19
CA THR D 196 -1.77 53.44 -51.83
C THR D 196 -2.29 52.83 -53.12
N TYR D 197 -3.55 53.17 -53.44
CA TYR D 197 -4.10 52.88 -54.75
C TYR D 197 -4.82 54.14 -55.22
N GLU D 198 -4.96 54.27 -56.54
CA GLU D 198 -5.83 55.28 -57.13
C GLU D 198 -7.09 54.61 -57.67
N VAL D 199 -8.22 55.32 -57.54
CA VAL D 199 -9.53 54.81 -57.92
C VAL D 199 -9.99 55.58 -59.15
N SER D 200 -10.24 54.87 -60.25
CA SER D 200 -10.74 55.47 -61.48
C SER D 200 -12.20 55.08 -61.63
N LEU D 201 -13.10 56.06 -61.46
CA LEU D 201 -14.52 55.79 -61.65
C LEU D 201 -14.84 55.42 -63.10
N ARG D 202 -14.09 55.97 -64.04
CA ARG D 202 -14.37 55.72 -65.45
C ARG D 202 -14.06 54.27 -65.82
N GLU D 203 -12.90 53.78 -65.39
CA GLU D 203 -12.50 52.42 -65.70
C GLU D 203 -13.10 51.40 -64.73
N LYS D 204 -13.56 51.85 -63.56
CA LYS D 204 -14.06 50.96 -62.53
C LYS D 204 -12.98 49.98 -62.06
N GLU D 205 -11.80 50.51 -61.75
CA GLU D 205 -10.73 49.68 -61.21
C GLU D 205 -9.66 50.55 -60.55
N PHE D 206 -8.70 49.87 -59.91
CA PHE D 206 -7.56 50.54 -59.31
C PHE D 206 -6.45 50.76 -60.34
N ASN D 207 -5.74 51.88 -60.20
CA ASN D 207 -4.49 52.16 -60.89
C ASN D 207 -3.37 52.33 -59.88
N LYS D 208 -2.13 52.31 -60.39
CA LYS D 208 -0.95 52.43 -59.55
C LYS D 208 -1.06 53.63 -58.62
N GLY D 209 -0.65 53.45 -57.37
CA GLY D 209 -0.80 54.48 -56.38
C GLY D 209 0.35 55.47 -56.37
N PRO D 210 0.11 56.66 -55.80
CA PRO D 210 1.15 57.71 -55.87
C PRO D 210 2.43 57.38 -55.14
N TRP D 211 2.40 56.62 -54.05
CA TRP D 211 3.67 56.30 -53.40
C TRP D 211 3.72 54.84 -52.95
N LYS D 212 4.96 54.38 -52.76
CA LYS D 212 5.30 52.98 -52.60
C LYS D 212 4.83 52.41 -51.27
N GLN D 213 4.78 51.09 -51.22
CA GLN D 213 4.46 50.42 -49.97
C GLN D 213 5.60 50.67 -48.99
N GLU D 214 5.25 50.80 -47.72
CA GLU D 214 6.27 50.89 -46.69
C GLU D 214 5.91 49.87 -45.61
N ASN D 215 6.90 49.15 -45.10
CA ASN D 215 6.66 48.27 -43.96
C ASN D 215 6.49 49.13 -42.72
N VAL D 216 5.43 48.87 -41.95
CA VAL D 216 5.06 49.73 -40.83
C VAL D 216 4.91 48.89 -39.56
N GLU D 217 4.70 49.60 -38.44
CA GLU D 217 4.59 48.97 -37.14
C GLU D 217 3.64 47.78 -37.16
N ALA D 218 4.00 46.76 -36.38
CA ALA D 218 3.19 45.54 -36.31
C ALA D 218 1.80 45.83 -35.76
N GLU D 219 1.67 46.85 -34.91
CA GLU D 219 0.40 47.23 -34.31
C GLU D 219 -0.18 48.48 -34.91
N ALA D 220 0.15 48.77 -36.17
CA ALA D 220 -0.46 49.90 -36.87
C ALA D 220 -1.98 49.79 -36.82
N SER D 221 -2.62 50.80 -36.24
CA SER D 221 -4.05 50.74 -35.97
C SER D 221 -4.87 51.68 -36.83
N MET D 222 -4.43 52.92 -37.06
CA MET D 222 -5.28 53.91 -37.68
C MET D 222 -4.54 54.73 -38.73
N VAL D 223 -5.30 55.12 -39.76
CA VAL D 223 -4.82 55.95 -40.86
C VAL D 223 -5.48 57.31 -40.79
N ILE D 224 -4.66 58.36 -40.82
CA ILE D 224 -5.12 59.74 -40.81
C ILE D 224 -4.75 60.37 -42.15
N ALA D 225 -5.74 60.89 -42.87
CA ALA D 225 -5.50 61.60 -44.13
C ALA D 225 -5.32 63.08 -43.80
N VAL D 226 -4.08 63.57 -43.94
CA VAL D 226 -3.71 64.94 -43.58
C VAL D 226 -4.12 65.91 -44.67
N PRO D 227 -4.54 67.14 -44.35
CA PRO D 227 -5.05 68.05 -45.39
C PRO D 227 -3.94 68.52 -46.34
N GLU D 228 -4.38 69.24 -47.37
CA GLU D 228 -3.49 69.59 -48.47
C GLU D 228 -2.26 70.39 -48.06
N PRO D 229 -2.31 71.35 -47.13
CA PRO D 229 -1.08 72.09 -46.80
C PRO D 229 0.07 71.16 -46.44
N PHE D 230 -0.18 70.08 -45.70
CA PHE D 230 0.82 69.06 -45.42
C PHE D 230 0.73 67.88 -46.39
N GLY D 231 -0.46 67.32 -46.59
CA GLY D 231 -0.61 66.16 -47.45
C GLY D 231 -0.20 64.86 -46.80
N GLY D 232 -0.33 63.78 -47.56
CA GLY D 232 0.13 62.50 -47.07
C GLY D 232 -0.79 61.91 -46.02
N ALA D 233 -0.23 61.03 -45.18
CA ALA D 233 -0.98 60.32 -44.16
C ALA D 233 -0.12 60.14 -42.92
N ILE D 234 -0.79 59.97 -41.79
CA ILE D 234 -0.16 59.61 -40.52
C ILE D 234 -0.69 58.24 -40.11
N ILE D 235 0.19 57.42 -39.55
CA ILE D 235 -0.17 56.07 -39.12
C ILE D 235 0.04 55.99 -37.62
N ILE D 236 -1.02 55.66 -36.89
CA ILE D 236 -0.99 55.54 -35.43
C ILE D 236 -0.79 54.08 -35.09
N GLY D 237 0.18 53.81 -34.22
CA GLY D 237 0.42 52.45 -33.77
C GLY D 237 0.31 52.27 -32.27
N GLN D 238 0.97 51.24 -31.75
CA GLN D 238 1.04 50.98 -30.32
C GLN D 238 2.22 51.73 -29.70
N GLU D 239 3.36 51.75 -30.39
CA GLU D 239 4.58 52.38 -29.89
C GLU D 239 4.97 53.65 -30.65
N SER D 240 4.57 53.79 -31.91
CA SER D 240 5.09 54.84 -32.76
C SER D 240 3.99 55.47 -33.60
N ILE D 241 4.25 56.71 -34.02
CA ILE D 241 3.42 57.46 -34.96
C ILE D 241 4.29 57.82 -36.15
N THR D 242 3.80 57.55 -37.35
CA THR D 242 4.59 57.78 -38.55
C THR D 242 3.82 58.64 -39.55
N TYR D 243 4.57 59.42 -40.33
CA TYR D 243 4.02 60.21 -41.41
C TYR D 243 4.63 59.72 -42.73
N HIS D 244 3.77 59.52 -43.74
CA HIS D 244 4.21 59.07 -45.04
C HIS D 244 3.65 60.00 -46.11
N ASN D 245 4.49 60.36 -47.08
CA ASN D 245 4.00 61.14 -48.24
C ASN D 245 5.11 61.05 -49.32
N GLY D 246 4.98 60.06 -50.19
CA GLY D 246 5.96 59.90 -51.25
C GLY D 246 7.36 59.72 -50.73
N ASP D 247 8.20 60.74 -50.94
CA ASP D 247 9.60 60.67 -50.52
C ASP D 247 9.79 61.01 -49.05
N LYS D 248 8.82 61.67 -48.43
CA LYS D 248 8.97 62.10 -47.05
C LYS D 248 8.58 60.98 -46.10
N TYR D 249 9.38 60.80 -45.06
CA TYR D 249 9.13 59.82 -44.01
C TYR D 249 9.58 60.37 -42.67
N LEU D 250 8.67 60.37 -41.70
CA LEU D 250 8.99 60.73 -40.32
C LEU D 250 8.48 59.64 -39.40
N ALA D 251 9.12 59.50 -38.25
CA ALA D 251 8.67 58.55 -37.23
C ALA D 251 9.05 59.08 -35.86
N ILE D 252 8.06 59.24 -35.00
CA ILE D 252 8.26 59.61 -33.60
C ILE D 252 7.71 58.48 -32.75
N ALA D 253 8.49 58.07 -31.74
CA ALA D 253 8.13 56.95 -30.88
C ALA D 253 8.31 57.37 -29.43
N PRO D 254 7.48 58.28 -28.94
CA PRO D 254 7.65 58.77 -27.57
C PRO D 254 7.27 57.69 -26.58
N PRO D 255 8.02 57.55 -25.49
CA PRO D 255 7.73 56.45 -24.55
C PRO D 255 6.35 56.53 -23.94
N ILE D 256 5.68 57.68 -24.04
CA ILE D 256 4.46 57.91 -23.28
C ILE D 256 3.29 57.11 -23.85
N ILE D 257 3.20 57.00 -25.17
CA ILE D 257 2.03 56.37 -25.77
C ILE D 257 2.04 54.85 -25.62
N LYS D 258 3.22 54.24 -25.48
CA LYS D 258 3.31 52.79 -25.30
C LYS D 258 2.58 52.32 -24.07
N GLN D 259 2.38 53.19 -23.08
CA GLN D 259 1.73 52.76 -21.85
C GLN D 259 0.30 52.31 -22.08
N SER D 260 -0.41 52.92 -23.02
CA SER D 260 -1.79 52.55 -23.28
C SER D 260 -2.12 52.74 -24.76
N THR D 261 -2.89 51.80 -25.30
CA THR D 261 -3.24 51.84 -26.72
C THR D 261 -4.04 53.08 -27.08
N ILE D 262 -3.66 53.73 -28.17
CA ILE D 262 -4.38 54.89 -28.70
C ILE D 262 -5.47 54.37 -29.64
N VAL D 263 -6.70 54.81 -29.41
CA VAL D 263 -7.84 54.24 -30.11
C VAL D 263 -8.61 55.24 -30.97
N CYS D 264 -8.50 56.55 -30.73
CA CYS D 264 -9.31 57.52 -31.46
C CYS D 264 -8.51 58.77 -31.82
N HIS D 265 -8.88 59.38 -32.94
CA HIS D 265 -8.20 60.56 -33.47
C HIS D 265 -9.20 61.58 -34.02
N ASN D 266 -8.83 62.85 -33.92
CA ASN D 266 -9.63 63.92 -34.54
C ASN D 266 -8.71 65.08 -34.90
N ARG D 267 -9.18 65.91 -35.85
CA ARG D 267 -8.39 67.03 -36.37
C ARG D 267 -8.84 68.33 -35.71
N VAL D 268 -7.89 69.09 -35.20
CA VAL D 268 -8.19 70.36 -34.53
C VAL D 268 -8.13 71.53 -35.50
N ASP D 269 -7.06 71.60 -36.29
CA ASP D 269 -6.80 72.71 -37.20
C ASP D 269 -7.10 72.30 -38.63
N PRO D 270 -8.00 72.96 -39.35
CA PRO D 270 -8.31 72.51 -40.71
C PRO D 270 -7.09 72.27 -41.59
N ASN D 271 -5.97 72.97 -41.37
CA ASN D 271 -4.80 72.73 -42.20
C ASN D 271 -3.98 71.52 -41.75
N GLY D 272 -4.35 70.85 -40.65
CA GLY D 272 -3.64 69.68 -40.21
C GLY D 272 -2.51 69.92 -39.23
N SER D 273 -2.36 71.15 -38.73
CA SER D 273 -1.25 71.45 -37.84
C SER D 273 -1.37 70.69 -36.52
N ARG D 274 -2.60 70.55 -36.01
CA ARG D 274 -2.82 69.95 -34.69
C ARG D 274 -3.88 68.87 -34.77
N TYR D 275 -3.59 67.70 -34.20
CA TYR D 275 -4.51 66.58 -34.13
C TYR D 275 -4.68 66.14 -32.68
N LEU D 276 -5.85 65.55 -32.37
CA LEU D 276 -6.16 65.05 -31.05
C LEU D 276 -6.11 63.53 -31.00
N LEU D 277 -5.61 62.98 -29.89
CA LEU D 277 -5.51 61.54 -29.72
C LEU D 277 -5.99 61.11 -28.34
N GLY D 278 -6.68 59.97 -28.30
CA GLY D 278 -7.12 59.40 -27.05
C GLY D 278 -6.75 57.93 -26.97
N ASP D 279 -6.58 57.45 -25.72
CA ASP D 279 -6.17 56.08 -25.47
C ASP D 279 -7.09 55.45 -24.41
N MET D 280 -6.90 54.15 -24.19
CA MET D 280 -7.81 53.39 -23.34
C MET D 280 -7.77 53.82 -21.88
N GLU D 281 -6.72 54.50 -21.43
CA GLU D 281 -6.69 55.00 -20.07
C GLU D 281 -7.35 56.37 -19.97
N GLY D 282 -7.89 56.87 -21.08
CA GLY D 282 -8.55 58.15 -21.08
C GLY D 282 -7.60 59.31 -21.29
N ARG D 283 -6.32 59.05 -21.52
CA ARG D 283 -5.37 60.14 -21.65
C ARG D 283 -5.62 60.84 -22.97
N LEU D 284 -5.59 62.17 -22.93
CA LEU D 284 -5.85 63.00 -24.09
C LEU D 284 -4.56 63.67 -24.51
N PHE D 285 -4.16 63.45 -25.75
CA PHE D 285 -2.93 63.99 -26.28
C PHE D 285 -3.22 64.98 -27.40
N MET D 286 -2.25 65.85 -27.65
CA MET D 286 -2.22 66.72 -28.82
C MET D 286 -1.06 66.28 -29.71
N LEU D 287 -1.37 65.96 -30.96
CA LEU D 287 -0.35 65.62 -31.96
C LEU D 287 -0.08 66.86 -32.79
N LEU D 288 1.19 67.28 -32.82
CA LEU D 288 1.60 68.53 -33.43
C LEU D 288 2.43 68.23 -34.68
N LEU D 289 2.05 68.86 -35.79
CA LEU D 289 2.81 68.78 -37.04
C LEU D 289 3.58 70.10 -37.21
N GLU D 290 4.90 70.04 -37.03
CA GLU D 290 5.73 71.23 -37.11
C GLU D 290 6.10 71.50 -38.57
N LYS D 291 5.69 72.66 -39.07
CA LYS D 291 5.83 73.00 -40.48
C LYS D 291 7.19 73.66 -40.76
N GLU D 292 7.68 73.46 -41.97
CA GLU D 292 8.86 74.14 -42.47
C GLU D 292 8.58 74.68 -43.85
N GLU D 293 8.70 76.00 -44.01
CA GLU D 293 8.48 76.62 -45.31
C GLU D 293 9.79 76.54 -46.08
N GLN D 294 9.72 76.05 -47.32
CA GLN D 294 10.90 75.99 -48.17
C GLN D 294 11.11 77.33 -48.86
N MET D 295 12.33 77.52 -49.37
CA MET D 295 12.59 78.74 -50.13
C MET D 295 11.67 78.82 -51.35
N ASP D 296 11.09 77.69 -51.75
CA ASP D 296 10.11 77.67 -52.83
C ASP D 296 8.83 78.41 -52.52
N GLY D 297 8.55 78.65 -51.24
CA GLY D 297 7.23 79.07 -50.83
C GLY D 297 6.29 77.93 -50.52
N THR D 298 6.73 76.70 -50.74
CA THR D 298 5.96 75.50 -50.46
C THR D 298 6.25 75.08 -49.02
N VAL D 299 5.37 74.25 -48.46
CA VAL D 299 5.47 73.83 -47.08
C VAL D 299 5.61 72.31 -46.98
N THR D 300 6.59 71.88 -46.20
CA THR D 300 6.85 70.48 -45.90
C THR D 300 6.74 70.28 -44.38
N LEU D 301 6.69 69.01 -43.97
CA LEU D 301 6.59 68.65 -42.57
C LEU D 301 7.98 68.40 -42.01
N LYS D 302 8.35 69.17 -40.98
CA LYS D 302 9.68 69.06 -40.39
C LYS D 302 9.73 67.99 -39.29
N ASP D 303 8.75 68.00 -38.38
CA ASP D 303 8.82 67.09 -37.23
C ASP D 303 7.42 66.87 -36.66
N LEU D 304 7.32 65.84 -35.82
CA LEU D 304 6.10 65.50 -35.08
C LEU D 304 6.37 65.66 -33.59
N ARG D 305 5.36 66.10 -32.86
CA ARG D 305 5.44 66.25 -31.41
C ARG D 305 4.14 65.81 -30.78
N VAL D 306 4.24 65.19 -29.60
CA VAL D 306 3.07 64.76 -28.84
C VAL D 306 3.12 65.41 -27.46
N GLU D 307 2.00 65.99 -27.04
CA GLU D 307 1.89 66.65 -25.75
C GLU D 307 0.68 66.09 -25.00
N LEU D 308 0.89 65.72 -23.74
CA LEU D 308 -0.20 65.20 -22.92
C LEU D 308 -1.05 66.36 -22.43
N LEU D 309 -2.36 66.29 -22.70
CA LEU D 309 -3.27 67.35 -22.28
C LEU D 309 -3.90 67.06 -20.92
N GLY D 310 -4.30 65.82 -20.66
CA GLY D 310 -4.92 65.51 -19.38
C GLY D 310 -5.64 64.18 -19.43
N GLU D 311 -6.69 64.09 -18.60
CA GLU D 311 -7.50 62.89 -18.48
C GLU D 311 -8.94 63.22 -18.87
N THR D 312 -9.51 62.37 -19.72
CA THR D 312 -10.90 62.42 -20.11
C THR D 312 -11.51 61.04 -19.88
N SER D 313 -12.81 60.93 -20.11
CA SER D 313 -13.45 59.62 -20.13
C SER D 313 -12.91 58.81 -21.31
N ILE D 314 -12.88 57.49 -21.15
CA ILE D 314 -12.46 56.64 -22.25
C ILE D 314 -13.31 56.98 -23.47
N ALA D 315 -12.65 57.30 -24.58
CA ALA D 315 -13.31 57.91 -25.72
C ALA D 315 -13.38 56.93 -26.88
N GLU D 316 -14.60 56.64 -27.33
CA GLU D 316 -14.75 55.93 -28.59
C GLU D 316 -14.37 56.81 -29.77
N CYS D 317 -14.75 58.09 -29.71
CA CYS D 317 -14.45 59.07 -30.74
C CYS D 317 -14.34 60.44 -30.08
N LEU D 318 -13.45 61.26 -30.64
CA LEU D 318 -13.29 62.65 -30.24
C LEU D 318 -13.72 63.56 -31.39
N THR D 319 -14.30 64.71 -31.04
CA THR D 319 -14.53 65.75 -32.03
C THR D 319 -14.30 67.12 -31.40
N TYR D 320 -13.42 67.91 -32.03
CA TYR D 320 -13.19 69.28 -31.60
C TYR D 320 -14.32 70.14 -32.16
N LEU D 321 -14.93 70.96 -31.31
CA LEU D 321 -16.01 71.83 -31.75
C LEU D 321 -15.43 73.20 -32.07
N ASP D 322 -15.14 74.00 -31.06
CA ASP D 322 -14.56 75.31 -31.35
C ASP D 322 -14.22 75.99 -30.03
N ASN D 323 -13.26 76.92 -30.09
CA ASN D 323 -12.92 77.74 -28.94
C ASN D 323 -12.44 76.91 -27.76
N GLY D 324 -11.75 75.80 -28.07
CA GLY D 324 -11.17 74.95 -27.06
C GLY D 324 -12.10 73.91 -26.48
N VAL D 325 -13.32 73.78 -27.02
CA VAL D 325 -14.32 72.87 -26.49
C VAL D 325 -14.28 71.60 -27.32
N VAL D 326 -14.23 70.44 -26.66
CA VAL D 326 -14.13 69.15 -27.33
C VAL D 326 -15.23 68.24 -26.79
N PHE D 327 -15.89 67.51 -27.69
CA PHE D 327 -16.87 66.50 -27.29
C PHE D 327 -16.18 65.15 -27.18
N VAL D 328 -16.33 64.50 -26.03
CA VAL D 328 -15.73 63.20 -25.74
C VAL D 328 -16.88 62.19 -25.81
N GLY D 329 -16.93 61.43 -26.89
CA GLY D 329 -17.97 60.42 -27.04
C GLY D 329 -17.51 59.07 -26.53
N SER D 330 -18.15 58.59 -25.46
CA SER D 330 -17.70 57.38 -24.77
C SER D 330 -18.75 56.29 -24.85
N ARG D 331 -18.27 55.06 -25.05
CA ARG D 331 -19.11 53.87 -25.04
C ARG D 331 -19.03 53.12 -23.71
N LEU D 332 -17.94 53.29 -22.97
CA LEU D 332 -17.71 52.62 -21.70
C LEU D 332 -18.02 53.49 -20.48
N GLY D 333 -18.14 54.81 -20.65
CA GLY D 333 -18.43 55.69 -19.54
C GLY D 333 -19.24 56.90 -19.95
N ASP D 334 -19.41 57.88 -19.05
CA ASP D 334 -20.18 59.06 -19.37
C ASP D 334 -19.43 59.90 -20.41
N SER D 335 -20.17 60.44 -21.38
CA SER D 335 -19.60 61.29 -22.42
C SER D 335 -19.42 62.69 -21.84
N GLN D 336 -18.73 63.55 -22.57
CA GLN D 336 -18.33 64.81 -21.99
C GLN D 336 -18.26 65.95 -23.00
N LEU D 337 -18.42 67.17 -22.49
CA LEU D 337 -17.85 68.38 -23.07
C LEU D 337 -16.69 68.81 -22.19
N VAL D 338 -15.54 69.09 -22.78
CA VAL D 338 -14.37 69.53 -22.02
C VAL D 338 -13.77 70.76 -22.67
N LYS D 339 -13.15 71.59 -21.83
CA LYS D 339 -12.46 72.80 -22.24
C LYS D 339 -10.96 72.58 -22.24
N LEU D 340 -10.32 72.89 -23.35
CA LEU D 340 -8.87 72.85 -23.48
C LEU D 340 -8.32 74.24 -23.23
N ASN D 341 -7.41 74.37 -22.26
CA ASN D 341 -6.84 75.65 -21.88
C ASN D 341 -5.40 75.76 -22.38
N VAL D 342 -4.98 77.00 -22.60
CA VAL D 342 -3.60 77.26 -23.03
C VAL D 342 -2.64 77.08 -21.86
N ASP D 343 -3.04 77.52 -20.67
CA ASP D 343 -2.24 77.34 -19.46
C ASP D 343 -2.78 76.15 -18.68
N SER D 344 -1.87 75.37 -18.13
CA SER D 344 -2.23 74.24 -17.29
C SER D 344 -2.72 74.72 -15.92
N ASN D 345 -3.50 73.87 -15.27
CA ASN D 345 -3.97 74.19 -13.92
C ASN D 345 -2.92 73.73 -12.91
N GLU D 346 -3.25 73.79 -11.62
CA GLU D 346 -2.27 73.50 -10.58
C GLU D 346 -1.82 72.04 -10.59
N GLN D 347 -2.58 71.16 -11.24
CA GLN D 347 -2.25 69.75 -11.29
C GLN D 347 -1.43 69.38 -12.50
N GLY D 348 -1.16 70.33 -13.40
CA GLY D 348 -0.49 70.06 -14.64
C GLY D 348 -1.43 69.77 -15.79
N SER D 349 -2.74 69.87 -15.57
CA SER D 349 -3.71 69.52 -16.58
C SER D 349 -4.15 70.74 -17.37
N TYR D 350 -4.32 70.57 -18.67
CA TYR D 350 -4.88 71.57 -19.56
C TYR D 350 -6.36 71.32 -19.85
N VAL D 351 -6.95 70.29 -19.25
CA VAL D 351 -8.30 69.84 -19.55
C VAL D 351 -9.20 70.09 -18.35
N VAL D 352 -10.36 70.71 -18.60
CA VAL D 352 -11.36 70.94 -17.56
C VAL D 352 -12.73 70.52 -18.10
N ALA D 353 -13.41 69.66 -17.35
CA ALA D 353 -14.73 69.20 -17.78
C ALA D 353 -15.73 70.33 -17.71
N MET D 354 -16.56 70.45 -18.75
CA MET D 354 -17.67 71.38 -18.77
C MET D 354 -18.97 70.69 -18.37
N GLU D 355 -19.38 69.68 -19.13
CA GLU D 355 -20.63 68.97 -18.92
C GLU D 355 -20.39 67.47 -18.92
N THR D 356 -21.31 66.74 -18.30
CA THR D 356 -21.26 65.28 -18.26
C THR D 356 -22.60 64.72 -18.75
N PHE D 357 -22.53 63.85 -19.76
CA PHE D 357 -23.69 63.23 -20.38
C PHE D 357 -23.83 61.81 -19.87
N THR D 358 -24.96 61.51 -19.23
CA THR D 358 -25.13 60.20 -18.63
C THR D 358 -25.05 59.11 -19.69
N ASN D 359 -24.17 58.14 -19.46
CA ASN D 359 -24.09 56.95 -20.29
C ASN D 359 -24.17 55.74 -19.36
N LEU D 360 -25.25 54.95 -19.50
CA LEU D 360 -25.33 53.73 -18.73
C LEU D 360 -24.26 52.72 -19.14
N GLY D 361 -23.56 52.97 -20.24
CA GLY D 361 -22.44 52.16 -20.60
C GLY D 361 -22.82 50.71 -20.75
N PRO D 362 -21.81 49.84 -20.80
CA PRO D 362 -22.11 48.40 -20.74
C PRO D 362 -22.79 48.05 -19.44
N ILE D 363 -23.96 47.39 -19.55
CA ILE D 363 -24.70 46.92 -18.38
C ILE D 363 -24.33 45.44 -18.24
N VAL D 364 -23.34 45.16 -17.39
CA VAL D 364 -22.88 43.78 -17.24
C VAL D 364 -23.92 42.95 -16.48
N ASP D 365 -24.50 43.53 -15.42
CA ASP D 365 -25.52 42.88 -14.62
C ASP D 365 -26.42 43.94 -14.03
N MET D 366 -27.56 43.49 -13.49
CA MET D 366 -28.48 44.41 -12.82
C MET D 366 -29.47 43.65 -11.96
N CYS D 367 -30.00 44.35 -10.95
CA CYS D 367 -31.00 43.80 -10.05
C CYS D 367 -32.08 44.84 -9.78
N VAL D 368 -33.30 44.35 -9.56
CA VAL D 368 -34.44 45.19 -9.22
C VAL D 368 -34.74 45.06 -7.74
N VAL D 369 -34.80 46.20 -7.04
CA VAL D 369 -35.03 46.22 -5.61
C VAL D 369 -35.92 47.42 -5.29
N ASP D 370 -36.90 47.20 -4.41
CA ASP D 370 -37.76 48.28 -3.92
C ASP D 370 -37.08 48.84 -2.69
N LEU D 371 -36.24 49.86 -2.89
CA LEU D 371 -35.48 50.41 -1.76
C LEU D 371 -36.39 51.12 -0.77
N GLU D 372 -37.41 51.83 -1.27
CA GLU D 372 -38.36 52.50 -0.39
C GLU D 372 -39.43 51.54 0.16
N ARG D 373 -39.38 50.26 -0.21
CA ARG D 373 -40.38 49.25 0.14
C ARG D 373 -41.77 49.56 -0.36
N GLN D 374 -41.91 50.60 -1.18
CA GLN D 374 -43.17 50.92 -1.84
C GLN D 374 -43.28 50.01 -3.06
N GLY D 375 -44.38 50.10 -3.80
CA GLY D 375 -44.41 49.26 -4.98
C GLY D 375 -43.49 49.73 -6.08
N GLN D 376 -42.78 50.84 -5.82
CA GLN D 376 -41.92 51.43 -6.83
C GLN D 376 -40.65 50.60 -6.88
N GLY D 377 -40.29 50.14 -8.08
CA GLY D 377 -39.10 49.34 -8.30
C GLY D 377 -37.98 50.19 -8.77
N GLN D 378 -36.77 49.95 -8.24
CA GLN D 378 -35.57 50.67 -8.63
C GLN D 378 -34.58 49.68 -9.21
N LEU D 379 -33.86 50.11 -10.25
CA LEU D 379 -32.91 49.24 -10.95
C LEU D 379 -31.50 49.70 -10.65
N VAL D 380 -30.70 48.84 -10.02
CA VAL D 380 -29.30 49.12 -9.72
C VAL D 380 -28.46 48.26 -10.67
N THR D 381 -27.64 48.91 -11.50
CA THR D 381 -26.93 48.23 -12.57
C THR D 381 -25.42 48.30 -12.38
N CYS D 382 -24.74 47.22 -12.78
CA CYS D 382 -23.29 47.23 -12.93
C CYS D 382 -22.96 47.82 -14.31
N SER D 383 -22.44 49.04 -14.33
CA SER D 383 -22.27 49.78 -15.57
C SER D 383 -20.84 50.27 -15.72
N GLY D 384 -20.40 50.33 -16.97
CA GLY D 384 -19.06 50.83 -17.26
C GLY D 384 -18.00 49.77 -17.11
N ALA D 385 -16.77 50.16 -17.46
CA ALA D 385 -15.62 49.30 -17.31
C ALA D 385 -14.39 50.15 -17.02
N PHE D 386 -13.39 49.54 -16.39
CA PHE D 386 -12.11 50.18 -16.11
C PHE D 386 -12.34 51.42 -15.24
N LYS D 387 -11.79 52.58 -15.62
CA LYS D 387 -11.89 53.78 -14.80
C LYS D 387 -13.33 54.23 -14.63
N GLU D 388 -14.18 53.99 -15.63
CA GLU D 388 -15.54 54.47 -15.63
C GLU D 388 -16.52 53.53 -14.92
N GLY D 389 -16.04 52.42 -14.36
CA GLY D 389 -16.92 51.46 -13.74
C GLY D 389 -17.75 52.07 -12.63
N SER D 390 -19.05 51.77 -12.63
CA SER D 390 -19.97 52.45 -11.73
C SER D 390 -21.19 51.58 -11.48
N LEU D 391 -21.87 51.89 -10.38
CA LEU D 391 -23.19 51.36 -10.09
C LEU D 391 -24.17 52.48 -10.38
N ARG D 392 -25.24 52.19 -11.11
CA ARG D 392 -26.22 53.20 -11.48
C ARG D 392 -27.58 52.77 -10.96
N ILE D 393 -28.17 53.59 -10.10
CA ILE D 393 -29.50 53.35 -9.55
C ILE D 393 -30.50 54.17 -10.35
N ILE D 394 -31.46 53.47 -10.96
CA ILE D 394 -32.40 54.06 -11.89
C ILE D 394 -33.79 53.82 -11.32
N ARG D 395 -34.58 54.88 -11.24
CA ARG D 395 -35.92 54.81 -10.71
C ARG D 395 -36.83 55.56 -11.66
N ASN D 396 -38.08 55.13 -11.76
CA ASN D 396 -39.04 55.84 -12.58
C ASN D 396 -39.55 57.01 -11.74
N GLY D 397 -39.46 58.21 -12.29
CA GLY D 397 -39.80 59.41 -11.55
C GLY D 397 -41.27 59.69 -11.51
N ILE D 398 -41.60 60.78 -10.81
CA ILE D 398 -42.97 61.26 -10.76
C ILE D 398 -42.97 62.79 -10.75
N GLN D 408 -41.47 63.68 -18.28
CA GLN D 408 -41.30 62.28 -17.92
C GLN D 408 -39.87 61.85 -18.25
N LYS D 409 -39.14 61.44 -17.22
CA LYS D 409 -37.76 61.02 -17.34
C LYS D 409 -37.47 60.00 -16.24
N LEU D 410 -36.39 59.26 -16.39
CA LEU D 410 -35.88 58.35 -15.38
C LEU D 410 -34.81 59.10 -14.59
N HIS D 411 -34.89 59.03 -13.25
CA HIS D 411 -33.90 59.67 -12.40
C HIS D 411 -32.79 58.67 -12.12
N ILE D 412 -31.55 59.08 -12.38
CA ILE D 412 -30.40 58.19 -12.32
C ILE D 412 -29.41 58.76 -11.33
N ARG D 413 -29.03 57.93 -10.36
CA ARG D 413 -27.96 58.23 -9.43
C ARG D 413 -26.76 57.39 -9.83
N THR D 414 -25.57 57.97 -9.78
CA THR D 414 -24.36 57.29 -10.20
C THR D 414 -23.44 57.11 -8.99
N VAL D 415 -23.01 55.87 -8.78
CA VAL D 415 -22.08 55.52 -7.71
C VAL D 415 -20.77 55.15 -8.40
N PRO D 416 -19.75 56.02 -8.36
CA PRO D 416 -18.50 55.72 -9.07
C PRO D 416 -17.67 54.70 -8.29
N LEU D 417 -17.17 53.71 -9.02
CA LEU D 417 -16.33 52.67 -8.42
C LEU D 417 -14.88 52.72 -8.90
N TYR D 418 -14.63 53.24 -10.09
CA TYR D 418 -13.28 53.40 -10.65
C TYR D 418 -12.59 52.06 -10.91
N GLU D 419 -13.35 50.98 -10.96
CA GLU D 419 -12.87 49.66 -11.35
C GLU D 419 -14.04 48.96 -12.04
N SER D 420 -13.75 47.87 -12.74
CA SER D 420 -14.78 47.25 -13.58
C SER D 420 -15.75 46.49 -12.69
N PRO D 421 -17.06 46.80 -12.75
CA PRO D 421 -18.06 46.01 -12.01
C PRO D 421 -18.55 44.89 -12.89
N ARG D 422 -18.73 43.70 -12.31
CA ARG D 422 -19.11 42.55 -13.13
C ARG D 422 -20.48 41.98 -12.78
N LYS D 423 -20.74 41.63 -11.53
CA LYS D 423 -22.05 41.11 -11.15
C LYS D 423 -22.49 41.75 -9.84
N ILE D 424 -23.81 41.84 -9.67
CA ILE D 424 -24.40 42.46 -8.50
C ILE D 424 -25.49 41.56 -7.94
N CYS D 425 -25.64 41.60 -6.63
CA CYS D 425 -26.64 40.81 -5.93
C CYS D 425 -27.08 41.59 -4.71
N TYR D 426 -28.39 41.58 -4.46
CA TYR D 426 -28.97 42.31 -3.34
C TYR D 426 -29.25 41.34 -2.20
N GLN D 427 -28.84 41.73 -1.00
CA GLN D 427 -29.00 40.94 0.22
C GLN D 427 -29.81 41.82 1.18
N GLU D 428 -31.11 41.58 1.26
CA GLU D 428 -31.95 42.44 2.08
C GLU D 428 -31.57 42.35 3.55
N VAL D 429 -31.28 41.14 4.04
CA VAL D 429 -31.04 40.95 5.47
C VAL D 429 -29.98 41.93 5.97
N SER D 430 -28.98 42.23 5.14
CA SER D 430 -27.89 43.11 5.52
C SER D 430 -28.05 44.53 4.96
N GLN D 431 -29.19 44.82 4.35
CA GLN D 431 -29.43 46.14 3.75
C GLN D 431 -28.26 46.57 2.87
N CYS D 432 -27.75 45.64 2.06
CA CYS D 432 -26.59 45.93 1.24
C CYS D 432 -26.63 45.10 -0.04
N PHE D 433 -25.75 45.48 -0.96
CA PHE D 433 -25.51 44.75 -2.19
C PHE D 433 -24.16 44.05 -2.14
N GLY D 434 -24.07 42.88 -2.77
CA GLY D 434 -22.79 42.27 -3.08
C GLY D 434 -22.47 42.53 -4.54
N VAL D 435 -21.27 43.02 -4.80
CA VAL D 435 -20.83 43.36 -6.15
C VAL D 435 -19.48 42.73 -6.41
N LEU D 436 -19.40 41.93 -7.46
CA LEU D 436 -18.14 41.40 -7.96
C LEU D 436 -17.52 42.43 -8.89
N SER D 437 -16.22 42.66 -8.72
CA SER D 437 -15.53 43.68 -9.50
C SER D 437 -14.10 43.24 -9.76
N SER D 438 -13.49 43.85 -10.77
CA SER D 438 -12.09 43.58 -11.07
C SER D 438 -11.40 44.88 -11.48
N ARG D 439 -10.13 44.99 -11.07
CA ARG D 439 -9.29 46.13 -11.38
C ARG D 439 -8.02 45.60 -12.04
N ILE D 440 -7.38 46.48 -12.82
CA ILE D 440 -6.18 46.12 -13.56
C ILE D 440 -4.97 46.55 -12.74
N GLU D 441 -4.10 45.60 -12.43
CA GLU D 441 -2.77 45.91 -11.92
C GLU D 441 -1.74 45.45 -12.93
N VAL D 442 -0.53 46.00 -12.82
CA VAL D 442 0.52 45.79 -13.79
C VAL D 442 1.78 45.28 -13.08
N GLN D 443 2.46 44.33 -13.73
CA GLN D 443 3.70 43.79 -13.19
C GLN D 443 4.73 44.89 -12.98
N ASP D 444 5.31 44.94 -11.78
CA ASP D 444 6.25 45.97 -11.38
C ASP D 444 7.61 45.37 -11.06
N THR D 445 8.57 46.25 -10.75
CA THR D 445 9.93 45.80 -10.53
C THR D 445 10.08 45.00 -9.24
N SER D 446 9.16 45.15 -8.30
CA SER D 446 9.26 44.37 -7.07
C SER D 446 8.91 42.91 -7.30
N GLY D 447 8.33 42.58 -8.46
CA GLY D 447 7.78 41.28 -8.71
C GLY D 447 6.29 41.16 -8.47
N GLY D 448 5.70 42.10 -7.74
CA GLY D 448 4.27 42.11 -7.52
C GLY D 448 3.57 42.87 -8.64
N THR D 449 2.39 43.38 -8.30
CA THR D 449 1.61 44.19 -9.25
C THR D 449 1.19 45.46 -8.54
N THR D 450 0.95 46.50 -9.34
CA THR D 450 0.62 47.82 -8.82
C THR D 450 -0.63 48.32 -9.52
N ALA D 451 -1.54 48.91 -8.75
CA ALA D 451 -2.79 49.41 -9.30
C ALA D 451 -2.55 50.74 -10.00
N LEU D 452 -3.13 50.87 -11.20
CA LEU D 452 -2.91 52.09 -11.98
C LEU D 452 -3.52 53.31 -11.32
N ARG D 453 -4.61 53.12 -10.58
CA ARG D 453 -5.30 54.22 -9.93
C ARG D 453 -6.06 53.65 -8.74
N PRO D 454 -6.27 54.45 -7.70
CA PRO D 454 -7.09 53.98 -6.58
C PRO D 454 -8.52 53.76 -7.02
N SER D 455 -9.17 52.78 -6.39
CA SER D 455 -10.52 52.42 -6.75
C SER D 455 -11.21 51.75 -5.58
N ALA D 456 -12.48 51.37 -5.80
CA ALA D 456 -13.35 50.93 -4.72
C ALA D 456 -12.72 49.85 -3.87
N SER D 457 -12.12 48.84 -4.50
CA SER D 457 -11.60 47.70 -3.75
C SER D 457 -10.35 48.07 -2.96
N THR D 458 -9.65 49.13 -3.34
CA THR D 458 -8.44 49.55 -2.66
C THR D 458 -8.69 50.61 -1.62
N GLN D 459 -9.84 51.30 -1.72
CA GLN D 459 -10.18 52.39 -0.81
C GLN D 459 -11.29 51.96 0.15
N ALA D 460 -11.53 50.66 0.23
CA ALA D 460 -12.58 50.14 1.10
C ALA D 460 -12.20 50.33 2.56
N LEU D 461 -13.24 50.50 3.38
CA LEU D 461 -13.06 50.71 4.81
C LEU D 461 -12.46 49.49 5.49
N SER D 462 -13.08 48.33 5.32
CA SER D 462 -12.54 47.07 5.79
C SER D 462 -12.16 46.23 4.57
N SER D 463 -11.10 45.43 4.71
CA SER D 463 -10.59 44.68 3.59
C SER D 463 -10.06 43.33 4.05
N SER D 464 -10.04 42.37 3.12
CA SER D 464 -9.53 41.02 3.40
C SER D 464 -9.09 40.38 2.10
N VAL D 465 -8.24 39.36 2.22
CA VAL D 465 -7.71 38.61 1.10
C VAL D 465 -7.85 37.12 1.40
N SER D 466 -8.33 36.36 0.41
CA SER D 466 -8.49 34.93 0.62
C SER D 466 -7.14 34.30 0.97
N SER D 467 -7.18 33.35 1.89
CA SER D 467 -6.01 32.57 2.30
C SER D 467 -6.17 31.11 1.90
N SER D 468 -7.02 30.85 0.91
CA SER D 468 -7.30 29.47 0.51
C SER D 468 -6.04 28.80 0.02
N LYS D 469 -5.85 27.56 0.46
CA LYS D 469 -4.69 26.77 0.05
C LYS D 469 -5.09 25.66 -0.92
N LEU D 470 -6.34 25.65 -1.37
CA LEU D 470 -6.85 24.53 -2.17
C LEU D 470 -5.97 24.27 -3.38
N PHE D 471 -5.61 25.32 -4.11
CA PHE D 471 -4.72 25.17 -5.24
C PHE D 471 -3.26 25.24 -4.84
N SER D 472 -3.00 25.57 -3.57
CA SER D 472 -1.66 25.48 -3.01
C SER D 472 -0.62 25.96 -4.01
N SER D 473 0.45 25.19 -4.18
CA SER D 473 1.45 25.46 -5.21
C SER D 473 1.47 24.32 -6.21
N SER D 474 0.47 23.43 -6.13
CA SER D 474 0.32 22.34 -7.08
C SER D 474 0.49 22.84 -8.51
N THR D 475 -0.21 23.92 -8.85
CA THR D 475 -0.10 24.51 -10.17
C THR D 475 1.29 25.17 -10.31
N ALA D 476 1.99 24.86 -11.40
CA ALA D 476 3.29 25.47 -11.64
C ALA D 476 3.13 26.95 -11.92
N PRO D 477 4.05 27.80 -11.43
CA PRO D 477 3.92 29.24 -11.66
C PRO D 477 4.33 29.60 -13.09
N HIS D 478 3.62 30.55 -13.66
CA HIS D 478 3.82 30.97 -15.03
C HIS D 478 4.68 32.23 -15.07
N GLU D 479 5.38 32.39 -16.20
CA GLU D 479 6.37 33.46 -16.28
C GLU D 479 5.65 34.80 -16.31
N THR D 480 6.20 35.77 -15.58
CA THR D 480 5.64 37.11 -15.51
C THR D 480 6.69 38.09 -16.02
N SER D 481 6.26 38.95 -16.96
CA SER D 481 7.13 39.96 -17.55
C SER D 481 6.67 41.34 -17.07
N PHE D 482 7.63 42.20 -16.77
CA PHE D 482 7.29 43.54 -16.29
C PHE D 482 6.45 44.26 -17.34
N GLY D 483 5.39 44.92 -16.87
CA GLY D 483 4.52 45.68 -17.73
C GLY D 483 3.25 44.98 -18.15
N GLU D 484 3.17 43.66 -17.97
CA GLU D 484 1.97 42.94 -18.36
C GLU D 484 0.82 43.25 -17.41
N GLU D 485 -0.39 43.29 -17.96
CA GLU D 485 -1.60 43.55 -17.19
C GLU D 485 -2.16 42.25 -16.63
N VAL D 486 -2.75 42.35 -15.43
CA VAL D 486 -3.46 41.24 -14.80
C VAL D 486 -4.71 41.79 -14.14
N GLU D 487 -5.72 40.95 -13.98
CA GLU D 487 -6.96 41.35 -13.34
C GLU D 487 -6.95 40.88 -11.89
N VAL D 488 -7.39 41.74 -10.99
CA VAL D 488 -7.54 41.41 -9.58
C VAL D 488 -9.01 41.54 -9.23
N HIS D 489 -9.63 40.44 -8.81
CA HIS D 489 -11.06 40.37 -8.55
C HIS D 489 -11.37 40.48 -7.06
N ASN D 490 -12.50 41.12 -6.78
CA ASN D 490 -12.91 41.41 -5.42
C ASN D 490 -14.41 41.25 -5.26
N LEU D 491 -14.83 40.95 -4.03
CA LEU D 491 -16.22 41.03 -3.63
C LEU D 491 -16.38 42.32 -2.83
N LEU D 492 -17.26 43.19 -3.28
CA LEU D 492 -17.52 44.44 -2.58
C LEU D 492 -18.85 44.35 -1.85
N ILE D 493 -18.87 44.80 -0.60
CA ILE D 493 -20.08 44.90 0.19
C ILE D 493 -20.43 46.38 0.26
N ILE D 494 -21.62 46.74 -0.23
CA ILE D 494 -22.01 48.13 -0.46
C ILE D 494 -23.36 48.42 0.20
N ASP D 495 -23.41 49.51 0.98
CA ASP D 495 -24.62 49.87 1.70
C ASP D 495 -25.71 50.31 0.73
N GLN D 496 -26.95 49.91 1.02
CA GLN D 496 -28.03 50.11 0.05
C GLN D 496 -28.52 51.55 -0.03
N HIS D 497 -28.24 52.38 0.97
CA HIS D 497 -28.64 53.78 0.96
C HIS D 497 -27.48 54.72 0.69
N THR D 498 -26.38 54.58 1.44
CA THR D 498 -25.22 55.43 1.23
C THR D 498 -24.39 54.97 0.05
N PHE D 499 -24.45 53.69 -0.28
CA PHE D 499 -23.61 53.13 -1.34
C PHE D 499 -22.14 53.38 -1.03
N GLU D 500 -21.80 53.15 0.24
CA GLU D 500 -20.43 53.26 0.72
C GLU D 500 -19.85 51.84 0.75
N VAL D 501 -18.61 51.71 0.31
CA VAL D 501 -17.98 50.40 0.31
C VAL D 501 -17.61 50.05 1.74
N LEU D 502 -18.30 49.07 2.30
CA LEU D 502 -18.13 48.66 3.68
C LEU D 502 -16.98 47.67 3.82
N HIS D 503 -16.84 46.79 2.83
CA HIS D 503 -15.82 45.77 2.88
C HIS D 503 -15.44 45.39 1.45
N ALA D 504 -14.17 45.09 1.24
CA ALA D 504 -13.68 44.59 -0.04
C ALA D 504 -12.89 43.33 0.24
N HIS D 505 -13.30 42.23 -0.37
CA HIS D 505 -12.60 40.96 -0.24
C HIS D 505 -11.91 40.65 -1.56
N GLN D 506 -10.60 40.48 -1.52
CA GLN D 506 -9.80 40.19 -2.70
C GLN D 506 -9.57 38.70 -2.83
N PHE D 507 -9.82 38.17 -4.01
CA PHE D 507 -9.69 36.75 -4.28
C PHE D 507 -8.26 36.39 -4.61
N LEU D 508 -8.03 35.09 -4.81
CA LEU D 508 -6.69 34.58 -5.02
C LEU D 508 -6.10 35.16 -6.30
N GLN D 509 -4.77 35.12 -6.37
CA GLN D 509 -4.06 35.54 -7.57
C GLN D 509 -4.49 34.69 -8.76
N ASN D 510 -4.84 35.38 -9.85
CA ASN D 510 -5.31 34.75 -11.09
C ASN D 510 -6.66 34.05 -10.92
N GLU D 511 -7.44 34.43 -9.91
CA GLU D 511 -8.77 33.89 -9.70
C GLU D 511 -9.79 34.92 -10.17
N TYR D 512 -10.70 34.48 -11.06
CA TYR D 512 -11.76 35.36 -11.57
C TYR D 512 -13.07 35.03 -10.87
N ALA D 513 -13.76 36.06 -10.41
CA ALA D 513 -15.09 35.92 -9.83
C ALA D 513 -16.09 36.05 -10.96
N LEU D 514 -16.89 34.99 -11.17
CA LEU D 514 -17.79 34.93 -12.32
C LEU D 514 -19.26 34.95 -11.96
N SER D 515 -19.64 34.45 -10.78
CA SER D 515 -21.04 34.32 -10.40
C SER D 515 -21.21 34.67 -8.93
N LEU D 516 -22.39 35.18 -8.59
CA LEU D 516 -22.68 35.65 -7.25
C LEU D 516 -24.15 35.45 -6.93
N VAL D 517 -24.44 34.90 -5.74
CA VAL D 517 -25.81 34.78 -5.25
C VAL D 517 -25.89 35.22 -3.80
N SER D 518 -27.09 35.61 -3.38
CA SER D 518 -27.43 35.86 -1.98
C SER D 518 -28.64 35.01 -1.65
N CYS D 519 -28.51 34.13 -0.66
CA CYS D 519 -29.62 33.23 -0.36
C CYS D 519 -29.38 32.51 0.96
N LYS D 520 -30.47 31.92 1.47
CA LYS D 520 -30.44 30.97 2.58
C LYS D 520 -30.44 29.56 1.99
N LEU D 521 -29.73 28.65 2.62
CA LEU D 521 -29.66 27.28 2.14
C LEU D 521 -30.00 26.26 3.21
N GLY D 522 -30.60 25.16 2.77
CA GLY D 522 -30.85 24.04 3.67
C GLY D 522 -31.66 24.46 4.88
N LYS D 523 -31.20 24.01 6.05
CA LYS D 523 -31.81 24.36 7.32
C LYS D 523 -31.01 25.45 8.05
N ASP D 524 -30.12 26.14 7.34
CA ASP D 524 -29.34 27.23 7.93
C ASP D 524 -30.09 28.54 7.78
N PRO D 525 -30.48 29.20 8.88
CA PRO D 525 -31.22 30.47 8.74
C PRO D 525 -30.34 31.63 8.31
N ASN D 526 -29.01 31.47 8.34
CA ASN D 526 -28.11 32.55 7.97
C ASN D 526 -28.17 32.78 6.46
N THR D 527 -28.13 34.05 6.06
CA THR D 527 -28.11 34.46 4.67
C THR D 527 -26.68 34.76 4.23
N TYR D 528 -26.25 34.14 3.13
CA TYR D 528 -24.87 34.20 2.69
C TYR D 528 -24.74 34.87 1.33
N PHE D 529 -23.55 35.46 1.09
CA PHE D 529 -23.08 35.75 -0.25
C PHE D 529 -22.23 34.59 -0.73
N ILE D 530 -22.56 34.02 -1.88
CA ILE D 530 -21.83 32.89 -2.44
C ILE D 530 -21.29 33.29 -3.80
N VAL D 531 -20.00 33.02 -4.02
CA VAL D 531 -19.30 33.43 -5.23
C VAL D 531 -18.73 32.20 -5.92
N GLY D 532 -18.94 32.11 -7.23
CA GLY D 532 -18.35 31.07 -8.06
C GLY D 532 -17.23 31.65 -8.89
N THR D 533 -16.08 30.97 -8.88
CA THR D 533 -14.85 31.50 -9.42
C THR D 533 -14.24 30.55 -10.44
N ALA D 534 -13.20 31.04 -11.12
CA ALA D 534 -12.44 30.25 -12.08
C ALA D 534 -10.97 30.64 -11.99
N MET D 535 -10.09 29.65 -12.05
CA MET D 535 -8.66 29.90 -12.10
C MET D 535 -8.25 30.10 -13.55
N VAL D 536 -7.77 31.30 -13.86
CA VAL D 536 -7.48 31.72 -15.21
C VAL D 536 -5.97 31.77 -15.35
N TYR D 537 -5.42 30.87 -16.15
CA TYR D 537 -4.02 30.92 -16.52
C TYR D 537 -3.93 31.09 -18.02
N PRO D 538 -3.08 32.00 -18.50
CA PRO D 538 -3.09 32.32 -19.94
C PRO D 538 -2.93 31.11 -20.85
N GLU D 539 -2.23 30.08 -20.39
CA GLU D 539 -1.95 28.92 -21.24
C GLU D 539 -3.19 28.07 -21.50
N GLU D 540 -4.10 27.98 -20.54
CA GLU D 540 -5.20 27.05 -20.64
C GLU D 540 -6.33 27.65 -21.46
N ALA D 541 -6.91 26.81 -22.34
CA ALA D 541 -8.04 27.26 -23.14
C ALA D 541 -9.31 27.40 -22.32
N GLU D 542 -9.62 26.38 -21.50
CA GLU D 542 -10.75 26.44 -20.60
C GLU D 542 -10.22 26.22 -19.18
N PRO D 543 -10.66 27.01 -18.20
CA PRO D 543 -10.13 26.81 -16.85
C PRO D 543 -10.38 25.39 -16.37
N LYS D 544 -9.39 24.83 -15.69
CA LYS D 544 -9.51 23.49 -15.14
C LYS D 544 -9.60 23.49 -13.62
N GLN D 545 -9.65 24.68 -13.00
CA GLN D 545 -9.75 24.81 -11.56
C GLN D 545 -10.73 25.92 -11.19
N GLY D 546 -11.35 25.77 -10.02
CA GLY D 546 -12.28 26.77 -9.55
C GLY D 546 -12.71 26.52 -8.12
N ARG D 547 -13.37 27.53 -7.54
CA ARG D 547 -13.88 27.48 -6.19
C ARG D 547 -15.30 28.03 -6.14
N ILE D 548 -16.11 27.47 -5.24
CA ILE D 548 -17.35 28.08 -4.78
C ILE D 548 -17.12 28.50 -3.33
N VAL D 549 -17.33 29.79 -3.04
CA VAL D 549 -17.00 30.34 -1.73
C VAL D 549 -18.26 30.90 -1.09
N VAL D 550 -18.46 30.56 0.19
CA VAL D 550 -19.60 31.04 0.97
C VAL D 550 -19.10 32.07 1.98
N PHE D 551 -19.65 33.27 1.90
CA PHE D 551 -19.34 34.35 2.83
C PHE D 551 -20.57 34.67 3.67
N GLN D 552 -20.34 35.17 4.89
CA GLN D 552 -21.40 35.78 5.68
C GLN D 552 -20.97 37.19 6.05
N TYR D 553 -21.80 38.18 5.73
CA TYR D 553 -21.57 39.54 6.20
C TYR D 553 -22.46 39.79 7.41
N SER D 554 -21.84 39.94 8.59
CA SER D 554 -22.58 40.14 9.83
C SER D 554 -21.76 41.02 10.75
N ASP D 555 -22.40 42.01 11.37
CA ASP D 555 -21.76 42.91 12.32
C ASP D 555 -20.52 43.57 11.72
N GLY D 556 -20.69 44.07 10.50
CA GLY D 556 -19.64 44.87 9.88
C GLY D 556 -18.44 44.11 9.36
N LYS D 557 -18.44 42.78 9.46
CA LYS D 557 -17.31 41.96 9.04
C LYS D 557 -17.78 40.84 8.12
N LEU D 558 -16.92 40.49 7.17
CA LEU D 558 -17.19 39.41 6.24
C LEU D 558 -16.40 38.18 6.64
N GLN D 559 -17.08 37.06 6.85
CA GLN D 559 -16.47 35.84 7.31
C GLN D 559 -16.56 34.80 6.20
N THR D 560 -15.45 34.12 5.92
CA THR D 560 -15.46 33.02 4.96
C THR D 560 -16.05 31.80 5.66
N VAL D 561 -17.19 31.32 5.17
CA VAL D 561 -17.89 30.25 5.87
C VAL D 561 -17.49 28.88 5.34
N ALA D 562 -17.31 28.76 4.01
CA ALA D 562 -16.99 27.46 3.43
C ALA D 562 -16.49 27.65 2.02
N GLU D 563 -15.66 26.71 1.57
CA GLU D 563 -15.13 26.71 0.22
C GLU D 563 -15.16 25.29 -0.31
N LYS D 564 -15.62 25.14 -1.56
CA LYS D 564 -15.71 23.85 -2.23
C LYS D 564 -14.91 23.96 -3.53
N GLU D 565 -14.01 23.00 -3.76
CA GLU D 565 -13.18 23.03 -4.96
C GLU D 565 -13.89 22.35 -6.11
N VAL D 566 -13.89 23.00 -7.27
CA VAL D 566 -14.46 22.44 -8.49
C VAL D 566 -13.38 22.44 -9.58
N LYS D 567 -13.57 21.56 -10.55
CA LYS D 567 -12.61 21.38 -11.64
C LYS D 567 -13.03 22.16 -12.88
N GLY D 568 -13.19 23.47 -12.74
CA GLY D 568 -13.61 24.29 -13.85
C GLY D 568 -14.08 25.66 -13.41
N ALA D 569 -14.70 26.36 -14.34
CA ALA D 569 -15.16 27.73 -14.11
C ALA D 569 -16.63 27.72 -13.73
N VAL D 570 -16.96 28.38 -12.61
CA VAL D 570 -18.33 28.46 -12.13
C VAL D 570 -18.98 29.66 -12.81
N TYR D 571 -19.50 29.43 -14.02
CA TYR D 571 -20.04 30.53 -14.80
C TYR D 571 -21.32 31.09 -14.20
N SER D 572 -22.15 30.24 -13.58
CA SER D 572 -23.46 30.68 -13.11
C SER D 572 -23.89 29.91 -11.87
N MET D 573 -24.62 30.60 -10.99
CA MET D 573 -25.21 29.98 -9.81
C MET D 573 -26.61 30.54 -9.59
N VAL D 574 -27.48 29.72 -8.99
CA VAL D 574 -28.84 30.14 -8.68
C VAL D 574 -29.38 29.25 -7.57
N GLU D 575 -30.09 29.86 -6.62
CA GLU D 575 -30.69 29.07 -5.56
C GLU D 575 -31.85 28.26 -6.11
N PHE D 576 -31.93 26.99 -5.71
CA PHE D 576 -32.89 26.02 -6.21
C PHE D 576 -33.52 25.31 -5.01
N ASN D 577 -34.63 25.84 -4.51
CA ASN D 577 -35.42 25.18 -3.48
C ASN D 577 -34.54 24.73 -2.32
N GLY D 578 -33.84 25.71 -1.75
CA GLY D 578 -32.99 25.47 -0.60
C GLY D 578 -31.63 24.87 -0.91
N LYS D 579 -31.37 24.57 -2.18
CA LYS D 579 -30.10 24.00 -2.63
C LYS D 579 -29.42 24.99 -3.58
N LEU D 580 -28.15 24.74 -3.86
CA LEU D 580 -27.35 25.63 -4.69
C LEU D 580 -27.15 24.96 -6.04
N LEU D 581 -27.66 25.59 -7.10
CA LEU D 581 -27.49 25.13 -8.46
C LEU D 581 -26.34 25.90 -9.11
N ALA D 582 -25.32 25.18 -9.55
CA ALA D 582 -24.12 25.79 -10.10
C ALA D 582 -23.71 25.10 -11.38
N SER D 583 -23.22 25.89 -12.34
CA SER D 583 -22.74 25.38 -13.62
C SER D 583 -21.23 25.49 -13.67
N ILE D 584 -20.55 24.35 -13.73
CA ILE D 584 -19.10 24.26 -13.83
C ILE D 584 -18.76 23.76 -15.23
N ASN D 585 -18.32 24.67 -16.11
CA ASN D 585 -17.99 24.30 -17.50
C ASN D 585 -19.20 23.61 -18.12
N SER D 586 -19.05 22.36 -18.54
CA SER D 586 -20.15 21.62 -19.13
C SER D 586 -21.12 21.04 -18.10
N THR D 587 -20.71 20.94 -16.85
CA THR D 587 -21.49 20.22 -15.84
C THR D 587 -22.42 21.20 -15.14
N VAL D 588 -23.67 20.80 -14.98
CA VAL D 588 -24.62 21.48 -14.11
C VAL D 588 -24.86 20.59 -12.90
N ARG D 589 -24.66 21.16 -11.71
CA ARG D 589 -24.70 20.38 -10.47
C ARG D 589 -25.63 21.01 -9.46
N LEU D 590 -26.31 20.17 -8.69
CA LEU D 590 -27.10 20.61 -7.55
C LEU D 590 -26.34 20.23 -6.28
N TYR D 591 -26.14 21.22 -5.40
CA TYR D 591 -25.42 21.03 -4.16
C TYR D 591 -26.39 21.15 -2.98
N GLU D 592 -26.19 20.32 -1.96
CA GLU D 592 -26.91 20.45 -0.71
C GLU D 592 -26.01 21.04 0.36
N TRP D 593 -26.63 21.77 1.28
CA TRP D 593 -25.95 22.47 2.38
C TRP D 593 -26.11 21.62 3.63
N THR D 594 -25.02 21.03 4.09
CA THR D 594 -25.11 20.09 5.18
C THR D 594 -25.27 20.83 6.50
N THR D 595 -25.60 20.08 7.55
CA THR D 595 -25.64 20.64 8.89
C THR D 595 -24.24 20.99 9.41
N GLU D 596 -23.18 20.50 8.76
CA GLU D 596 -21.82 20.92 9.07
C GLU D 596 -21.39 22.13 8.25
N LYS D 597 -22.35 22.80 7.60
CA LYS D 597 -22.09 24.03 6.84
C LYS D 597 -21.05 23.82 5.73
N GLU D 598 -21.25 22.79 4.92
CA GLU D 598 -20.42 22.58 3.73
C GLU D 598 -21.26 22.00 2.60
N LEU D 599 -20.88 22.36 1.38
CA LEU D 599 -21.64 21.95 0.20
C LEU D 599 -21.31 20.51 -0.17
N ARG D 600 -22.37 19.74 -0.49
CA ARG D 600 -22.26 18.34 -0.88
C ARG D 600 -23.01 18.14 -2.19
N THR D 601 -22.31 17.56 -3.17
CA THR D 601 -22.93 17.29 -4.46
C THR D 601 -24.03 16.25 -4.30
N GLU D 602 -25.18 16.50 -4.95
CA GLU D 602 -26.28 15.55 -4.96
C GLU D 602 -26.39 14.86 -6.31
N CYS D 603 -26.62 15.62 -7.38
CA CYS D 603 -26.78 15.07 -8.72
C CYS D 603 -26.14 16.00 -9.72
N ASN D 604 -25.81 15.46 -10.89
CA ASN D 604 -25.16 16.24 -11.94
C ASN D 604 -25.86 16.04 -13.28
N HIS D 605 -25.62 16.99 -14.19
CA HIS D 605 -26.02 16.90 -15.59
C HIS D 605 -24.82 17.34 -16.42
N TYR D 606 -24.55 16.61 -17.51
CA TYR D 606 -23.30 16.81 -18.22
C TYR D 606 -23.41 17.01 -19.73
N ASN D 607 -24.61 17.01 -20.31
CA ASN D 607 -24.73 17.21 -21.77
C ASN D 607 -24.78 18.70 -22.12
N ASN D 608 -23.64 19.35 -21.97
CA ASN D 608 -23.53 20.76 -22.26
C ASN D 608 -22.15 21.05 -22.79
N ILE D 609 -22.07 21.86 -23.84
CA ILE D 609 -20.78 22.29 -24.33
C ILE D 609 -20.18 23.31 -23.35
N MET D 610 -20.96 24.33 -23.00
CA MET D 610 -20.58 25.29 -21.98
C MET D 610 -21.84 25.87 -21.36
N ALA D 611 -22.09 25.57 -20.09
CA ALA D 611 -23.30 26.02 -19.41
C ALA D 611 -23.04 27.40 -18.84
N LEU D 612 -23.43 28.43 -19.59
CA LEU D 612 -23.10 29.80 -19.24
C LEU D 612 -24.17 30.47 -18.41
N TYR D 613 -25.44 30.13 -18.62
CA TYR D 613 -26.55 30.80 -17.98
C TYR D 613 -27.52 29.82 -17.36
N LEU D 614 -28.02 30.16 -16.18
CA LEU D 614 -28.97 29.35 -15.44
C LEU D 614 -30.14 30.23 -14.99
N LYS D 615 -31.35 29.68 -15.10
CA LYS D 615 -32.56 30.33 -14.62
C LYS D 615 -33.48 29.22 -14.13
N THR D 616 -34.23 29.47 -13.05
CA THR D 616 -35.06 28.43 -12.44
C THR D 616 -36.47 28.91 -12.18
N LYS D 617 -37.43 27.99 -12.37
CA LYS D 617 -38.82 28.19 -11.94
C LYS D 617 -39.30 26.85 -11.37
N GLY D 618 -39.52 26.81 -10.06
CA GLY D 618 -39.96 25.56 -9.44
C GLY D 618 -38.85 24.52 -9.45
N ASP D 619 -39.18 23.30 -9.87
CA ASP D 619 -38.21 22.24 -10.05
C ASP D 619 -37.71 22.17 -11.50
N PHE D 620 -37.93 23.21 -12.28
CA PHE D 620 -37.49 23.31 -13.66
C PHE D 620 -36.29 24.25 -13.76
N ILE D 621 -35.40 23.93 -14.68
CA ILE D 621 -34.18 24.70 -14.90
C ILE D 621 -34.03 24.98 -16.39
N LEU D 622 -33.57 26.19 -16.72
CA LEU D 622 -33.26 26.58 -18.09
C LEU D 622 -31.76 26.84 -18.17
N VAL D 623 -31.06 26.08 -19.00
CA VAL D 623 -29.61 26.14 -19.10
C VAL D 623 -29.26 26.71 -20.47
N GLY D 624 -28.40 27.72 -20.48
CA GLY D 624 -27.96 28.36 -21.70
C GLY D 624 -26.55 27.99 -22.13
N ASP D 625 -26.41 27.44 -23.34
CA ASP D 625 -25.14 26.98 -23.87
C ASP D 625 -24.54 28.02 -24.83
N LEU D 626 -23.22 27.90 -25.03
CA LEU D 626 -22.53 28.82 -25.92
C LEU D 626 -22.99 28.65 -27.36
N MET D 627 -23.33 27.43 -27.79
CA MET D 627 -23.73 27.21 -29.18
C MET D 627 -24.94 26.34 -29.36
N ARG D 628 -25.34 25.54 -28.38
CA ARG D 628 -26.46 24.64 -28.53
C ARG D 628 -27.68 25.16 -27.79
N SER D 629 -27.76 26.48 -27.64
CA SER D 629 -29.00 27.15 -27.26
C SER D 629 -29.41 26.84 -25.84
N VAL D 630 -30.69 26.56 -25.63
CA VAL D 630 -31.24 26.43 -24.28
C VAL D 630 -31.80 25.03 -24.08
N LEU D 631 -31.64 24.55 -22.84
CA LEU D 631 -32.13 23.24 -22.43
C LEU D 631 -33.04 23.40 -21.22
N LEU D 632 -34.18 22.72 -21.25
CA LEU D 632 -35.10 22.71 -20.12
C LEU D 632 -34.80 21.44 -19.32
N LEU D 633 -34.18 21.61 -18.16
CA LEU D 633 -33.95 20.49 -17.25
C LEU D 633 -35.06 20.49 -16.20
N ALA D 634 -35.25 19.35 -15.58
CA ALA D 634 -36.18 19.25 -14.47
C ALA D 634 -35.53 18.38 -13.40
N TYR D 635 -35.65 18.83 -12.17
CA TYR D 635 -35.21 18.07 -11.01
C TYR D 635 -36.32 17.09 -10.65
N LYS D 636 -36.00 15.80 -10.60
CA LYS D 636 -37.00 14.82 -10.23
C LYS D 636 -36.74 14.44 -8.78
N PRO D 637 -37.44 15.04 -7.81
CA PRO D 637 -37.06 14.82 -6.41
C PRO D 637 -37.20 13.38 -5.96
N MET D 638 -38.15 12.61 -6.52
CA MET D 638 -38.26 11.22 -6.09
C MET D 638 -36.99 10.42 -6.35
N GLU D 639 -36.25 10.75 -7.41
CA GLU D 639 -35.03 10.02 -7.71
C GLU D 639 -33.78 10.77 -7.28
N GLY D 640 -33.85 12.07 -7.08
CA GLY D 640 -32.68 12.85 -6.72
C GLY D 640 -31.70 13.05 -7.85
N ASN D 641 -32.20 13.38 -9.04
CA ASN D 641 -31.35 13.58 -10.21
C ASN D 641 -32.08 14.50 -11.19
N PHE D 642 -31.42 14.77 -12.31
CA PHE D 642 -31.96 15.62 -13.36
C PHE D 642 -32.53 14.76 -14.49
N GLU D 643 -33.53 15.29 -15.17
CA GLU D 643 -34.10 14.67 -16.37
C GLU D 643 -34.18 15.75 -17.45
N GLU D 644 -33.74 15.41 -18.66
CA GLU D 644 -33.79 16.34 -19.76
C GLU D 644 -35.22 16.39 -20.30
N ILE D 645 -35.86 17.55 -20.20
CA ILE D 645 -37.24 17.69 -20.65
C ILE D 645 -37.30 18.02 -22.15
N ALA D 646 -36.61 19.08 -22.57
CA ALA D 646 -36.69 19.54 -23.95
C ALA D 646 -35.55 20.48 -24.26
N ARG D 647 -35.05 20.43 -25.50
CA ARG D 647 -33.95 21.28 -25.93
C ARG D 647 -34.25 21.96 -27.25
N ASP D 648 -33.67 23.15 -27.42
CA ASP D 648 -33.75 23.88 -28.69
C ASP D 648 -32.59 23.34 -29.52
N PHE D 649 -32.88 22.38 -30.40
CA PHE D 649 -31.79 21.76 -31.16
C PHE D 649 -31.18 22.74 -32.15
N ASN D 650 -31.95 23.73 -32.59
CA ASN D 650 -31.39 24.77 -33.47
C ASN D 650 -30.18 25.40 -32.80
N PRO D 651 -29.07 25.63 -33.54
CA PRO D 651 -27.88 26.19 -32.88
C PRO D 651 -27.89 27.71 -32.87
N ASN D 652 -27.78 28.30 -31.68
CA ASN D 652 -27.68 29.74 -31.52
C ASN D 652 -26.62 30.05 -30.47
N TRP D 653 -25.89 31.16 -30.67
CA TRP D 653 -24.97 31.63 -29.63
C TRP D 653 -25.77 32.46 -28.62
N MET D 654 -25.69 32.07 -27.34
CA MET D 654 -26.52 32.66 -26.31
C MET D 654 -25.76 33.73 -25.54
N SER D 655 -26.45 34.84 -25.25
CA SER D 655 -25.92 35.89 -24.40
C SER D 655 -26.65 36.03 -23.07
N ALA D 656 -27.91 35.61 -23.01
CA ALA D 656 -28.69 35.63 -21.79
C ALA D 656 -29.96 34.84 -22.04
N VAL D 657 -30.51 34.26 -20.96
CA VAL D 657 -31.74 33.49 -21.06
C VAL D 657 -32.67 33.95 -19.94
N GLU D 658 -33.94 33.61 -20.08
CA GLU D 658 -34.93 33.92 -19.06
C GLU D 658 -36.13 33.01 -19.25
N ILE D 659 -36.76 32.65 -18.13
CA ILE D 659 -37.99 31.88 -18.14
C ILE D 659 -39.13 32.88 -18.09
N LEU D 660 -40.04 32.80 -19.04
CA LEU D 660 -41.21 33.66 -19.03
C LEU D 660 -42.34 33.06 -18.20
N ASP D 661 -42.66 31.79 -18.45
CA ASP D 661 -43.67 31.06 -17.70
C ASP D 661 -43.34 29.58 -17.85
N ASP D 662 -44.23 28.73 -17.31
CA ASP D 662 -43.92 27.31 -17.27
C ASP D 662 -43.70 26.71 -18.65
N ASP D 663 -44.14 27.40 -19.71
CA ASP D 663 -44.03 26.87 -21.06
C ASP D 663 -43.16 27.69 -21.99
N ASN D 664 -42.97 28.98 -21.73
CA ASN D 664 -42.22 29.86 -22.62
C ASN D 664 -40.84 30.18 -22.05
N PHE D 665 -39.85 30.23 -22.94
CA PHE D 665 -38.46 30.51 -22.58
C PHE D 665 -37.91 31.54 -23.54
N LEU D 666 -37.28 32.58 -23.00
CA LEU D 666 -36.79 33.72 -23.76
C LEU D 666 -35.27 33.72 -23.78
N GLY D 667 -34.70 34.04 -24.95
CA GLY D 667 -33.26 34.03 -25.12
C GLY D 667 -32.77 35.18 -25.95
N ALA D 668 -31.48 35.48 -25.78
CA ALA D 668 -30.80 36.56 -26.47
C ALA D 668 -29.58 36.00 -27.19
N GLU D 669 -29.44 36.32 -28.48
CA GLU D 669 -28.37 35.80 -29.31
C GLU D 669 -27.29 36.86 -29.51
N ASN D 670 -26.07 36.40 -29.78
CA ASN D 670 -24.99 37.34 -30.08
C ASN D 670 -25.21 38.07 -31.39
N ALA D 671 -26.22 37.70 -32.15
CA ALA D 671 -26.59 38.39 -33.37
C ALA D 671 -27.57 39.51 -33.13
N PHE D 672 -27.63 40.05 -31.92
CA PHE D 672 -28.57 41.11 -31.59
C PHE D 672 -30.01 40.65 -31.80
N ASN D 673 -30.23 39.34 -31.64
CA ASN D 673 -31.52 38.71 -31.86
C ASN D 673 -32.12 38.21 -30.56
N LEU D 674 -33.45 38.17 -30.53
CA LEU D 674 -34.22 37.64 -29.41
C LEU D 674 -35.14 36.55 -29.95
N PHE D 675 -35.18 35.40 -29.28
CA PHE D 675 -36.03 34.30 -29.72
C PHE D 675 -36.75 33.71 -28.53
N VAL D 676 -37.91 33.12 -28.78
CA VAL D 676 -38.72 32.50 -27.74
C VAL D 676 -39.11 31.10 -28.22
N CYS D 677 -38.66 30.08 -27.49
CA CYS D 677 -39.00 28.70 -27.75
C CYS D 677 -39.86 28.17 -26.59
N GLN D 678 -40.73 27.22 -26.92
CA GLN D 678 -41.63 26.65 -25.92
C GLN D 678 -41.79 25.14 -26.12
N LYS D 679 -42.21 24.47 -25.05
CA LYS D 679 -42.60 23.07 -25.15
C LYS D 679 -43.69 22.91 -26.20
N ASP D 680 -43.53 21.87 -27.04
CA ASP D 680 -44.42 21.70 -28.19
C ASP D 680 -45.81 21.26 -27.78
N SER D 681 -45.92 20.32 -26.84
CA SER D 681 -47.20 19.85 -26.34
C SER D 681 -48.13 19.42 -27.47
N ALA D 682 -47.56 18.90 -28.56
CA ALA D 682 -48.33 18.39 -29.68
C ALA D 682 -47.83 17.04 -30.16
N ALA D 683 -48.75 16.27 -30.75
CA ALA D 683 -48.54 14.94 -31.30
C ALA D 683 -48.20 13.87 -30.27
N THR D 684 -48.16 14.23 -28.98
CA THR D 684 -47.95 13.26 -27.90
C THR D 684 -46.89 12.21 -28.22
N THR D 685 -45.79 12.63 -28.85
CA THR D 685 -44.66 11.77 -29.16
C THR D 685 -43.48 12.18 -28.27
N ASP D 686 -42.77 11.19 -27.72
CA ASP D 686 -41.64 11.53 -26.85
C ASP D 686 -40.61 12.37 -27.60
N GLU D 687 -40.42 12.08 -28.89
CA GLU D 687 -39.51 12.87 -29.71
C GLU D 687 -40.01 14.29 -29.87
N GLU D 688 -41.30 14.45 -30.13
CA GLU D 688 -41.88 15.78 -30.25
C GLU D 688 -41.78 16.53 -28.92
N ARG D 689 -42.05 15.84 -27.81
CA ARG D 689 -41.99 16.48 -26.50
C ARG D 689 -40.60 17.04 -26.20
N GLN D 690 -39.56 16.30 -26.55
CA GLN D 690 -38.19 16.74 -26.30
C GLN D 690 -37.69 17.79 -27.28
N HIS D 691 -38.52 18.28 -28.18
CA HIS D 691 -38.10 19.33 -29.12
C HIS D 691 -38.70 20.65 -28.65
N LEU D 692 -37.83 21.59 -28.29
CA LEU D 692 -38.26 22.95 -28.00
C LEU D 692 -38.27 23.70 -29.33
N GLN D 693 -39.43 24.22 -29.71
CA GLN D 693 -39.58 24.86 -31.01
C GLN D 693 -39.47 26.36 -30.89
N GLU D 694 -38.59 26.95 -31.70
CA GLU D 694 -38.49 28.40 -31.79
C GLU D 694 -39.76 28.95 -32.42
N VAL D 695 -40.59 29.59 -31.60
CA VAL D 695 -41.85 30.16 -32.05
C VAL D 695 -41.81 31.67 -32.15
N GLY D 696 -40.80 32.33 -31.55
CA GLY D 696 -40.63 33.76 -31.63
C GLY D 696 -39.27 34.17 -32.15
N LEU D 697 -39.24 35.13 -33.08
CA LEU D 697 -37.99 35.64 -33.64
C LEU D 697 -38.06 37.15 -33.77
N PHE D 698 -37.00 37.84 -33.32
CA PHE D 698 -36.99 39.30 -33.30
C PHE D 698 -35.55 39.82 -33.34
N HIS D 699 -35.32 40.84 -34.17
CA HIS D 699 -34.00 41.48 -34.22
C HIS D 699 -34.03 42.71 -33.32
N LEU D 700 -33.60 42.55 -32.07
CA LEU D 700 -33.61 43.68 -31.14
C LEU D 700 -32.70 44.79 -31.62
N GLY D 701 -31.47 44.45 -32.02
CA GLY D 701 -30.49 45.43 -32.40
C GLY D 701 -29.60 45.89 -31.26
N GLU D 702 -29.80 45.36 -30.07
CA GLU D 702 -28.95 45.64 -28.92
C GLU D 702 -28.49 44.29 -28.40
N PHE D 703 -27.38 44.29 -27.68
CA PHE D 703 -26.78 43.07 -27.14
C PHE D 703 -27.25 42.90 -25.71
N VAL D 704 -28.12 41.93 -25.47
CA VAL D 704 -28.67 41.73 -24.14
C VAL D 704 -27.64 40.97 -23.32
N ASN D 705 -27.23 41.56 -22.18
CA ASN D 705 -26.36 40.84 -21.25
C ASN D 705 -27.12 40.21 -20.08
N VAL D 706 -28.20 40.82 -19.61
CA VAL D 706 -28.86 40.38 -18.39
C VAL D 706 -30.37 40.52 -18.55
N PHE D 707 -31.09 39.44 -18.23
CA PHE D 707 -32.55 39.45 -18.13
C PHE D 707 -32.94 39.47 -16.66
N CYS D 708 -33.91 40.33 -16.31
CA CYS D 708 -34.31 40.51 -14.92
C CYS D 708 -35.81 40.76 -14.83
N HIS D 709 -36.50 39.90 -14.08
CA HIS D 709 -37.92 40.08 -13.80
C HIS D 709 -38.14 41.29 -12.91
N GLY D 710 -39.14 42.10 -13.25
CA GLY D 710 -39.47 43.26 -12.44
C GLY D 710 -40.00 44.39 -13.30
N SER D 711 -40.52 45.41 -12.61
CA SER D 711 -40.98 46.62 -13.29
C SER D 711 -40.61 47.85 -12.48
N LEU D 712 -40.27 48.92 -13.20
CA LEU D 712 -39.94 50.18 -12.55
C LEU D 712 -41.17 51.02 -12.24
N VAL D 713 -42.25 50.78 -12.94
CA VAL D 713 -43.49 51.52 -12.70
C VAL D 713 -44.09 50.99 -11.41
N MET D 714 -44.79 51.87 -10.70
CA MET D 714 -45.42 51.49 -9.44
C MET D 714 -46.45 50.40 -9.66
N GLN D 715 -46.45 49.43 -8.74
CA GLN D 715 -47.39 48.32 -8.73
C GLN D 715 -48.32 48.54 -7.56
N ASN D 716 -49.61 48.66 -7.84
CA ASN D 716 -50.63 48.85 -6.81
C ASN D 716 -51.28 47.52 -6.53
N LEU D 717 -51.29 47.13 -5.25
CA LEU D 717 -51.81 45.83 -4.87
C LEU D 717 -53.23 45.62 -5.37
N GLY D 718 -53.92 46.69 -5.76
CA GLY D 718 -55.27 46.53 -6.24
C GLY D 718 -55.23 45.99 -7.67
N GLU D 719 -56.09 45.01 -7.92
CA GLU D 719 -56.05 44.30 -9.19
C GLU D 719 -56.48 45.21 -10.34
N THR D 720 -55.61 45.33 -11.34
CA THR D 720 -55.87 46.10 -12.54
C THR D 720 -55.73 45.17 -13.74
N SER D 721 -56.74 45.14 -14.62
CA SER D 721 -56.68 44.26 -15.78
C SER D 721 -55.84 44.93 -16.86
N THR D 722 -54.50 44.75 -16.75
CA THR D 722 -53.63 45.29 -17.78
C THR D 722 -53.68 44.36 -19.00
N PRO D 723 -53.54 44.89 -20.21
CA PRO D 723 -53.43 43.99 -21.37
C PRO D 723 -52.17 43.14 -21.33
N THR D 724 -51.06 43.73 -20.90
CA THR D 724 -49.80 43.04 -20.81
C THR D 724 -49.76 42.12 -19.60
N GLN D 725 -49.18 40.95 -19.78
CA GLN D 725 -48.97 39.97 -18.73
C GLN D 725 -47.48 39.72 -18.58
N GLY D 726 -46.96 39.87 -17.37
CA GLY D 726 -45.55 39.66 -17.11
C GLY D 726 -44.72 40.92 -17.32
N SER D 727 -43.48 40.87 -16.83
CA SER D 727 -42.57 42.02 -16.99
C SER D 727 -41.13 41.55 -16.82
N VAL D 728 -40.36 41.58 -17.90
CA VAL D 728 -38.93 41.29 -17.87
C VAL D 728 -38.17 42.50 -18.38
N LEU D 729 -37.27 43.03 -17.55
CA LEU D 729 -36.35 44.09 -17.98
C LEU D 729 -35.04 43.47 -18.45
N PHE D 730 -34.43 44.08 -19.47
CA PHE D 730 -33.13 43.62 -19.93
C PHE D 730 -32.17 44.79 -20.14
N GLY D 731 -30.90 44.56 -19.78
CA GLY D 731 -29.85 45.55 -19.94
C GLY D 731 -28.92 45.15 -21.08
N THR D 732 -28.32 46.14 -21.73
CA THR D 732 -27.56 45.90 -22.95
C THR D 732 -26.22 46.64 -22.93
N VAL D 733 -25.43 46.37 -23.96
CA VAL D 733 -24.08 46.91 -24.07
C VAL D 733 -24.08 48.41 -24.30
N ASN D 734 -25.07 48.93 -25.00
CA ASN D 734 -25.12 50.36 -25.32
C ASN D 734 -25.89 51.17 -24.27
N GLY D 735 -26.23 50.58 -23.14
CA GLY D 735 -26.94 51.29 -22.10
C GLY D 735 -28.44 51.23 -22.26
N MET D 736 -28.93 50.75 -23.40
CA MET D 736 -30.36 50.58 -23.61
C MET D 736 -30.94 49.61 -22.60
N ILE D 737 -32.05 50.01 -21.99
CA ILE D 737 -32.81 49.16 -21.09
C ILE D 737 -34.17 48.92 -21.72
N GLY D 738 -34.56 47.65 -21.84
CA GLY D 738 -35.78 47.28 -22.50
C GLY D 738 -36.64 46.40 -21.61
N LEU D 739 -37.87 46.18 -22.07
CA LEU D 739 -38.86 45.42 -21.31
C LEU D 739 -39.60 44.46 -22.23
N VAL D 740 -39.70 43.20 -21.78
CA VAL D 740 -40.42 42.17 -22.50
C VAL D 740 -41.67 41.80 -21.70
N THR D 741 -42.79 41.64 -22.39
CA THR D 741 -44.03 41.21 -21.76
C THR D 741 -44.80 40.38 -22.78
N SER D 742 -45.69 39.52 -22.28
CA SER D 742 -46.47 38.62 -23.12
C SER D 742 -47.86 39.16 -23.35
N LEU D 743 -48.50 38.67 -24.41
CA LEU D 743 -49.83 39.12 -24.80
C LEU D 743 -50.79 37.94 -24.92
N SER D 744 -52.08 38.26 -24.85
CA SER D 744 -53.10 37.28 -25.20
C SER D 744 -53.23 37.24 -26.72
N GLU D 745 -53.74 36.11 -27.22
CA GLU D 745 -53.90 35.99 -28.66
C GLU D 745 -54.75 37.13 -29.20
N SER D 746 -55.78 37.54 -28.45
CA SER D 746 -56.61 38.65 -28.88
C SER D 746 -55.77 39.90 -29.10
N TRP D 747 -54.86 40.19 -28.17
CA TRP D 747 -54.08 41.42 -28.21
C TRP D 747 -52.99 41.39 -29.28
N TYR D 748 -52.30 40.26 -29.45
CA TYR D 748 -51.25 40.20 -30.46
C TYR D 748 -51.80 40.57 -31.83
N ASN D 749 -52.90 39.94 -32.23
CA ASN D 749 -53.46 40.19 -33.56
C ASN D 749 -53.83 41.65 -33.78
N LEU D 750 -54.42 42.31 -32.77
CA LEU D 750 -54.71 43.73 -32.96
C LEU D 750 -53.42 44.52 -33.20
N LEU D 751 -52.44 44.34 -32.30
CA LEU D 751 -51.22 45.13 -32.37
C LEU D 751 -50.43 44.81 -33.63
N LEU D 752 -50.44 43.55 -34.05
CA LEU D 752 -49.77 43.19 -35.31
C LEU D 752 -50.42 43.89 -36.49
N ASP D 753 -51.75 43.87 -36.53
CA ASP D 753 -52.48 44.54 -37.61
C ASP D 753 -52.15 46.02 -37.67
N MET D 754 -51.98 46.67 -36.51
CA MET D 754 -51.64 48.08 -36.49
C MET D 754 -50.24 48.32 -37.03
N GLN D 755 -49.30 47.45 -36.69
CA GLN D 755 -47.94 47.59 -37.22
C GLN D 755 -47.96 47.63 -38.75
N ASN D 756 -48.66 46.69 -39.37
CA ASN D 756 -48.77 46.70 -40.83
C ASN D 756 -49.44 47.97 -41.33
N ARG D 757 -50.37 48.53 -40.57
CA ARG D 757 -51.00 49.79 -40.94
C ARG D 757 -50.08 50.98 -40.70
N LEU D 758 -49.41 51.00 -39.54
CA LEU D 758 -48.52 52.10 -39.22
C LEU D 758 -47.38 52.20 -40.22
N ASN D 759 -46.91 51.04 -40.70
CA ASN D 759 -45.77 51.02 -41.61
C ASN D 759 -46.10 51.68 -42.95
N LYS D 760 -47.35 51.57 -43.41
CA LYS D 760 -47.73 52.26 -44.65
C LYS D 760 -47.78 53.77 -44.46
N VAL D 761 -48.03 54.22 -43.23
CA VAL D 761 -48.25 55.63 -42.93
C VAL D 761 -46.95 56.36 -42.62
N ILE D 762 -46.10 55.75 -41.81
CA ILE D 762 -44.94 56.44 -41.26
C ILE D 762 -43.79 56.40 -42.26
N LYS D 763 -43.14 57.55 -42.45
CA LYS D 763 -41.98 57.67 -43.32
C LYS D 763 -40.75 57.42 -42.45
N SER D 764 -39.94 56.42 -42.82
CA SER D 764 -38.74 56.11 -42.04
C SER D 764 -37.54 56.85 -42.61
N VAL D 765 -36.60 57.18 -41.73
CA VAL D 765 -35.37 57.81 -42.17
C VAL D 765 -34.62 56.82 -43.07
N GLY D 766 -34.21 57.30 -44.24
CA GLY D 766 -33.58 56.44 -45.23
C GLY D 766 -34.53 55.54 -45.96
N LYS D 767 -35.82 55.60 -45.65
CA LYS D 767 -36.83 54.76 -46.28
C LYS D 767 -36.48 53.28 -46.13
N ILE D 768 -36.16 52.88 -44.90
CA ILE D 768 -35.86 51.50 -44.57
C ILE D 768 -37.17 50.80 -44.19
N GLU D 769 -37.48 49.72 -44.88
CA GLU D 769 -38.66 48.92 -44.56
C GLU D 769 -38.57 48.36 -43.16
N HIS D 770 -39.61 48.60 -42.36
CA HIS D 770 -39.60 48.13 -40.98
C HIS D 770 -39.53 46.61 -40.90
N SER D 771 -40.28 45.92 -41.75
CA SER D 771 -40.32 44.46 -41.68
C SER D 771 -38.92 43.87 -41.81
N PHE D 772 -38.06 44.50 -42.62
CA PHE D 772 -36.69 44.01 -42.77
C PHE D 772 -35.86 44.25 -41.51
N TRP D 773 -36.04 45.41 -40.87
CA TRP D 773 -35.23 45.77 -39.71
C TRP D 773 -35.44 44.79 -38.57
N ARG D 774 -36.69 44.40 -38.30
CA ARG D 774 -36.96 43.45 -37.22
C ARG D 774 -36.81 42.00 -37.65
N SER D 775 -36.54 41.73 -38.93
CA SER D 775 -36.33 40.36 -39.39
C SER D 775 -35.11 39.75 -38.73
N PHE D 776 -35.31 38.58 -38.10
CA PHE D 776 -34.21 37.78 -37.56
C PHE D 776 -33.06 37.67 -38.54
N HIS D 777 -31.85 38.01 -38.08
CA HIS D 777 -30.71 38.06 -38.99
C HIS D 777 -29.45 37.54 -38.31
N THR D 778 -28.91 36.45 -38.84
CA THR D 778 -27.56 35.97 -38.56
C THR D 778 -26.80 36.07 -39.88
N GLU D 779 -25.47 35.96 -39.82
CA GLU D 779 -24.70 35.98 -41.06
C GLU D 779 -25.25 34.96 -42.06
N ARG D 780 -25.77 33.83 -41.56
CA ARG D 780 -26.19 32.72 -42.41
C ARG D 780 -27.68 32.70 -42.71
N LYS D 781 -28.55 33.01 -41.74
CA LYS D 781 -29.97 32.94 -41.97
C LYS D 781 -30.60 34.30 -41.73
N THR D 782 -31.67 34.57 -42.48
CA THR D 782 -32.49 35.77 -42.33
C THR D 782 -33.93 35.30 -42.41
N GLU D 783 -34.70 35.55 -41.35
CA GLU D 783 -36.07 35.10 -41.25
C GLU D 783 -36.96 36.28 -40.89
N PRO D 784 -38.22 36.27 -41.33
CA PRO D 784 -39.15 37.31 -40.89
C PRO D 784 -39.45 37.15 -39.41
N ALA D 785 -39.60 38.28 -38.72
CA ALA D 785 -39.93 38.22 -37.30
C ALA D 785 -41.29 37.57 -37.10
N THR D 786 -41.46 36.95 -35.94
CA THR D 786 -42.70 36.27 -35.60
C THR D 786 -42.84 36.23 -34.09
N GLY D 787 -44.08 36.36 -33.62
CA GLY D 787 -44.37 36.28 -32.20
C GLY D 787 -44.02 37.49 -31.39
N PHE D 788 -43.68 38.61 -32.03
CA PHE D 788 -43.23 39.80 -31.32
C PHE D 788 -43.92 41.04 -31.87
N ILE D 789 -44.27 41.97 -30.97
CA ILE D 789 -44.85 43.25 -31.34
C ILE D 789 -43.83 44.34 -31.04
N ASP D 790 -43.40 45.07 -32.05
CA ASP D 790 -42.44 46.15 -31.83
C ASP D 790 -43.15 47.26 -31.06
N GLY D 791 -43.00 47.24 -29.73
CA GLY D 791 -43.70 48.20 -28.89
C GLY D 791 -43.35 49.63 -29.19
N ASP D 792 -42.11 49.90 -29.61
CA ASP D 792 -41.74 51.27 -29.93
C ASP D 792 -42.50 51.78 -31.16
N LEU D 793 -42.85 50.88 -32.09
CA LEU D 793 -43.67 51.27 -33.23
C LEU D 793 -45.11 51.54 -32.80
N ILE D 794 -45.67 50.69 -31.94
CA ILE D 794 -47.03 50.90 -31.46
C ILE D 794 -47.13 52.25 -30.75
N GLU D 795 -46.13 52.57 -29.93
CA GLU D 795 -46.17 53.81 -29.15
C GLU D 795 -45.98 55.05 -30.00
N SER D 796 -45.50 54.92 -31.23
CA SER D 796 -45.41 56.08 -32.12
C SER D 796 -46.76 56.50 -32.69
N PHE D 797 -47.77 55.61 -32.63
CA PHE D 797 -49.12 55.97 -33.06
C PHE D 797 -49.60 57.26 -32.37
N LEU D 798 -49.23 57.44 -31.11
CA LEU D 798 -49.64 58.62 -30.37
C LEU D 798 -48.97 59.89 -30.87
N ASP D 799 -47.91 59.78 -31.69
CA ASP D 799 -47.16 60.94 -32.14
C ASP D 799 -47.41 61.34 -33.58
N ILE D 800 -48.20 60.58 -34.35
CA ILE D 800 -48.53 60.95 -35.72
C ILE D 800 -49.74 61.87 -35.71
N SER D 801 -49.84 62.72 -36.73
CA SER D 801 -50.88 63.75 -36.75
C SER D 801 -52.26 63.11 -36.82
N ARG D 802 -53.28 63.88 -36.41
CA ARG D 802 -54.63 63.36 -36.39
C ARG D 802 -55.03 62.82 -37.76
N PRO D 803 -54.73 63.47 -38.87
CA PRO D 803 -55.05 62.88 -40.19
C PRO D 803 -54.50 61.48 -40.38
N LYS D 804 -53.25 61.23 -39.99
CA LYS D 804 -52.65 59.91 -40.20
C LYS D 804 -53.29 58.86 -39.30
N MET D 805 -53.63 59.24 -38.06
CA MET D 805 -54.32 58.31 -37.18
C MET D 805 -55.62 57.81 -37.80
N GLN D 806 -56.38 58.73 -38.41
CA GLN D 806 -57.63 58.34 -39.05
C GLN D 806 -57.37 57.43 -40.23
N GLU D 807 -56.26 57.66 -40.95
CA GLU D 807 -55.87 56.73 -42.01
C GLU D 807 -55.56 55.34 -41.49
N VAL D 808 -54.95 55.26 -40.30
CA VAL D 808 -54.51 53.97 -39.78
C VAL D 808 -55.72 53.08 -39.48
N VAL D 809 -56.76 53.66 -38.88
CA VAL D 809 -57.93 52.89 -38.45
C VAL D 809 -58.92 52.58 -39.56
N ALA D 810 -58.68 53.06 -40.79
CA ALA D 810 -59.62 52.80 -41.87
C ALA D 810 -59.82 51.30 -42.05
N ASN D 811 -61.08 50.87 -42.08
CA ASN D 811 -61.46 49.48 -42.24
C ASN D 811 -60.91 48.59 -41.12
N LEU D 812 -60.72 49.16 -39.94
CA LEU D 812 -60.23 48.43 -38.78
C LEU D 812 -61.41 48.20 -37.84
N GLN D 813 -61.66 46.94 -37.48
CA GLN D 813 -62.75 46.63 -36.57
C GLN D 813 -62.13 46.47 -35.18
N TYR D 814 -62.87 46.89 -34.17
CA TYR D 814 -62.35 46.96 -32.81
C TYR D 814 -63.01 45.91 -31.93
N ASP D 815 -62.28 45.48 -30.92
CA ASP D 815 -62.74 44.47 -29.97
C ASP D 815 -63.02 45.22 -28.68
N ASP D 816 -64.29 45.39 -28.35
CA ASP D 816 -64.69 46.05 -27.11
C ASP D 816 -64.43 45.20 -25.87
N GLY D 817 -64.05 43.94 -26.02
CA GLY D 817 -63.98 43.04 -24.90
C GLY D 817 -65.32 42.53 -24.42
N SER D 818 -66.41 43.19 -24.81
CA SER D 818 -67.76 42.75 -24.56
C SER D 818 -68.26 41.76 -25.59
N GLY D 819 -67.38 41.22 -26.42
CA GLY D 819 -67.79 40.38 -27.51
C GLY D 819 -68.26 41.17 -28.71
N MET D 820 -68.35 42.50 -28.59
CA MET D 820 -68.85 43.35 -29.65
C MET D 820 -67.66 43.80 -30.50
N LYS D 821 -67.86 43.77 -31.81
CA LYS D 821 -66.85 44.17 -32.78
C LYS D 821 -67.41 45.33 -33.60
N ARG D 822 -66.67 46.44 -33.64
CA ARG D 822 -67.19 47.63 -34.29
C ARG D 822 -66.05 48.36 -35.00
N GLU D 823 -66.42 49.27 -35.92
CA GLU D 823 -65.43 50.04 -36.64
C GLU D 823 -64.62 50.86 -35.63
N ALA D 824 -63.30 50.82 -35.76
CA ALA D 824 -62.46 51.50 -34.79
C ALA D 824 -62.41 53.00 -35.08
N THR D 825 -62.22 53.78 -34.03
CA THR D 825 -62.00 55.21 -34.13
C THR D 825 -60.59 55.50 -33.62
N ALA D 826 -60.07 56.68 -33.98
CA ALA D 826 -58.74 57.06 -33.50
C ALA D 826 -58.71 57.18 -31.99
N ASP D 827 -59.86 57.47 -31.38
CA ASP D 827 -59.95 57.57 -29.92
C ASP D 827 -59.90 56.20 -29.25
N ASP D 828 -60.42 55.16 -29.90
CA ASP D 828 -60.34 53.82 -29.32
C ASP D 828 -58.89 53.36 -29.22
N LEU D 829 -58.13 53.51 -30.29
CA LEU D 829 -56.74 53.04 -30.30
C LEU D 829 -55.86 53.91 -29.40
N ILE D 830 -56.13 55.21 -29.33
CA ILE D 830 -55.35 56.09 -28.47
C ILE D 830 -55.47 55.64 -27.02
N LYS D 831 -56.67 55.21 -26.61
CA LYS D 831 -56.83 54.69 -25.26
C LYS D 831 -56.01 53.41 -25.07
N VAL D 832 -55.98 52.56 -26.11
CA VAL D 832 -55.24 51.31 -26.01
C VAL D 832 -53.74 51.58 -25.91
N VAL D 833 -53.21 52.40 -26.82
CA VAL D 833 -51.77 52.65 -26.83
C VAL D 833 -51.34 53.34 -25.54
N GLU D 834 -52.14 54.30 -25.07
CA GLU D 834 -51.78 55.00 -23.84
C GLU D 834 -51.68 54.02 -22.67
N GLU D 835 -52.53 52.99 -22.67
CA GLU D 835 -52.42 51.93 -21.66
C GLU D 835 -51.09 51.20 -21.79
N LEU D 836 -50.62 50.99 -23.02
CA LEU D 836 -49.37 50.27 -23.20
C LEU D 836 -48.18 51.13 -22.78
N THR D 837 -48.31 52.45 -22.81
CA THR D 837 -47.22 53.30 -22.34
C THR D 837 -47.04 53.27 -20.83
N ARG D 838 -48.01 52.72 -20.10
CA ARG D 838 -47.93 52.72 -18.64
C ARG D 838 -47.26 51.47 -18.07
N ILE D 839 -46.77 50.57 -18.92
CA ILE D 839 -46.07 49.39 -18.42
C ILE D 839 -44.60 49.66 -18.13
N HIS D 840 -44.12 50.84 -18.45
CA HIS D 840 -42.71 51.20 -18.26
C HIS D 840 -42.53 52.67 -17.96
N THR E 7 -17.37 -12.43 -28.03
CA THR E 7 -16.29 -11.82 -28.80
C THR E 7 -16.73 -10.43 -29.28
N GLU E 8 -15.78 -9.69 -29.84
CA GLU E 8 -16.05 -8.34 -30.34
C GLU E 8 -17.07 -8.31 -31.47
N SER E 9 -17.33 -9.44 -32.11
CA SER E 9 -18.13 -9.46 -33.33
C SER E 9 -19.60 -9.77 -33.12
N ASP E 10 -20.00 -10.27 -31.94
CA ASP E 10 -21.38 -10.71 -31.72
C ASP E 10 -22.25 -9.51 -31.33
N TRP E 11 -22.72 -8.81 -32.36
CA TRP E 11 -23.56 -7.63 -32.20
C TRP E 11 -25.01 -8.04 -31.97
N GLY E 12 -25.80 -7.10 -31.43
CA GLY E 12 -27.21 -7.32 -31.22
C GLY E 12 -27.55 -8.03 -29.93
N LYS E 13 -26.54 -8.50 -29.19
CA LYS E 13 -26.74 -9.29 -27.98
C LYS E 13 -26.54 -8.48 -26.72
N ARG E 14 -25.46 -7.70 -26.65
CA ARG E 14 -25.16 -6.86 -25.50
C ARG E 14 -26.26 -5.84 -25.27
N CYS E 15 -26.58 -5.61 -23.99
CA CYS E 15 -27.68 -4.74 -23.60
C CYS E 15 -27.20 -3.30 -23.48
N VAL E 16 -28.12 -2.36 -23.74
CA VAL E 16 -27.80 -0.95 -23.62
C VAL E 16 -27.61 -0.52 -22.17
N ASP E 17 -27.88 -1.40 -21.20
CA ASP E 17 -27.53 -1.09 -19.81
C ASP E 17 -26.05 -0.78 -19.67
N LYS E 18 -25.20 -1.35 -20.50
CA LYS E 18 -23.76 -1.18 -20.42
C LYS E 18 -23.33 0.23 -20.77
N PHE E 19 -24.27 1.09 -21.16
CA PHE E 19 -24.03 2.49 -21.45
C PHE E 19 -24.82 3.36 -20.50
N ASP E 20 -24.16 4.37 -19.94
CA ASP E 20 -24.78 5.36 -19.07
C ASP E 20 -25.17 6.55 -19.93
N ILE E 21 -26.48 6.75 -20.13
CA ILE E 21 -26.96 7.80 -21.02
C ILE E 21 -26.66 9.16 -20.41
N ILE E 22 -26.13 10.07 -21.23
CA ILE E 22 -25.82 11.44 -20.81
C ILE E 22 -26.93 12.40 -21.20
N GLY E 23 -27.41 12.33 -22.43
CA GLY E 23 -28.44 13.24 -22.87
C GLY E 23 -28.85 12.94 -24.29
N ILE E 24 -29.57 13.88 -24.88
CA ILE E 24 -30.01 13.77 -26.26
C ILE E 24 -29.27 14.83 -27.06
N ILE E 25 -28.51 14.40 -28.07
CA ILE E 25 -27.73 15.32 -28.89
C ILE E 25 -28.44 15.67 -30.18
N GLY E 26 -29.54 15.00 -30.49
CA GLY E 26 -30.26 15.27 -31.71
C GLY E 26 -31.31 14.23 -32.01
N GLU E 27 -32.23 14.60 -32.89
CA GLU E 27 -33.33 13.76 -33.33
C GLU E 27 -32.99 13.21 -34.71
N GLY E 28 -33.00 11.90 -34.84
CA GLY E 28 -32.59 11.26 -36.08
C GLY E 28 -33.75 10.98 -37.01
N THR E 29 -33.56 9.98 -37.87
CA THR E 29 -34.55 9.60 -38.86
C THR E 29 -35.45 8.48 -38.36
N TYR E 30 -34.83 7.43 -37.83
CA TYR E 30 -35.48 6.26 -37.28
C TYR E 30 -35.55 6.29 -35.76
N GLY E 31 -34.88 7.24 -35.11
CA GLY E 31 -34.94 7.38 -33.67
C GLY E 31 -34.12 8.59 -33.26
N GLN E 32 -34.15 8.88 -31.96
CA GLN E 32 -33.31 9.94 -31.42
C GLN E 32 -31.90 9.44 -31.22
N VAL E 33 -30.94 10.37 -31.15
CA VAL E 33 -29.55 10.03 -30.91
C VAL E 33 -29.15 10.59 -29.55
N TYR E 34 -28.60 9.71 -28.71
CA TYR E 34 -28.22 10.05 -27.34
C TYR E 34 -26.72 9.85 -27.13
N LYS E 35 -26.07 10.88 -26.59
CA LYS E 35 -24.70 10.76 -26.11
C LYS E 35 -24.69 9.89 -24.86
N ALA E 36 -23.67 9.04 -24.74
CA ALA E 36 -23.58 8.14 -23.59
C ALA E 36 -22.13 7.76 -23.34
N LYS E 37 -21.87 7.27 -22.14
CA LYS E 37 -20.54 6.83 -21.73
C LYS E 37 -20.58 5.34 -21.45
N ASP E 38 -19.59 4.61 -21.99
CA ASP E 38 -19.47 3.19 -21.76
C ASP E 38 -19.11 2.91 -20.30
N LYS E 39 -19.88 2.07 -19.64
CA LYS E 39 -19.66 1.84 -18.22
C LYS E 39 -18.33 1.13 -17.97
N ASP E 40 -17.86 0.32 -18.91
CA ASP E 40 -16.66 -0.48 -18.67
C ASP E 40 -15.37 0.24 -19.04
N THR E 41 -15.35 0.98 -20.15
CA THR E 41 -14.11 1.60 -20.63
C THR E 41 -14.06 3.10 -20.39
N GLY E 42 -15.21 3.76 -20.27
CA GLY E 42 -15.26 5.19 -20.09
C GLY E 42 -15.38 5.99 -21.37
N GLU E 43 -15.26 5.34 -22.52
CA GLU E 43 -15.32 6.03 -23.80
C GLU E 43 -16.69 6.67 -24.01
N LEU E 44 -16.68 7.91 -24.53
CA LEU E 44 -17.92 8.58 -24.90
C LEU E 44 -18.37 8.07 -26.27
N VAL E 45 -19.66 7.73 -26.37
CA VAL E 45 -20.24 7.15 -27.57
C VAL E 45 -21.54 7.90 -27.82
N ALA E 46 -22.06 7.79 -29.03
CA ALA E 46 -23.38 8.34 -29.36
C ALA E 46 -24.25 7.24 -29.94
N LEU E 47 -25.39 7.01 -29.30
CA LEU E 47 -26.24 5.87 -29.62
C LEU E 47 -27.41 6.35 -30.49
N LYS E 48 -27.48 5.84 -31.72
CA LYS E 48 -28.65 6.08 -32.56
C LYS E 48 -29.68 5.00 -32.22
N LYS E 49 -30.84 5.43 -31.76
CA LYS E 49 -31.91 4.53 -31.35
C LYS E 49 -32.70 4.14 -32.59
N VAL E 50 -32.93 2.84 -32.75
CA VAL E 50 -33.73 2.31 -33.85
C VAL E 50 -34.99 1.70 -33.26
N ARG E 51 -36.14 2.12 -33.76
CA ARG E 51 -37.42 1.71 -33.23
C ARG E 51 -38.08 0.74 -34.20
N LEU E 52 -38.31 -0.48 -33.73
CA LEU E 52 -39.07 -1.47 -34.49
C LEU E 52 -40.51 -1.54 -34.02
N ASP E 53 -40.90 -0.69 -33.07
CA ASP E 53 -42.27 -0.73 -32.57
C ASP E 53 -43.29 -0.37 -33.65
N ASN E 54 -42.90 0.46 -34.62
CA ASN E 54 -43.85 0.82 -35.67
C ASN E 54 -44.32 -0.42 -36.41
N GLU E 55 -43.41 -1.35 -36.71
CA GLU E 55 -43.77 -2.61 -37.34
C GLU E 55 -44.60 -2.38 -38.59
N LYS E 56 -44.46 -1.20 -39.18
CA LYS E 56 -45.07 -0.95 -40.49
C LYS E 56 -44.40 -1.84 -41.52
N GLU E 57 -43.07 -1.80 -41.56
CA GLU E 57 -42.25 -2.69 -42.38
C GLU E 57 -41.12 -3.30 -41.58
N GLY E 58 -41.19 -3.25 -40.25
CA GLY E 58 -40.14 -3.83 -39.43
C GLY E 58 -38.95 -2.91 -39.25
N PHE E 59 -37.76 -3.51 -39.15
CA PHE E 59 -36.54 -2.74 -39.02
C PHE E 59 -36.41 -1.76 -40.18
N PRO E 60 -36.16 -0.47 -39.92
CA PRO E 60 -36.11 0.50 -41.02
C PRO E 60 -34.97 0.22 -41.98
N ILE E 61 -35.25 0.34 -43.27
CA ILE E 61 -34.19 0.15 -44.25
C ILE E 61 -33.08 1.18 -44.04
N THR E 62 -33.45 2.41 -43.65
CA THR E 62 -32.44 3.44 -43.41
C THR E 62 -31.35 2.93 -42.48
N ALA E 63 -31.75 2.25 -41.40
CA ALA E 63 -30.78 1.67 -40.48
C ALA E 63 -30.05 0.48 -41.12
N ILE E 64 -30.77 -0.33 -41.90
CA ILE E 64 -30.14 -1.47 -42.57
C ILE E 64 -29.02 -0.99 -43.48
N ARG E 65 -29.23 0.13 -44.17
CA ARG E 65 -28.17 0.64 -45.04
C ARG E 65 -26.96 1.08 -44.22
N GLU E 66 -27.19 1.84 -43.14
CA GLU E 66 -26.05 2.30 -42.36
C GLU E 66 -25.31 1.16 -41.70
N ILE E 67 -26.02 0.10 -41.32
CA ILE E 67 -25.36 -1.06 -40.72
C ILE E 67 -24.58 -1.83 -41.79
N LYS E 68 -25.19 -2.00 -42.96
CA LYS E 68 -24.56 -2.76 -44.03
C LYS E 68 -23.33 -2.03 -44.56
N ILE E 69 -23.44 -0.71 -44.76
CA ILE E 69 -22.37 0.03 -45.40
C ILE E 69 -21.26 0.34 -44.41
N LEU E 70 -21.59 0.79 -43.20
CA LEU E 70 -20.55 1.20 -42.28
C LEU E 70 -19.77 0.02 -41.70
N ARG E 71 -20.35 -1.19 -41.69
CA ARG E 71 -19.52 -2.35 -41.36
C ARG E 71 -18.58 -2.72 -42.51
N GLN E 72 -18.81 -2.16 -43.72
CA GLN E 72 -17.84 -2.32 -44.79
C GLN E 72 -16.77 -1.24 -44.80
N LEU E 73 -17.15 0.00 -44.47
CA LEU E 73 -16.26 1.15 -44.65
C LEU E 73 -15.40 1.36 -43.41
N ILE E 74 -14.08 1.31 -43.61
CA ILE E 74 -13.10 1.59 -42.58
C ILE E 74 -12.24 2.73 -43.11
N HIS E 75 -12.40 3.92 -42.54
CA HIS E 75 -11.58 5.06 -42.97
C HIS E 75 -11.58 6.08 -41.85
N ARG E 76 -10.44 6.76 -41.68
CA ARG E 76 -10.31 7.74 -40.62
C ARG E 76 -11.38 8.83 -40.74
N SER E 77 -11.78 9.15 -41.98
CA SER E 77 -12.73 10.21 -42.25
C SER E 77 -14.15 9.70 -42.47
N VAL E 78 -14.45 8.46 -42.05
CA VAL E 78 -15.80 7.92 -42.12
C VAL E 78 -16.20 7.43 -40.74
N VAL E 79 -17.42 7.78 -40.32
CA VAL E 79 -17.82 7.56 -38.93
C VAL E 79 -17.81 6.05 -38.65
N ASN E 80 -17.45 5.69 -37.42
CA ASN E 80 -17.24 4.30 -37.04
C ASN E 80 -18.43 3.78 -36.27
N MET E 81 -19.04 2.71 -36.77
CA MET E 81 -20.06 1.99 -36.02
C MET E 81 -19.38 0.95 -35.13
N LYS E 82 -19.34 1.21 -33.82
CA LYS E 82 -18.64 0.33 -32.89
C LYS E 82 -19.43 -0.95 -32.67
N GLU E 83 -20.74 -0.86 -32.42
CA GLU E 83 -21.54 -2.04 -32.15
C GLU E 83 -23.01 -1.69 -32.14
N ILE E 84 -23.85 -2.72 -31.97
CA ILE E 84 -25.30 -2.58 -31.88
C ILE E 84 -25.75 -3.28 -30.60
N VAL E 85 -26.50 -2.57 -29.77
CA VAL E 85 -26.98 -3.08 -28.48
C VAL E 85 -28.50 -2.94 -28.45
N THR E 86 -29.12 -3.59 -27.46
CA THR E 86 -30.57 -3.65 -27.39
C THR E 86 -31.05 -3.36 -25.99
N ASP E 87 -32.33 -2.97 -25.89
CA ASP E 87 -33.00 -2.85 -24.61
C ASP E 87 -33.08 -4.21 -23.93
N LYS E 88 -33.16 -4.21 -22.60
CA LYS E 88 -33.21 -5.49 -21.91
C LYS E 88 -34.42 -6.30 -22.36
N GLN E 89 -34.18 -7.37 -23.12
CA GLN E 89 -35.23 -8.23 -23.63
C GLN E 89 -35.65 -9.21 -22.54
N ASP E 90 -36.24 -8.66 -21.48
CA ASP E 90 -36.73 -9.48 -20.37
C ASP E 90 -37.96 -10.31 -20.74
N ALA E 91 -38.44 -10.21 -21.98
CA ALA E 91 -39.59 -11.00 -22.41
C ALA E 91 -39.15 -12.46 -22.58
N LEU E 92 -39.85 -13.38 -21.90
CA LEU E 92 -39.51 -14.78 -22.08
C LEU E 92 -39.76 -15.24 -23.50
N ASP E 93 -40.75 -14.65 -24.17
CA ASP E 93 -41.09 -15.00 -25.55
C ASP E 93 -40.70 -13.84 -26.45
N PHE E 94 -40.03 -14.14 -27.56
CA PHE E 94 -39.63 -13.11 -28.51
C PHE E 94 -40.85 -12.40 -29.06
N LYS E 95 -41.99 -13.10 -29.16
CA LYS E 95 -43.20 -12.47 -29.68
C LYS E 95 -43.59 -11.26 -28.83
N LYS E 96 -43.40 -11.38 -27.52
CA LYS E 96 -43.69 -10.29 -26.58
C LYS E 96 -42.73 -9.11 -26.76
N ASP E 97 -41.49 -9.38 -27.15
CA ASP E 97 -40.47 -8.33 -27.21
C ASP E 97 -40.89 -7.19 -28.14
N LYS E 98 -40.78 -5.96 -27.64
CA LYS E 98 -40.99 -4.75 -28.44
C LYS E 98 -39.85 -3.78 -28.23
N GLY E 99 -38.78 -4.21 -27.56
CA GLY E 99 -37.67 -3.32 -27.28
C GLY E 99 -36.90 -2.90 -28.52
N ALA E 100 -36.28 -1.74 -28.43
CA ALA E 100 -35.55 -1.14 -29.54
C ALA E 100 -34.10 -1.62 -29.58
N PHE E 101 -33.42 -1.23 -30.66
CA PHE E 101 -31.99 -1.46 -30.84
C PHE E 101 -31.30 -0.10 -30.92
N TYR E 102 -30.02 -0.08 -30.56
CA TYR E 102 -29.23 1.14 -30.58
C TYR E 102 -27.96 0.90 -31.39
N LEU E 103 -27.61 1.85 -32.24
CA LEU E 103 -26.40 1.79 -33.05
C LEU E 103 -25.34 2.64 -32.37
N VAL E 104 -24.35 2.00 -31.76
CA VAL E 104 -23.32 2.74 -31.04
C VAL E 104 -22.26 3.23 -32.02
N PHE E 105 -21.96 4.53 -31.93
CA PHE E 105 -20.97 5.18 -32.75
C PHE E 105 -19.99 5.91 -31.84
N GLU E 106 -18.84 6.28 -32.39
CA GLU E 106 -17.89 7.14 -31.69
C GLU E 106 -18.47 8.54 -31.56
N TYR E 107 -18.19 9.19 -30.43
CA TYR E 107 -18.70 10.55 -30.19
C TYR E 107 -17.70 11.57 -30.72
N MET E 108 -18.13 12.34 -31.72
CA MET E 108 -17.32 13.41 -32.30
C MET E 108 -17.76 14.74 -31.70
N ASP E 109 -16.80 15.53 -31.22
CA ASP E 109 -17.12 16.63 -30.31
C ASP E 109 -18.07 17.64 -30.93
N HIS E 110 -17.93 17.93 -32.21
CA HIS E 110 -18.74 18.95 -32.83
C HIS E 110 -19.19 18.59 -34.24
N ASP E 111 -20.19 19.34 -34.72
CA ASP E 111 -20.68 19.24 -36.10
C ASP E 111 -20.53 20.62 -36.73
N LEU E 112 -20.12 20.63 -38.00
CA LEU E 112 -19.65 21.88 -38.60
C LEU E 112 -20.77 22.93 -38.66
N MET E 113 -22.03 22.51 -38.85
CA MET E 113 -23.11 23.49 -38.96
C MET E 113 -23.23 24.34 -37.70
N GLY E 114 -23.14 23.72 -36.53
CA GLY E 114 -23.26 24.48 -35.30
C GLY E 114 -22.15 25.50 -35.16
N LEU E 115 -20.93 25.13 -35.54
CA LEU E 115 -19.80 26.02 -35.39
C LEU E 115 -19.94 27.23 -36.30
N LEU E 116 -20.39 27.03 -37.54
CA LEU E 116 -20.59 28.14 -38.45
C LEU E 116 -21.77 29.00 -37.99
N GLU E 117 -22.84 28.37 -37.50
CA GLU E 117 -24.02 29.11 -37.09
C GLU E 117 -23.71 30.07 -35.94
N SER E 118 -22.95 29.60 -34.94
CA SER E 118 -22.55 30.47 -33.84
C SER E 118 -21.62 31.59 -34.33
N GLY E 119 -20.92 31.39 -35.44
CA GLY E 119 -19.98 32.39 -35.90
C GLY E 119 -18.70 32.47 -35.10
N LEU E 120 -18.52 31.55 -34.16
CA LEU E 120 -17.32 31.51 -33.34
C LEU E 120 -16.09 31.13 -34.17
N VAL E 121 -16.22 30.15 -35.07
CA VAL E 121 -15.07 29.65 -35.81
C VAL E 121 -14.56 30.70 -36.79
N HIS E 122 -13.24 30.71 -36.99
CA HIS E 122 -12.60 31.52 -38.02
C HIS E 122 -11.60 30.59 -38.71
N PHE E 123 -12.03 29.94 -39.78
CA PHE E 123 -11.18 28.95 -40.46
C PHE E 123 -10.19 29.69 -41.36
N SER E 124 -8.91 29.39 -41.20
CA SER E 124 -7.87 29.96 -42.06
C SER E 124 -7.68 29.08 -43.30
N GLU E 125 -6.82 29.52 -44.21
CA GLU E 125 -6.56 28.72 -45.41
C GLU E 125 -6.04 27.34 -45.03
N ASP E 126 -5.08 27.27 -44.10
CA ASP E 126 -4.53 25.97 -43.72
C ASP E 126 -5.59 25.08 -43.08
N HIS E 127 -6.46 25.66 -42.25
CA HIS E 127 -7.53 24.87 -41.65
C HIS E 127 -8.42 24.26 -42.72
N ILE E 128 -8.81 25.05 -43.71
CA ILE E 128 -9.63 24.55 -44.80
C ILE E 128 -8.91 23.44 -45.54
N LYS E 129 -7.63 23.68 -45.88
CA LYS E 129 -6.84 22.65 -46.54
C LYS E 129 -6.93 21.32 -45.80
N SER E 130 -6.71 21.33 -44.49
CA SER E 130 -6.78 20.10 -43.72
C SER E 130 -8.19 19.52 -43.72
N PHE E 131 -9.19 20.37 -43.48
CA PHE E 131 -10.58 19.91 -43.46
C PHE E 131 -10.96 19.26 -44.79
N MET E 132 -10.72 19.98 -45.89
CA MET E 132 -11.14 19.49 -47.19
C MET E 132 -10.40 18.22 -47.58
N LYS E 133 -9.10 18.14 -47.31
CA LYS E 133 -8.37 16.95 -47.70
C LYS E 133 -8.94 15.72 -47.01
N GLN E 134 -9.28 15.84 -45.74
CA GLN E 134 -9.91 14.74 -45.01
C GLN E 134 -11.27 14.41 -45.62
N LEU E 135 -12.10 15.43 -45.83
CA LEU E 135 -13.42 15.21 -46.40
C LEU E 135 -13.32 14.53 -47.76
N MET E 136 -12.42 15.01 -48.61
CA MET E 136 -12.29 14.44 -49.95
C MET E 136 -11.66 13.05 -49.92
N GLU E 137 -10.68 12.84 -49.05
CA GLU E 137 -10.10 11.49 -48.92
C GLU E 137 -11.17 10.49 -48.46
N GLY E 138 -11.98 10.89 -47.49
CA GLY E 138 -13.09 10.03 -47.10
C GLY E 138 -14.08 9.82 -48.23
N LEU E 139 -14.38 10.87 -48.99
CA LEU E 139 -15.32 10.75 -50.09
C LEU E 139 -14.80 9.85 -51.20
N GLU E 140 -13.52 10.01 -51.58
CA GLU E 140 -12.97 9.14 -52.61
C GLU E 140 -13.04 7.69 -52.16
N TYR E 141 -12.64 7.43 -50.92
CA TYR E 141 -12.71 6.07 -50.39
C TYR E 141 -14.08 5.46 -50.62
N CYS E 142 -15.13 6.21 -50.27
CA CYS E 142 -16.49 5.72 -50.52
C CYS E 142 -16.73 5.50 -52.01
N HIS E 143 -16.25 6.43 -52.84
CA HIS E 143 -16.46 6.34 -54.29
C HIS E 143 -15.70 5.17 -54.91
N LYS E 144 -14.46 4.91 -54.44
CA LYS E 144 -13.75 3.73 -54.96
C LYS E 144 -14.47 2.44 -54.55
N LYS E 145 -15.14 2.44 -53.40
CA LYS E 145 -16.00 1.32 -53.00
C LYS E 145 -17.37 1.36 -53.67
N ASN E 146 -17.59 2.31 -54.60
CA ASN E 146 -18.80 2.40 -55.40
C ASN E 146 -20.03 2.66 -54.53
N PHE E 147 -19.85 3.51 -53.52
CA PHE E 147 -20.95 3.94 -52.67
C PHE E 147 -21.17 5.43 -52.84
N LEU E 148 -22.44 5.83 -52.95
CA LEU E 148 -22.81 7.23 -52.99
C LEU E 148 -23.48 7.60 -51.68
N HIS E 149 -22.99 8.67 -51.05
CA HIS E 149 -23.61 9.14 -49.82
C HIS E 149 -24.99 9.72 -50.08
N ARG E 150 -25.08 10.60 -51.07
CA ARG E 150 -26.32 11.17 -51.57
C ARG E 150 -26.96 12.15 -50.61
N ASP E 151 -26.33 12.42 -49.46
CA ASP E 151 -26.87 13.39 -48.51
C ASP E 151 -25.73 14.09 -47.78
N ILE E 152 -24.99 14.94 -48.49
CA ILE E 152 -23.84 15.64 -47.93
C ILE E 152 -24.28 17.04 -47.52
N LYS E 153 -24.22 17.33 -46.23
CA LYS E 153 -24.59 18.63 -45.67
C LYS E 153 -23.66 18.92 -44.50
N CYS E 154 -23.60 20.19 -44.11
CA CYS E 154 -22.72 20.56 -43.00
C CYS E 154 -23.05 19.78 -41.74
N SER E 155 -24.33 19.50 -41.50
CA SER E 155 -24.72 18.76 -40.31
C SER E 155 -24.14 17.34 -40.31
N ASN E 156 -23.96 16.73 -41.48
CA ASN E 156 -23.42 15.38 -41.56
C ASN E 156 -21.89 15.35 -41.61
N ILE E 157 -21.23 16.47 -41.38
CA ILE E 157 -19.77 16.54 -41.28
C ILE E 157 -19.42 16.89 -39.85
N LEU E 158 -18.86 15.92 -39.13
CA LEU E 158 -18.50 16.09 -37.73
C LEU E 158 -17.03 16.46 -37.62
N LEU E 159 -16.72 17.33 -36.66
CA LEU E 159 -15.37 17.87 -36.50
C LEU E 159 -15.09 17.81 -35.00
N ASN E 160 -14.22 16.89 -34.58
CA ASN E 160 -13.82 16.82 -33.18
C ASN E 160 -12.79 17.91 -32.87
N ASN E 161 -12.54 18.10 -31.58
CA ASN E 161 -11.62 19.16 -31.18
C ASN E 161 -10.23 18.95 -31.78
N SER E 162 -9.80 17.71 -31.98
CA SER E 162 -8.46 17.46 -32.51
C SER E 162 -8.30 18.05 -33.91
N GLY E 163 -9.39 18.20 -34.64
CA GLY E 163 -9.34 18.67 -36.02
C GLY E 163 -9.60 17.61 -37.06
N GLN E 164 -9.84 16.37 -36.65
CA GLN E 164 -10.22 15.32 -37.58
C GLN E 164 -11.67 15.51 -38.01
N ILE E 165 -11.95 15.21 -39.27
CA ILE E 165 -13.28 15.33 -39.83
C ILE E 165 -13.79 13.91 -40.08
N LYS E 166 -15.10 13.72 -39.89
CA LYS E 166 -15.69 12.40 -40.11
C LYS E 166 -17.03 12.60 -40.80
N LEU E 167 -17.27 11.85 -41.88
CA LEU E 167 -18.57 11.85 -42.55
C LEU E 167 -19.53 10.89 -41.86
N ALA E 168 -20.80 11.29 -41.79
CA ALA E 168 -21.78 10.54 -41.03
C ALA E 168 -23.12 10.51 -41.77
N ASP E 169 -24.07 9.78 -41.18
CA ASP E 169 -25.40 9.53 -41.72
C ASP E 169 -25.33 8.96 -43.13
N PHE E 170 -25.04 7.66 -43.23
CA PHE E 170 -25.10 6.92 -44.49
C PHE E 170 -26.46 6.26 -44.68
N GLY E 171 -27.51 6.89 -44.14
CA GLY E 171 -28.85 6.32 -44.23
C GLY E 171 -29.38 6.25 -45.64
N LEU E 172 -28.99 7.18 -46.50
CA LEU E 172 -29.42 7.21 -47.89
C LEU E 172 -28.35 6.71 -48.85
N ALA E 173 -27.32 6.02 -48.34
CA ALA E 173 -26.20 5.59 -49.18
C ALA E 173 -26.60 4.39 -50.01
N ARG E 174 -26.12 4.35 -51.26
CA ARG E 174 -26.47 3.30 -52.20
C ARG E 174 -25.24 2.90 -53.02
N LEU E 175 -25.23 1.64 -53.46
CA LEU E 175 -24.16 1.17 -54.35
C LEU E 175 -24.42 1.70 -55.75
N TYR E 176 -23.35 2.13 -56.42
CA TYR E 176 -23.44 2.71 -57.76
C TYR E 176 -22.81 1.77 -58.77
N ASN E 177 -23.58 1.42 -59.80
CA ASN E 177 -23.10 0.62 -60.91
C ASN E 177 -23.24 1.44 -62.18
N SER E 178 -22.12 1.72 -62.85
CA SER E 178 -22.19 2.47 -64.11
C SER E 178 -22.92 1.65 -65.17
N GLU E 179 -22.59 0.37 -65.29
CA GLU E 179 -23.29 -0.51 -66.23
C GLU E 179 -24.67 -0.86 -65.66
N GLU E 180 -25.58 -1.26 -66.53
CA GLU E 180 -26.95 -1.61 -66.13
C GLU E 180 -27.51 -0.55 -65.20
N SER E 181 -27.44 0.70 -65.65
CA SER E 181 -28.00 1.80 -64.87
C SER E 181 -29.51 1.68 -64.76
N ARG E 182 -30.01 1.76 -63.53
CA ARG E 182 -31.40 1.65 -63.13
C ARG E 182 -31.78 2.84 -62.26
N PRO E 183 -33.06 3.22 -62.27
CA PRO E 183 -33.47 4.44 -61.56
C PRO E 183 -33.30 4.35 -60.04
N TYR E 184 -32.62 5.36 -59.48
CA TYR E 184 -32.43 5.50 -58.03
C TYR E 184 -33.43 6.60 -57.59
N ASN E 186 -34.69 10.12 -56.93
CA ASN E 186 -34.25 11.45 -57.38
C ASN E 186 -34.45 12.50 -56.28
N LYS E 187 -33.74 13.62 -56.39
CA LYS E 187 -33.73 14.68 -55.38
C LYS E 187 -33.52 14.09 -53.98
N VAL E 188 -32.30 13.59 -53.79
CA VAL E 188 -31.94 12.97 -52.51
C VAL E 188 -31.25 13.99 -51.59
N ILE E 189 -30.37 14.84 -52.14
CA ILE E 189 -29.59 15.75 -51.31
C ILE E 189 -30.46 16.91 -50.85
N THR E 190 -30.11 17.48 -49.69
CA THR E 190 -30.83 18.64 -49.17
C THR E 190 -30.67 19.82 -50.11
N LEU E 191 -31.72 20.64 -50.22
CA LEU E 191 -31.81 21.60 -51.31
C LEU E 191 -30.58 22.51 -51.38
N TRP E 192 -30.05 22.92 -50.24
CA TRP E 192 -28.97 23.90 -50.26
C TRP E 192 -27.70 23.32 -50.90
N TYR E 193 -27.49 22.01 -50.81
CA TYR E 193 -26.31 21.36 -51.34
C TYR E 193 -26.61 20.46 -52.54
N ARG E 194 -27.79 20.61 -53.16
CA ARG E 194 -28.17 19.72 -54.25
C ARG E 194 -27.61 20.20 -55.59
N PRO E 195 -27.12 19.28 -56.43
CA PRO E 195 -26.57 19.64 -57.74
C PRO E 195 -27.65 19.97 -58.75
N PRO E 196 -27.29 20.64 -59.85
CA PRO E 196 -28.33 20.98 -60.85
C PRO E 196 -28.97 19.76 -61.50
N GLU E 197 -28.20 18.71 -61.81
CA GLU E 197 -28.79 17.52 -62.43
C GLU E 197 -30.00 17.00 -61.64
N LEU E 198 -29.88 16.95 -60.31
CA LEU E 198 -30.98 16.43 -59.52
C LEU E 198 -32.16 17.40 -59.48
N LEU E 199 -31.90 18.70 -59.60
CA LEU E 199 -32.99 19.68 -59.69
C LEU E 199 -33.76 19.55 -61.01
N LEU E 200 -33.04 19.30 -62.11
CA LEU E 200 -33.62 19.10 -63.44
C LEU E 200 -34.16 17.70 -63.67
N GLY E 201 -34.11 16.82 -62.67
CA GLY E 201 -34.78 15.53 -62.71
C GLY E 201 -34.00 14.35 -63.27
N GLU E 202 -32.70 14.30 -62.99
CA GLU E 202 -31.85 13.18 -63.39
C GLU E 202 -32.13 11.99 -62.48
N GLU E 203 -32.83 10.97 -63.00
CA GLU E 203 -33.14 9.81 -62.18
C GLU E 203 -31.95 8.87 -62.01
N ARG E 204 -31.04 8.82 -62.99
CA ARG E 204 -29.86 7.95 -62.94
C ARG E 204 -28.63 8.84 -62.82
N TYR E 205 -28.18 9.09 -61.60
CA TYR E 205 -27.12 10.06 -61.35
C TYR E 205 -25.78 9.43 -61.01
N THR E 206 -24.74 10.23 -61.18
CA THR E 206 -23.36 9.84 -60.97
C THR E 206 -22.93 10.13 -59.54
N PRO E 207 -21.75 9.64 -59.14
CA PRO E 207 -21.20 10.05 -57.83
C PRO E 207 -20.92 11.53 -57.73
N ALA E 208 -20.91 12.26 -58.85
CA ALA E 208 -20.59 13.68 -58.83
C ALA E 208 -21.59 14.50 -58.03
N ILE E 209 -22.70 13.89 -57.63
CA ILE E 209 -23.65 14.60 -56.77
C ILE E 209 -23.02 14.91 -55.42
N ASP E 210 -22.21 13.99 -54.89
CA ASP E 210 -21.50 14.26 -53.65
C ASP E 210 -20.41 15.30 -53.83
N VAL E 211 -19.76 15.34 -55.00
CA VAL E 211 -18.73 16.33 -55.22
C VAL E 211 -19.31 17.73 -55.20
N TRP E 212 -20.44 17.92 -55.90
CA TRP E 212 -21.09 19.23 -55.90
C TRP E 212 -21.36 19.70 -54.48
N SER E 213 -21.87 18.80 -53.65
CA SER E 213 -22.15 19.15 -52.26
C SER E 213 -20.89 19.66 -51.56
N CYS E 214 -19.79 18.90 -51.67
CA CYS E 214 -18.55 19.31 -51.01
C CYS E 214 -18.04 20.62 -51.58
N GLY E 215 -18.32 20.92 -52.84
CA GLY E 215 -17.94 22.22 -53.37
C GLY E 215 -18.70 23.35 -52.72
N CYS E 216 -20.00 23.17 -52.51
CA CYS E 216 -20.78 24.15 -51.77
C CYS E 216 -20.22 24.35 -50.36
N ILE E 217 -19.79 23.27 -49.73
CA ILE E 217 -19.16 23.36 -48.41
C ILE E 217 -17.84 24.12 -48.51
N LEU E 218 -17.05 23.85 -49.55
CA LEU E 218 -15.78 24.55 -49.70
C LEU E 218 -16.00 26.06 -49.76
N GLY E 219 -16.90 26.51 -50.62
CA GLY E 219 -17.19 27.94 -50.67
C GLY E 219 -17.67 28.48 -49.34
N GLU E 220 -18.55 27.74 -48.66
CA GLU E 220 -19.08 28.18 -47.37
C GLU E 220 -17.96 28.42 -46.37
N LEU E 221 -16.94 27.56 -46.37
CA LEU E 221 -15.82 27.72 -45.45
C LEU E 221 -15.12 29.07 -45.64
N PHE E 222 -15.09 29.58 -46.88
CA PHE E 222 -14.46 30.87 -47.12
C PHE E 222 -15.40 32.03 -46.79
N THR E 223 -16.69 31.93 -47.17
CA THR E 223 -17.62 33.03 -46.95
C THR E 223 -18.30 33.00 -45.58
N LYS E 224 -18.19 31.89 -44.86
CA LYS E 224 -18.93 31.69 -43.60
C LYS E 224 -20.44 31.74 -43.83
N LYS E 225 -20.89 31.39 -45.04
CA LYS E 225 -22.30 31.49 -45.41
C LYS E 225 -22.58 30.46 -46.50
N PRO E 226 -23.66 29.68 -46.39
CA PRO E 226 -24.01 28.79 -47.51
C PRO E 226 -24.19 29.58 -48.80
N ILE E 227 -23.62 29.05 -49.88
CA ILE E 227 -23.62 29.79 -51.14
C ILE E 227 -25.04 29.87 -51.71
N PHE E 228 -25.76 28.74 -51.75
CA PHE E 228 -27.08 28.66 -52.35
C PHE E 228 -28.12 28.44 -51.25
N GLN E 229 -28.86 29.49 -50.92
CA GLN E 229 -29.90 29.45 -49.90
C GLN E 229 -31.23 29.75 -50.57
N ALA E 230 -32.13 28.76 -50.61
CA ALA E 230 -33.42 28.93 -51.27
C ALA E 230 -34.46 28.05 -50.59
N ASN E 231 -35.69 28.10 -51.11
CA ASN E 231 -36.81 27.34 -50.55
C ASN E 231 -37.49 26.36 -51.51
N LEU E 232 -37.44 26.59 -52.81
CA LEU E 232 -38.07 25.73 -53.80
C LEU E 232 -37.08 25.44 -54.92
N GLU E 233 -37.25 24.29 -55.57
CA GLU E 233 -36.26 23.86 -56.56
C GLU E 233 -36.00 24.93 -57.62
N LEU E 234 -37.05 25.66 -58.03
CA LEU E 234 -36.82 26.67 -59.06
C LEU E 234 -35.97 27.82 -58.54
N ALA E 235 -36.23 28.28 -57.31
CA ALA E 235 -35.41 29.36 -56.76
C ALA E 235 -33.94 28.93 -56.64
N GLN E 236 -33.72 27.67 -56.24
CA GLN E 236 -32.35 27.16 -56.10
C GLN E 236 -31.65 27.10 -57.45
N LEU E 237 -32.31 26.59 -58.48
CA LEU E 237 -31.72 26.56 -59.81
C LEU E 237 -31.36 27.96 -60.30
N GLU E 238 -32.19 28.95 -59.93
CA GLU E 238 -31.90 30.33 -60.32
C GLU E 238 -30.62 30.85 -59.66
N LEU E 239 -30.43 30.58 -58.37
CA LEU E 239 -29.20 31.01 -57.70
C LEU E 239 -27.98 30.34 -58.33
N ILE E 240 -28.04 29.04 -58.56
CA ILE E 240 -26.94 28.34 -59.21
C ILE E 240 -26.62 28.99 -60.55
N SER E 241 -27.64 29.33 -61.34
CA SER E 241 -27.42 29.89 -62.66
C SER E 241 -26.77 31.26 -62.61
N ARG E 242 -27.12 32.08 -61.62
CA ARG E 242 -26.50 33.40 -61.51
C ARG E 242 -24.99 33.29 -61.36
N LEU E 243 -24.54 32.29 -60.61
CA LEU E 243 -23.13 32.10 -60.29
C LEU E 243 -22.42 31.22 -61.30
N CYS E 244 -22.97 30.04 -61.58
CA CYS E 244 -22.30 29.04 -62.41
C CYS E 244 -22.66 29.13 -63.88
N GLY E 245 -23.62 29.97 -64.25
CA GLY E 245 -24.10 30.01 -65.61
C GLY E 245 -25.33 29.14 -65.79
N SER E 246 -26.21 29.55 -66.70
CA SER E 246 -27.45 28.82 -66.87
C SER E 246 -27.18 27.47 -67.52
N PRO E 247 -27.80 26.40 -67.04
CA PRO E 247 -27.70 25.10 -67.75
C PRO E 247 -28.17 25.25 -69.18
N CYS E 248 -27.29 24.90 -70.12
CA CYS E 248 -27.57 24.98 -71.54
C CYS E 248 -26.66 23.98 -72.24
N PRO E 249 -27.08 23.50 -73.41
CA PRO E 249 -26.23 22.52 -74.13
C PRO E 249 -24.84 23.04 -74.39
N ALA E 250 -24.65 24.36 -74.44
CA ALA E 250 -23.35 24.92 -74.79
C ALA E 250 -22.26 24.42 -73.85
N VAL E 251 -22.57 24.32 -72.56
CA VAL E 251 -21.63 23.81 -71.57
C VAL E 251 -22.01 22.42 -71.05
N TRP E 252 -23.23 21.95 -71.31
CA TRP E 252 -23.77 20.71 -70.75
C TRP E 252 -24.53 20.00 -71.85
N PRO E 253 -23.82 19.27 -72.72
CA PRO E 253 -24.48 18.75 -73.93
C PRO E 253 -25.73 17.92 -73.67
N ASP E 254 -25.77 17.14 -72.60
CA ASP E 254 -26.88 16.23 -72.35
C ASP E 254 -27.95 16.83 -71.45
N VAL E 255 -27.90 18.14 -71.18
CA VAL E 255 -28.92 18.74 -70.33
C VAL E 255 -30.29 18.59 -70.96
N ILE E 256 -30.35 18.58 -72.29
CA ILE E 256 -31.60 18.49 -73.02
C ILE E 256 -32.31 17.17 -72.74
N ARG E 257 -31.58 16.14 -72.30
CA ARG E 257 -32.21 14.87 -71.98
C ARG E 257 -32.98 14.91 -70.66
N LEU E 258 -32.74 15.91 -69.84
CA LEU E 258 -33.32 15.93 -68.49
C LEU E 258 -34.79 16.32 -68.53
N PRO E 259 -35.64 15.65 -67.73
CA PRO E 259 -37.08 15.93 -67.78
C PRO E 259 -37.46 17.39 -67.61
N TYR E 260 -36.87 18.09 -66.65
CA TYR E 260 -37.28 19.45 -66.32
C TYR E 260 -36.40 20.52 -66.98
N PHE E 261 -35.60 20.15 -67.97
CA PHE E 261 -34.73 21.15 -68.58
C PHE E 261 -35.55 22.32 -69.14
N ASN E 262 -36.59 22.00 -69.91
CA ASN E 262 -37.49 23.04 -70.41
C ASN E 262 -38.40 23.57 -69.30
N THR E 263 -38.86 22.70 -68.41
CA THR E 263 -39.80 23.13 -67.38
C THR E 263 -39.18 24.18 -66.47
N MET E 264 -37.99 23.89 -65.94
CA MET E 264 -37.33 24.78 -64.99
C MET E 264 -36.30 25.65 -65.68
N LYS E 265 -36.77 26.46 -66.61
CA LYS E 265 -35.83 27.38 -67.24
C LYS E 265 -35.51 28.51 -66.27
N PRO E 266 -34.24 28.89 -66.16
CA PRO E 266 -33.90 30.06 -65.33
C PRO E 266 -34.39 31.36 -65.96
N LYS E 267 -34.45 32.39 -65.14
CA LYS E 267 -34.97 33.68 -65.61
C LYS E 267 -34.20 34.16 -66.83
N LYS E 268 -32.87 34.01 -66.80
CA LYS E 268 -32.02 34.39 -67.93
C LYS E 268 -31.06 33.25 -68.25
N GLN E 269 -30.41 33.37 -69.41
CA GLN E 269 -29.28 32.52 -69.77
C GLN E 269 -28.02 33.23 -69.27
N TYR E 270 -27.75 33.05 -67.97
CA TYR E 270 -26.65 33.72 -67.32
C TYR E 270 -25.30 33.15 -67.74
N ARG E 271 -24.30 34.02 -67.84
CA ARG E 271 -22.93 33.58 -68.00
C ARG E 271 -22.36 33.21 -66.63
N ARG E 272 -21.30 32.42 -66.64
CA ARG E 272 -20.65 32.02 -65.39
C ARG E 272 -19.91 33.22 -64.80
N ARG E 273 -20.10 33.44 -63.49
CA ARG E 273 -19.46 34.55 -62.81
C ARG E 273 -18.67 34.07 -61.60
N LEU E 274 -18.51 32.75 -61.43
CA LEU E 274 -17.96 32.19 -60.20
C LEU E 274 -16.62 32.80 -59.85
N ARG E 275 -15.68 32.82 -60.82
CA ARG E 275 -14.35 33.32 -60.51
C ARG E 275 -14.40 34.78 -60.09
N GLU E 276 -15.25 35.58 -60.73
CA GLU E 276 -15.37 36.98 -60.36
C GLU E 276 -15.90 37.11 -58.94
N GLU E 277 -16.98 36.39 -58.63
CA GLU E 277 -17.65 36.56 -57.35
C GLU E 277 -16.81 36.08 -56.17
N PHE E 278 -15.90 35.14 -56.39
CA PHE E 278 -15.06 34.58 -55.33
C PHE E 278 -13.61 35.05 -55.47
N SER E 279 -13.40 36.27 -55.96
CA SER E 279 -12.05 36.76 -56.20
C SER E 279 -11.18 36.71 -54.94
N PHE E 280 -11.77 36.84 -53.76
CA PHE E 280 -10.99 36.83 -52.52
C PHE E 280 -10.36 35.47 -52.26
N ILE E 281 -10.96 34.40 -52.78
CA ILE E 281 -10.45 33.05 -52.50
C ILE E 281 -9.05 32.90 -53.07
N PRO E 282 -8.15 32.16 -52.41
CA PRO E 282 -6.82 31.92 -52.99
C PRO E 282 -6.93 31.21 -54.34
N SER E 283 -5.96 31.49 -55.22
CA SER E 283 -6.05 30.98 -56.58
C SER E 283 -6.14 29.45 -56.61
N ALA E 284 -5.31 28.78 -55.80
CA ALA E 284 -5.34 27.32 -55.81
C ALA E 284 -6.71 26.79 -55.42
N ALA E 285 -7.34 27.42 -54.43
CA ALA E 285 -8.66 27.00 -53.99
C ALA E 285 -9.74 27.41 -54.98
N LEU E 286 -9.61 28.62 -55.56
CA LEU E 286 -10.60 29.06 -56.53
C LEU E 286 -10.69 28.08 -57.69
N ASP E 287 -9.55 27.58 -58.16
CA ASP E 287 -9.54 26.56 -59.20
C ASP E 287 -10.28 25.31 -58.74
N LEU E 288 -10.05 24.90 -57.49
CA LEU E 288 -10.73 23.73 -56.95
C LEU E 288 -12.22 23.95 -56.90
N LEU E 289 -12.66 25.12 -56.46
CA LEU E 289 -14.08 25.43 -56.40
C LEU E 289 -14.69 25.40 -57.80
N ASP E 290 -14.02 26.06 -58.74
CA ASP E 290 -14.55 26.16 -60.10
C ASP E 290 -14.82 24.78 -60.66
N HIS E 291 -13.94 23.81 -60.39
CA HIS E 291 -14.13 22.47 -60.91
C HIS E 291 -15.19 21.69 -60.16
N MET E 292 -15.27 21.85 -58.83
CA MET E 292 -16.28 21.13 -58.08
C MET E 292 -17.68 21.64 -58.38
N LEU E 293 -17.81 22.91 -58.69
CA LEU E 293 -19.09 23.53 -59.06
C LEU E 293 -19.20 23.71 -60.57
N THR E 294 -18.90 22.65 -61.31
CA THR E 294 -19.06 22.60 -62.76
C THR E 294 -20.42 22.00 -63.05
N LEU E 295 -21.19 22.66 -63.89
CA LEU E 295 -22.60 22.29 -64.06
C LEU E 295 -22.75 20.85 -64.54
N ASP E 296 -22.03 20.48 -65.59
CA ASP E 296 -22.21 19.15 -66.18
C ASP E 296 -21.54 18.09 -65.32
N PRO E 297 -22.30 17.11 -64.80
CA PRO E 297 -21.67 16.11 -63.91
C PRO E 297 -20.56 15.32 -64.60
N SER E 298 -20.60 15.21 -65.93
CA SER E 298 -19.55 14.52 -66.66
C SER E 298 -18.29 15.37 -66.78
N LYS E 299 -18.40 16.71 -66.68
CA LYS E 299 -17.23 17.58 -66.68
C LYS E 299 -16.77 17.97 -65.27
N ARG E 300 -17.59 17.73 -64.26
CA ARG E 300 -17.21 18.05 -62.89
C ARG E 300 -16.14 17.09 -62.39
N CYS E 301 -15.17 17.64 -61.66
CA CYS E 301 -14.08 16.81 -61.16
C CYS E 301 -14.59 15.75 -60.20
N THR E 302 -13.77 14.71 -60.02
CA THR E 302 -14.05 13.63 -59.10
C THR E 302 -13.42 13.92 -57.74
N ALA E 303 -13.67 13.04 -56.77
CA ALA E 303 -12.99 13.16 -55.50
C ALA E 303 -11.49 12.96 -55.66
N GLU E 304 -11.08 11.97 -56.45
CA GLU E 304 -9.66 11.73 -56.66
C GLU E 304 -8.98 12.95 -57.25
N GLN E 305 -9.62 13.61 -58.21
CA GLN E 305 -9.00 14.74 -58.87
C GLN E 305 -8.79 15.91 -57.92
N THR E 306 -9.71 16.14 -56.99
CA THR E 306 -9.54 17.23 -56.03
C THR E 306 -8.30 17.00 -55.18
N LEU E 307 -8.02 15.75 -54.84
CA LEU E 307 -6.81 15.42 -54.09
C LEU E 307 -5.57 15.68 -54.93
N GLN E 308 -5.70 15.69 -56.25
CA GLN E 308 -4.61 16.04 -57.15
C GLN E 308 -4.73 17.48 -57.64
N SER E 309 -5.05 18.41 -56.74
CA SER E 309 -5.14 19.83 -57.03
C SER E 309 -4.03 20.54 -56.27
N ASP E 310 -3.59 21.69 -56.79
CA ASP E 310 -2.54 22.43 -56.10
C ASP E 310 -2.94 22.75 -54.67
N PHE E 311 -4.24 22.99 -54.43
CA PHE E 311 -4.69 23.38 -53.11
C PHE E 311 -4.48 22.27 -52.08
N LEU E 312 -4.78 21.03 -52.45
CA LEU E 312 -4.78 19.92 -51.51
C LEU E 312 -3.65 18.93 -51.74
N LYS E 313 -3.01 18.96 -52.90
CA LYS E 313 -2.06 17.92 -53.29
C LYS E 313 -0.96 17.73 -52.26
N ASP E 314 -0.39 18.82 -51.76
CA ASP E 314 0.74 18.75 -50.83
C ASP E 314 0.33 18.96 -49.38
N VAL E 315 -0.96 18.97 -49.07
CA VAL E 315 -1.40 19.04 -47.69
C VAL E 315 -1.06 17.74 -46.98
N GLU E 316 -0.46 17.85 -45.79
CA GLU E 316 -0.04 16.71 -45.00
C GLU E 316 -0.99 16.52 -43.82
N LEU E 317 -1.60 15.35 -43.75
CA LEU E 317 -2.50 15.03 -42.64
C LEU E 317 -1.74 14.82 -41.34
N SER E 318 -0.40 14.67 -41.42
CA SER E 318 0.42 14.61 -40.21
C SER E 318 0.23 15.86 -39.36
N LYS E 319 0.13 17.02 -40.01
CA LYS E 319 -0.20 18.28 -39.35
C LYS E 319 -1.71 18.43 -39.41
N MET E 320 -2.38 18.31 -38.25
CA MET E 320 -3.83 18.30 -38.26
C MET E 320 -4.45 19.68 -38.47
N ALA E 321 -3.76 20.73 -38.04
CA ALA E 321 -4.21 22.12 -38.20
C ALA E 321 -5.65 22.28 -37.72
N PRO E 322 -5.89 22.25 -36.42
CA PRO E 322 -7.27 22.30 -35.86
C PRO E 322 -7.90 23.68 -35.97
N PRO E 323 -9.23 23.76 -35.86
CA PRO E 323 -9.91 25.06 -35.95
C PRO E 323 -9.65 25.95 -34.74
N ASP E 324 -9.87 27.25 -34.95
CA ASP E 324 -9.68 28.29 -33.92
C ASP E 324 -10.97 28.62 -33.18
N LEU E 325 -11.17 28.04 -32.01
CA LEU E 325 -12.36 28.39 -31.22
C LEU E 325 -12.05 29.48 -30.20
N PRO E 326 -12.84 30.56 -30.12
CA PRO E 326 -12.61 31.53 -29.04
C PRO E 326 -12.79 30.89 -27.67
N HIS E 327 -13.85 30.12 -27.52
CA HIS E 327 -14.14 29.33 -26.32
C HIS E 327 -14.22 30.26 -25.11
N TRP E 328 -13.61 29.87 -23.99
CA TRP E 328 -13.85 30.53 -22.71
C TRP E 328 -13.46 32.01 -22.73
N GLN E 329 -12.38 32.37 -23.42
CA GLN E 329 -11.89 33.74 -23.30
C GLN E 329 -12.89 34.78 -23.79
N ASP E 330 -13.62 34.48 -24.86
CA ASP E 330 -14.65 35.40 -25.38
C ASP E 330 -16.06 34.91 -25.09
N CYS E 331 -16.22 34.02 -24.10
CA CYS E 331 -17.55 33.57 -23.70
C CYS E 331 -18.31 34.72 -23.05
N THR F 24 -12.82 -8.39 -35.54
CA THR F 24 -13.64 -7.34 -36.17
C THR F 24 -14.98 -7.95 -36.61
N LYS F 25 -14.94 -8.79 -37.72
CA LYS F 25 -16.13 -9.42 -38.29
C LYS F 25 -16.22 -10.87 -37.82
N PRO F 26 -17.40 -11.44 -37.67
CA PRO F 26 -17.48 -12.80 -37.13
C PRO F 26 -17.16 -13.85 -38.18
N CYS F 27 -16.81 -15.04 -37.69
CA CYS F 27 -16.49 -16.19 -38.52
C CYS F 27 -17.76 -16.99 -38.78
N TRP F 28 -18.10 -17.16 -40.05
CA TRP F 28 -19.33 -17.83 -40.44
C TRP F 28 -19.07 -19.18 -41.10
N TYR F 29 -17.95 -19.83 -40.77
CA TYR F 29 -17.59 -21.11 -41.38
C TYR F 29 -17.24 -22.13 -40.30
N TRP F 30 -17.77 -23.34 -40.49
CA TRP F 30 -17.60 -24.48 -39.60
C TRP F 30 -16.97 -25.63 -40.38
N ASP F 31 -16.50 -26.65 -39.66
CA ASP F 31 -16.02 -27.89 -40.27
C ASP F 31 -17.19 -28.86 -40.39
N LYS F 32 -17.19 -29.67 -41.46
CA LYS F 32 -18.30 -30.62 -41.61
C LYS F 32 -18.50 -31.44 -40.34
N LYS F 33 -17.39 -31.89 -39.74
CA LYS F 33 -17.50 -32.71 -38.53
C LYS F 33 -18.29 -31.99 -37.45
N ASP F 34 -18.31 -30.65 -37.49
CA ASP F 34 -19.07 -29.89 -36.50
C ASP F 34 -20.57 -29.98 -36.74
N LEU F 35 -21.00 -30.29 -37.96
CA LEU F 35 -22.44 -30.34 -38.23
C LEU F 35 -23.12 -31.51 -37.54
N ALA F 36 -22.36 -32.45 -36.98
CA ALA F 36 -22.94 -33.48 -36.14
C ALA F 36 -23.39 -32.95 -34.79
N HIS F 37 -23.14 -31.67 -34.51
CA HIS F 37 -23.38 -31.09 -33.20
C HIS F 37 -24.18 -29.79 -33.30
N THR F 38 -25.03 -29.67 -34.30
CA THR F 38 -25.94 -28.55 -34.35
C THR F 38 -27.00 -28.70 -33.26
N PRO F 39 -27.62 -27.59 -32.84
CA PRO F 39 -28.76 -27.72 -31.92
C PRO F 39 -29.77 -28.75 -32.40
N SER F 40 -30.01 -28.82 -33.70
CA SER F 40 -30.98 -29.77 -34.24
C SER F 40 -30.55 -31.20 -33.95
N GLN F 41 -29.29 -31.52 -34.23
CA GLN F 41 -28.79 -32.86 -33.95
C GLN F 41 -28.90 -33.21 -32.48
N LEU F 42 -28.56 -32.26 -31.61
CA LEU F 42 -28.52 -32.54 -30.19
C LEU F 42 -29.91 -32.61 -29.57
N GLU F 43 -30.93 -32.12 -30.25
CA GLU F 43 -32.31 -32.35 -29.83
C GLU F 43 -32.88 -33.62 -30.45
N GLY F 44 -32.02 -34.49 -30.99
CA GLY F 44 -32.43 -35.80 -31.45
C GLY F 44 -32.74 -35.93 -32.91
N LEU F 45 -32.62 -34.86 -33.69
CA LEU F 45 -32.82 -34.93 -35.13
C LEU F 45 -31.64 -35.65 -35.77
N ASP F 46 -31.92 -36.60 -36.67
CA ASP F 46 -30.82 -37.37 -37.24
C ASP F 46 -30.23 -36.64 -38.44
N PRO F 47 -29.02 -37.05 -38.86
CA PRO F 47 -28.34 -36.27 -39.92
C PRO F 47 -29.14 -36.15 -41.21
N ALA F 48 -29.81 -37.23 -41.63
CA ALA F 48 -30.56 -37.16 -42.87
C ALA F 48 -31.68 -36.14 -42.78
N THR F 49 -32.39 -36.11 -41.65
CA THR F 49 -33.54 -35.22 -41.52
C THR F 49 -33.11 -33.76 -41.55
N GLU F 50 -32.06 -33.40 -40.82
CA GLU F 50 -31.64 -32.00 -40.85
C GLU F 50 -31.22 -31.60 -42.26
N ALA F 51 -30.57 -32.51 -42.99
CA ALA F 51 -30.26 -32.24 -44.38
C ALA F 51 -31.54 -31.97 -45.16
N ARG F 52 -32.56 -32.80 -44.96
CA ARG F 52 -33.83 -32.62 -45.66
C ARG F 52 -34.50 -31.29 -45.31
N TYR F 53 -34.53 -30.96 -44.01
CA TYR F 53 -35.16 -29.71 -43.60
C TYR F 53 -34.46 -28.51 -44.22
N ARG F 54 -33.14 -28.60 -44.41
CA ARG F 54 -32.41 -27.50 -45.05
C ARG F 54 -32.78 -27.40 -46.53
N ARG F 55 -32.76 -28.52 -47.25
CA ARG F 55 -33.13 -28.52 -48.64
C ARG F 55 -34.54 -27.98 -48.85
N GLU F 56 -35.49 -28.43 -48.04
CA GLU F 56 -36.86 -27.97 -48.18
C GLU F 56 -36.96 -26.47 -47.94
N GLY F 57 -36.28 -25.98 -46.92
CA GLY F 57 -36.29 -24.55 -46.65
C GLY F 57 -35.58 -23.75 -47.74
N ALA F 58 -34.41 -24.22 -48.15
CA ALA F 58 -33.66 -23.52 -49.19
C ALA F 58 -34.48 -23.39 -50.47
N ARG F 59 -35.04 -24.50 -50.94
CA ARG F 59 -35.85 -24.50 -52.17
C ARG F 59 -37.11 -23.68 -52.00
N PHE F 60 -37.69 -23.66 -50.80
CA PHE F 60 -38.83 -22.81 -50.48
C PHE F 60 -38.49 -21.33 -50.68
N ILE F 61 -37.39 -20.88 -50.08
CA ILE F 61 -36.97 -19.49 -50.27
C ILE F 61 -36.69 -19.24 -51.74
N PHE F 62 -36.02 -20.20 -52.40
CA PHE F 62 -35.71 -20.07 -53.82
C PHE F 62 -36.99 -19.96 -54.64
N ASP F 63 -37.94 -20.84 -54.39
CA ASP F 63 -39.18 -20.85 -55.18
C ASP F 63 -40.09 -19.69 -54.83
N VAL F 64 -40.22 -19.37 -53.54
CA VAL F 64 -41.02 -18.20 -53.17
C VAL F 64 -40.44 -16.95 -53.82
N GLY F 65 -39.13 -16.75 -53.67
CA GLY F 65 -38.50 -15.57 -54.23
C GLY F 65 -38.53 -15.56 -55.74
N THR F 66 -38.40 -16.74 -56.36
CA THR F 66 -38.52 -16.82 -57.81
C THR F 66 -39.90 -16.39 -58.27
N ARG F 67 -40.94 -16.88 -57.58
CA ARG F 67 -42.30 -16.49 -57.90
C ARG F 67 -42.52 -14.98 -57.72
N LEU F 68 -41.83 -14.37 -56.76
CA LEU F 68 -41.94 -12.93 -56.53
C LEU F 68 -41.06 -12.11 -57.47
N GLY F 69 -40.30 -12.75 -58.35
CA GLY F 69 -39.49 -12.02 -59.32
C GLY F 69 -38.19 -11.49 -58.78
N LEU F 70 -37.63 -12.14 -57.77
CA LEU F 70 -36.47 -11.60 -57.07
C LEU F 70 -35.15 -11.92 -57.76
N HIS F 71 -34.23 -10.96 -57.70
CA HIS F 71 -32.87 -11.11 -58.19
C HIS F 71 -32.17 -12.29 -57.52
N TYR F 72 -31.22 -12.89 -58.24
CA TYR F 72 -30.59 -14.12 -57.75
C TYR F 72 -29.80 -13.88 -56.48
N ASP F 73 -29.17 -12.71 -56.33
CA ASP F 73 -28.45 -12.43 -55.09
C ASP F 73 -29.40 -12.43 -53.90
N THR F 74 -30.60 -11.89 -54.09
CA THR F 74 -31.55 -11.80 -52.98
C THR F 74 -31.95 -13.20 -52.50
N LEU F 75 -32.16 -14.14 -53.42
CA LEU F 75 -32.50 -15.50 -53.01
C LEU F 75 -31.38 -16.11 -52.18
N ALA F 76 -30.14 -15.97 -52.63
CA ALA F 76 -29.01 -16.58 -51.93
C ALA F 76 -28.82 -15.96 -50.56
N THR F 77 -28.92 -14.63 -50.46
CA THR F 77 -28.75 -13.99 -49.15
C THR F 77 -29.72 -14.56 -48.14
N GLY F 78 -30.99 -14.69 -48.53
CA GLY F 78 -31.96 -15.30 -47.65
C GLY F 78 -31.61 -16.73 -47.29
N ILE F 79 -31.16 -17.51 -48.27
CA ILE F 79 -30.82 -18.90 -47.99
C ILE F 79 -29.64 -18.98 -47.02
N ILE F 80 -28.66 -18.10 -47.19
CA ILE F 80 -27.49 -18.12 -46.32
C ILE F 80 -27.85 -17.61 -44.93
N TYR F 81 -28.67 -16.56 -44.84
CA TYR F 81 -29.24 -16.23 -43.53
C TYR F 81 -29.89 -17.47 -42.93
N PHE F 82 -30.71 -18.15 -43.72
CA PHE F 82 -31.44 -19.34 -43.27
C PHE F 82 -30.48 -20.42 -42.76
N HIS F 83 -29.48 -20.80 -43.56
CA HIS F 83 -28.57 -21.84 -43.13
C HIS F 83 -27.88 -21.47 -41.82
N ARG F 84 -27.40 -20.23 -41.73
CA ARG F 84 -26.71 -19.79 -40.52
C ARG F 84 -27.60 -19.87 -39.29
N PHE F 85 -28.86 -19.45 -39.45
CA PHE F 85 -29.80 -19.47 -38.33
C PHE F 85 -29.82 -20.81 -37.63
N TYR F 86 -29.88 -21.91 -38.38
CA TYR F 86 -30.01 -23.23 -37.78
C TYR F 86 -28.70 -23.81 -37.31
N MET F 87 -27.64 -23.01 -37.33
CA MET F 87 -26.45 -23.31 -36.55
C MET F 87 -26.59 -22.85 -35.10
N PHE F 88 -27.53 -21.93 -34.82
CA PHE F 88 -27.73 -21.42 -33.47
C PHE F 88 -29.05 -21.87 -32.87
N HIS F 89 -29.92 -22.50 -33.64
CA HIS F 89 -31.23 -22.91 -33.17
C HIS F 89 -31.57 -24.27 -33.73
N SER F 90 -32.63 -24.86 -33.19
CA SER F 90 -33.07 -26.19 -33.61
C SER F 90 -34.25 -26.06 -34.56
N PHE F 91 -34.30 -26.99 -35.52
CA PHE F 91 -35.44 -27.04 -36.43
C PHE F 91 -36.73 -27.36 -35.68
N LYS F 92 -36.63 -27.96 -34.50
CA LYS F 92 -37.80 -28.32 -33.71
C LYS F 92 -38.41 -27.13 -32.99
N GLN F 93 -37.65 -26.05 -32.80
CA GLN F 93 -38.14 -24.88 -32.09
C GLN F 93 -38.55 -23.75 -33.03
N PHE F 94 -38.04 -23.75 -34.26
CA PHE F 94 -38.34 -22.71 -35.24
C PHE F 94 -38.78 -23.42 -36.52
N PRO F 95 -40.08 -23.47 -36.78
CA PRO F 95 -40.54 -24.06 -38.04
C PRO F 95 -39.76 -23.48 -39.21
N ARG F 96 -39.23 -24.37 -40.06
CA ARG F 96 -38.31 -23.95 -41.10
C ARG F 96 -38.96 -22.95 -42.06
N TYR F 97 -40.19 -23.23 -42.49
CA TYR F 97 -40.81 -22.39 -43.50
C TYR F 97 -41.07 -20.98 -42.99
N VAL F 98 -41.44 -20.85 -41.71
CA VAL F 98 -41.59 -19.52 -41.14
C VAL F 98 -40.26 -18.78 -41.17
N THR F 99 -39.21 -19.43 -40.67
CA THR F 99 -37.87 -18.86 -40.73
C THR F 99 -37.50 -18.46 -42.15
N GLY F 100 -37.72 -19.37 -43.10
CA GLY F 100 -37.42 -19.06 -44.49
C GLY F 100 -38.06 -17.77 -44.96
N ALA F 101 -39.36 -17.63 -44.74
CA ALA F 101 -40.06 -16.41 -45.15
C ALA F 101 -39.42 -15.18 -44.54
N CYS F 102 -39.04 -15.27 -43.26
CA CYS F 102 -38.40 -14.14 -42.60
C CYS F 102 -37.04 -13.82 -43.23
N CYS F 103 -36.25 -14.86 -43.54
CA CYS F 103 -34.96 -14.63 -44.17
C CYS F 103 -35.13 -13.92 -45.51
N LEU F 104 -36.07 -14.37 -46.33
CA LEU F 104 -36.30 -13.72 -47.61
C LEU F 104 -36.76 -12.28 -47.43
N PHE F 105 -37.64 -12.06 -46.45
CA PHE F 105 -38.13 -10.72 -46.16
C PHE F 105 -36.97 -9.78 -45.81
N LEU F 106 -36.09 -10.22 -44.91
CA LEU F 106 -34.95 -9.38 -44.54
C LEU F 106 -33.98 -9.24 -45.70
N ALA F 107 -33.70 -10.33 -46.40
CA ALA F 107 -32.78 -10.29 -47.53
C ALA F 107 -33.21 -9.20 -48.51
N GLY F 108 -34.51 -9.11 -48.79
CA GLY F 108 -34.99 -8.09 -49.70
C GLY F 108 -34.64 -6.68 -49.24
N LYS F 109 -34.74 -6.43 -47.95
CA LYS F 109 -34.36 -5.11 -47.44
C LYS F 109 -32.86 -4.90 -47.51
N VAL F 110 -32.08 -5.95 -47.24
CA VAL F 110 -30.63 -5.82 -47.28
C VAL F 110 -30.15 -5.57 -48.71
N GLU F 111 -30.66 -6.34 -49.66
CA GLU F 111 -30.18 -6.29 -51.04
C GLU F 111 -30.91 -5.25 -51.89
N GLU F 112 -31.76 -4.43 -51.28
CA GLU F 112 -32.47 -3.36 -51.97
C GLU F 112 -33.38 -3.93 -53.05
N THR F 113 -33.98 -5.09 -52.77
CA THR F 113 -35.04 -5.67 -53.60
C THR F 113 -36.24 -5.99 -52.72
N PRO F 114 -36.78 -4.99 -52.03
CA PRO F 114 -37.75 -5.26 -50.97
C PRO F 114 -39.10 -5.72 -51.48
N LYS F 115 -39.77 -6.54 -50.66
CA LYS F 115 -41.14 -6.97 -50.90
C LYS F 115 -41.91 -6.88 -49.57
N LYS F 116 -43.21 -6.68 -49.67
CA LYS F 116 -44.04 -6.58 -48.48
C LYS F 116 -44.26 -7.96 -47.87
N CYS F 117 -44.28 -7.99 -46.53
CA CYS F 117 -44.43 -9.28 -45.84
C CYS F 117 -45.70 -10.00 -46.27
N LYS F 118 -46.78 -9.26 -46.50
CA LYS F 118 -48.02 -9.89 -46.93
C LYS F 118 -47.83 -10.64 -48.24
N ASP F 119 -47.03 -10.10 -49.15
CA ASP F 119 -46.85 -10.74 -50.45
C ASP F 119 -46.08 -12.04 -50.31
N ILE F 120 -45.11 -12.08 -49.40
CA ILE F 120 -44.36 -13.31 -49.16
C ILE F 120 -45.27 -14.37 -48.59
N ILE F 121 -46.17 -14.01 -47.67
CA ILE F 121 -47.10 -14.97 -47.11
C ILE F 121 -48.03 -15.51 -48.19
N LYS F 122 -48.58 -14.63 -49.01
CA LYS F 122 -49.45 -15.06 -50.09
C LYS F 122 -48.75 -16.12 -50.94
N THR F 123 -47.51 -15.85 -51.33
CA THR F 123 -46.76 -16.79 -52.16
C THR F 123 -46.49 -18.09 -51.41
N ALA F 124 -46.16 -18.00 -50.12
CA ALA F 124 -45.93 -19.21 -49.33
C ALA F 124 -47.18 -20.07 -49.26
N ARG F 125 -48.35 -19.45 -49.17
CA ARG F 125 -49.58 -20.23 -49.15
C ARG F 125 -49.77 -20.97 -50.46
N SER F 126 -49.41 -20.33 -51.57
CA SER F 126 -49.52 -20.97 -52.87
C SER F 126 -48.67 -22.24 -52.93
N LEU F 127 -47.47 -22.19 -52.35
CA LEU F 127 -46.50 -23.28 -52.49
C LEU F 127 -46.61 -24.35 -51.41
N LEU F 128 -47.10 -24.01 -50.22
CA LEU F 128 -47.18 -24.96 -49.13
C LEU F 128 -48.56 -25.61 -49.05
N ASN F 129 -48.60 -26.87 -48.63
CA ASN F 129 -49.88 -27.56 -48.43
C ASN F 129 -50.47 -27.09 -47.09
N ASP F 130 -51.56 -27.71 -46.65
CA ASP F 130 -52.20 -27.27 -45.41
C ASP F 130 -51.38 -27.66 -44.18
N VAL F 131 -50.78 -28.85 -44.20
CA VAL F 131 -49.93 -29.25 -43.07
C VAL F 131 -48.77 -28.27 -42.93
N GLN F 132 -48.09 -28.00 -44.03
CA GLN F 132 -46.91 -27.14 -44.01
C GLN F 132 -47.27 -25.72 -43.59
N PHE F 133 -48.31 -25.16 -44.19
CA PHE F 133 -48.68 -23.79 -43.83
C PHE F 133 -49.19 -23.67 -42.40
N GLY F 134 -49.48 -24.80 -41.74
CA GLY F 134 -49.84 -24.74 -40.34
C GLY F 134 -48.76 -24.18 -39.45
N GLN F 135 -47.51 -24.22 -39.93
CA GLN F 135 -46.41 -23.66 -39.16
C GLN F 135 -46.65 -22.17 -38.87
N PHE F 136 -47.26 -21.47 -39.82
CA PHE F 136 -47.49 -20.03 -39.69
C PHE F 136 -48.61 -19.69 -38.71
N GLY F 137 -49.34 -20.67 -38.20
CA GLY F 137 -50.31 -20.41 -37.16
C GLY F 137 -51.46 -19.52 -37.63
N ASP F 138 -52.09 -18.86 -36.65
CA ASP F 138 -53.30 -18.08 -36.93
C ASP F 138 -53.00 -16.74 -37.59
N ASP F 139 -51.82 -16.16 -37.35
CA ASP F 139 -51.42 -14.89 -37.95
C ASP F 139 -50.05 -15.08 -38.59
N PRO F 140 -50.01 -15.51 -39.85
CA PRO F 140 -48.70 -15.74 -40.50
C PRO F 140 -47.80 -14.51 -40.52
N LYS F 141 -48.31 -13.36 -40.94
CA LYS F 141 -47.46 -12.17 -41.00
C LYS F 141 -46.82 -11.91 -39.65
N GLU F 142 -47.60 -12.02 -38.56
CA GLU F 142 -47.07 -11.78 -37.23
C GLU F 142 -45.94 -12.75 -36.89
N GLU F 143 -46.15 -14.05 -37.14
CA GLU F 143 -45.09 -15.02 -36.86
C GLU F 143 -43.81 -14.67 -37.59
N VAL F 144 -43.91 -14.17 -38.82
CA VAL F 144 -42.72 -13.79 -39.56
C VAL F 144 -42.13 -12.50 -39.00
N MET F 145 -42.96 -11.46 -38.86
CA MET F 145 -42.44 -10.17 -38.40
C MET F 145 -41.80 -10.29 -37.02
N VAL F 146 -42.36 -11.16 -36.18
CA VAL F 146 -41.81 -11.38 -34.85
C VAL F 146 -40.41 -11.97 -34.93
N LEU F 147 -40.19 -12.91 -35.84
CA LEU F 147 -38.92 -13.60 -35.93
C LEU F 147 -37.79 -12.68 -36.37
N GLU F 148 -38.11 -11.59 -37.07
CA GLU F 148 -37.04 -10.72 -37.60
C GLU F 148 -36.05 -10.32 -36.52
N ARG F 149 -36.53 -10.03 -35.30
CA ARG F 149 -35.62 -9.62 -34.24
C ARG F 149 -34.59 -10.70 -33.94
N ILE F 150 -35.06 -11.95 -33.78
CA ILE F 150 -34.14 -13.05 -33.50
C ILE F 150 -33.21 -13.28 -34.68
N LEU F 151 -33.73 -13.16 -35.91
CA LEU F 151 -32.89 -13.34 -37.08
C LEU F 151 -31.72 -12.37 -37.04
N LEU F 152 -32.02 -11.09 -36.83
CA LEU F 152 -30.98 -10.07 -36.81
C LEU F 152 -29.96 -10.35 -35.71
N GLN F 153 -30.43 -10.69 -34.51
CA GLN F 153 -29.48 -11.00 -33.44
C GLN F 153 -28.67 -12.24 -33.78
N THR F 154 -29.30 -13.25 -34.38
CA THR F 154 -28.58 -14.48 -34.68
C THR F 154 -27.51 -14.25 -35.74
N ILE F 155 -27.81 -13.50 -36.81
CA ILE F 155 -26.82 -13.27 -37.84
C ILE F 155 -25.90 -12.13 -37.44
N LYS F 156 -25.96 -11.74 -36.17
CA LYS F 156 -25.01 -10.78 -35.60
C LYS F 156 -24.94 -9.50 -36.42
N PHE F 157 -26.08 -9.11 -37.00
CA PHE F 157 -26.20 -7.90 -37.79
C PHE F 157 -25.13 -7.79 -38.87
N ASP F 158 -24.52 -8.91 -39.23
CA ASP F 158 -23.59 -8.97 -40.35
C ASP F 158 -24.45 -9.23 -41.59
N LEU F 159 -24.95 -8.15 -42.17
CA LEU F 159 -25.94 -8.23 -43.23
C LEU F 159 -25.30 -8.39 -44.60
N GLN F 160 -24.09 -7.90 -44.78
CA GLN F 160 -23.44 -8.01 -46.07
C GLN F 160 -23.05 -9.47 -46.31
N VAL F 161 -23.47 -10.01 -47.45
CA VAL F 161 -23.14 -11.38 -47.82
C VAL F 161 -22.79 -11.38 -49.30
N GLU F 162 -21.68 -12.05 -49.65
CA GLU F 162 -21.29 -12.25 -51.04
C GLU F 162 -21.49 -13.71 -51.44
N HIS F 163 -21.74 -13.91 -52.72
CA HIS F 163 -22.15 -15.20 -53.25
C HIS F 163 -21.23 -15.65 -54.37
N PRO F 164 -21.14 -16.97 -54.58
CA PRO F 164 -20.22 -17.50 -55.61
C PRO F 164 -20.45 -16.89 -56.99
N TYR F 165 -21.66 -16.39 -57.25
CA TYR F 165 -21.99 -15.94 -58.59
C TYR F 165 -21.04 -14.86 -59.07
N GLN F 166 -20.82 -13.83 -58.26
CA GLN F 166 -20.01 -12.70 -58.72
C GLN F 166 -18.58 -13.13 -59.01
N PHE F 167 -18.08 -14.13 -58.27
CA PHE F 167 -16.74 -14.63 -58.51
C PHE F 167 -16.70 -15.56 -59.71
N LEU F 168 -17.75 -16.34 -59.91
CA LEU F 168 -17.84 -17.14 -61.13
C LEU F 168 -17.71 -16.26 -62.37
N LEU F 169 -18.31 -15.08 -62.35
CA LEU F 169 -18.27 -14.17 -63.49
C LEU F 169 -16.93 -13.43 -63.53
N LYS F 170 -16.46 -12.95 -62.38
CA LYS F 170 -15.17 -12.26 -62.33
C LYS F 170 -14.07 -13.13 -62.92
N TYR F 171 -14.09 -14.41 -62.61
CA TYR F 171 -13.04 -15.30 -63.10
C TYR F 171 -13.26 -15.63 -64.57
N ALA F 172 -14.51 -15.83 -64.98
CA ALA F 172 -14.78 -16.19 -66.36
C ALA F 172 -14.37 -15.07 -67.33
N LYS F 173 -14.54 -13.81 -66.94
CA LYS F 173 -14.16 -12.75 -67.86
C LYS F 173 -12.66 -12.79 -68.18
N GLN F 174 -11.86 -13.39 -67.32
CA GLN F 174 -10.43 -13.51 -67.54
C GLN F 174 -10.06 -14.73 -68.38
N LEU F 175 -11.04 -15.51 -68.83
CA LEU F 175 -10.80 -16.61 -69.75
C LEU F 175 -10.95 -16.10 -71.17
N LYS F 176 -10.05 -16.56 -72.04
CA LYS F 176 -10.07 -16.20 -73.45
C LYS F 176 -9.99 -17.48 -74.26
N GLY F 177 -10.86 -17.62 -75.24
CA GLY F 177 -10.88 -18.83 -76.05
C GLY F 177 -12.22 -18.97 -76.75
N ASP F 178 -12.55 -20.21 -77.07
CA ASP F 178 -13.82 -20.53 -77.72
C ASP F 178 -14.95 -19.95 -76.87
N LYS F 179 -15.63 -18.92 -77.38
CA LYS F 179 -16.68 -18.26 -76.61
C LYS F 179 -17.78 -19.24 -76.21
N ASN F 180 -18.14 -20.18 -77.10
CA ASN F 180 -19.25 -21.07 -76.78
C ASN F 180 -18.86 -22.12 -75.75
N LYS F 181 -17.62 -22.59 -75.75
CA LYS F 181 -17.20 -23.54 -74.72
C LYS F 181 -17.13 -22.84 -73.36
N ILE F 182 -16.69 -21.59 -73.34
CA ILE F 182 -16.63 -20.85 -72.09
C ILE F 182 -18.03 -20.54 -71.60
N GLN F 183 -18.95 -20.24 -72.51
CA GLN F 183 -20.33 -20.03 -72.10
C GLN F 183 -20.94 -21.31 -71.54
N LYS F 184 -20.65 -22.46 -72.18
CA LYS F 184 -21.16 -23.71 -71.64
C LYS F 184 -20.59 -23.96 -70.25
N LEU F 185 -19.31 -23.63 -70.06
CA LEU F 185 -18.72 -23.75 -68.73
C LEU F 185 -19.47 -22.92 -67.70
N VAL F 186 -19.76 -21.67 -68.03
CA VAL F 186 -20.37 -20.77 -67.04
C VAL F 186 -21.75 -21.26 -66.65
N GLN F 187 -22.63 -21.53 -67.63
CA GLN F 187 -23.99 -21.90 -67.26
C GLN F 187 -24.01 -23.17 -66.41
N MET F 188 -23.23 -24.18 -66.79
CA MET F 188 -23.18 -25.39 -65.98
C MET F 188 -22.72 -25.07 -64.57
N ALA F 189 -21.64 -24.29 -64.44
CA ALA F 189 -21.17 -23.89 -63.12
C ALA F 189 -22.23 -23.08 -62.39
N TRP F 190 -22.89 -22.16 -63.09
CA TRP F 190 -23.98 -21.40 -62.49
C TRP F 190 -25.06 -22.31 -61.95
N THR F 191 -25.45 -23.33 -62.74
CA THR F 191 -26.42 -24.30 -62.24
C THR F 191 -25.91 -24.97 -60.98
N PHE F 192 -24.61 -25.30 -60.93
CA PHE F 192 -24.07 -25.95 -59.74
C PHE F 192 -24.14 -25.03 -58.53
N VAL F 193 -23.93 -23.73 -58.72
CA VAL F 193 -24.06 -22.81 -57.59
C VAL F 193 -25.47 -22.87 -57.03
N ASN F 194 -26.47 -22.78 -57.90
CA ASN F 194 -27.86 -22.83 -57.46
C ASN F 194 -28.14 -24.10 -56.66
N ASP F 195 -27.61 -25.23 -57.11
CA ASP F 195 -27.84 -26.49 -56.42
C ASP F 195 -27.04 -26.58 -55.14
N SER F 196 -25.89 -25.89 -55.08
CA SER F 196 -25.09 -25.88 -53.87
C SER F 196 -25.76 -25.15 -52.73
N LEU F 197 -26.81 -24.37 -53.01
CA LEU F 197 -27.47 -23.59 -51.96
C LEU F 197 -28.30 -24.45 -51.01
N CYS F 198 -28.67 -25.65 -51.43
CA CYS F 198 -29.38 -26.61 -50.59
C CYS F 198 -28.46 -27.39 -49.68
N THR F 199 -27.17 -27.08 -49.72
CA THR F 199 -26.14 -27.78 -48.97
C THR F 199 -25.54 -26.84 -47.93
N THR F 200 -24.77 -27.43 -47.03
CA THR F 200 -24.04 -26.70 -46.02
C THR F 200 -22.71 -26.19 -46.53
N LEU F 201 -22.49 -26.27 -47.85
CA LEU F 201 -21.27 -25.70 -48.44
C LEU F 201 -21.17 -24.20 -48.19
N SER F 202 -22.30 -23.49 -48.24
CA SER F 202 -22.29 -22.08 -47.92
C SER F 202 -21.68 -21.82 -46.55
N LEU F 203 -21.73 -22.82 -45.66
CA LEU F 203 -21.21 -22.70 -44.31
C LEU F 203 -19.80 -23.28 -44.15
N GLN F 204 -19.26 -23.95 -45.16
CA GLN F 204 -17.97 -24.59 -45.05
C GLN F 204 -16.87 -23.83 -45.76
N TRP F 205 -17.19 -23.16 -46.87
CA TRP F 205 -16.19 -22.58 -47.74
C TRP F 205 -16.61 -21.19 -48.19
N GLU F 206 -15.59 -20.31 -48.29
CA GLU F 206 -15.80 -18.99 -48.81
C GLU F 206 -16.45 -19.06 -50.19
N PRO F 207 -17.17 -18.01 -50.59
CA PRO F 207 -17.82 -18.07 -51.92
C PRO F 207 -16.81 -18.22 -53.05
N GLU F 208 -15.65 -17.57 -52.94
CA GLU F 208 -14.63 -17.67 -53.97
C GLU F 208 -14.24 -19.11 -54.22
N ILE F 209 -14.09 -19.89 -53.15
CA ILE F 209 -13.69 -21.30 -53.28
C ILE F 209 -14.78 -22.09 -53.99
N ILE F 210 -16.04 -21.85 -53.63
CA ILE F 210 -17.15 -22.53 -54.28
C ILE F 210 -17.13 -22.23 -55.78
N ALA F 211 -16.93 -20.95 -56.12
CA ALA F 211 -16.93 -20.54 -57.51
C ALA F 211 -15.86 -21.28 -58.31
N VAL F 212 -14.67 -21.44 -57.73
CA VAL F 212 -13.63 -22.22 -58.40
C VAL F 212 -14.08 -23.68 -58.50
N ALA F 213 -14.63 -24.23 -57.42
CA ALA F 213 -15.03 -25.64 -57.43
C ALA F 213 -16.05 -25.93 -58.52
N VAL F 214 -17.04 -25.04 -58.70
CA VAL F 214 -18.07 -25.31 -59.70
C VAL F 214 -17.50 -25.15 -61.10
N MET F 215 -16.57 -24.21 -61.29
CA MET F 215 -15.85 -24.16 -62.55
C MET F 215 -15.03 -25.43 -62.75
N TYR F 216 -14.34 -25.85 -61.70
CA TYR F 216 -13.57 -27.08 -61.71
C TYR F 216 -14.44 -28.26 -62.09
N LEU F 217 -15.61 -28.37 -61.47
CA LEU F 217 -16.54 -29.45 -61.81
C LEU F 217 -17.01 -29.32 -63.26
N ALA F 218 -17.50 -28.14 -63.62
CA ALA F 218 -17.99 -27.94 -64.99
C ALA F 218 -16.91 -28.24 -66.01
N GLY F 219 -15.67 -27.90 -65.68
CA GLY F 219 -14.56 -28.24 -66.57
C GLY F 219 -14.40 -29.74 -66.75
N ARG F 220 -14.41 -30.48 -65.65
CA ARG F 220 -14.26 -31.93 -65.74
C ARG F 220 -15.38 -32.55 -66.56
N LEU F 221 -16.63 -32.15 -66.30
CA LEU F 221 -17.76 -32.77 -66.98
C LEU F 221 -17.74 -32.46 -68.48
N CYS F 222 -17.42 -31.22 -68.85
CA CYS F 222 -17.39 -30.85 -70.27
C CYS F 222 -16.08 -31.24 -70.96
N LYS F 223 -15.19 -31.94 -70.27
CA LYS F 223 -13.91 -32.33 -70.84
C LYS F 223 -13.14 -31.10 -71.34
N PHE F 224 -13.17 -30.02 -70.54
CA PHE F 224 -12.44 -28.81 -70.88
C PHE F 224 -11.13 -28.73 -70.08
N GLU F 225 -10.14 -28.08 -70.69
CA GLU F 225 -8.87 -27.77 -70.04
C GLU F 225 -8.92 -26.26 -69.77
N ILE F 226 -9.37 -25.89 -68.56
CA ILE F 226 -9.61 -24.48 -68.30
C ILE F 226 -8.32 -23.69 -68.34
N GLN F 227 -7.20 -24.33 -68.02
CA GLN F 227 -5.92 -23.63 -67.99
C GLN F 227 -5.61 -22.97 -69.33
N GLU F 228 -5.96 -23.64 -70.43
CA GLU F 228 -5.62 -23.10 -71.75
C GLU F 228 -6.21 -21.71 -71.94
N TRP F 229 -7.36 -21.45 -71.33
CA TRP F 229 -8.03 -20.17 -71.50
C TRP F 229 -7.48 -19.08 -70.57
N THR F 230 -6.56 -19.42 -69.68
CA THR F 230 -6.04 -18.47 -68.72
C THR F 230 -4.83 -17.74 -69.27
N SER F 231 -4.39 -16.72 -68.54
CA SER F 231 -3.17 -16.02 -68.89
C SER F 231 -1.92 -16.86 -68.67
N LYS F 232 -2.05 -18.06 -68.10
CA LYS F 232 -0.93 -18.96 -67.83
C LYS F 232 -1.26 -20.36 -68.35
N PRO F 233 -1.30 -20.54 -69.68
CA PRO F 233 -1.86 -21.78 -70.24
C PRO F 233 -1.09 -23.05 -69.90
N MET F 234 0.11 -22.93 -69.33
CA MET F 234 0.89 -24.10 -68.95
C MET F 234 0.92 -24.31 -67.44
N TYR F 235 0.09 -23.58 -66.71
CA TYR F 235 -0.03 -23.73 -65.26
C TYR F 235 -1.21 -24.67 -65.01
N ARG F 236 -0.93 -25.95 -64.74
CA ARG F 236 -2.04 -26.88 -64.68
C ARG F 236 -3.01 -26.53 -63.56
N ARG F 237 -2.51 -25.94 -62.47
CA ARG F 237 -3.37 -25.47 -61.38
C ARG F 237 -3.88 -24.08 -61.70
N TRP F 238 -4.87 -24.02 -62.59
CA TRP F 238 -5.39 -22.75 -63.06
C TRP F 238 -6.02 -21.96 -61.93
N TRP F 239 -6.59 -22.64 -60.93
CA TRP F 239 -7.31 -21.94 -59.87
C TRP F 239 -6.40 -21.04 -59.04
N GLU F 240 -5.11 -21.31 -59.02
CA GLU F 240 -4.23 -20.54 -58.15
C GLU F 240 -4.19 -19.07 -58.52
N GLN F 241 -4.49 -18.72 -59.77
CA GLN F 241 -4.53 -17.31 -60.12
C GLN F 241 -5.76 -16.60 -59.62
N PHE F 242 -6.84 -17.34 -59.38
CA PHE F 242 -8.07 -16.75 -58.89
C PHE F 242 -8.18 -16.84 -57.37
N VAL F 243 -7.86 -17.99 -56.79
CA VAL F 243 -7.97 -18.18 -55.35
C VAL F 243 -6.72 -18.89 -54.85
N GLN F 244 -5.94 -18.20 -54.03
CA GLN F 244 -4.70 -18.75 -53.50
C GLN F 244 -4.97 -19.74 -52.38
N ASP F 245 -4.08 -20.73 -52.27
CA ASP F 245 -4.04 -21.64 -51.15
C ASP F 245 -5.21 -22.61 -51.14
N VAL F 246 -5.64 -23.08 -52.31
CA VAL F 246 -6.73 -24.04 -52.34
C VAL F 246 -6.18 -25.35 -52.90
N PRO F 247 -6.07 -26.40 -52.09
CA PRO F 247 -5.64 -27.70 -52.58
C PRO F 247 -6.78 -28.39 -53.34
N VAL F 248 -6.38 -29.34 -54.18
CA VAL F 248 -7.37 -30.10 -54.93
C VAL F 248 -8.30 -30.85 -53.97
N ASP F 249 -7.78 -31.26 -52.81
CA ASP F 249 -8.60 -31.94 -51.82
C ASP F 249 -9.93 -31.22 -51.63
N VAL F 250 -9.86 -29.90 -51.46
CA VAL F 250 -11.05 -29.11 -51.20
C VAL F 250 -11.97 -29.11 -52.41
N LEU F 251 -11.41 -28.85 -53.60
CA LEU F 251 -12.24 -28.84 -54.81
C LEU F 251 -12.92 -30.18 -55.01
N GLU F 252 -12.24 -31.27 -54.66
CA GLU F 252 -12.86 -32.59 -54.80
C GLU F 252 -13.95 -32.80 -53.76
N ASP F 253 -13.68 -32.39 -52.51
CA ASP F 253 -14.72 -32.49 -51.48
C ASP F 253 -15.96 -31.70 -51.87
N ILE F 254 -15.78 -30.50 -52.40
CA ILE F 254 -16.93 -29.69 -52.81
C ILE F 254 -17.63 -30.35 -53.99
N CYS F 255 -16.86 -30.75 -55.01
CA CYS F 255 -17.48 -31.42 -56.15
C CYS F 255 -18.27 -32.64 -55.71
N HIS F 256 -17.69 -33.45 -54.82
CA HIS F 256 -18.38 -34.64 -54.35
C HIS F 256 -19.73 -34.28 -53.74
N GLN F 257 -19.76 -33.26 -52.90
CA GLN F 257 -21.00 -32.87 -52.24
C GLN F 257 -22.03 -32.38 -53.25
N ILE F 258 -21.59 -31.68 -54.29
CA ILE F 258 -22.53 -31.20 -55.30
C ILE F 258 -23.13 -32.37 -56.08
N LEU F 259 -22.29 -33.29 -56.55
CA LEU F 259 -22.77 -34.41 -57.33
C LEU F 259 -23.67 -35.35 -56.53
N ASP F 260 -23.53 -35.37 -55.20
CA ASP F 260 -24.38 -36.23 -54.38
C ASP F 260 -25.85 -35.89 -54.55
N LEU F 261 -26.18 -34.60 -54.59
CA LEU F 261 -27.57 -34.19 -54.78
C LEU F 261 -28.16 -34.80 -56.03
N TYR F 262 -27.40 -34.81 -57.12
CA TYR F 262 -27.87 -35.33 -58.39
C TYR F 262 -28.15 -36.83 -58.31
N SER F 263 -27.27 -37.57 -57.62
CA SER F 263 -27.48 -39.00 -57.49
C SER F 263 -28.67 -39.32 -56.58
N GLN F 264 -28.78 -38.63 -55.45
CA GLN F 264 -29.90 -38.87 -54.55
C GLN F 264 -31.22 -38.47 -55.19
N GLY F 265 -31.27 -37.30 -55.83
CA GLY F 265 -32.51 -36.82 -56.39
C GLY F 265 -32.88 -37.55 -57.67
N LYS F 266 -33.85 -36.97 -58.37
CA LYS F 266 -34.20 -37.50 -59.68
C LYS F 266 -33.43 -36.82 -60.80
N GLN F 267 -33.03 -35.58 -60.57
CA GLN F 267 -32.26 -34.83 -61.54
C GLN F 267 -30.88 -35.48 -61.71
N GLN F 268 -30.35 -35.37 -62.92
CA GLN F 268 -29.04 -35.90 -63.30
C GLN F 268 -28.17 -34.73 -63.72
N MET F 269 -26.88 -35.00 -63.92
CA MET F 269 -25.92 -33.93 -64.16
C MET F 269 -26.42 -33.08 -65.34
N PRO F 270 -26.29 -31.75 -65.27
CA PRO F 270 -26.92 -30.92 -66.32
C PRO F 270 -26.44 -31.21 -67.73
N HIS F 271 -25.14 -31.39 -67.93
CA HIS F 271 -24.57 -31.62 -69.25
C HIS F 271 -25.34 -30.94 -70.37
N MET G 5 -19.51 -56.82 21.82
CA MET G 5 -19.69 -55.58 22.64
C MET G 5 -20.88 -54.75 22.15
N SER G 6 -21.19 -54.84 20.85
CA SER G 6 -22.36 -54.18 20.27
C SER G 6 -23.21 -55.22 19.56
N TYR G 7 -24.52 -55.00 19.53
CA TYR G 7 -25.48 -55.97 19.03
C TYR G 7 -26.49 -55.30 18.11
N ASN G 8 -26.60 -55.80 16.88
CA ASN G 8 -27.46 -55.18 15.88
C ASN G 8 -28.16 -56.23 15.02
N TYR G 9 -29.21 -55.78 14.32
CA TYR G 9 -30.09 -56.65 13.54
C TYR G 9 -30.37 -55.98 12.20
N VAL G 10 -30.09 -56.67 11.09
CA VAL G 10 -30.22 -56.14 9.75
C VAL G 10 -31.24 -56.97 8.97
N VAL G 11 -32.22 -56.29 8.37
CA VAL G 11 -33.30 -56.95 7.66
C VAL G 11 -33.52 -56.28 6.31
N THR G 12 -33.94 -57.07 5.34
CA THR G 12 -34.31 -56.56 4.02
C THR G 12 -35.79 -56.15 4.07
N ALA G 13 -36.06 -54.87 3.90
CA ALA G 13 -37.44 -54.41 3.80
C ALA G 13 -37.92 -54.52 2.36
N GLN G 14 -37.04 -54.20 1.41
CA GLN G 14 -37.30 -54.27 -0.03
C GLN G 14 -36.13 -54.98 -0.69
N LYS G 15 -36.42 -55.99 -1.48
CA LYS G 15 -35.36 -56.75 -2.12
C LYS G 15 -34.71 -55.94 -3.23
N PRO G 16 -33.52 -56.33 -3.66
CA PRO G 16 -32.88 -55.66 -4.81
C PRO G 16 -33.81 -55.64 -6.02
N THR G 17 -33.91 -54.48 -6.67
CA THR G 17 -34.77 -54.30 -7.82
C THR G 17 -34.01 -54.21 -9.14
N ALA G 18 -32.74 -53.84 -9.10
CA ALA G 18 -31.97 -53.68 -10.33
C ALA G 18 -31.61 -55.02 -10.95
N VAL G 19 -31.68 -55.07 -12.29
CA VAL G 19 -31.34 -56.28 -13.03
C VAL G 19 -29.87 -56.24 -13.41
N ASN G 20 -29.11 -57.24 -12.94
CA ASN G 20 -27.69 -57.34 -13.26
C ASN G 20 -27.40 -58.27 -14.43
N GLY G 21 -28.26 -59.26 -14.67
CA GLY G 21 -28.08 -60.15 -15.80
C GLY G 21 -29.34 -60.92 -16.10
N CYS G 22 -29.41 -61.40 -17.33
CA CYS G 22 -30.57 -62.15 -17.81
C CYS G 22 -30.17 -63.14 -18.87
N VAL G 23 -30.73 -64.35 -18.79
CA VAL G 23 -30.49 -65.41 -19.75
C VAL G 23 -31.80 -66.05 -20.16
N THR G 24 -31.78 -66.71 -21.33
CA THR G 24 -32.92 -67.42 -21.87
C THR G 24 -32.49 -68.84 -22.20
N GLY G 25 -33.41 -69.79 -22.05
CA GLY G 25 -33.08 -71.18 -22.30
C GLY G 25 -34.18 -72.11 -21.84
N HIS G 26 -33.79 -73.36 -21.57
CA HIS G 26 -34.73 -74.44 -21.27
C HIS G 26 -34.29 -75.12 -19.97
N PHE G 27 -34.49 -74.41 -18.86
CA PHE G 27 -33.97 -74.79 -17.56
C PHE G 27 -34.97 -75.59 -16.74
N THR G 28 -36.24 -75.19 -16.72
CA THR G 28 -37.22 -75.92 -15.92
C THR G 28 -37.71 -77.18 -16.62
N SER G 29 -37.82 -77.16 -17.95
CA SER G 29 -38.21 -78.34 -18.71
C SER G 29 -37.63 -78.18 -20.11
N ALA G 30 -37.38 -79.31 -20.79
CA ALA G 30 -36.86 -79.25 -22.15
C ALA G 30 -37.84 -78.60 -23.13
N GLU G 31 -39.10 -78.43 -22.75
CA GLU G 31 -40.11 -77.84 -23.64
C GLU G 31 -40.36 -76.37 -23.37
N ASP G 32 -40.43 -75.96 -22.10
CA ASP G 32 -40.70 -74.56 -21.79
C ASP G 32 -39.53 -73.67 -22.22
N LEU G 33 -39.86 -72.41 -22.55
CA LEU G 33 -38.87 -71.37 -22.76
C LEU G 33 -38.84 -70.49 -21.52
N ASN G 34 -37.73 -70.50 -20.80
CA ASN G 34 -37.63 -69.82 -19.52
C ASN G 34 -36.76 -68.57 -19.67
N LEU G 35 -37.07 -67.55 -18.88
CA LEU G 35 -36.23 -66.37 -18.73
C LEU G 35 -35.80 -66.29 -17.28
N LEU G 36 -34.49 -66.36 -17.05
CA LEU G 36 -33.92 -66.23 -15.72
C LEU G 36 -33.37 -64.81 -15.54
N ILE G 37 -33.88 -64.13 -14.51
CA ILE G 37 -33.47 -62.76 -14.22
C ILE G 37 -32.63 -62.78 -12.95
N ALA G 38 -31.47 -62.15 -13.00
CA ALA G 38 -30.55 -62.08 -11.88
C ALA G 38 -30.58 -60.65 -11.35
N LYS G 39 -31.10 -60.47 -10.15
CA LYS G 39 -30.92 -59.25 -9.39
C LYS G 39 -29.93 -59.60 -8.27
N ASN G 40 -29.26 -58.59 -7.74
CA ASN G 40 -28.16 -58.88 -6.82
C ASN G 40 -28.61 -59.85 -5.73
N THR G 41 -28.09 -61.07 -5.79
CA THR G 41 -28.31 -62.18 -4.85
C THR G 41 -29.64 -62.89 -5.06
N ARG G 42 -30.52 -62.44 -5.95
CA ARG G 42 -31.83 -63.05 -6.14
C ARG G 42 -31.85 -63.65 -7.53
N LEU G 43 -32.30 -64.90 -7.64
CA LEU G 43 -32.48 -65.52 -8.94
C LEU G 43 -33.98 -65.69 -9.15
N GLU G 44 -34.49 -65.12 -10.23
CA GLU G 44 -35.89 -65.19 -10.58
C GLU G 44 -36.03 -66.05 -11.82
N ILE G 45 -36.92 -67.04 -11.76
CA ILE G 45 -37.18 -67.97 -12.85
C ILE G 45 -38.58 -67.72 -13.36
N TYR G 46 -38.70 -67.49 -14.67
CA TYR G 46 -39.99 -67.28 -15.31
C TYR G 46 -40.16 -68.29 -16.44
N VAL G 47 -41.39 -68.42 -16.90
CA VAL G 47 -41.69 -69.19 -18.10
C VAL G 47 -42.30 -68.24 -19.12
N VAL G 48 -41.78 -68.28 -20.33
CA VAL G 48 -42.20 -67.36 -21.38
C VAL G 48 -43.50 -67.90 -21.96
N THR G 49 -44.52 -67.05 -21.99
CA THR G 49 -45.82 -67.38 -22.54
C THR G 49 -46.09 -66.45 -23.73
N ALA G 50 -47.26 -66.63 -24.34
CA ALA G 50 -47.68 -65.73 -25.40
C ALA G 50 -48.19 -64.40 -24.86
N GLU G 51 -48.39 -64.29 -23.56
CA GLU G 51 -48.94 -63.10 -22.93
C GLU G 51 -47.89 -62.24 -22.25
N GLY G 52 -46.87 -62.86 -21.68
CA GLY G 52 -45.88 -62.18 -20.88
C GLY G 52 -45.03 -63.21 -20.16
N LEU G 53 -44.72 -62.95 -18.89
CA LEU G 53 -43.88 -63.84 -18.11
C LEU G 53 -44.70 -64.45 -16.98
N ARG G 54 -44.57 -65.76 -16.81
CA ARG G 54 -45.19 -66.48 -15.70
C ARG G 54 -44.13 -66.85 -14.67
N PRO G 55 -44.19 -66.34 -13.44
CA PRO G 55 -43.19 -66.71 -12.44
C PRO G 55 -43.28 -68.18 -12.06
N VAL G 56 -42.12 -68.74 -11.68
CA VAL G 56 -42.05 -70.16 -11.34
C VAL G 56 -41.44 -70.38 -9.96
N LYS G 57 -40.34 -69.70 -9.67
CA LYS G 57 -39.62 -69.89 -8.41
C LYS G 57 -38.64 -68.75 -8.25
N GLU G 58 -38.46 -68.31 -7.01
CA GLU G 58 -37.41 -67.36 -6.69
C GLU G 58 -36.62 -67.92 -5.54
N VAL G 59 -35.31 -67.90 -5.66
CA VAL G 59 -34.40 -68.34 -4.62
C VAL G 59 -33.45 -67.21 -4.33
N GLY G 60 -32.96 -67.16 -3.11
CA GLY G 60 -31.87 -66.29 -2.74
C GLY G 60 -30.59 -67.12 -2.71
N MET G 61 -29.48 -66.46 -2.95
CA MET G 61 -28.17 -67.07 -2.83
C MET G 61 -27.33 -66.28 -1.85
N TYR G 62 -26.43 -66.98 -1.17
CA TYR G 62 -25.54 -66.36 -0.19
C TYR G 62 -24.29 -65.82 -0.89
N GLY G 63 -24.52 -64.84 -1.78
CA GLY G 63 -23.47 -64.28 -2.61
C GLY G 63 -24.00 -63.37 -3.69
N LYS G 64 -23.19 -62.43 -4.18
CA LYS G 64 -23.60 -61.58 -5.29
C LYS G 64 -23.40 -62.35 -6.60
N ILE G 65 -24.44 -62.42 -7.42
CA ILE G 65 -24.39 -63.22 -8.66
C ILE G 65 -23.54 -62.45 -9.67
N ALA G 66 -22.37 -63.00 -10.00
CA ALA G 66 -21.46 -62.38 -10.96
C ALA G 66 -21.63 -62.94 -12.37
N VAL G 67 -21.65 -64.26 -12.51
CA VAL G 67 -21.85 -64.92 -13.79
C VAL G 67 -23.06 -65.84 -13.67
N MET G 68 -23.94 -65.77 -14.68
CA MET G 68 -25.12 -66.62 -14.76
C MET G 68 -25.20 -67.09 -16.21
N GLU G 69 -25.09 -68.40 -16.42
CA GLU G 69 -25.05 -68.94 -17.77
C GLU G 69 -25.76 -70.29 -17.78
N LEU G 70 -26.53 -70.53 -18.83
CA LEU G 70 -27.22 -71.79 -19.04
C LEU G 70 -26.50 -72.63 -20.08
N PHE G 71 -26.42 -73.93 -19.82
CA PHE G 71 -25.73 -74.86 -20.71
C PHE G 71 -26.38 -76.22 -20.61
N ARG G 72 -26.15 -77.05 -21.63
CA ARG G 72 -26.74 -78.37 -21.74
C ARG G 72 -25.70 -79.40 -22.18
N PRO G 73 -25.07 -80.10 -21.24
CA PRO G 73 -24.09 -81.11 -21.63
C PRO G 73 -24.76 -82.34 -22.22
N LYS G 74 -24.04 -83.02 -23.11
CA LYS G 74 -24.55 -84.20 -23.77
C LYS G 74 -25.07 -85.21 -22.75
N GLY G 75 -26.31 -85.66 -22.94
CA GLY G 75 -26.94 -86.61 -22.06
C GLY G 75 -27.99 -86.02 -21.14
N GLU G 76 -28.01 -84.71 -20.99
CA GLU G 76 -28.99 -84.07 -20.12
C GLU G 76 -30.27 -83.84 -20.91
N SER G 77 -31.41 -83.99 -20.23
CA SER G 77 -32.69 -83.77 -20.88
C SER G 77 -32.99 -82.28 -21.06
N LYS G 78 -32.43 -81.45 -20.19
CA LYS G 78 -32.74 -80.03 -20.17
C LYS G 78 -31.52 -79.25 -19.70
N ASP G 79 -31.63 -77.93 -19.77
CA ASP G 79 -30.49 -77.06 -19.46
C ASP G 79 -30.16 -77.06 -17.97
N LEU G 80 -28.87 -76.95 -17.68
CA LEU G 80 -28.34 -76.70 -16.34
C LEU G 80 -27.90 -75.26 -16.22
N LEU G 81 -27.82 -74.78 -14.99
CA LEU G 81 -27.47 -73.40 -14.69
C LEU G 81 -26.12 -73.33 -14.02
N PHE G 82 -25.23 -72.49 -14.56
CA PHE G 82 -23.96 -72.19 -13.93
C PHE G 82 -24.02 -70.80 -13.31
N ILE G 83 -23.55 -70.69 -12.06
CA ILE G 83 -23.47 -69.41 -11.37
C ILE G 83 -22.14 -69.32 -10.64
N LEU G 84 -21.52 -68.14 -10.70
CA LEU G 84 -20.31 -67.82 -9.95
C LEU G 84 -20.57 -66.53 -9.19
N THR G 85 -20.27 -66.52 -7.89
CA THR G 85 -20.53 -65.35 -7.07
C THR G 85 -19.31 -64.43 -7.05
N ALA G 86 -19.52 -63.22 -6.51
CA ALA G 86 -18.46 -62.23 -6.44
C ALA G 86 -17.35 -62.63 -5.48
N LYS G 87 -17.62 -63.52 -4.54
CA LYS G 87 -16.61 -64.11 -3.68
C LYS G 87 -16.04 -65.41 -4.24
N TYR G 88 -16.36 -65.73 -5.50
CA TYR G 88 -15.81 -66.88 -6.23
C TYR G 88 -16.42 -68.21 -5.79
N ASN G 89 -17.68 -68.20 -5.41
CA ASN G 89 -18.42 -69.44 -5.16
C ASN G 89 -19.03 -69.93 -6.46
N ALA G 90 -18.61 -71.11 -6.90
CA ALA G 90 -19.10 -71.70 -8.14
C ALA G 90 -20.05 -72.85 -7.84
N CYS G 91 -21.04 -73.02 -8.72
CA CYS G 91 -21.97 -74.13 -8.59
C CYS G 91 -22.65 -74.36 -9.93
N ILE G 92 -23.10 -75.59 -10.13
CA ILE G 92 -23.96 -75.96 -11.25
C ILE G 92 -25.28 -76.41 -10.66
N LEU G 93 -26.37 -75.83 -11.15
CA LEU G 93 -27.68 -76.01 -10.56
C LEU G 93 -28.60 -76.71 -11.54
N GLU G 94 -29.52 -77.48 -10.98
CA GLU G 94 -30.53 -78.17 -11.75
C GLU G 94 -31.88 -77.82 -11.14
N TYR G 95 -32.84 -77.52 -12.00
CA TYR G 95 -34.21 -77.33 -11.56
C TYR G 95 -34.88 -78.70 -11.45
N LYS G 96 -35.47 -78.98 -10.30
CA LYS G 96 -36.16 -80.25 -10.11
C LYS G 96 -37.46 -80.01 -9.38
N GLN G 97 -38.56 -80.48 -9.98
CA GLN G 97 -39.90 -80.28 -9.42
C GLN G 97 -40.70 -81.57 -9.50
N SER G 98 -41.28 -81.96 -8.38
CA SER G 98 -42.14 -83.15 -8.28
C SER G 98 -43.46 -82.73 -7.63
N GLY G 99 -44.49 -82.54 -8.45
CA GLY G 99 -45.75 -81.99 -7.98
C GLY G 99 -45.63 -80.52 -7.64
N GLU G 100 -46.02 -80.14 -6.41
CA GLU G 100 -45.97 -78.74 -6.02
C GLU G 100 -44.65 -78.34 -5.38
N SER G 101 -43.78 -79.30 -5.08
CA SER G 101 -42.53 -79.05 -4.36
C SER G 101 -41.44 -78.73 -5.36
N ILE G 102 -40.91 -77.51 -5.30
CA ILE G 102 -39.86 -77.06 -6.20
C ILE G 102 -38.54 -77.01 -5.44
N ASP G 103 -37.51 -77.58 -6.05
CA ASP G 103 -36.18 -77.57 -5.50
C ASP G 103 -35.22 -77.13 -6.58
N ILE G 104 -34.10 -76.55 -6.18
CA ILE G 104 -32.99 -76.29 -7.08
C ILE G 104 -31.82 -77.11 -6.53
N ILE G 105 -31.38 -78.08 -7.31
CA ILE G 105 -30.42 -79.07 -6.84
C ILE G 105 -29.03 -78.58 -7.23
N THR G 106 -28.11 -78.65 -6.28
CA THR G 106 -26.71 -78.29 -6.53
C THR G 106 -25.97 -79.56 -6.93
N ARG G 107 -25.69 -79.70 -8.23
CA ARG G 107 -25.02 -80.90 -8.73
C ARG G 107 -23.51 -80.84 -8.50
N ALA G 108 -22.93 -79.64 -8.55
CA ALA G 108 -21.50 -79.46 -8.35
C ALA G 108 -21.31 -78.12 -7.66
N HIS G 109 -20.27 -78.01 -6.84
CA HIS G 109 -20.02 -76.74 -6.17
C HIS G 109 -18.57 -76.69 -5.73
N GLY G 110 -18.06 -75.46 -5.62
CA GLY G 110 -16.71 -75.25 -5.17
C GLY G 110 -16.35 -73.79 -5.29
N ASN G 111 -15.21 -73.44 -4.70
CA ASN G 111 -14.69 -72.08 -4.71
C ASN G 111 -13.44 -72.03 -5.60
N VAL G 112 -13.42 -71.11 -6.55
CA VAL G 112 -12.38 -71.09 -7.59
C VAL G 112 -11.35 -70.00 -7.32
N GLN G 113 -11.31 -69.44 -6.12
CA GLN G 113 -10.37 -68.36 -5.83
C GLN G 113 -8.94 -68.88 -5.85
N ASP G 114 -8.05 -68.10 -6.44
CA ASP G 114 -6.62 -68.41 -6.46
C ASP G 114 -5.94 -67.68 -5.30
N ARG G 115 -4.97 -68.37 -4.68
CA ARG G 115 -4.21 -67.73 -3.60
C ARG G 115 -3.54 -66.46 -4.09
N ILE G 116 -3.02 -66.47 -5.31
CA ILE G 116 -2.28 -65.34 -5.86
C ILE G 116 -2.87 -65.00 -7.21
N GLY G 117 -3.20 -63.72 -7.41
CA GLY G 117 -3.72 -63.23 -8.66
C GLY G 117 -4.16 -61.78 -8.56
N ARG G 118 -4.12 -61.04 -9.67
CA ARG G 118 -4.55 -59.65 -9.68
C ARG G 118 -5.95 -59.55 -10.26
N PRO G 119 -6.95 -59.12 -9.51
CA PRO G 119 -8.30 -58.97 -10.08
C PRO G 119 -8.29 -58.09 -11.31
N SER G 120 -8.98 -58.54 -12.35
CA SER G 120 -8.90 -57.88 -13.65
C SER G 120 -9.71 -56.59 -13.65
N GLU G 121 -9.33 -55.68 -14.54
CA GLU G 121 -9.97 -54.38 -14.61
C GLU G 121 -11.42 -54.49 -15.08
N THR G 122 -11.67 -55.29 -16.12
CA THR G 122 -13.02 -55.42 -16.67
C THR G 122 -13.84 -56.52 -15.98
N GLY G 123 -13.41 -57.01 -14.83
CA GLY G 123 -14.23 -57.87 -14.00
C GLY G 123 -14.31 -59.33 -14.38
N ILE G 124 -15.05 -60.08 -13.55
CA ILE G 124 -15.21 -61.51 -13.77
C ILE G 124 -15.94 -61.73 -15.09
N ILE G 125 -15.40 -62.64 -15.91
CA ILE G 125 -16.05 -63.07 -17.13
C ILE G 125 -16.21 -64.58 -17.07
N GLY G 126 -17.40 -65.05 -17.43
CA GLY G 126 -17.65 -66.47 -17.53
C GLY G 126 -18.26 -66.83 -18.87
N ILE G 127 -17.68 -67.83 -19.52
CA ILE G 127 -18.12 -68.28 -20.83
C ILE G 127 -18.10 -69.80 -20.80
N ILE G 128 -18.94 -70.42 -21.62
CA ILE G 128 -19.03 -71.87 -21.68
C ILE G 128 -18.89 -72.32 -23.13
N ASP G 129 -18.16 -73.42 -23.31
CA ASP G 129 -17.89 -73.93 -24.63
C ASP G 129 -19.19 -74.34 -25.33
N PRO G 130 -19.29 -74.15 -26.64
CA PRO G 130 -20.51 -74.59 -27.34
C PRO G 130 -20.78 -76.07 -27.20
N GLU G 131 -19.73 -76.88 -27.04
CA GLU G 131 -19.88 -78.31 -26.83
C GLU G 131 -20.04 -78.69 -25.36
N CYS G 132 -20.19 -77.70 -24.47
CA CYS G 132 -20.28 -77.95 -23.03
C CYS G 132 -19.16 -78.88 -22.58
N ARG G 133 -17.96 -78.62 -23.10
CA ARG G 133 -16.75 -79.34 -22.71
C ARG G 133 -16.06 -78.71 -21.50
N MET G 134 -16.19 -77.40 -21.32
CA MET G 134 -15.50 -76.71 -20.25
C MET G 134 -16.18 -75.39 -19.96
N ILE G 135 -15.89 -74.85 -18.78
CA ILE G 135 -16.27 -73.49 -18.39
C ILE G 135 -14.99 -72.66 -18.35
N GLY G 136 -14.98 -71.55 -19.09
CA GLY G 136 -13.88 -70.61 -19.06
C GLY G 136 -14.18 -69.45 -18.13
N LEU G 137 -13.21 -69.11 -17.29
CA LEU G 137 -13.31 -67.99 -16.37
C LEU G 137 -12.11 -67.08 -16.54
N ARG G 138 -12.36 -65.78 -16.64
CA ARG G 138 -11.30 -64.77 -16.62
C ARG G 138 -11.46 -64.05 -15.29
N LEU G 139 -10.69 -64.49 -14.29
CA LEU G 139 -10.75 -63.91 -12.95
C LEU G 139 -9.61 -62.95 -12.67
N TYR G 140 -8.41 -63.24 -13.15
CA TYR G 140 -7.23 -62.46 -12.83
C TYR G 140 -6.47 -62.11 -14.10
N ASP G 141 -5.79 -60.98 -14.06
CA ASP G 141 -4.93 -60.57 -15.17
C ASP G 141 -3.91 -61.65 -15.45
N GLY G 142 -3.72 -61.95 -16.74
CA GLY G 142 -2.68 -62.89 -17.13
C GLY G 142 -3.01 -64.35 -16.91
N LEU G 143 -4.22 -64.67 -16.47
CA LEU G 143 -4.60 -66.05 -16.23
C LEU G 143 -5.98 -66.36 -16.81
N PHE G 144 -6.09 -67.57 -17.39
CA PHE G 144 -7.34 -68.13 -17.88
C PHE G 144 -7.59 -69.42 -17.13
N LYS G 145 -8.73 -69.52 -16.45
CA LYS G 145 -9.07 -70.68 -15.65
C LYS G 145 -10.05 -71.57 -16.41
N VAL G 146 -9.82 -72.88 -16.36
CA VAL G 146 -10.67 -73.86 -17.03
C VAL G 146 -11.21 -74.84 -16.01
N ILE G 147 -12.54 -74.92 -15.92
CA ILE G 147 -13.22 -76.01 -15.20
C ILE G 147 -13.69 -77.00 -16.25
N PRO G 148 -13.08 -78.18 -16.35
CA PRO G 148 -13.56 -79.17 -17.33
C PRO G 148 -14.90 -79.76 -16.91
N LEU G 149 -15.81 -79.90 -17.88
CA LEU G 149 -17.16 -80.38 -17.62
C LEU G 149 -17.19 -81.91 -17.73
N ASP G 150 -16.53 -82.55 -16.77
CA ASP G 150 -16.63 -83.99 -16.59
C ASP G 150 -17.80 -84.29 -15.67
N ARG G 151 -18.45 -85.44 -15.89
CA ARG G 151 -19.60 -85.79 -15.05
C ARG G 151 -19.20 -85.96 -13.60
N ASP G 152 -17.97 -86.39 -13.34
CA ASP G 152 -17.52 -86.64 -11.98
C ASP G 152 -16.97 -85.41 -11.28
N ASN G 153 -16.81 -84.29 -11.99
CA ASN G 153 -16.19 -83.09 -11.41
C ASN G 153 -17.20 -82.32 -10.56
N LYS G 154 -17.68 -82.97 -9.50
CA LYS G 154 -18.67 -82.38 -8.61
C LYS G 154 -18.08 -81.35 -7.66
N GLU G 155 -16.75 -81.30 -7.53
CA GLU G 155 -16.08 -80.26 -6.75
C GLU G 155 -15.59 -79.10 -7.60
N LEU G 156 -15.86 -79.12 -8.90
CA LEU G 156 -15.46 -78.04 -9.81
C LEU G 156 -13.97 -77.72 -9.67
N LYS G 157 -13.15 -78.75 -9.67
CA LYS G 157 -11.71 -78.55 -9.68
C LYS G 157 -11.29 -77.94 -11.00
N ALA G 158 -10.26 -77.09 -10.96
CA ALA G 158 -9.90 -76.33 -12.15
C ALA G 158 -8.40 -76.07 -12.17
N PHE G 159 -7.91 -75.74 -13.37
CA PHE G 159 -6.51 -75.45 -13.60
C PHE G 159 -6.40 -74.11 -14.31
N ASN G 160 -5.24 -73.47 -14.18
CA ASN G 160 -4.98 -72.21 -14.85
C ASN G 160 -4.03 -72.40 -16.02
N ILE G 161 -4.30 -71.66 -17.10
CA ILE G 161 -3.42 -71.57 -18.25
C ILE G 161 -2.85 -70.17 -18.28
N ARG G 162 -1.52 -70.06 -18.33
CA ARG G 162 -0.89 -68.75 -18.42
C ARG G 162 -1.36 -68.03 -19.67
N LEU G 163 -1.70 -66.75 -19.51
CA LEU G 163 -2.24 -65.91 -20.57
C LEU G 163 -1.22 -64.82 -20.82
N GLU G 164 -0.68 -64.78 -22.05
CA GLU G 164 0.37 -63.81 -22.34
C GLU G 164 -0.15 -62.39 -22.25
N GLU G 165 -1.35 -62.14 -22.77
CA GLU G 165 -1.94 -60.81 -22.84
C GLU G 165 -2.55 -60.45 -21.49
N LEU G 166 -1.90 -59.52 -20.78
CA LEU G 166 -2.27 -59.29 -19.39
C LEU G 166 -3.58 -58.53 -19.25
N HIS G 167 -3.84 -57.58 -20.13
CA HIS G 167 -5.01 -56.70 -20.02
C HIS G 167 -6.02 -57.12 -21.09
N VAL G 168 -6.93 -58.02 -20.69
CA VAL G 168 -7.96 -58.55 -21.57
C VAL G 168 -9.26 -57.80 -21.34
N ILE G 169 -9.94 -57.45 -22.42
CA ILE G 169 -11.18 -56.70 -22.36
C ILE G 169 -12.41 -57.61 -22.30
N ASP G 170 -12.54 -58.51 -23.27
CA ASP G 170 -13.70 -59.40 -23.31
C ASP G 170 -13.32 -60.67 -24.06
N VAL G 171 -13.99 -61.77 -23.71
CA VAL G 171 -13.71 -63.06 -24.32
C VAL G 171 -14.99 -63.87 -24.47
N LYS G 172 -15.01 -64.68 -25.53
CA LYS G 172 -16.11 -65.60 -25.81
C LYS G 172 -15.50 -66.87 -26.39
N PHE G 173 -16.18 -68.00 -26.20
CA PHE G 173 -15.87 -69.19 -26.97
C PHE G 173 -16.44 -69.03 -28.37
N LEU G 174 -15.72 -69.50 -29.37
CA LEU G 174 -16.18 -69.33 -30.74
C LEU G 174 -16.98 -70.56 -31.18
N TYR G 175 -17.83 -70.35 -32.19
CA TYR G 175 -18.62 -71.39 -32.79
C TYR G 175 -17.96 -71.88 -34.07
N GLY G 176 -18.14 -73.15 -34.39
CA GLY G 176 -17.73 -73.66 -35.68
C GLY G 176 -16.25 -73.95 -35.77
N CYS G 177 -15.65 -74.46 -34.72
CA CYS G 177 -14.23 -74.71 -34.69
C CYS G 177 -13.92 -76.19 -34.47
N GLN G 178 -12.79 -76.59 -35.05
CA GLN G 178 -12.35 -77.98 -34.99
C GLN G 178 -12.02 -78.37 -33.55
N ALA G 179 -11.59 -77.41 -32.74
CA ALA G 179 -11.30 -77.59 -31.33
C ALA G 179 -11.93 -76.45 -30.53
N PRO G 180 -12.12 -76.63 -29.23
CA PRO G 180 -12.59 -75.50 -28.38
C PRO G 180 -11.66 -74.30 -28.50
N THR G 181 -12.23 -73.16 -28.91
CA THR G 181 -11.46 -71.96 -29.21
C THR G 181 -12.03 -70.71 -28.53
N ILE G 182 -11.14 -69.85 -28.01
CA ILE G 182 -11.52 -68.57 -27.44
C ILE G 182 -11.06 -67.43 -28.35
N CYS G 183 -11.89 -66.40 -28.45
CA CYS G 183 -11.57 -65.16 -29.15
C CYS G 183 -11.70 -64.02 -28.16
N PHE G 184 -10.69 -63.15 -28.09
CA PHE G 184 -10.72 -62.08 -27.11
C PHE G 184 -10.08 -60.82 -27.66
N VAL G 185 -10.53 -59.68 -27.13
CA VAL G 185 -9.90 -58.39 -27.37
C VAL G 185 -9.08 -58.04 -26.15
N TYR G 186 -7.85 -57.60 -26.37
CA TYR G 186 -6.94 -57.26 -25.30
C TYR G 186 -6.30 -55.91 -25.61
N GLN G 187 -5.76 -55.29 -24.57
CA GLN G 187 -5.11 -54.00 -24.72
C GLN G 187 -3.67 -54.07 -24.21
N ASP G 188 -2.76 -53.54 -25.01
CA ASP G 188 -1.35 -53.39 -24.67
C ASP G 188 -0.95 -52.00 -25.12
N PRO G 189 0.32 -51.60 -24.96
CA PRO G 189 0.70 -50.24 -25.33
C PRO G 189 0.53 -49.92 -26.81
N GLN G 190 0.43 -50.94 -27.67
CA GLN G 190 0.35 -50.73 -29.11
C GLN G 190 -1.07 -50.54 -29.62
N GLY G 191 -2.04 -50.43 -28.73
CA GLY G 191 -3.44 -50.32 -29.11
C GLY G 191 -4.22 -51.53 -28.64
N ARG G 192 -5.39 -51.77 -29.22
CA ARG G 192 -6.16 -52.97 -28.91
C ARG G 192 -6.12 -53.92 -30.08
N HIS G 193 -6.19 -55.21 -29.77
CA HIS G 193 -6.06 -56.26 -30.77
C HIS G 193 -7.08 -57.36 -30.48
N VAL G 194 -7.39 -58.14 -31.51
CA VAL G 194 -8.18 -59.36 -31.37
C VAL G 194 -7.27 -60.54 -31.70
N LYS G 195 -7.40 -61.61 -30.93
CA LYS G 195 -6.50 -62.75 -31.02
C LYS G 195 -7.27 -64.01 -30.66
N THR G 196 -6.78 -65.15 -31.15
CA THR G 196 -7.41 -66.43 -30.87
C THR G 196 -6.42 -67.44 -30.30
N TYR G 197 -6.94 -68.32 -29.45
CA TYR G 197 -6.22 -69.47 -28.95
C TYR G 197 -7.14 -70.70 -29.01
N GLU G 198 -6.54 -71.87 -29.04
CA GLU G 198 -7.25 -73.13 -28.84
C GLU G 198 -6.93 -73.66 -27.44
N VAL G 199 -7.92 -74.29 -26.81
CA VAL G 199 -7.79 -74.77 -25.44
C VAL G 199 -7.72 -76.30 -25.46
N SER G 200 -6.63 -76.84 -24.91
CA SER G 200 -6.43 -78.28 -24.82
C SER G 200 -6.62 -78.72 -23.39
N LEU G 201 -7.74 -79.43 -23.13
CA LEU G 201 -7.96 -79.99 -21.81
C LEU G 201 -6.92 -81.04 -21.47
N ARG G 202 -6.43 -81.76 -22.48
CA ARG G 202 -5.46 -82.83 -22.26
C ARG G 202 -4.11 -82.27 -21.87
N GLU G 203 -3.62 -81.28 -22.63
CA GLU G 203 -2.31 -80.69 -22.36
C GLU G 203 -2.37 -79.61 -21.29
N LYS G 204 -3.55 -79.07 -21.00
CA LYS G 204 -3.72 -77.98 -20.04
C LYS G 204 -2.87 -76.75 -20.45
N GLU G 205 -2.99 -76.35 -21.70
CA GLU G 205 -2.33 -75.14 -22.18
C GLU G 205 -3.00 -74.67 -23.47
N PHE G 206 -2.65 -73.45 -23.88
CA PHE G 206 -3.14 -72.90 -25.14
C PHE G 206 -2.24 -73.36 -26.28
N ASN G 207 -2.86 -73.53 -27.46
CA ASN G 207 -2.15 -73.75 -28.71
C ASN G 207 -2.47 -72.59 -29.65
N LYS G 208 -1.66 -72.44 -30.69
CA LYS G 208 -1.88 -71.36 -31.66
C LYS G 208 -3.33 -71.40 -32.13
N GLY G 209 -3.94 -70.23 -32.23
CA GLY G 209 -5.35 -70.11 -32.53
C GLY G 209 -5.65 -70.20 -34.01
N PRO G 210 -6.92 -70.43 -34.35
CA PRO G 210 -7.26 -70.65 -35.77
C PRO G 210 -6.94 -69.49 -36.69
N TRP G 211 -7.03 -68.25 -36.23
CA TRP G 211 -6.67 -67.16 -37.12
C TRP G 211 -5.88 -66.07 -36.43
N LYS G 212 -5.19 -65.29 -37.29
CA LYS G 212 -4.22 -64.31 -36.89
C LYS G 212 -4.87 -63.11 -36.21
N GLN G 213 -4.02 -62.33 -35.54
CA GLN G 213 -4.45 -61.11 -34.91
C GLN G 213 -4.83 -60.02 -35.91
N GLU G 214 -5.77 -59.18 -35.51
CA GLU G 214 -6.12 -57.96 -36.22
C GLU G 214 -6.10 -56.80 -35.22
N ASN G 215 -5.63 -55.64 -35.68
CA ASN G 215 -5.77 -54.43 -34.86
C ASN G 215 -7.22 -53.96 -34.89
N VAL G 216 -7.72 -53.54 -33.73
CA VAL G 216 -9.12 -53.18 -33.57
C VAL G 216 -9.21 -51.76 -33.04
N GLU G 217 -10.43 -51.24 -33.02
CA GLU G 217 -10.71 -49.89 -32.53
C GLU G 217 -10.09 -49.69 -31.14
N ALA G 218 -9.65 -48.46 -30.88
CA ALA G 218 -9.00 -48.17 -29.61
C ALA G 218 -9.91 -48.45 -28.43
N GLU G 219 -11.23 -48.29 -28.61
CA GLU G 219 -12.20 -48.53 -27.56
C GLU G 219 -13.05 -49.78 -27.80
N ALA G 220 -12.50 -50.77 -28.49
CA ALA G 220 -13.21 -52.04 -28.68
C ALA G 220 -13.66 -52.60 -27.34
N SER G 221 -14.98 -52.80 -27.19
CA SER G 221 -15.58 -53.10 -25.90
C SER G 221 -16.11 -54.51 -25.75
N MET G 222 -16.74 -55.11 -26.77
CA MET G 222 -17.41 -56.38 -26.57
C MET G 222 -17.11 -57.36 -27.70
N VAL G 223 -17.11 -58.65 -27.36
CA VAL G 223 -16.91 -59.73 -28.32
C VAL G 223 -18.19 -60.53 -28.44
N ILE G 224 -18.68 -60.68 -29.67
CA ILE G 224 -19.91 -61.42 -29.96
C ILE G 224 -19.52 -62.66 -30.75
N ALA G 225 -19.92 -63.84 -30.26
CA ALA G 225 -19.64 -65.10 -30.95
C ALA G 225 -20.74 -65.40 -31.95
N VAL G 226 -20.43 -65.33 -33.24
CA VAL G 226 -21.42 -65.53 -34.30
C VAL G 226 -21.66 -67.03 -34.46
N PRO G 227 -22.92 -67.47 -34.68
CA PRO G 227 -23.21 -68.92 -34.71
C PRO G 227 -22.68 -69.63 -35.93
N GLU G 228 -22.94 -70.94 -36.00
CA GLU G 228 -22.34 -71.79 -37.02
C GLU G 228 -22.58 -71.32 -38.45
N PRO G 229 -23.77 -70.85 -38.83
CA PRO G 229 -23.96 -70.48 -40.25
C PRO G 229 -22.95 -69.46 -40.76
N PHE G 230 -22.62 -68.44 -39.97
CA PHE G 230 -21.59 -67.48 -40.34
C PHE G 230 -20.25 -67.82 -39.70
N GLY G 231 -20.26 -68.09 -38.39
CA GLY G 231 -19.03 -68.33 -37.66
C GLY G 231 -18.31 -67.05 -37.34
N GLY G 232 -17.17 -67.19 -36.67
CA GLY G 232 -16.35 -66.04 -36.35
C GLY G 232 -16.94 -65.22 -35.22
N ALA G 233 -16.57 -63.93 -35.21
CA ALA G 233 -16.97 -63.05 -34.13
C ALA G 233 -17.21 -61.64 -34.67
N ILE G 234 -18.01 -60.88 -33.92
CA ILE G 234 -18.22 -59.46 -34.16
C ILE G 234 -17.70 -58.69 -32.95
N ILE G 235 -17.01 -57.59 -33.20
CA ILE G 235 -16.40 -56.76 -32.16
C ILE G 235 -17.00 -55.37 -32.23
N ILE G 236 -17.61 -54.95 -31.12
CA ILE G 236 -18.34 -53.70 -31.01
C ILE G 236 -17.44 -52.67 -30.33
N GLY G 237 -17.37 -51.47 -30.92
CA GLY G 237 -16.61 -50.39 -30.32
C GLY G 237 -17.48 -49.16 -30.06
N GLN G 238 -16.85 -47.98 -30.00
CA GLN G 238 -17.57 -46.73 -29.88
C GLN G 238 -17.98 -46.17 -31.24
N GLU G 239 -17.11 -46.31 -32.24
CA GLU G 239 -17.36 -45.78 -33.57
C GLU G 239 -17.63 -46.85 -34.62
N SER G 240 -17.15 -48.07 -34.42
CA SER G 240 -17.18 -49.06 -35.49
C SER G 240 -17.60 -50.43 -34.97
N ILE G 241 -18.16 -51.22 -35.88
CA ILE G 241 -18.49 -52.62 -35.67
C ILE G 241 -17.79 -53.43 -36.74
N THR G 242 -17.06 -54.48 -36.33
CA THR G 242 -16.26 -55.27 -37.26
C THR G 242 -16.56 -56.76 -37.10
N TYR G 243 -16.38 -57.48 -38.21
CA TYR G 243 -16.52 -58.93 -38.26
C TYR G 243 -15.17 -59.53 -38.63
N HIS G 244 -14.76 -60.57 -37.90
CA HIS G 244 -13.49 -61.24 -38.13
C HIS G 244 -13.72 -62.73 -38.26
N ASN G 245 -13.10 -63.35 -39.26
CA ASN G 245 -13.11 -64.80 -39.37
C ASN G 245 -12.08 -65.27 -40.38
N GLY G 246 -10.89 -65.62 -39.90
CA GLY G 246 -9.82 -66.05 -40.76
C GLY G 246 -9.45 -64.97 -41.76
N ASP G 247 -9.73 -65.22 -43.04
CA ASP G 247 -9.41 -64.27 -44.09
C ASP G 247 -10.49 -63.21 -44.25
N LYS G 248 -11.68 -63.44 -43.73
CA LYS G 248 -12.80 -62.52 -43.89
C LYS G 248 -12.74 -61.40 -42.86
N TYR G 249 -12.98 -60.17 -43.32
CA TYR G 249 -13.01 -58.99 -42.46
C TYR G 249 -14.04 -58.02 -43.04
N LEU G 250 -14.96 -57.56 -42.19
CA LEU G 250 -15.93 -56.54 -42.55
C LEU G 250 -15.81 -55.43 -41.52
N ALA G 251 -16.15 -54.21 -41.92
CA ALA G 251 -16.15 -53.09 -40.98
C ALA G 251 -17.17 -52.06 -41.43
N ILE G 252 -18.14 -51.79 -40.56
CA ILE G 252 -19.12 -50.72 -40.76
C ILE G 252 -19.00 -49.75 -39.58
N ALA G 253 -18.99 -48.46 -39.90
CA ALA G 253 -18.80 -47.41 -38.89
C ALA G 253 -19.86 -46.33 -39.08
N PRO G 254 -21.11 -46.64 -38.76
CA PRO G 254 -22.21 -45.67 -38.96
C PRO G 254 -22.13 -44.54 -37.97
N PRO G 255 -22.36 -43.29 -38.41
CA PRO G 255 -22.16 -42.15 -37.50
C PRO G 255 -23.09 -42.16 -36.30
N ILE G 256 -24.17 -42.93 -36.35
CA ILE G 256 -25.21 -42.84 -35.32
C ILE G 256 -24.75 -43.49 -34.02
N ILE G 257 -24.00 -44.59 -34.10
CA ILE G 257 -23.60 -45.26 -32.86
C ILE G 257 -22.57 -44.44 -32.09
N LYS G 258 -21.82 -43.58 -32.79
CA LYS G 258 -20.84 -42.72 -32.16
C LYS G 258 -21.46 -41.79 -31.13
N GLN G 259 -22.76 -41.50 -31.24
CA GLN G 259 -23.39 -40.54 -30.34
C GLN G 259 -23.41 -41.06 -28.90
N SER G 260 -23.62 -42.36 -28.72
CA SER G 260 -23.72 -42.95 -27.40
C SER G 260 -23.09 -44.34 -27.40
N THR G 261 -22.38 -44.64 -26.32
CA THR G 261 -21.69 -45.92 -26.20
C THR G 261 -22.67 -47.08 -26.18
N ILE G 262 -22.35 -48.13 -26.93
CA ILE G 262 -23.13 -49.36 -26.94
C ILE G 262 -22.65 -50.25 -25.80
N VAL G 263 -23.57 -50.68 -24.95
CA VAL G 263 -23.17 -51.39 -23.73
C VAL G 263 -23.65 -52.83 -23.68
N CYS G 264 -24.69 -53.23 -24.42
CA CYS G 264 -25.23 -54.57 -24.31
C CYS G 264 -25.61 -55.12 -25.68
N HIS G 265 -25.49 -56.45 -25.81
CA HIS G 265 -25.79 -57.14 -27.05
C HIS G 265 -26.55 -58.43 -26.75
N ASN G 266 -27.44 -58.80 -27.68
CA ASN G 266 -28.17 -60.06 -27.58
C ASN G 266 -28.48 -60.56 -28.98
N ARG G 267 -28.73 -61.87 -29.09
CA ARG G 267 -28.96 -62.53 -30.36
C ARG G 267 -30.44 -62.78 -30.58
N VAL G 268 -30.94 -62.36 -31.75
CA VAL G 268 -32.34 -62.54 -32.08
C VAL G 268 -32.58 -63.83 -32.85
N ASP G 269 -31.79 -64.07 -33.90
CA ASP G 269 -32.01 -65.23 -34.76
C ASP G 269 -30.96 -66.29 -34.45
N PRO G 270 -31.36 -67.50 -34.01
CA PRO G 270 -30.35 -68.55 -33.79
C PRO G 270 -29.39 -68.73 -34.95
N ASN G 271 -29.79 -68.39 -36.17
CA ASN G 271 -28.88 -68.51 -37.30
C ASN G 271 -27.85 -67.40 -37.32
N GLY G 272 -27.98 -66.42 -36.42
CA GLY G 272 -27.02 -65.34 -36.27
C GLY G 272 -27.27 -64.14 -37.17
N SER G 273 -28.36 -64.14 -37.94
CA SER G 273 -28.60 -63.05 -38.89
C SER G 273 -28.89 -61.74 -38.18
N ARG G 274 -29.60 -61.78 -37.05
CA ARG G 274 -30.08 -60.57 -36.39
C ARG G 274 -29.63 -60.53 -34.94
N TYR G 275 -29.01 -59.40 -34.56
CA TYR G 275 -28.55 -59.14 -33.20
C TYR G 275 -29.12 -57.80 -32.73
N LEU G 276 -29.30 -57.67 -31.41
CA LEU G 276 -29.83 -56.46 -30.79
C LEU G 276 -28.73 -55.70 -30.06
N LEU G 277 -28.80 -54.38 -30.07
CA LEU G 277 -27.80 -53.54 -29.42
C LEU G 277 -28.45 -52.44 -28.58
N GLY G 278 -27.86 -52.14 -27.43
CA GLY G 278 -28.33 -51.06 -26.59
C GLY G 278 -27.21 -50.12 -26.21
N ASP G 279 -27.58 -48.87 -25.93
CA ASP G 279 -26.61 -47.82 -25.63
C ASP G 279 -27.00 -47.01 -24.40
N MET G 280 -26.04 -46.18 -23.93
CA MET G 280 -26.22 -45.46 -22.68
C MET G 280 -27.32 -44.41 -22.72
N GLU G 281 -27.71 -43.95 -23.90
CA GLU G 281 -28.82 -42.99 -24.04
C GLU G 281 -30.18 -43.67 -24.15
N GLY G 282 -30.25 -45.00 -24.03
CA GLY G 282 -31.49 -45.72 -24.04
C GLY G 282 -31.97 -46.17 -25.42
N ARG G 283 -31.17 -45.95 -26.46
CA ARG G 283 -31.54 -46.32 -27.82
C ARG G 283 -31.36 -47.81 -28.07
N LEU G 284 -32.27 -48.40 -28.83
CA LEU G 284 -32.22 -49.81 -29.19
C LEU G 284 -31.99 -49.95 -30.68
N PHE G 285 -30.94 -50.68 -31.06
CA PHE G 285 -30.59 -50.91 -32.45
C PHE G 285 -30.73 -52.39 -32.81
N MET G 286 -30.87 -52.65 -34.11
CA MET G 286 -30.79 -53.99 -34.67
C MET G 286 -29.55 -54.09 -35.54
N LEU G 287 -28.71 -55.08 -35.27
CA LEU G 287 -27.54 -55.37 -36.09
C LEU G 287 -27.86 -56.51 -37.04
N LEU G 288 -27.73 -56.25 -38.34
CA LEU G 288 -28.11 -57.20 -39.38
C LEU G 288 -26.88 -57.69 -40.12
N LEU G 289 -26.81 -59.02 -40.32
CA LEU G 289 -25.76 -59.67 -41.09
C LEU G 289 -26.34 -60.02 -42.46
N GLU G 290 -25.81 -59.40 -43.51
CA GLU G 290 -26.39 -59.55 -44.84
C GLU G 290 -26.00 -60.88 -45.47
N LYS G 291 -27.01 -61.70 -45.77
CA LYS G 291 -26.79 -63.01 -46.35
C LYS G 291 -26.82 -62.90 -47.87
N GLU G 292 -25.99 -63.72 -48.51
CA GLU G 292 -25.98 -63.86 -49.97
C GLU G 292 -26.06 -65.35 -50.23
N GLU G 293 -27.11 -65.77 -50.94
CA GLU G 293 -27.35 -67.18 -51.21
C GLU G 293 -26.47 -67.63 -52.37
N GLN G 294 -25.66 -68.65 -52.12
CA GLN G 294 -24.81 -69.24 -53.14
C GLN G 294 -25.55 -70.41 -53.81
N MET G 295 -25.09 -70.77 -55.00
CA MET G 295 -25.66 -71.91 -55.70
C MET G 295 -25.40 -73.24 -54.98
N ASP G 296 -24.40 -73.29 -54.11
CA ASP G 296 -24.14 -74.48 -53.30
C ASP G 296 -25.29 -74.79 -52.35
N GLY G 297 -26.23 -73.85 -52.19
CA GLY G 297 -27.24 -73.91 -51.14
C GLY G 297 -26.82 -73.27 -49.86
N THR G 298 -25.57 -72.80 -49.79
CA THR G 298 -24.98 -72.14 -48.64
C THR G 298 -25.10 -70.62 -48.73
N VAL G 299 -24.83 -69.98 -47.59
CA VAL G 299 -24.93 -68.53 -47.41
C VAL G 299 -23.57 -67.97 -47.01
N THR G 300 -23.19 -66.85 -47.61
CA THR G 300 -21.97 -66.13 -47.25
C THR G 300 -22.32 -64.75 -46.70
N LEU G 301 -21.37 -64.13 -46.00
CA LEU G 301 -21.59 -62.83 -45.36
C LEU G 301 -21.07 -61.71 -46.25
N LYS G 302 -21.99 -60.86 -46.72
CA LYS G 302 -21.70 -59.76 -47.63
C LYS G 302 -21.38 -58.46 -46.91
N ASP G 303 -22.23 -58.05 -45.97
CA ASP G 303 -22.08 -56.76 -45.31
C ASP G 303 -22.86 -56.77 -44.00
N LEU G 304 -22.62 -55.75 -43.18
CA LEU G 304 -23.31 -55.56 -41.92
C LEU G 304 -24.15 -54.28 -41.96
N ARG G 305 -25.26 -54.28 -41.22
CA ARG G 305 -26.12 -53.12 -41.16
C ARG G 305 -26.61 -52.87 -39.74
N VAL G 306 -26.76 -51.59 -39.40
CA VAL G 306 -27.27 -51.16 -38.11
C VAL G 306 -28.50 -50.30 -38.34
N GLU G 307 -29.58 -50.60 -37.63
CA GLU G 307 -30.84 -49.89 -37.78
C GLU G 307 -31.38 -49.52 -36.41
N LEU G 308 -31.74 -48.24 -36.24
CA LEU G 308 -32.29 -47.76 -34.99
C LEU G 308 -33.76 -48.15 -34.88
N LEU G 309 -34.11 -48.82 -33.79
CA LEU G 309 -35.48 -49.23 -33.57
C LEU G 309 -36.27 -48.22 -32.75
N GLY G 310 -35.67 -47.71 -31.68
CA GLY G 310 -36.35 -46.77 -30.80
C GLY G 310 -35.60 -46.64 -29.49
N GLU G 311 -36.37 -46.38 -28.43
CA GLU G 311 -35.84 -46.19 -27.09
C GLU G 311 -36.44 -47.20 -26.11
N THR G 312 -35.59 -47.69 -25.22
CA THR G 312 -36.00 -48.49 -24.06
C THR G 312 -35.44 -47.79 -22.83
N SER G 313 -35.70 -48.35 -21.65
CA SER G 313 -34.96 -47.87 -20.48
C SER G 313 -33.48 -48.18 -20.71
N ILE G 314 -32.61 -47.36 -20.12
CA ILE G 314 -31.18 -47.66 -20.24
C ILE G 314 -30.99 -49.10 -19.75
N ALA G 315 -30.46 -49.95 -20.62
CA ALA G 315 -30.53 -51.39 -20.40
C ALA G 315 -29.14 -51.94 -20.11
N GLU G 316 -29.01 -52.58 -18.94
CA GLU G 316 -27.78 -53.29 -18.64
C GLU G 316 -27.73 -54.61 -19.42
N CYS G 317 -28.88 -55.26 -19.61
CA CYS G 317 -28.94 -56.54 -20.32
C CYS G 317 -30.16 -56.55 -21.23
N LEU G 318 -30.02 -57.18 -22.41
CA LEU G 318 -31.12 -57.43 -23.32
C LEU G 318 -31.32 -58.93 -23.52
N THR G 319 -32.58 -59.35 -23.66
CA THR G 319 -32.90 -60.73 -24.01
C THR G 319 -34.09 -60.77 -24.95
N TYR G 320 -33.93 -61.42 -26.10
CA TYR G 320 -35.03 -61.62 -27.03
C TYR G 320 -35.84 -62.86 -26.67
N LEU G 321 -37.14 -62.69 -26.50
CA LEU G 321 -38.10 -63.76 -26.24
C LEU G 321 -38.84 -64.03 -27.55
N ASP G 322 -39.53 -65.17 -27.61
CA ASP G 322 -40.26 -65.48 -28.84
C ASP G 322 -41.35 -64.46 -29.13
N ASN G 323 -41.72 -64.40 -30.41
CA ASN G 323 -42.83 -63.59 -30.92
C ASN G 323 -42.59 -62.09 -30.75
N GLY G 324 -41.37 -61.66 -31.02
CA GLY G 324 -41.06 -60.24 -31.05
C GLY G 324 -40.98 -59.53 -29.72
N VAL G 325 -41.01 -60.24 -28.61
CA VAL G 325 -41.00 -59.64 -27.29
C VAL G 325 -39.58 -59.63 -26.77
N VAL G 326 -39.14 -58.48 -26.25
CA VAL G 326 -37.80 -58.30 -25.72
C VAL G 326 -37.89 -57.80 -24.29
N PHE G 327 -37.12 -58.42 -23.41
CA PHE G 327 -37.03 -57.96 -22.03
C PHE G 327 -35.81 -57.04 -21.87
N VAL G 328 -36.06 -55.85 -21.32
CA VAL G 328 -35.04 -54.83 -21.10
C VAL G 328 -34.73 -54.80 -19.61
N GLY G 329 -33.56 -55.32 -19.24
CA GLY G 329 -33.13 -55.31 -17.86
C GLY G 329 -32.28 -54.10 -17.53
N SER G 330 -32.75 -53.26 -16.61
CA SER G 330 -32.09 -52.00 -16.32
C SER G 330 -31.62 -51.94 -14.88
N ARG G 331 -30.38 -51.46 -14.70
CA ARG G 331 -29.85 -51.15 -13.38
C ARG G 331 -30.06 -49.69 -13.03
N LEU G 332 -30.16 -48.83 -14.04
CA LEU G 332 -30.35 -47.41 -13.81
C LEU G 332 -31.80 -46.97 -13.88
N GLY G 333 -32.69 -47.75 -14.47
CA GLY G 333 -34.07 -47.35 -14.59
C GLY G 333 -35.02 -48.53 -14.50
N ASP G 334 -36.30 -48.30 -14.76
CA ASP G 334 -37.27 -49.38 -14.67
C ASP G 334 -37.05 -50.38 -15.80
N SER G 335 -37.10 -51.66 -15.45
CA SER G 335 -37.01 -52.73 -16.45
C SER G 335 -38.35 -52.95 -17.11
N GLN G 336 -38.32 -53.62 -18.26
CA GLN G 336 -39.54 -53.68 -19.06
C GLN G 336 -39.52 -54.85 -20.02
N LEU G 337 -40.72 -55.23 -20.45
CA LEU G 337 -40.96 -55.97 -21.68
C LEU G 337 -41.42 -54.99 -22.76
N VAL G 338 -40.86 -55.12 -23.95
CA VAL G 338 -41.24 -54.26 -25.06
C VAL G 338 -41.63 -55.12 -26.26
N LYS G 339 -42.49 -54.56 -27.11
CA LYS G 339 -42.93 -55.22 -28.33
C LYS G 339 -42.11 -54.61 -29.46
N LEU G 340 -41.44 -55.47 -30.22
CA LEU G 340 -40.73 -55.03 -31.41
C LEU G 340 -41.66 -55.24 -32.60
N ASN G 341 -41.99 -54.17 -33.29
CA ASN G 341 -42.95 -54.21 -34.38
C ASN G 341 -42.25 -54.08 -35.73
N VAL G 342 -42.88 -54.70 -36.74
CA VAL G 342 -42.46 -54.49 -38.11
C VAL G 342 -42.88 -53.10 -38.55
N ASP G 343 -43.98 -52.59 -37.98
CA ASP G 343 -44.51 -51.28 -38.31
C ASP G 343 -44.01 -50.22 -37.35
N SER G 344 -43.63 -49.07 -37.92
CA SER G 344 -43.27 -47.90 -37.13
C SER G 344 -44.53 -47.22 -36.62
N ASN G 345 -44.40 -46.54 -35.48
CA ASN G 345 -45.53 -45.82 -34.92
C ASN G 345 -45.55 -44.37 -35.41
N GLU G 346 -46.41 -43.55 -34.80
CA GLU G 346 -46.63 -42.20 -35.27
C GLU G 346 -45.40 -41.32 -35.11
N GLN G 347 -44.46 -41.71 -34.26
CA GLN G 347 -43.21 -40.99 -34.06
C GLN G 347 -42.04 -41.56 -34.85
N GLY G 348 -42.24 -42.68 -35.55
CA GLY G 348 -41.17 -43.35 -36.24
C GLY G 348 -40.51 -44.50 -35.49
N SER G 349 -41.01 -44.86 -34.33
CA SER G 349 -40.40 -45.89 -33.49
C SER G 349 -41.06 -47.25 -33.75
N TYR G 350 -40.25 -48.30 -33.70
CA TYR G 350 -40.72 -49.67 -33.81
C TYR G 350 -40.86 -50.35 -32.45
N VAL G 351 -40.65 -49.62 -31.35
CA VAL G 351 -40.62 -50.18 -30.00
C VAL G 351 -41.82 -49.68 -29.22
N VAL G 352 -42.54 -50.59 -28.58
CA VAL G 352 -43.72 -50.27 -27.79
C VAL G 352 -43.65 -51.00 -26.47
N ALA G 353 -43.81 -50.26 -25.37
CA ALA G 353 -43.76 -50.86 -24.05
C ALA G 353 -44.99 -51.73 -23.82
N MET G 354 -44.77 -52.93 -23.29
CA MET G 354 -45.84 -53.79 -22.83
C MET G 354 -46.04 -53.66 -21.33
N GLU G 355 -45.00 -53.97 -20.57
CA GLU G 355 -45.03 -53.98 -19.12
C GLU G 355 -43.86 -53.17 -18.58
N THR G 356 -44.05 -52.64 -17.37
CA THR G 356 -43.03 -51.88 -16.68
C THR G 356 -42.84 -52.49 -15.30
N PHE G 357 -41.61 -52.89 -14.99
CA PHE G 357 -41.30 -53.49 -13.70
C PHE G 357 -40.60 -52.45 -12.86
N THR G 358 -41.18 -52.10 -11.73
CA THR G 358 -40.60 -51.04 -10.91
C THR G 358 -39.19 -51.43 -10.52
N ASN G 359 -38.25 -50.54 -10.79
CA ASN G 359 -36.88 -50.66 -10.33
C ASN G 359 -36.61 -49.40 -9.51
N LEU G 360 -36.36 -49.57 -8.21
CA LEU G 360 -36.03 -48.41 -7.40
C LEU G 360 -34.72 -47.76 -7.83
N GLY G 361 -34.01 -48.37 -8.78
CA GLY G 361 -32.83 -47.78 -9.39
C GLY G 361 -31.78 -47.45 -8.36
N PRO G 362 -30.72 -46.76 -8.78
CA PRO G 362 -29.76 -46.25 -7.79
C PRO G 362 -30.46 -45.26 -6.87
N ILE G 363 -30.39 -45.51 -5.57
CA ILE G 363 -31.00 -44.64 -4.57
C ILE G 363 -29.90 -43.69 -4.12
N VAL G 364 -29.85 -42.53 -4.76
CA VAL G 364 -28.78 -41.58 -4.47
C VAL G 364 -28.98 -40.97 -3.09
N ASP G 365 -30.23 -40.62 -2.75
CA ASP G 365 -30.56 -40.06 -1.44
C ASP G 365 -31.99 -40.45 -1.10
N MET G 366 -32.37 -40.23 0.16
CA MET G 366 -33.75 -40.46 0.56
C MET G 366 -34.04 -39.76 1.88
N CYS G 367 -35.32 -39.42 2.09
CA CYS G 367 -35.79 -38.81 3.32
C CYS G 367 -37.13 -39.40 3.71
N VAL G 368 -37.40 -39.44 5.01
CA VAL G 368 -38.66 -39.94 5.56
C VAL G 368 -39.51 -38.77 6.01
N VAL G 369 -40.76 -38.74 5.55
CA VAL G 369 -41.72 -37.69 5.89
C VAL G 369 -43.09 -38.34 6.03
N ASP G 370 -43.79 -38.02 7.10
CA ASP G 370 -45.16 -38.50 7.31
C ASP G 370 -46.11 -37.42 6.81
N LEU G 371 -46.50 -37.55 5.54
CA LEU G 371 -47.38 -36.57 4.91
C LEU G 371 -48.78 -36.65 5.51
N GLU G 372 -49.24 -37.86 5.79
CA GLU G 372 -50.57 -38.07 6.34
C GLU G 372 -50.62 -37.81 7.84
N ARG G 373 -49.47 -37.56 8.48
CA ARG G 373 -49.41 -37.36 9.92
C ARG G 373 -49.96 -38.56 10.68
N GLN G 374 -50.03 -39.71 10.01
CA GLN G 374 -50.53 -40.96 10.57
C GLN G 374 -49.58 -41.62 11.55
N GLY G 375 -48.44 -41.02 11.87
CA GLY G 375 -47.55 -41.76 12.73
C GLY G 375 -46.81 -42.88 12.04
N GLN G 376 -46.94 -42.97 10.71
CA GLN G 376 -46.33 -44.04 9.93
C GLN G 376 -45.02 -43.63 9.27
N GLY G 377 -45.08 -42.63 8.38
CA GLY G 377 -43.91 -42.19 7.64
C GLY G 377 -43.84 -42.80 6.25
N GLN G 378 -43.55 -41.97 5.26
CA GLN G 378 -43.39 -42.40 3.88
C GLN G 378 -41.94 -42.13 3.48
N LEU G 379 -41.40 -42.95 2.59
CA LEU G 379 -40.01 -42.85 2.18
C LEU G 379 -39.95 -42.26 0.78
N VAL G 380 -39.34 -41.09 0.65
CA VAL G 380 -39.18 -40.40 -0.63
C VAL G 380 -37.72 -40.50 -1.05
N THR G 381 -37.48 -41.12 -2.20
CA THR G 381 -36.12 -41.45 -2.65
C THR G 381 -35.77 -40.71 -3.93
N CYS G 382 -34.50 -40.32 -4.06
CA CYS G 382 -33.94 -39.87 -5.32
C CYS G 382 -33.42 -41.10 -6.07
N SER G 383 -34.12 -41.51 -7.13
CA SER G 383 -33.81 -42.78 -7.77
C SER G 383 -33.61 -42.63 -9.28
N GLY G 384 -32.74 -43.49 -9.81
CA GLY G 384 -32.44 -43.50 -11.22
C GLY G 384 -31.39 -42.49 -11.59
N ALA G 385 -31.02 -42.50 -12.86
CA ALA G 385 -30.07 -41.54 -13.40
C ALA G 385 -30.46 -41.21 -14.83
N PHE G 386 -30.10 -40.00 -15.26
CA PHE G 386 -30.28 -39.50 -16.63
C PHE G 386 -31.77 -39.58 -16.98
N LYS G 387 -32.15 -40.14 -18.12
CA LYS G 387 -33.54 -40.14 -18.55
C LYS G 387 -34.43 -40.89 -17.56
N GLU G 388 -33.91 -41.90 -16.89
CA GLU G 388 -34.69 -42.72 -15.97
C GLU G 388 -34.76 -42.12 -14.57
N GLY G 389 -34.15 -40.97 -14.35
CA GLY G 389 -34.17 -40.36 -13.03
C GLY G 389 -35.58 -40.08 -12.56
N SER G 390 -35.83 -40.39 -11.28
CA SER G 390 -37.18 -40.32 -10.74
C SER G 390 -37.16 -40.12 -9.24
N LEU G 391 -38.30 -39.68 -8.71
CA LEU G 391 -38.60 -39.63 -7.29
C LEU G 391 -39.58 -40.74 -6.95
N ARG G 392 -39.33 -41.49 -5.88
CA ARG G 392 -40.18 -42.64 -5.53
C ARG G 392 -40.74 -42.47 -4.13
N ILE G 393 -42.08 -42.53 -4.03
CA ILE G 393 -42.78 -42.42 -2.75
C ILE G 393 -43.17 -43.83 -2.32
N ILE G 394 -42.69 -44.26 -1.14
CA ILE G 394 -42.83 -45.64 -0.70
C ILE G 394 -43.52 -45.67 0.67
N ARG G 395 -44.58 -46.47 0.77
CA ARG G 395 -45.34 -46.66 2.00
C ARG G 395 -45.76 -48.10 2.17
N ASN G 396 -46.00 -48.47 3.43
CA ASN G 396 -46.50 -49.80 3.77
C ASN G 396 -48.01 -49.88 3.58
N GLY G 397 -48.47 -50.94 2.93
CA GLY G 397 -49.90 -51.13 2.73
C GLY G 397 -50.52 -51.73 3.99
N ILE G 398 -51.59 -51.12 4.46
CA ILE G 398 -52.17 -51.48 5.74
C ILE G 398 -53.66 -51.76 5.58
N LYS G 409 -47.09 -55.97 1.28
CA LYS G 409 -46.30 -55.37 0.22
C LYS G 409 -46.27 -53.84 0.34
N LEU G 410 -45.37 -53.24 -0.42
CA LEU G 410 -45.19 -51.80 -0.47
C LEU G 410 -45.92 -51.14 -1.63
N HIS G 411 -46.55 -50.00 -1.35
CA HIS G 411 -47.15 -49.18 -2.40
C HIS G 411 -46.12 -48.15 -2.83
N ILE G 412 -45.83 -48.07 -4.11
CA ILE G 412 -44.78 -47.20 -4.65
C ILE G 412 -45.40 -46.30 -5.70
N ARG G 413 -45.22 -44.99 -5.52
CA ARG G 413 -45.62 -43.99 -6.51
C ARG G 413 -44.37 -43.48 -7.19
N THR G 414 -44.43 -43.30 -8.51
CA THR G 414 -43.28 -42.91 -9.31
C THR G 414 -43.49 -41.52 -9.88
N VAL G 415 -42.52 -40.64 -9.63
CA VAL G 415 -42.54 -39.27 -10.16
C VAL G 415 -41.36 -39.10 -11.10
N PRO G 416 -41.59 -39.13 -12.43
CA PRO G 416 -40.46 -39.02 -13.36
C PRO G 416 -39.88 -37.61 -13.44
N LEU G 417 -38.54 -37.56 -13.50
CA LEU G 417 -37.80 -36.31 -13.63
C LEU G 417 -37.09 -36.16 -14.97
N TYR G 418 -36.72 -37.26 -15.63
CA TYR G 418 -36.03 -37.23 -16.90
C TYR G 418 -34.66 -36.56 -16.79
N GLU G 419 -34.19 -36.38 -15.57
CA GLU G 419 -32.82 -35.94 -15.28
C GLU G 419 -32.42 -36.61 -13.97
N SER G 420 -31.13 -36.56 -13.68
CA SER G 420 -30.60 -37.32 -12.54
C SER G 420 -30.95 -36.63 -11.23
N PRO G 421 -31.62 -37.32 -10.30
CA PRO G 421 -31.83 -36.75 -8.95
C PRO G 421 -30.62 -37.04 -8.09
N ARG G 422 -30.24 -36.07 -7.27
CA ARG G 422 -29.01 -36.16 -6.49
C ARG G 422 -29.26 -36.09 -4.99
N LYS G 423 -29.94 -35.07 -4.49
CA LYS G 423 -30.24 -34.94 -3.07
C LYS G 423 -31.67 -34.47 -2.91
N ILE G 424 -32.29 -34.86 -1.79
CA ILE G 424 -33.66 -34.49 -1.49
C ILE G 424 -33.74 -34.03 -0.03
N CYS G 425 -34.58 -33.04 0.22
CA CYS G 425 -34.81 -32.53 1.56
C CYS G 425 -36.25 -32.02 1.62
N TYR G 426 -36.93 -32.31 2.72
CA TYR G 426 -38.33 -31.94 2.90
C TYR G 426 -38.43 -30.71 3.81
N GLN G 427 -39.25 -29.75 3.38
CA GLN G 427 -39.46 -28.50 4.11
C GLN G 427 -40.95 -28.37 4.38
N GLU G 428 -41.37 -28.69 5.61
CA GLU G 428 -42.79 -28.66 5.93
C GLU G 428 -43.36 -27.26 5.78
N VAL G 429 -42.59 -26.25 6.19
CA VAL G 429 -43.09 -24.87 6.16
C VAL G 429 -43.65 -24.53 4.79
N SER G 430 -43.02 -25.03 3.74
CA SER G 430 -43.42 -24.73 2.38
C SER G 430 -44.20 -25.86 1.72
N GLN G 431 -44.52 -26.91 2.47
CA GLN G 431 -45.28 -28.04 1.92
C GLN G 431 -44.70 -28.48 0.58
N CYS G 432 -43.37 -28.55 0.55
CA CYS G 432 -42.66 -28.87 -0.68
C CYS G 432 -41.43 -29.68 -0.32
N PHE G 433 -40.87 -30.35 -1.32
CA PHE G 433 -39.59 -31.03 -1.21
C PHE G 433 -38.57 -30.24 -1.99
N GLY G 434 -37.33 -30.20 -1.49
CA GLY G 434 -36.20 -29.70 -2.25
C GLY G 434 -35.41 -30.85 -2.80
N VAL G 435 -35.16 -30.81 -4.12
CA VAL G 435 -34.43 -31.85 -4.81
C VAL G 435 -33.35 -31.20 -5.68
N LEU G 436 -32.11 -31.63 -5.48
CA LEU G 436 -30.99 -31.26 -6.34
C LEU G 436 -30.91 -32.20 -7.53
N SER G 437 -30.60 -31.66 -8.70
CA SER G 437 -30.62 -32.45 -9.93
C SER G 437 -29.50 -32.03 -10.86
N SER G 438 -29.22 -32.90 -11.82
CA SER G 438 -28.24 -32.62 -12.87
C SER G 438 -28.79 -33.15 -14.20
N ARG G 439 -28.60 -32.36 -15.25
CA ARG G 439 -28.99 -32.77 -16.59
C ARG G 439 -27.77 -32.66 -17.50
N ILE G 440 -27.71 -33.51 -18.52
CA ILE G 440 -26.58 -33.55 -19.44
C ILE G 440 -26.97 -32.79 -20.70
N GLU G 441 -26.20 -31.74 -21.01
CA GLU G 441 -26.26 -31.02 -22.27
C GLU G 441 -24.94 -31.22 -23.00
N VAL G 442 -24.95 -30.93 -24.30
CA VAL G 442 -23.79 -31.17 -25.15
C VAL G 442 -23.39 -29.86 -25.84
N GLN G 443 -22.07 -29.64 -25.91
CA GLN G 443 -21.52 -28.47 -26.59
C GLN G 443 -21.96 -28.48 -28.04
N ASP G 444 -22.55 -27.38 -28.51
CA ASP G 444 -23.09 -27.30 -29.85
C ASP G 444 -22.36 -26.25 -30.67
N THR G 445 -22.78 -26.13 -31.94
CA THR G 445 -22.11 -25.28 -32.91
C THR G 445 -22.28 -23.80 -32.63
N SER G 446 -23.27 -23.41 -31.82
CA SER G 446 -23.43 -22.00 -31.47
C SER G 446 -22.37 -21.51 -30.49
N GLY G 447 -21.60 -22.41 -29.87
CA GLY G 447 -20.76 -22.07 -28.76
C GLY G 447 -21.39 -22.31 -27.41
N GLY G 448 -22.72 -22.39 -27.36
CA GLY G 448 -23.45 -22.76 -26.17
C GLY G 448 -23.65 -24.26 -26.08
N THR G 449 -24.68 -24.65 -25.33
CA THR G 449 -25.00 -26.06 -25.14
C THR G 449 -26.48 -26.31 -25.39
N THR G 450 -26.79 -27.56 -25.71
CA THR G 450 -28.15 -27.99 -26.03
C THR G 450 -28.51 -29.24 -25.24
N ALA G 451 -29.71 -29.23 -24.66
CA ALA G 451 -30.19 -30.36 -23.88
C ALA G 451 -30.75 -31.43 -24.81
N LEU G 452 -30.42 -32.69 -24.51
CA LEU G 452 -30.80 -33.80 -25.37
C LEU G 452 -32.30 -34.06 -25.34
N ARG G 453 -32.95 -33.73 -24.22
CA ARG G 453 -34.38 -33.94 -24.02
C ARG G 453 -34.83 -32.96 -22.93
N PRO G 454 -36.09 -32.54 -22.93
CA PRO G 454 -36.58 -31.70 -21.82
C PRO G 454 -36.67 -32.51 -20.54
N SER G 455 -36.54 -31.83 -19.41
CA SER G 455 -36.57 -32.50 -18.12
C SER G 455 -37.00 -31.50 -17.04
N ALA G 456 -37.05 -31.98 -15.80
CA ALA G 456 -37.65 -31.22 -14.72
C ALA G 456 -37.14 -29.79 -14.66
N SER G 457 -35.84 -29.59 -14.84
CA SER G 457 -35.30 -28.25 -14.72
C SER G 457 -35.75 -27.32 -15.85
N THR G 458 -36.12 -27.88 -16.99
CA THR G 458 -36.59 -27.09 -18.11
C THR G 458 -38.11 -26.93 -18.12
N GLN G 459 -38.82 -27.77 -17.36
CA GLN G 459 -40.28 -27.78 -17.37
C GLN G 459 -40.92 -27.30 -16.07
N ALA G 460 -40.17 -26.54 -15.26
CA ALA G 460 -40.74 -25.97 -14.04
C ALA G 460 -41.78 -24.92 -14.39
N LEU G 461 -42.71 -24.69 -13.47
CA LEU G 461 -43.69 -23.62 -13.68
C LEU G 461 -42.97 -22.27 -13.81
N SER G 462 -42.18 -21.91 -12.81
CA SER G 462 -41.29 -20.76 -12.84
C SER G 462 -39.84 -21.25 -12.70
N SER G 463 -38.89 -20.45 -13.18
CA SER G 463 -37.49 -20.86 -13.18
C SER G 463 -36.59 -19.67 -12.89
N SER G 464 -35.35 -19.96 -12.50
CA SER G 464 -34.36 -18.92 -12.24
C SER G 464 -32.96 -19.46 -12.54
N VAL G 465 -32.02 -18.54 -12.76
CA VAL G 465 -30.63 -18.84 -13.08
C VAL G 465 -29.78 -17.99 -12.17
N SER G 466 -28.79 -18.61 -11.51
CA SER G 466 -27.93 -17.86 -10.61
C SER G 466 -27.20 -16.77 -11.39
N SER G 467 -27.09 -15.60 -10.78
CA SER G 467 -26.38 -14.47 -11.35
C SER G 467 -25.15 -14.12 -10.53
N SER G 468 -24.66 -15.08 -9.75
CA SER G 468 -23.55 -14.81 -8.86
C SER G 468 -22.30 -14.43 -9.64
N LYS G 469 -21.62 -13.40 -9.16
CA LYS G 469 -20.34 -12.97 -9.70
C LYS G 469 -19.19 -13.35 -8.77
N LEU G 470 -19.46 -14.20 -7.77
CA LEU G 470 -18.47 -14.49 -6.74
C LEU G 470 -17.16 -14.96 -7.34
N PHE G 471 -17.22 -15.87 -8.31
CA PHE G 471 -16.01 -16.30 -9.00
C PHE G 471 -15.64 -15.36 -10.14
N SER G 472 -16.52 -14.39 -10.41
CA SER G 472 -16.24 -13.28 -11.29
C SER G 472 -15.39 -13.61 -12.49
N SER G 473 -14.25 -12.93 -12.64
CA SER G 473 -13.45 -13.20 -13.83
C SER G 473 -12.71 -14.51 -13.74
N SER G 474 -12.33 -14.91 -12.53
CA SER G 474 -11.64 -16.18 -12.31
C SER G 474 -10.29 -16.18 -13.05
N THR G 475 -10.26 -15.58 -14.23
CA THR G 475 -9.07 -15.56 -15.09
C THR G 475 -8.51 -16.97 -15.27
N ALA G 476 -9.42 -17.89 -15.59
CA ALA G 476 -9.08 -19.28 -15.86
C ALA G 476 -9.93 -19.71 -17.03
N PRO G 477 -9.53 -19.36 -18.25
CA PRO G 477 -10.35 -19.72 -19.42
C PRO G 477 -10.20 -21.21 -19.70
N HIS G 478 -11.33 -21.87 -19.94
CA HIS G 478 -11.36 -23.29 -20.25
C HIS G 478 -11.90 -23.54 -21.64
N GLU G 479 -11.15 -24.33 -22.40
CA GLU G 479 -11.51 -24.61 -23.78
C GLU G 479 -12.74 -25.51 -23.83
N THR G 480 -13.63 -25.23 -24.77
CA THR G 480 -14.85 -26.01 -24.97
C THR G 480 -14.82 -26.57 -26.39
N SER G 481 -14.98 -27.88 -26.52
CA SER G 481 -14.96 -28.56 -27.81
C SER G 481 -16.33 -29.13 -28.14
N PHE G 482 -16.71 -29.03 -29.42
CA PHE G 482 -18.01 -29.52 -29.86
C PHE G 482 -18.14 -31.01 -29.59
N GLY G 483 -19.29 -31.40 -29.06
CA GLY G 483 -19.59 -32.79 -28.78
C GLY G 483 -19.35 -33.20 -27.34
N GLU G 484 -18.61 -32.41 -26.58
CA GLU G 484 -18.35 -32.74 -25.19
C GLU G 484 -19.62 -32.60 -24.36
N GLU G 485 -19.73 -33.44 -23.34
CA GLU G 485 -20.86 -33.37 -22.42
C GLU G 485 -20.52 -32.44 -21.26
N VAL G 486 -21.56 -31.79 -20.72
CA VAL G 486 -21.45 -31.01 -19.50
C VAL G 486 -22.67 -31.31 -18.63
N GLU G 487 -22.50 -31.17 -17.32
CA GLU G 487 -23.60 -31.30 -16.37
C GLU G 487 -24.09 -29.93 -15.93
N VAL G 488 -25.40 -29.77 -15.91
CA VAL G 488 -26.07 -28.55 -15.46
C VAL G 488 -26.86 -28.89 -14.21
N HIS G 489 -26.51 -28.28 -13.09
CA HIS G 489 -27.09 -28.60 -11.80
C HIS G 489 -28.14 -27.56 -11.43
N ASN G 490 -29.24 -28.04 -10.83
CA ASN G 490 -30.39 -27.19 -10.54
C ASN G 490 -30.98 -27.62 -9.20
N LEU G 491 -31.62 -26.67 -8.53
CA LEU G 491 -32.45 -26.97 -7.36
C LEU G 491 -33.92 -26.90 -7.77
N LEU G 492 -34.64 -27.99 -7.56
CA LEU G 492 -36.05 -28.09 -7.92
C LEU G 492 -36.90 -28.04 -6.67
N ILE G 493 -37.99 -27.27 -6.72
CA ILE G 493 -39.00 -27.26 -5.67
C ILE G 493 -40.22 -28.04 -6.17
N ILE G 494 -40.61 -29.07 -5.40
CA ILE G 494 -41.61 -30.03 -5.84
C ILE G 494 -42.71 -30.04 -4.77
N ASP G 495 -43.96 -29.92 -5.20
CA ASP G 495 -45.08 -29.90 -4.27
C ASP G 495 -45.28 -31.26 -3.62
N GLN G 496 -45.65 -31.25 -2.34
CA GLN G 496 -45.71 -32.51 -1.60
C GLN G 496 -46.92 -33.37 -1.99
N HIS G 497 -47.95 -32.77 -2.59
CA HIS G 497 -49.11 -33.53 -3.05
C HIS G 497 -49.13 -33.70 -4.55
N THR G 498 -48.94 -32.61 -5.30
CA THR G 498 -49.01 -32.70 -6.75
C THR G 498 -47.76 -33.33 -7.32
N PHE G 499 -46.62 -33.19 -6.63
CA PHE G 499 -45.32 -33.66 -7.10
C PHE G 499 -45.01 -33.09 -8.49
N GLU G 500 -45.35 -31.81 -8.65
CA GLU G 500 -45.07 -31.00 -9.83
C GLU G 500 -43.93 -30.04 -9.53
N VAL G 501 -43.08 -29.81 -10.52
CA VAL G 501 -41.94 -28.93 -10.33
C VAL G 501 -42.47 -27.49 -10.29
N LEU G 502 -42.39 -26.84 -9.13
CA LEU G 502 -42.89 -25.48 -8.98
C LEU G 502 -41.88 -24.43 -9.40
N HIS G 503 -40.60 -24.66 -9.09
CA HIS G 503 -39.53 -23.71 -9.41
C HIS G 503 -38.24 -24.50 -9.58
N ALA G 504 -37.42 -24.06 -10.52
CA ALA G 504 -36.10 -24.63 -10.76
C ALA G 504 -35.06 -23.52 -10.81
N HIS G 505 -34.01 -23.66 -10.00
CA HIS G 505 -32.90 -22.72 -9.97
C HIS G 505 -31.68 -23.38 -10.60
N GLN G 506 -31.14 -22.77 -11.64
CA GLN G 506 -29.96 -23.31 -12.33
C GLN G 506 -28.72 -22.67 -11.75
N PHE G 507 -27.75 -23.51 -11.37
CA PHE G 507 -26.53 -23.03 -10.74
C PHE G 507 -25.53 -22.57 -11.81
N LEU G 508 -24.44 -21.98 -11.34
CA LEU G 508 -23.50 -21.35 -12.26
C LEU G 508 -22.91 -22.35 -13.23
N GLN G 509 -22.41 -21.84 -14.36
CA GLN G 509 -21.75 -22.70 -15.34
C GLN G 509 -20.60 -23.45 -14.69
N ASN G 510 -20.58 -24.76 -14.89
CA ASN G 510 -19.58 -25.66 -14.33
C ASN G 510 -19.66 -25.78 -12.82
N GLU G 511 -20.81 -25.46 -12.24
CA GLU G 511 -21.01 -25.59 -10.80
C GLU G 511 -21.85 -26.82 -10.47
N TYR G 512 -21.34 -27.65 -9.56
CA TYR G 512 -22.03 -28.84 -9.10
C TYR G 512 -22.65 -28.59 -7.73
N ALA G 513 -23.91 -28.99 -7.56
CA ALA G 513 -24.59 -28.96 -6.27
C ALA G 513 -24.36 -30.30 -5.59
N LEU G 514 -23.77 -30.26 -4.40
CA LEU G 514 -23.37 -31.48 -3.70
C LEU G 514 -24.15 -31.76 -2.43
N SER G 515 -24.64 -30.72 -1.74
CA SER G 515 -25.26 -30.90 -0.44
C SER G 515 -26.49 -30.01 -0.31
N LEU G 516 -27.47 -30.48 0.46
CA LEU G 516 -28.75 -29.77 0.59
C LEU G 516 -29.34 -29.98 1.97
N VAL G 517 -29.77 -28.88 2.60
CA VAL G 517 -30.49 -28.95 3.87
C VAL G 517 -31.67 -27.98 3.83
N SER G 518 -32.65 -28.25 4.70
CA SER G 518 -33.76 -27.36 5.00
C SER G 518 -33.78 -27.12 6.49
N CYS G 519 -33.65 -25.85 6.89
CA CYS G 519 -33.56 -25.58 8.33
C CYS G 519 -33.68 -24.08 8.61
N LYS G 520 -33.94 -23.78 9.88
CA LYS G 520 -33.85 -22.43 10.43
C LYS G 520 -32.49 -22.26 11.10
N LEU G 521 -31.92 -21.05 11.02
CA LEU G 521 -30.61 -20.79 11.60
C LEU G 521 -30.67 -19.58 12.52
N GLY G 522 -29.81 -19.60 13.54
CA GLY G 522 -29.71 -18.49 14.46
C GLY G 522 -31.07 -18.20 15.08
N LYS G 523 -31.41 -16.91 15.17
CA LYS G 523 -32.74 -16.50 15.59
C LYS G 523 -33.61 -16.07 14.42
N ASP G 524 -33.24 -16.46 13.20
CA ASP G 524 -34.00 -16.09 12.02
C ASP G 524 -35.17 -17.06 11.84
N PRO G 525 -36.41 -16.59 11.92
CA PRO G 525 -37.55 -17.52 11.88
C PRO G 525 -37.81 -18.12 10.51
N ASN G 526 -37.22 -17.58 9.45
CA ASN G 526 -37.48 -18.10 8.12
C ASN G 526 -36.81 -19.46 7.96
N THR G 527 -37.47 -20.37 7.27
CA THR G 527 -36.92 -21.68 6.95
C THR G 527 -36.31 -21.62 5.56
N TYR G 528 -35.06 -22.02 5.46
CA TYR G 528 -34.28 -21.84 4.24
C TYR G 528 -33.92 -23.18 3.60
N PHE G 529 -33.75 -23.13 2.27
CA PHE G 529 -33.00 -24.15 1.54
C PHE G 529 -31.56 -23.67 1.42
N ILE G 530 -30.61 -24.50 1.85
CA ILE G 530 -29.20 -24.15 1.78
C ILE G 530 -28.50 -25.21 0.94
N VAL G 531 -27.70 -24.77 -0.02
CA VAL G 531 -27.05 -25.66 -0.98
C VAL G 531 -25.55 -25.47 -0.91
N GLY G 532 -24.81 -26.58 -0.88
CA GLY G 532 -23.36 -26.57 -0.96
C GLY G 532 -22.92 -27.04 -2.33
N THR G 533 -22.02 -26.26 -2.96
CA THR G 533 -21.63 -26.46 -4.34
C THR G 533 -20.12 -26.56 -4.46
N ALA G 534 -19.68 -26.93 -5.67
CA ALA G 534 -18.26 -27.01 -6.02
C ALA G 534 -18.08 -26.60 -7.47
N MET G 535 -17.02 -25.84 -7.75
CA MET G 535 -16.69 -25.46 -9.13
C MET G 535 -15.82 -26.55 -9.75
N VAL G 536 -16.34 -27.20 -10.79
CA VAL G 536 -15.77 -28.43 -11.34
C VAL G 536 -15.20 -28.18 -12.72
N TYR G 537 -13.88 -28.34 -12.84
CA TYR G 537 -13.18 -28.32 -14.11
C TYR G 537 -12.34 -29.58 -14.26
N PRO G 538 -12.36 -30.22 -15.44
CA PRO G 538 -11.55 -31.45 -15.59
C PRO G 538 -10.09 -31.26 -15.18
N GLU G 539 -9.58 -30.03 -15.28
CA GLU G 539 -8.17 -29.78 -15.02
C GLU G 539 -7.80 -30.00 -13.56
N GLU G 540 -8.72 -29.72 -12.63
CA GLU G 540 -8.41 -29.84 -11.21
C GLU G 540 -8.71 -31.24 -10.69
N ALA G 541 -7.76 -31.79 -9.91
CA ALA G 541 -8.01 -33.07 -9.26
C ALA G 541 -9.03 -32.89 -8.14
N GLU G 542 -8.89 -31.83 -7.35
CA GLU G 542 -9.87 -31.44 -6.38
C GLU G 542 -10.35 -30.03 -6.67
N PRO G 543 -11.65 -29.77 -6.71
CA PRO G 543 -12.10 -28.38 -6.90
C PRO G 543 -11.59 -27.53 -5.76
N LYS G 544 -11.12 -26.33 -6.10
CA LYS G 544 -10.59 -25.41 -5.10
C LYS G 544 -11.49 -24.20 -4.88
N GLN G 545 -12.70 -24.20 -5.46
CA GLN G 545 -13.66 -23.12 -5.31
C GLN G 545 -15.02 -23.74 -5.05
N GLY G 546 -15.86 -23.03 -4.29
CA GLY G 546 -17.18 -23.54 -3.97
C GLY G 546 -18.04 -22.48 -3.31
N ARG G 547 -19.33 -22.81 -3.16
CA ARG G 547 -20.29 -21.90 -2.59
C ARG G 547 -21.20 -22.60 -1.59
N ILE G 548 -21.58 -21.86 -0.56
CA ILE G 548 -22.75 -22.19 0.25
C ILE G 548 -23.78 -21.10 -0.03
N VAL G 549 -24.96 -21.49 -0.49
CA VAL G 549 -26.00 -20.55 -0.88
C VAL G 549 -27.22 -20.80 -0.01
N VAL G 550 -27.78 -19.72 0.53
CA VAL G 550 -28.97 -19.78 1.37
C VAL G 550 -30.14 -19.26 0.54
N PHE G 551 -31.14 -20.12 0.33
CA PHE G 551 -32.32 -19.75 -0.42
C PHE G 551 -33.53 -19.69 0.51
N GLN G 552 -34.50 -18.85 0.15
CA GLN G 552 -35.83 -18.88 0.75
C GLN G 552 -36.88 -19.06 -0.35
N TYR G 553 -37.73 -20.07 -0.18
CA TYR G 553 -38.86 -20.28 -1.07
C TYR G 553 -40.07 -19.54 -0.54
N SER G 554 -40.54 -18.54 -1.29
CA SER G 554 -41.65 -17.71 -0.85
C SER G 554 -42.51 -17.35 -2.05
N ASP G 555 -43.82 -17.59 -1.91
CA ASP G 555 -44.81 -17.19 -2.90
C ASP G 555 -44.46 -17.68 -4.31
N GLY G 556 -44.15 -18.96 -4.41
CA GLY G 556 -43.91 -19.61 -5.69
C GLY G 556 -42.55 -19.38 -6.31
N LYS G 557 -41.70 -18.57 -5.69
CA LYS G 557 -40.34 -18.35 -6.16
C LYS G 557 -39.41 -18.39 -4.97
N LEU G 558 -38.20 -18.92 -5.15
CA LEU G 558 -37.18 -18.93 -4.10
C LEU G 558 -36.08 -17.94 -4.48
N GLN G 559 -35.74 -17.07 -3.54
CA GLN G 559 -34.80 -15.98 -3.73
C GLN G 559 -33.49 -16.24 -2.97
N THR G 560 -32.38 -15.79 -3.55
CA THR G 560 -31.08 -15.91 -2.90
C THR G 560 -30.96 -14.91 -1.75
N VAL G 561 -30.79 -15.42 -0.53
CA VAL G 561 -30.73 -14.60 0.67
C VAL G 561 -29.30 -14.26 1.06
N ALA G 562 -28.36 -15.19 0.87
CA ALA G 562 -26.98 -14.96 1.27
C ALA G 562 -26.10 -15.98 0.56
N GLU G 563 -24.84 -15.58 0.35
CA GLU G 563 -23.87 -16.43 -0.34
C GLU G 563 -22.52 -16.30 0.33
N LYS G 564 -21.86 -17.43 0.57
CA LYS G 564 -20.54 -17.48 1.19
C LYS G 564 -19.59 -18.27 0.30
N GLU G 565 -18.42 -17.69 0.05
CA GLU G 565 -17.41 -18.34 -0.78
C GLU G 565 -16.54 -19.25 0.08
N VAL G 566 -16.36 -20.49 -0.37
CA VAL G 566 -15.45 -21.41 0.29
C VAL G 566 -14.44 -21.91 -0.72
N LYS G 567 -13.25 -22.22 -0.25
CA LYS G 567 -12.13 -22.63 -1.11
C LYS G 567 -12.05 -24.16 -1.19
N GLY G 568 -13.14 -24.73 -1.70
CA GLY G 568 -13.24 -26.17 -1.83
C GLY G 568 -14.66 -26.57 -2.15
N ALA G 569 -14.92 -27.87 -2.03
CA ALA G 569 -16.23 -28.45 -2.34
C ALA G 569 -17.01 -28.71 -1.06
N VAL G 570 -18.26 -28.26 -1.03
CA VAL G 570 -19.12 -28.47 0.16
C VAL G 570 -19.81 -29.80 -0.07
N TYR G 571 -19.11 -30.88 0.31
CA TYR G 571 -19.64 -32.21 0.04
C TYR G 571 -20.87 -32.52 0.89
N SER G 572 -20.88 -32.08 2.15
CA SER G 572 -21.97 -32.42 3.05
C SER G 572 -22.19 -31.28 4.05
N MET G 573 -23.47 -31.09 4.42
CA MET G 573 -23.89 -30.10 5.40
C MET G 573 -24.95 -30.71 6.30
N VAL G 574 -25.07 -30.17 7.52
CA VAL G 574 -26.09 -30.64 8.46
C VAL G 574 -26.34 -29.53 9.49
N GLU G 575 -27.60 -29.38 9.89
CA GLU G 575 -27.95 -28.35 10.86
C GLU G 575 -27.38 -28.73 12.21
N PHE G 576 -26.76 -27.77 12.90
CA PHE G 576 -26.11 -28.03 14.19
C PHE G 576 -26.48 -26.93 15.17
N ASN G 577 -27.54 -27.17 15.94
CA ASN G 577 -27.94 -26.30 17.04
C ASN G 577 -27.98 -24.83 16.61
N GLY G 578 -28.76 -24.58 15.55
CA GLY G 578 -28.90 -23.23 15.04
C GLY G 578 -27.75 -22.75 14.19
N LYS G 579 -26.70 -23.55 14.07
CA LYS G 579 -25.52 -23.23 13.29
C LYS G 579 -25.42 -24.22 12.13
N LEU G 580 -24.60 -23.88 11.15
CA LEU G 580 -24.46 -24.70 9.94
C LEU G 580 -23.11 -25.38 9.95
N LEU G 581 -23.12 -26.71 9.97
CA LEU G 581 -21.90 -27.51 9.89
C LEU G 581 -21.71 -27.94 8.44
N ALA G 582 -20.58 -27.59 7.86
CA ALA G 582 -20.30 -27.88 6.46
C ALA G 582 -18.91 -28.48 6.34
N SER G 583 -18.77 -29.45 5.42
CA SER G 583 -17.48 -30.08 5.13
C SER G 583 -17.01 -29.51 3.79
N ILE G 584 -15.95 -28.71 3.83
CA ILE G 584 -15.39 -28.08 2.64
C ILE G 584 -14.02 -28.74 2.41
N ASN G 585 -13.92 -29.56 1.38
CA ASN G 585 -12.71 -30.31 1.05
C ASN G 585 -12.29 -31.12 2.26
N SER G 586 -11.06 -30.96 2.77
CA SER G 586 -10.58 -31.69 3.94
C SER G 586 -11.02 -31.07 5.25
N THR G 587 -11.53 -29.84 5.21
CA THR G 587 -11.86 -29.08 6.41
C THR G 587 -13.33 -29.26 6.77
N VAL G 588 -13.60 -29.49 8.05
CA VAL G 588 -14.94 -29.45 8.61
C VAL G 588 -15.08 -28.13 9.34
N ARG G 589 -16.09 -27.36 8.98
CA ARG G 589 -16.26 -25.98 9.45
C ARG G 589 -17.67 -25.77 9.96
N LEU G 590 -17.78 -25.01 11.05
CA LEU G 590 -19.06 -24.58 11.59
C LEU G 590 -19.27 -23.11 11.29
N TYR G 591 -20.44 -22.79 10.73
CA TYR G 591 -20.83 -21.42 10.40
C TYR G 591 -21.96 -20.98 11.31
N GLU G 592 -21.94 -19.70 11.72
CA GLU G 592 -23.02 -19.10 12.48
C GLU G 592 -23.84 -18.18 11.56
N TRP G 593 -25.13 -18.05 11.86
CA TRP G 593 -26.05 -17.23 11.07
C TRP G 593 -26.24 -15.90 11.77
N THR G 594 -25.71 -14.83 11.19
CA THR G 594 -25.71 -13.55 11.87
C THR G 594 -27.06 -12.84 11.77
N THR G 595 -27.18 -11.77 12.56
CA THR G 595 -28.32 -10.88 12.49
C THR G 595 -28.34 -10.12 11.17
N GLU G 596 -27.24 -10.14 10.43
CA GLU G 596 -27.13 -9.55 9.11
C GLU G 596 -27.47 -10.53 7.99
N LYS G 597 -28.03 -11.68 8.33
CA LYS G 597 -28.40 -12.71 7.36
C LYS G 597 -27.21 -13.09 6.48
N GLU G 598 -26.07 -13.35 7.11
CA GLU G 598 -24.91 -13.88 6.40
C GLU G 598 -24.14 -14.81 7.33
N LEU G 599 -23.57 -15.85 6.73
CA LEU G 599 -22.85 -16.87 7.48
C LEU G 599 -21.45 -16.41 7.86
N ARG G 600 -21.06 -16.69 9.10
CA ARG G 600 -19.75 -16.32 9.64
C ARG G 600 -19.10 -17.56 10.24
N THR G 601 -17.85 -17.81 9.86
CA THR G 601 -17.11 -18.96 10.36
C THR G 601 -16.89 -18.85 11.86
N GLU G 602 -17.08 -19.97 12.58
CA GLU G 602 -16.80 -20.02 14.01
C GLU G 602 -15.52 -20.80 14.30
N CYS G 603 -15.50 -22.10 14.02
CA CYS G 603 -14.34 -22.96 14.29
C CYS G 603 -14.22 -23.98 13.17
N ASN G 604 -13.01 -24.54 13.04
CA ASN G 604 -12.67 -25.43 11.94
C ASN G 604 -12.01 -26.70 12.45
N HIS G 605 -12.02 -27.73 11.60
CA HIS G 605 -11.31 -28.97 11.87
C HIS G 605 -10.59 -29.47 10.62
N TYR G 606 -9.38 -30.02 10.80
CA TYR G 606 -8.56 -30.35 9.65
C TYR G 606 -7.89 -31.73 9.61
N ASN G 607 -8.10 -32.60 10.58
CA ASN G 607 -7.46 -33.92 10.52
C ASN G 607 -8.33 -34.90 9.73
N ASN G 608 -8.50 -34.56 8.45
CA ASN G 608 -9.29 -35.35 7.52
C ASN G 608 -8.72 -35.22 6.11
N ILE G 609 -8.61 -36.34 5.39
CA ILE G 609 -8.17 -36.30 3.99
C ILE G 609 -9.29 -35.81 3.09
N MET G 610 -10.49 -36.37 3.21
CA MET G 610 -11.63 -35.85 2.46
C MET G 610 -12.90 -36.13 3.25
N ALA G 611 -13.55 -35.06 3.72
CA ALA G 611 -14.71 -35.15 4.60
C ALA G 611 -15.97 -35.29 3.76
N LEU G 612 -16.43 -36.53 3.57
CA LEU G 612 -17.51 -36.79 2.62
C LEU G 612 -18.90 -36.80 3.24
N TYR G 613 -19.05 -37.31 4.46
CA TYR G 613 -20.37 -37.48 5.06
C TYR G 613 -20.36 -36.90 6.46
N LEU G 614 -21.44 -36.21 6.83
CA LEU G 614 -21.57 -35.60 8.14
C LEU G 614 -22.89 -36.02 8.77
N LYS G 615 -22.84 -36.29 10.08
CA LYS G 615 -24.01 -36.66 10.89
C LYS G 615 -23.79 -36.10 12.29
N THR G 616 -24.87 -35.62 12.92
CA THR G 616 -24.76 -34.99 14.23
C THR G 616 -25.84 -35.49 15.18
N LYS G 617 -25.45 -35.65 16.46
CA LYS G 617 -26.36 -35.92 17.56
C LYS G 617 -25.92 -35.08 18.75
N GLY G 618 -26.75 -34.12 19.15
CA GLY G 618 -26.37 -33.24 20.25
C GLY G 618 -25.24 -32.33 19.82
N ASP G 619 -24.20 -32.23 20.66
CA ASP G 619 -22.99 -31.51 20.28
C ASP G 619 -21.91 -32.45 19.75
N PHE G 620 -22.27 -33.67 19.36
CA PHE G 620 -21.34 -34.63 18.78
C PHE G 620 -21.47 -34.61 17.26
N ILE G 621 -20.33 -34.81 16.57
CA ILE G 621 -20.24 -34.77 15.11
C ILE G 621 -19.57 -36.06 14.64
N LEU G 622 -20.08 -36.64 13.55
CA LEU G 622 -19.50 -37.84 12.96
C LEU G 622 -19.07 -37.54 11.53
N VAL G 623 -17.78 -37.72 11.25
CA VAL G 623 -17.22 -37.42 9.94
C VAL G 623 -16.75 -38.70 9.27
N GLY G 624 -17.14 -38.89 8.00
CA GLY G 624 -16.69 -40.02 7.23
C GLY G 624 -15.67 -39.62 6.17
N ASP G 625 -14.48 -40.22 6.23
CA ASP G 625 -13.39 -39.88 5.32
C ASP G 625 -13.34 -40.84 4.15
N LEU G 626 -12.67 -40.41 3.07
CA LEU G 626 -12.56 -41.26 1.90
C LEU G 626 -11.79 -42.54 2.21
N MET G 627 -10.82 -42.50 3.13
CA MET G 627 -10.00 -43.68 3.42
C MET G 627 -9.72 -43.89 4.89
N ARG G 628 -9.93 -42.90 5.74
CA ARG G 628 -9.55 -42.97 7.14
C ARG G 628 -10.72 -43.29 8.04
N SER G 629 -11.76 -43.93 7.50
CA SER G 629 -12.86 -44.47 8.29
C SER G 629 -13.66 -43.32 8.90
N VAL G 630 -14.02 -43.44 10.17
CA VAL G 630 -14.93 -42.49 10.82
C VAL G 630 -14.23 -41.81 11.98
N LEU G 631 -14.58 -40.53 12.20
CA LEU G 631 -14.03 -39.73 13.28
C LEU G 631 -15.16 -39.13 14.10
N LEU G 632 -15.05 -39.24 15.43
CA LEU G 632 -16.02 -38.65 16.35
C LEU G 632 -15.49 -37.32 16.85
N LEU G 633 -16.12 -36.23 16.42
CA LEU G 633 -15.84 -34.89 16.86
C LEU G 633 -16.83 -34.43 17.92
N ALA G 634 -16.42 -33.41 18.67
CA ALA G 634 -17.29 -32.79 19.67
C ALA G 634 -17.10 -31.28 19.65
N TYR G 635 -18.22 -30.55 19.74
CA TYR G 635 -18.17 -29.11 19.92
C TYR G 635 -18.06 -28.83 21.43
N LYS G 636 -17.02 -28.10 21.82
CA LYS G 636 -16.82 -27.74 23.22
C LYS G 636 -17.31 -26.31 23.38
N PRO G 637 -18.51 -26.09 23.92
CA PRO G 637 -19.08 -24.72 23.90
C PRO G 637 -18.24 -23.72 24.66
N MET G 638 -17.63 -24.15 25.78
CA MET G 638 -16.84 -23.23 26.59
C MET G 638 -15.65 -22.67 25.82
N GLU G 639 -15.08 -23.48 24.94
CA GLU G 639 -13.85 -23.16 24.24
C GLU G 639 -14.12 -22.59 22.87
N GLY G 640 -15.29 -22.84 22.32
CA GLY G 640 -15.64 -22.35 21.00
C GLY G 640 -14.80 -23.00 19.93
N ASN G 641 -14.58 -24.31 20.04
CA ASN G 641 -13.75 -25.03 19.09
C ASN G 641 -14.25 -26.46 19.01
N PHE G 642 -13.61 -27.27 18.17
CA PHE G 642 -13.93 -28.69 18.06
C PHE G 642 -12.92 -29.48 18.88
N GLU G 643 -13.37 -30.62 19.40
CA GLU G 643 -12.47 -31.55 20.10
C GLU G 643 -12.61 -32.92 19.46
N GLU G 644 -11.47 -33.54 19.17
CA GLU G 644 -11.46 -34.90 18.63
C GLU G 644 -11.64 -35.88 19.77
N ILE G 645 -12.73 -36.63 19.74
CA ILE G 645 -13.02 -37.56 20.83
C ILE G 645 -12.38 -38.91 20.58
N ALA G 646 -12.65 -39.54 19.43
CA ALA G 646 -12.20 -40.91 19.19
C ALA G 646 -12.32 -41.24 17.73
N ARG G 647 -11.39 -42.06 17.23
CA ARG G 647 -11.38 -42.44 15.83
C ARG G 647 -11.20 -43.95 15.64
N ASP G 648 -11.72 -44.45 14.52
CA ASP G 648 -11.46 -45.82 14.05
C ASP G 648 -10.18 -45.80 13.22
N PHE G 649 -9.07 -46.25 13.81
CA PHE G 649 -7.80 -46.13 13.10
C PHE G 649 -7.71 -47.10 11.93
N ASN G 650 -8.44 -48.21 11.94
CA ASN G 650 -8.47 -49.08 10.78
C ASN G 650 -8.91 -48.30 9.54
N PRO G 651 -8.26 -48.51 8.39
CA PRO G 651 -8.64 -47.74 7.19
C PRO G 651 -9.76 -48.42 6.41
N ASN G 652 -10.85 -47.68 6.18
CA ASN G 652 -11.96 -48.15 5.36
C ASN G 652 -12.39 -47.01 4.45
N TRP G 653 -12.78 -47.36 3.22
CA TRP G 653 -13.38 -46.38 2.32
C TRP G 653 -14.86 -46.25 2.63
N MET G 654 -15.32 -45.02 2.89
CA MET G 654 -16.66 -44.80 3.38
C MET G 654 -17.60 -44.45 2.23
N SER G 655 -18.82 -44.99 2.29
CA SER G 655 -19.90 -44.63 1.37
C SER G 655 -21.04 -43.88 2.04
N ALA G 656 -21.25 -44.10 3.34
CA ALA G 656 -22.28 -43.42 4.12
C ALA G 656 -22.06 -43.75 5.59
N VAL G 657 -22.47 -42.83 6.46
CA VAL G 657 -22.33 -43.03 7.90
C VAL G 657 -23.66 -42.68 8.58
N GLU G 658 -23.77 -43.12 9.84
CA GLU G 658 -24.97 -42.83 10.63
C GLU G 658 -24.65 -43.02 12.11
N ILE G 659 -25.28 -42.20 12.93
CA ILE G 659 -25.17 -42.30 14.39
C ILE G 659 -26.32 -43.14 14.89
N LEU G 660 -26.00 -44.21 15.63
CA LEU G 660 -27.03 -45.04 16.25
C LEU G 660 -27.44 -44.53 17.62
N ASP G 661 -26.46 -44.30 18.49
CA ASP G 661 -26.68 -43.74 19.82
C ASP G 661 -25.38 -43.09 20.27
N ASP G 662 -25.37 -42.56 21.49
CA ASP G 662 -24.23 -41.76 21.93
C ASP G 662 -22.92 -42.54 21.93
N ASP G 663 -22.96 -43.88 21.89
CA ASP G 663 -21.74 -44.68 21.93
C ASP G 663 -21.51 -45.52 20.68
N ASN G 664 -22.54 -45.86 19.91
CA ASN G 664 -22.41 -46.73 18.74
C ASN G 664 -22.54 -45.94 17.44
N PHE G 665 -21.71 -46.30 16.46
CA PHE G 665 -21.65 -45.64 15.16
C PHE G 665 -21.60 -46.67 14.05
N LEU G 666 -22.43 -46.48 13.02
CA LEU G 666 -22.56 -47.44 11.93
C LEU G 666 -21.99 -46.87 10.63
N GLY G 667 -21.32 -47.73 9.87
CA GLY G 667 -20.71 -47.31 8.62
C GLY G 667 -20.86 -48.34 7.52
N ALA G 668 -20.83 -47.86 6.28
CA ALA G 668 -20.92 -48.67 5.07
C ALA G 668 -19.77 -48.32 4.15
N GLU G 669 -19.02 -49.33 3.71
CA GLU G 669 -17.86 -49.14 2.85
C GLU G 669 -18.08 -49.64 1.43
N ASN G 670 -17.22 -49.15 0.52
CA ASN G 670 -17.30 -49.52 -0.88
C ASN G 670 -17.06 -51.00 -1.13
N ALA G 671 -16.70 -51.77 -0.10
CA ALA G 671 -16.55 -53.21 -0.22
C ALA G 671 -17.82 -53.97 0.14
N PHE G 672 -18.97 -53.29 0.08
CA PHE G 672 -20.27 -53.90 0.39
C PHE G 672 -20.34 -54.42 1.83
N ASN G 673 -19.62 -53.76 2.73
CA ASN G 673 -19.55 -54.15 4.13
C ASN G 673 -20.17 -53.12 5.05
N LEU G 674 -20.62 -53.58 6.21
CA LEU G 674 -21.15 -52.73 7.27
C LEU G 674 -20.33 -52.97 8.53
N PHE G 675 -19.90 -51.90 9.19
CA PHE G 675 -19.13 -52.01 10.41
C PHE G 675 -19.67 -51.03 11.44
N VAL G 676 -19.45 -51.37 12.71
CA VAL G 676 -19.96 -50.59 13.84
C VAL G 676 -18.79 -50.32 14.78
N CYS G 677 -18.55 -49.04 15.07
CA CYS G 677 -17.51 -48.61 16.00
C CYS G 677 -18.15 -48.15 17.30
N GLN G 678 -17.41 -48.30 18.40
CA GLN G 678 -17.90 -47.91 19.71
C GLN G 678 -16.80 -47.17 20.46
N LYS G 679 -17.19 -46.15 21.22
CA LYS G 679 -16.24 -45.50 22.12
C LYS G 679 -15.79 -46.50 23.18
N ASP G 680 -14.50 -46.47 23.53
CA ASP G 680 -14.00 -47.39 24.55
C ASP G 680 -14.55 -46.95 25.92
N SER G 681 -15.87 -46.86 26.03
CA SER G 681 -16.55 -46.54 27.29
C SER G 681 -15.97 -45.24 27.84
N ALA G 682 -15.64 -45.17 29.13
CA ALA G 682 -15.02 -44.01 29.75
C ALA G 682 -13.74 -44.48 30.42
N ALA G 683 -12.80 -44.94 29.62
CA ALA G 683 -11.56 -45.51 30.16
C ALA G 683 -10.75 -44.45 30.90
N THR G 684 -9.82 -44.93 31.73
CA THR G 684 -8.90 -44.07 32.46
C THR G 684 -7.68 -43.68 31.62
N THR G 685 -7.49 -44.31 30.46
CA THR G 685 -6.36 -44.01 29.59
C THR G 685 -6.84 -43.14 28.44
N ASP G 686 -6.15 -42.02 28.21
CA ASP G 686 -6.55 -41.15 27.11
C ASP G 686 -6.38 -41.85 25.78
N GLU G 687 -5.39 -42.74 25.65
CA GLU G 687 -5.22 -43.46 24.38
C GLU G 687 -6.42 -44.37 24.11
N GLU G 688 -6.91 -45.07 25.13
CA GLU G 688 -8.10 -45.89 24.93
C GLU G 688 -9.32 -45.04 24.56
N ARG G 689 -9.50 -43.91 25.23
CA ARG G 689 -10.68 -43.09 24.94
C ARG G 689 -10.66 -42.61 23.50
N GLN G 690 -9.49 -42.18 23.02
CA GLN G 690 -9.34 -41.65 21.67
C GLN G 690 -9.37 -42.73 20.60
N HIS G 691 -9.57 -43.99 20.99
CA HIS G 691 -9.65 -45.12 20.07
C HIS G 691 -11.09 -45.63 19.95
N LEU G 692 -11.60 -45.63 18.72
CA LEU G 692 -12.88 -46.26 18.40
C LEU G 692 -12.64 -47.72 18.04
N GLN G 693 -13.32 -48.63 18.74
CA GLN G 693 -13.16 -50.07 18.54
C GLN G 693 -14.24 -50.56 17.59
N GLU G 694 -13.80 -51.22 16.52
CA GLU G 694 -14.76 -51.86 15.61
C GLU G 694 -15.42 -53.01 16.34
N VAL G 695 -16.71 -52.87 16.64
CA VAL G 695 -17.45 -53.88 17.37
C VAL G 695 -18.39 -54.69 16.51
N GLY G 696 -18.73 -54.23 15.31
CA GLY G 696 -19.61 -54.96 14.42
C GLY G 696 -19.03 -55.13 13.02
N LEU G 697 -19.12 -56.32 12.45
CA LEU G 697 -18.65 -56.57 11.09
C LEU G 697 -19.69 -57.42 10.37
N PHE G 698 -20.06 -57.00 9.15
CA PHE G 698 -21.12 -57.65 8.39
C PHE G 698 -20.90 -57.39 6.91
N HIS G 699 -21.04 -58.43 6.09
CA HIS G 699 -20.97 -58.26 4.64
C HIS G 699 -22.40 -58.08 4.16
N LEU G 700 -22.80 -56.82 3.91
CA LEU G 700 -24.16 -56.58 3.44
C LEU G 700 -24.35 -57.13 2.03
N GLY G 701 -23.41 -56.85 1.14
CA GLY G 701 -23.52 -57.23 -0.25
C GLY G 701 -24.17 -56.18 -1.12
N GLU G 702 -24.53 -55.04 -0.55
CA GLU G 702 -25.07 -53.90 -1.28
C GLU G 702 -24.30 -52.64 -0.88
N PHE G 703 -24.35 -51.66 -1.79
CA PHE G 703 -23.64 -50.40 -1.66
C PHE G 703 -24.58 -49.37 -1.06
N VAL G 704 -24.34 -48.99 0.20
CA VAL G 704 -25.20 -48.03 0.88
C VAL G 704 -24.80 -46.63 0.47
N ASN G 705 -25.74 -45.85 -0.05
CA ASN G 705 -25.51 -44.45 -0.39
C ASN G 705 -26.01 -43.52 0.71
N VAL G 706 -27.10 -43.89 1.39
CA VAL G 706 -27.79 -43.01 2.32
C VAL G 706 -28.31 -43.80 3.51
N PHE G 707 -27.99 -43.32 4.73
CA PHE G 707 -28.55 -43.81 5.98
C PHE G 707 -29.57 -42.81 6.51
N CYS G 708 -30.73 -43.30 6.96
CA CYS G 708 -31.80 -42.41 7.39
C CYS G 708 -32.60 -42.99 8.55
N HIS G 709 -32.67 -42.23 9.65
CA HIS G 709 -33.49 -42.62 10.79
C HIS G 709 -34.98 -42.52 10.44
N GLY G 710 -35.74 -43.54 10.80
CA GLY G 710 -37.17 -43.56 10.56
C GLY G 710 -37.64 -44.97 10.28
N SER G 711 -38.95 -45.15 10.29
CA SER G 711 -39.55 -46.43 9.94
C SER G 711 -40.85 -46.25 9.19
N LEU G 712 -41.12 -47.20 8.29
CA LEU G 712 -42.36 -47.18 7.51
C LEU G 712 -43.52 -47.81 8.25
N VAL G 713 -43.25 -48.54 9.34
CA VAL G 713 -44.30 -49.15 10.15
C VAL G 713 -44.99 -48.09 11.01
N MET G 714 -46.21 -48.41 11.43
CA MET G 714 -46.96 -47.55 12.33
C MET G 714 -46.21 -47.40 13.66
N GLN G 715 -46.19 -46.18 14.19
CA GLN G 715 -45.52 -45.88 15.46
C GLN G 715 -46.56 -45.61 16.53
N ASN G 716 -46.46 -46.35 17.64
CA ASN G 716 -47.41 -46.18 18.74
C ASN G 716 -46.85 -45.31 19.87
N LEU G 717 -47.66 -44.34 20.33
CA LEU G 717 -47.27 -43.49 21.45
C LEU G 717 -47.16 -44.25 22.75
N GLY G 718 -47.82 -45.41 22.85
CA GLY G 718 -47.79 -46.18 24.08
C GLY G 718 -46.55 -47.04 24.11
N GLU G 719 -45.81 -46.94 25.20
CA GLU G 719 -44.53 -47.63 25.35
C GLU G 719 -44.73 -49.14 25.47
N THR G 720 -44.07 -49.88 24.58
CA THR G 720 -44.08 -51.34 24.57
C THR G 720 -42.63 -51.79 24.53
N SER G 721 -42.25 -52.74 25.39
CA SER G 721 -40.85 -53.18 25.42
C SER G 721 -40.62 -54.09 24.23
N THR G 722 -40.28 -53.48 23.11
CA THR G 722 -39.96 -54.22 21.89
C THR G 722 -38.54 -54.78 22.00
N PRO G 723 -38.27 -55.91 21.36
CA PRO G 723 -36.88 -56.41 21.36
C PRO G 723 -35.92 -55.46 20.65
N THR G 724 -36.34 -54.91 19.52
CA THR G 724 -35.55 -53.96 18.75
C THR G 724 -35.67 -52.55 19.29
N GLN G 725 -34.54 -51.84 19.35
CA GLN G 725 -34.50 -50.44 19.74
C GLN G 725 -33.86 -49.62 18.63
N GLY G 726 -34.55 -48.57 18.20
CA GLY G 726 -34.07 -47.73 17.13
C GLY G 726 -34.52 -48.20 15.76
N SER G 727 -34.34 -47.34 14.76
CA SER G 727 -34.73 -47.68 13.40
C SER G 727 -33.96 -46.82 12.41
N VAL G 728 -33.05 -47.45 11.66
CA VAL G 728 -32.32 -46.80 10.57
C VAL G 728 -32.62 -47.52 9.27
N LEU G 729 -33.16 -46.78 8.30
CA LEU G 729 -33.35 -47.28 6.96
C LEU G 729 -32.15 -46.90 6.10
N PHE G 730 -31.78 -47.78 5.17
CA PHE G 730 -30.70 -47.44 4.23
C PHE G 730 -31.07 -47.80 2.81
N GLY G 731 -30.63 -46.95 1.87
CA GLY G 731 -30.86 -47.15 0.45
C GLY G 731 -29.58 -47.59 -0.24
N THR G 732 -29.74 -48.33 -1.34
CA THR G 732 -28.59 -48.96 -1.99
C THR G 732 -28.61 -48.74 -3.51
N VAL G 733 -27.51 -49.14 -4.15
CA VAL G 733 -27.33 -48.92 -5.58
C VAL G 733 -28.24 -49.82 -6.40
N ASN G 734 -28.55 -51.01 -5.92
CA ASN G 734 -29.38 -51.96 -6.66
C ASN G 734 -30.86 -51.86 -6.29
N GLY G 735 -31.24 -50.83 -5.52
CA GLY G 735 -32.61 -50.63 -5.14
C GLY G 735 -33.04 -51.31 -3.86
N MET G 736 -32.21 -52.17 -3.29
CA MET G 736 -32.53 -52.81 -2.02
C MET G 736 -32.67 -51.74 -0.93
N ILE G 737 -33.74 -51.83 -0.14
CA ILE G 737 -33.92 -50.98 1.03
C ILE G 737 -33.87 -51.85 2.27
N GLY G 738 -33.01 -51.47 3.23
CA GLY G 738 -32.78 -52.28 4.40
C GLY G 738 -33.00 -51.50 5.69
N LEU G 739 -32.97 -52.24 6.80
CA LEU G 739 -33.24 -51.73 8.12
C LEU G 739 -32.22 -52.24 9.12
N VAL G 740 -31.65 -51.32 9.89
CA VAL G 740 -30.71 -51.64 10.95
C VAL G 740 -31.35 -51.28 12.29
N THR G 741 -31.21 -52.17 13.27
CA THR G 741 -31.73 -51.91 14.60
C THR G 741 -30.84 -52.58 15.63
N SER G 742 -30.95 -52.11 16.88
CA SER G 742 -30.14 -52.60 17.98
C SER G 742 -30.91 -53.64 18.80
N LEU G 743 -30.16 -54.49 19.50
CA LEU G 743 -30.72 -55.54 20.34
C LEU G 743 -30.13 -55.46 21.73
N SER G 744 -30.82 -56.07 22.69
CA SER G 744 -30.23 -56.33 23.99
C SER G 744 -29.32 -57.55 23.90
N GLU G 745 -28.38 -57.66 24.83
CA GLU G 745 -27.46 -58.79 24.80
C GLU G 745 -28.21 -60.12 24.81
N SER G 746 -29.26 -60.23 25.65
CA SER G 746 -30.04 -61.46 25.69
C SER G 746 -30.63 -61.78 24.33
N TRP G 747 -31.15 -60.76 23.65
CA TRP G 747 -31.82 -60.98 22.37
C TRP G 747 -30.81 -61.37 21.29
N TYR G 748 -29.64 -60.74 21.32
CA TYR G 748 -28.59 -61.11 20.38
C TYR G 748 -28.20 -62.57 20.54
N ASN G 749 -27.85 -62.98 21.76
CA ASN G 749 -27.39 -64.34 21.99
C ASN G 749 -28.43 -65.35 21.56
N LEU G 750 -29.70 -65.09 21.90
CA LEU G 750 -30.77 -65.97 21.47
C LEU G 750 -30.82 -66.09 19.96
N LEU G 751 -30.86 -64.95 19.27
CA LEU G 751 -30.99 -64.98 17.82
C LEU G 751 -29.73 -65.53 17.16
N LEU G 752 -28.55 -65.24 17.72
CA LEU G 752 -27.32 -65.80 17.18
C LEU G 752 -27.33 -67.31 17.30
N ASP G 753 -27.72 -67.82 18.46
CA ASP G 753 -27.83 -69.27 18.65
C ASP G 753 -28.82 -69.87 17.64
N MET G 754 -29.89 -69.13 17.33
CA MET G 754 -30.84 -69.62 16.35
C MET G 754 -30.24 -69.66 14.95
N GLN G 755 -29.47 -68.64 14.59
CA GLN G 755 -28.85 -68.62 13.27
C GLN G 755 -27.97 -69.85 13.06
N ASN G 756 -27.02 -70.06 13.97
CA ASN G 756 -26.13 -71.22 13.86
C ASN G 756 -26.91 -72.51 13.83
N ARG G 757 -28.07 -72.54 14.49
CA ARG G 757 -28.96 -73.69 14.37
C ARG G 757 -29.66 -73.70 13.01
N LEU G 758 -30.12 -72.53 12.56
CA LEU G 758 -30.83 -72.45 11.29
C LEU G 758 -29.93 -72.85 10.14
N ASN G 759 -28.66 -72.48 10.21
CA ASN G 759 -27.74 -72.78 9.12
C ASN G 759 -27.51 -74.28 8.96
N LYS G 760 -27.54 -75.04 10.05
CA LYS G 760 -27.40 -76.49 9.95
C LYS G 760 -28.62 -77.10 9.29
N VAL G 761 -29.75 -76.42 9.36
CA VAL G 761 -31.02 -76.95 8.85
C VAL G 761 -31.25 -76.58 7.40
N ILE G 762 -30.99 -75.32 7.06
CA ILE G 762 -31.41 -74.75 5.78
C ILE G 762 -30.40 -75.07 4.68
N LYS G 763 -30.92 -75.46 3.51
CA LYS G 763 -30.09 -75.70 2.34
C LYS G 763 -30.05 -74.45 1.46
N SER G 764 -28.85 -73.95 1.18
CA SER G 764 -28.64 -72.79 0.33
C SER G 764 -28.37 -73.25 -1.10
N VAL G 765 -28.76 -72.42 -2.06
CA VAL G 765 -28.45 -72.71 -3.45
C VAL G 765 -26.95 -72.62 -3.64
N GLY G 766 -26.37 -73.63 -4.30
CA GLY G 766 -24.93 -73.71 -4.47
C GLY G 766 -24.17 -74.24 -3.28
N LYS G 767 -24.85 -74.62 -2.20
CA LYS G 767 -24.19 -75.14 -1.01
C LYS G 767 -23.16 -74.15 -0.47
N ILE G 768 -23.57 -72.88 -0.38
CA ILE G 768 -22.72 -71.81 0.14
C ILE G 768 -22.95 -71.68 1.65
N GLU G 769 -21.87 -71.76 2.42
CA GLU G 769 -21.93 -71.55 3.86
C GLU G 769 -22.36 -70.13 4.18
N HIS G 770 -23.38 -70.00 5.03
CA HIS G 770 -23.87 -68.67 5.40
C HIS G 770 -22.79 -67.84 6.09
N SER G 771 -22.02 -68.47 6.98
CA SER G 771 -20.99 -67.72 7.69
C SER G 771 -19.99 -67.08 6.73
N PHE G 772 -19.71 -67.75 5.61
CA PHE G 772 -18.77 -67.18 4.63
C PHE G 772 -19.37 -65.97 3.93
N TRP G 773 -20.66 -66.03 3.59
CA TRP G 773 -21.30 -64.96 2.84
C TRP G 773 -21.34 -63.67 3.64
N ARG G 774 -21.66 -63.76 4.93
CA ARG G 774 -21.70 -62.58 5.78
C ARG G 774 -20.33 -62.19 6.31
N SER G 775 -19.30 -62.99 6.03
CA SER G 775 -17.95 -62.65 6.44
C SER G 775 -17.51 -61.34 5.79
N PHE G 776 -17.11 -60.38 6.63
CA PHE G 776 -16.51 -59.14 6.17
C PHE G 776 -15.45 -59.42 5.11
N HIS G 777 -15.56 -58.76 3.96
CA HIS G 777 -14.67 -59.11 2.85
C HIS G 777 -14.25 -57.90 2.04
N THR G 778 -12.94 -57.67 2.00
CA THR G 778 -12.29 -56.79 1.03
C THR G 778 -11.33 -57.64 0.20
N GLU G 779 -10.85 -57.09 -0.91
CA GLU G 779 -9.84 -57.81 -1.68
C GLU G 779 -8.67 -58.22 -0.79
N ARG G 780 -8.37 -57.44 0.24
CA ARG G 780 -7.20 -57.70 1.07
C ARG G 780 -7.50 -58.51 2.34
N LYS G 781 -8.60 -58.27 3.05
CA LYS G 781 -8.87 -59.02 4.27
C LYS G 781 -10.26 -59.64 4.26
N THR G 782 -10.38 -60.75 5.00
CA THR G 782 -11.67 -61.41 5.23
C THR G 782 -11.76 -61.83 6.69
N GLU G 783 -12.79 -61.36 7.39
CA GLU G 783 -13.03 -61.68 8.78
C GLU G 783 -14.46 -62.15 8.98
N PRO G 784 -14.70 -63.02 9.95
CA PRO G 784 -16.09 -63.44 10.22
C PRO G 784 -16.93 -62.31 10.81
N ALA G 785 -18.22 -62.33 10.47
CA ALA G 785 -19.14 -61.32 10.96
C ALA G 785 -19.25 -61.39 12.47
N THR G 786 -19.53 -60.23 13.08
CA THR G 786 -19.68 -60.14 14.52
C THR G 786 -20.58 -58.96 14.84
N GLY G 787 -21.40 -59.10 15.88
CA GLY G 787 -22.26 -58.01 16.31
C GLY G 787 -23.47 -57.77 15.45
N PHE G 788 -23.76 -58.65 14.51
CA PHE G 788 -24.84 -58.46 13.55
C PHE G 788 -25.65 -59.74 13.44
N ILE G 789 -26.97 -59.59 13.36
CA ILE G 789 -27.90 -60.70 13.18
C ILE G 789 -28.51 -60.58 11.79
N ASP G 790 -28.31 -61.58 10.95
CA ASP G 790 -28.89 -61.58 9.60
C ASP G 790 -30.39 -61.72 9.74
N GLY G 791 -31.10 -60.59 9.73
CA GLY G 791 -32.53 -60.61 9.97
C GLY G 791 -33.30 -61.44 8.96
N ASP G 792 -32.83 -61.49 7.72
CA ASP G 792 -33.49 -62.30 6.70
C ASP G 792 -33.33 -63.79 6.99
N LEU G 793 -32.24 -64.19 7.65
CA LEU G 793 -32.12 -65.58 8.08
C LEU G 793 -33.08 -65.90 9.21
N ILE G 794 -33.17 -64.99 10.20
CA ILE G 794 -34.08 -65.21 11.33
C ILE G 794 -35.52 -65.28 10.85
N GLU G 795 -35.90 -64.39 9.93
CA GLU G 795 -37.29 -64.37 9.48
C GLU G 795 -37.66 -65.60 8.65
N SER G 796 -36.67 -66.36 8.17
CA SER G 796 -36.96 -67.57 7.41
C SER G 796 -37.41 -68.74 8.30
N PHE G 797 -37.19 -68.65 9.62
CA PHE G 797 -37.68 -69.68 10.55
C PHE G 797 -39.17 -69.96 10.35
N LEU G 798 -39.95 -68.92 10.04
CA LEU G 798 -41.38 -69.09 9.88
C LEU G 798 -41.76 -69.90 8.65
N ASP G 799 -40.84 -70.11 7.72
CA ASP G 799 -41.14 -70.83 6.49
C ASP G 799 -40.59 -72.25 6.48
N ILE G 800 -39.83 -72.65 7.50
CA ILE G 800 -39.24 -73.98 7.51
C ILE G 800 -40.26 -74.98 8.03
N SER G 801 -40.10 -76.24 7.62
CA SER G 801 -41.07 -77.27 8.00
C SER G 801 -41.01 -77.54 9.51
N ARG G 802 -42.09 -78.09 10.04
CA ARG G 802 -42.15 -78.38 11.46
C ARG G 802 -41.06 -79.34 11.93
N PRO G 803 -40.74 -80.43 11.23
CA PRO G 803 -39.61 -81.26 11.68
C PRO G 803 -38.36 -80.43 11.90
N LYS G 804 -38.11 -79.50 10.98
CA LYS G 804 -36.92 -78.65 11.09
C LYS G 804 -37.05 -77.67 12.25
N MET G 805 -38.26 -77.15 12.50
CA MET G 805 -38.44 -76.27 13.64
C MET G 805 -38.02 -76.96 14.93
N GLN G 806 -38.39 -78.23 15.08
CA GLN G 806 -37.97 -78.98 16.26
C GLN G 806 -36.46 -79.14 16.32
N GLU G 807 -35.81 -79.34 15.17
CA GLU G 807 -34.36 -79.43 15.16
C GLU G 807 -33.74 -78.15 15.72
N VAL G 808 -34.35 -76.99 15.42
CA VAL G 808 -33.78 -75.73 15.88
C VAL G 808 -34.07 -75.53 17.36
N VAL G 809 -35.31 -75.81 17.81
CA VAL G 809 -35.67 -75.51 19.20
C VAL G 809 -35.19 -76.59 20.17
N ALA G 810 -34.69 -77.72 19.64
CA ALA G 810 -34.20 -78.80 20.47
C ALA G 810 -32.98 -78.37 21.30
N ASN G 811 -33.00 -78.71 22.59
CA ASN G 811 -31.89 -78.42 23.50
C ASN G 811 -31.57 -76.93 23.54
N LEU G 812 -32.59 -76.10 23.33
CA LEU G 812 -32.46 -74.64 23.32
C LEU G 812 -33.13 -73.99 24.51
N GLN G 813 -32.36 -73.27 25.31
CA GLN G 813 -32.88 -72.48 26.42
C GLN G 813 -32.81 -71.00 26.08
N TYR G 814 -33.84 -70.24 26.49
CA TYR G 814 -33.93 -68.80 26.23
C TYR G 814 -34.47 -68.14 27.49
N ASP G 815 -34.27 -66.83 27.60
CA ASP G 815 -34.61 -66.13 28.86
C ASP G 815 -36.06 -66.31 29.27
N ASP G 816 -36.99 -66.34 28.33
CA ASP G 816 -38.39 -66.67 28.62
C ASP G 816 -38.95 -65.85 29.79
N GLY G 817 -38.72 -64.56 29.73
CA GLY G 817 -39.02 -63.66 30.83
C GLY G 817 -37.75 -63.25 31.53
N SER G 818 -37.92 -62.53 32.64
CA SER G 818 -36.79 -62.16 33.49
C SER G 818 -36.77 -63.02 34.75
N GLY G 819 -35.66 -63.71 34.99
CA GLY G 819 -35.47 -64.52 36.17
C GLY G 819 -35.85 -65.98 36.03
N MET G 820 -36.67 -66.33 35.06
CA MET G 820 -37.13 -67.70 34.87
C MET G 820 -36.68 -68.15 33.49
N LYS G 821 -35.74 -69.09 33.44
CA LYS G 821 -35.16 -69.56 32.18
C LYS G 821 -35.71 -70.94 31.89
N ARG G 822 -36.25 -71.13 30.68
CA ARG G 822 -37.00 -72.32 30.30
C ARG G 822 -36.76 -72.69 28.84
N GLU G 823 -36.72 -74.00 28.60
CA GLU G 823 -36.44 -74.51 27.28
C GLU G 823 -37.41 -73.97 26.23
N ALA G 824 -36.86 -73.66 25.05
CA ALA G 824 -37.64 -73.09 23.99
C ALA G 824 -38.50 -74.13 23.29
N THR G 825 -39.64 -73.69 22.79
CA THR G 825 -40.53 -74.49 21.97
C THR G 825 -40.66 -73.82 20.60
N ALA G 826 -41.09 -74.60 19.61
CA ALA G 826 -41.34 -73.99 18.30
C ALA G 826 -42.46 -72.95 18.42
N ASP G 827 -43.31 -73.09 19.45
CA ASP G 827 -44.35 -72.09 19.68
C ASP G 827 -43.75 -70.82 20.25
N ASP G 828 -42.76 -70.95 21.14
CA ASP G 828 -42.10 -69.76 21.69
C ASP G 828 -41.34 -69.00 20.61
N LEU G 829 -40.55 -69.70 19.81
CA LEU G 829 -39.72 -69.03 18.82
C LEU G 829 -40.55 -68.40 17.71
N ILE G 830 -41.65 -69.04 17.29
CA ILE G 830 -42.52 -68.40 16.31
C ILE G 830 -43.01 -67.07 16.86
N LYS G 831 -43.29 -67.00 18.16
CA LYS G 831 -43.68 -65.73 18.76
C LYS G 831 -42.54 -64.72 18.63
N VAL G 832 -41.30 -65.19 18.85
CA VAL G 832 -40.15 -64.30 18.80
C VAL G 832 -39.94 -63.77 17.38
N VAL G 833 -39.94 -64.68 16.40
CA VAL G 833 -39.66 -64.27 15.02
C VAL G 833 -40.76 -63.35 14.50
N GLU G 834 -42.03 -63.70 14.76
CA GLU G 834 -43.12 -62.92 14.22
C GLU G 834 -43.12 -61.48 14.74
N GLU G 835 -42.73 -61.30 16.01
CA GLU G 835 -42.62 -59.94 16.53
C GLU G 835 -41.52 -59.17 15.81
N LEU G 836 -40.44 -59.85 15.45
CA LEU G 836 -39.34 -59.18 14.74
C LEU G 836 -39.73 -58.79 13.33
N THR G 837 -40.69 -59.50 12.72
CA THR G 837 -41.13 -59.13 11.39
C THR G 837 -41.97 -57.85 11.38
N ARG G 838 -42.32 -57.33 12.55
CA ARG G 838 -43.15 -56.13 12.63
C ARG G 838 -42.34 -54.84 12.62
N ILE G 839 -41.01 -54.93 12.48
CA ILE G 839 -40.20 -53.72 12.42
C ILE G 839 -40.18 -53.09 11.04
N HIS G 840 -40.76 -53.76 10.05
CA HIS G 840 -40.80 -53.25 8.69
C HIS G 840 -42.06 -53.74 7.99
N THR H 7 20.59 -23.17 19.77
CA THR H 7 21.14 -23.53 18.47
C THR H 7 20.32 -24.64 17.82
N GLU H 8 20.74 -25.05 16.62
CA GLU H 8 20.03 -26.09 15.89
C GLU H 8 20.15 -27.46 16.54
N SER H 9 21.04 -27.61 17.53
CA SER H 9 21.38 -28.91 18.08
C SER H 9 20.77 -29.16 19.45
N ASP H 10 20.36 -28.13 20.17
CA ASP H 10 19.92 -28.27 21.55
C ASP H 10 18.49 -28.80 21.56
N TRP H 11 18.38 -30.11 21.38
CA TRP H 11 17.10 -30.79 21.38
C TRP H 11 16.61 -30.98 22.82
N GLY H 12 15.32 -31.24 22.94
CA GLY H 12 14.71 -31.51 24.23
C GLY H 12 14.39 -30.31 25.07
N LYS H 13 14.80 -29.11 24.66
CA LYS H 13 14.54 -27.91 25.42
C LYS H 13 13.32 -27.15 24.92
N ARG H 14 13.20 -26.94 23.61
CA ARG H 14 12.07 -26.19 23.06
C ARG H 14 10.74 -26.88 23.40
N CYS H 15 9.73 -26.07 23.65
CA CYS H 15 8.44 -26.55 24.12
C CYS H 15 7.50 -26.86 22.96
N VAL H 16 6.68 -27.89 23.17
CA VAL H 16 5.68 -28.27 22.17
C VAL H 16 4.65 -27.17 21.95
N ASP H 17 4.64 -26.14 22.79
CA ASP H 17 3.78 -24.99 22.56
C ASP H 17 3.98 -24.38 21.18
N LYS H 18 5.13 -24.61 20.56
CA LYS H 18 5.45 -24.02 19.26
C LYS H 18 4.74 -24.72 18.11
N PHE H 19 3.91 -25.72 18.40
CA PHE H 19 3.14 -26.42 17.38
C PHE H 19 1.64 -26.33 17.69
N ASP H 20 0.83 -26.18 16.65
CA ASP H 20 -0.63 -26.27 16.77
C ASP H 20 -1.05 -27.70 16.43
N ILE H 21 -1.56 -28.43 17.44
CA ILE H 21 -1.97 -29.80 17.20
C ILE H 21 -3.22 -29.81 16.32
N ILE H 22 -3.20 -30.64 15.29
CA ILE H 22 -4.30 -30.74 14.34
C ILE H 22 -5.20 -31.94 14.62
N GLY H 23 -4.62 -33.09 14.92
CA GLY H 23 -5.40 -34.27 15.21
C GLY H 23 -4.49 -35.40 15.64
N ILE H 24 -5.06 -36.60 15.71
CA ILE H 24 -4.32 -37.80 16.06
C ILE H 24 -4.29 -38.70 14.83
N ILE H 25 -3.08 -38.93 14.29
CA ILE H 25 -2.93 -39.65 13.03
C ILE H 25 -2.66 -41.13 13.23
N GLY H 26 -2.53 -41.57 14.47
CA GLY H 26 -2.27 -42.97 14.72
C GLY H 26 -1.80 -43.21 16.13
N GLU H 27 -2.34 -44.26 16.75
CA GLU H 27 -1.84 -44.71 18.03
C GLU H 27 -0.61 -45.57 17.78
N GLY H 28 0.51 -45.20 18.39
CA GLY H 28 1.76 -45.85 18.10
C GLY H 28 2.13 -46.94 19.09
N THR H 29 3.39 -46.91 19.53
CA THR H 29 3.94 -47.93 20.41
C THR H 29 4.26 -47.41 21.79
N TYR H 30 5.00 -46.29 21.86
CA TYR H 30 5.36 -45.65 23.12
C TYR H 30 4.51 -44.42 23.41
N GLY H 31 3.50 -44.18 22.59
CA GLY H 31 2.65 -43.01 22.73
C GLY H 31 1.77 -42.90 21.49
N GLN H 32 1.07 -41.78 21.39
CA GLN H 32 0.21 -41.50 20.25
C GLN H 32 0.84 -40.44 19.37
N VAL H 33 0.58 -40.54 18.06
CA VAL H 33 1.18 -39.66 17.07
C VAL H 33 0.14 -38.68 16.57
N TYR H 34 0.46 -37.39 16.66
CA TYR H 34 -0.47 -36.31 16.34
C TYR H 34 0.11 -35.48 15.19
N LYS H 35 -0.69 -35.25 14.15
CA LYS H 35 -0.33 -34.30 13.10
C LYS H 35 -0.36 -32.89 13.66
N ALA H 36 0.53 -32.03 13.18
CA ALA H 36 0.62 -30.69 13.75
C ALA H 36 1.24 -29.73 12.74
N LYS H 37 1.07 -28.43 13.01
CA LYS H 37 1.60 -27.34 12.20
C LYS H 37 2.53 -26.51 13.06
N ASP H 38 3.71 -26.21 12.51
CA ASP H 38 4.66 -25.35 13.20
C ASP H 38 4.19 -23.90 13.16
N LYS H 39 4.17 -23.24 14.32
CA LYS H 39 3.63 -21.90 14.39
C LYS H 39 4.54 -20.87 13.71
N ASP H 40 5.85 -21.10 13.72
CA ASP H 40 6.77 -20.14 13.13
C ASP H 40 6.94 -20.31 11.62
N THR H 41 7.06 -21.56 11.17
CA THR H 41 7.35 -21.85 9.77
C THR H 41 6.14 -22.29 8.98
N GLY H 42 5.11 -22.81 9.64
CA GLY H 42 3.96 -23.36 8.97
C GLY H 42 4.09 -24.81 8.53
N GLU H 43 5.28 -25.38 8.61
CA GLU H 43 5.49 -26.74 8.12
C GLU H 43 4.58 -27.72 8.84
N LEU H 44 4.08 -28.70 8.10
CA LEU H 44 3.38 -29.82 8.71
C LEU H 44 4.40 -30.83 9.22
N VAL H 45 4.15 -31.33 10.43
CA VAL H 45 5.03 -32.29 11.08
C VAL H 45 4.15 -33.21 11.91
N ALA H 46 4.51 -34.48 11.97
CA ALA H 46 3.88 -35.38 12.92
C ALA H 46 4.73 -35.42 14.19
N LEU H 47 4.07 -35.63 15.32
CA LEU H 47 4.72 -35.60 16.63
C LEU H 47 4.47 -36.93 17.31
N LYS H 48 5.55 -37.67 17.58
CA LYS H 48 5.48 -38.94 18.30
C LYS H 48 5.66 -38.64 19.79
N LYS H 49 4.61 -38.85 20.58
CA LYS H 49 4.65 -38.54 22.00
C LYS H 49 5.29 -39.67 22.77
N VAL H 50 6.23 -39.33 23.65
CA VAL H 50 6.90 -40.31 24.50
C VAL H 50 6.46 -40.03 25.93
N ARG H 51 5.73 -40.96 26.51
CA ARG H 51 5.18 -40.80 27.84
C ARG H 51 6.09 -41.50 28.84
N LEU H 52 6.76 -40.72 29.68
CA LEU H 52 7.51 -41.25 30.80
C LEU H 52 6.65 -41.41 32.05
N ASP H 53 5.34 -41.13 31.93
CA ASP H 53 4.46 -41.21 33.09
C ASP H 53 4.39 -42.63 33.63
N ASN H 54 4.35 -43.63 32.74
CA ASN H 54 4.36 -45.02 33.20
C ASN H 54 5.56 -45.26 34.11
N GLU H 55 6.74 -44.75 33.73
CA GLU H 55 7.94 -44.84 34.56
C GLU H 55 8.14 -46.27 35.05
N LYS H 56 7.69 -47.25 34.26
CA LYS H 56 8.03 -48.64 34.53
C LYS H 56 9.53 -48.83 34.45
N GLU H 57 10.12 -48.46 33.31
CA GLU H 57 11.56 -48.42 33.12
C GLU H 57 11.96 -47.08 32.51
N GLY H 58 11.22 -46.03 32.84
CA GLY H 58 11.58 -44.69 32.39
C GLY H 58 11.33 -44.51 30.90
N PHE H 59 12.22 -43.75 30.26
CA PHE H 59 12.14 -43.52 28.83
C PHE H 59 12.15 -44.85 28.08
N PRO H 60 11.19 -45.09 27.18
CA PRO H 60 11.15 -46.39 26.50
C PRO H 60 12.35 -46.59 25.58
N ILE H 61 12.78 -47.84 25.46
CA ILE H 61 13.89 -48.15 24.57
C ILE H 61 13.45 -48.02 23.12
N THR H 62 12.20 -48.40 22.81
CA THR H 62 11.69 -48.26 21.44
C THR H 62 11.96 -46.85 20.90
N ALA H 63 11.77 -45.83 21.75
CA ALA H 63 12.09 -44.47 21.35
C ALA H 63 13.60 -44.23 21.36
N ILE H 64 14.29 -44.72 22.38
CA ILE H 64 15.74 -44.55 22.46
C ILE H 64 16.39 -45.07 21.18
N ARG H 65 15.98 -46.26 20.73
CA ARG H 65 16.53 -46.79 19.48
C ARG H 65 16.27 -45.84 18.33
N GLU H 66 15.02 -45.39 18.17
CA GLU H 66 14.69 -44.51 17.05
C GLU H 66 15.54 -43.24 17.09
N ILE H 67 15.66 -42.62 18.26
CA ILE H 67 16.46 -41.40 18.39
C ILE H 67 17.92 -41.69 18.04
N LYS H 68 18.49 -42.72 18.68
CA LYS H 68 19.88 -43.07 18.45
C LYS H 68 20.17 -43.29 16.97
N ILE H 69 19.27 -43.99 16.28
CA ILE H 69 19.57 -44.46 14.93
C ILE H 69 19.27 -43.39 13.89
N LEU H 70 18.14 -42.70 14.02
CA LEU H 70 17.73 -41.75 12.99
C LEU H 70 18.55 -40.47 13.01
N ARG H 71 19.19 -40.13 14.13
CA ARG H 71 20.17 -39.05 14.11
C ARG H 71 21.49 -39.48 13.46
N GLN H 72 21.63 -40.76 13.14
CA GLN H 72 22.77 -41.25 12.37
C GLN H 72 22.45 -41.39 10.90
N LEU H 73 21.18 -41.63 10.55
CA LEU H 73 20.79 -41.90 9.18
C LEU H 73 20.26 -40.64 8.52
N ILE H 74 20.86 -40.30 7.37
CA ILE H 74 20.48 -39.13 6.59
C ILE H 74 20.34 -39.64 5.15
N HIS H 75 19.12 -39.99 4.75
CA HIS H 75 18.86 -40.48 3.41
C HIS H 75 17.48 -40.03 2.98
N ARG H 76 17.33 -39.73 1.68
CA ARG H 76 16.06 -39.20 1.20
C ARG H 76 14.91 -40.15 1.51
N SER H 77 15.17 -41.47 1.49
CA SER H 77 14.13 -42.47 1.64
C SER H 77 13.99 -42.98 3.06
N VAL H 78 14.67 -42.37 4.03
CA VAL H 78 14.56 -42.76 5.43
C VAL H 78 14.01 -41.58 6.22
N VAL H 79 13.09 -41.88 7.13
CA VAL H 79 12.31 -40.89 7.86
C VAL H 79 13.23 -39.89 8.55
N ASN H 80 12.73 -38.67 8.75
CA ASN H 80 13.48 -37.58 9.33
C ASN H 80 13.02 -37.33 10.75
N MET H 81 13.96 -37.28 11.69
CA MET H 81 13.69 -36.72 13.01
C MET H 81 14.27 -35.30 12.98
N LYS H 82 13.37 -34.30 12.96
CA LYS H 82 13.80 -32.91 12.86
C LYS H 82 14.22 -32.35 14.22
N GLU H 83 13.53 -32.75 15.28
CA GLU H 83 13.92 -32.34 16.63
C GLU H 83 13.07 -33.00 17.71
N ILE H 84 13.37 -32.72 18.98
CA ILE H 84 12.64 -33.26 20.12
C ILE H 84 12.20 -32.09 21.00
N VAL H 85 10.91 -32.08 21.36
CA VAL H 85 10.32 -31.03 22.18
C VAL H 85 9.67 -31.67 23.40
N THR H 86 9.38 -30.83 24.40
CA THR H 86 8.86 -31.30 25.67
C THR H 86 7.56 -30.60 26.02
N ASP H 87 6.75 -31.25 26.85
CA ASP H 87 5.61 -30.58 27.47
C ASP H 87 6.11 -29.46 28.37
N LYS H 88 5.24 -28.48 28.62
CA LYS H 88 5.63 -27.34 29.45
C LYS H 88 6.05 -27.83 30.84
N GLN H 89 7.23 -27.39 31.27
CA GLN H 89 7.78 -27.78 32.58
C GLN H 89 7.21 -26.86 33.67
N ASP H 90 5.88 -26.85 33.77
CA ASP H 90 5.22 -25.97 34.71
C ASP H 90 5.61 -26.28 36.15
N ALA H 91 5.88 -27.55 36.46
CA ALA H 91 6.26 -27.92 37.81
C ALA H 91 7.52 -27.20 38.25
N LEU H 92 7.48 -26.60 39.44
CA LEU H 92 8.64 -25.88 39.95
C LEU H 92 9.87 -26.78 40.02
N ASP H 93 9.79 -27.83 40.83
CA ASP H 93 10.88 -28.80 40.92
C ASP H 93 10.77 -29.82 39.79
N PHE H 94 11.91 -30.38 39.39
CA PHE H 94 11.90 -31.36 38.30
C PHE H 94 11.30 -32.68 38.72
N LYS H 95 11.26 -32.96 40.03
CA LYS H 95 10.65 -34.21 40.49
C LYS H 95 9.14 -34.18 40.29
N LYS H 96 8.51 -33.02 40.49
CA LYS H 96 7.07 -32.92 40.27
C LYS H 96 6.72 -33.14 38.79
N ASP H 97 7.57 -32.63 37.89
CA ASP H 97 7.27 -32.66 36.47
C ASP H 97 7.19 -34.08 35.95
N LYS H 98 6.02 -34.45 35.43
CA LYS H 98 5.79 -35.74 34.80
C LYS H 98 5.30 -35.57 33.36
N GLY H 99 5.64 -34.46 32.73
CA GLY H 99 5.30 -34.25 31.35
C GLY H 99 6.00 -35.25 30.44
N ALA H 100 5.60 -35.24 29.18
CA ALA H 100 6.13 -36.13 28.15
C ALA H 100 7.05 -35.37 27.21
N PHE H 101 7.72 -36.13 26.34
CA PHE H 101 8.51 -35.59 25.24
C PHE H 101 7.85 -35.95 23.92
N TYR H 102 8.17 -35.18 22.88
CA TYR H 102 7.64 -35.41 21.55
C TYR H 102 8.78 -35.47 20.54
N LEU H 103 8.78 -36.50 19.70
CA LEU H 103 9.75 -36.62 18.62
C LEU H 103 9.13 -35.99 17.37
N VAL H 104 9.66 -34.84 16.95
CA VAL H 104 9.14 -34.18 15.75
C VAL H 104 9.66 -34.92 14.52
N PHE H 105 8.75 -35.22 13.60
CA PHE H 105 9.04 -35.93 12.37
C PHE H 105 8.40 -35.14 11.22
N GLU H 106 9.03 -35.20 10.06
CA GLU H 106 8.42 -34.68 8.84
C GLU H 106 7.13 -35.43 8.52
N TYR H 107 6.08 -34.70 8.12
CA TYR H 107 4.81 -35.34 7.79
C TYR H 107 4.86 -35.90 6.38
N MET H 108 4.57 -37.19 6.26
CA MET H 108 4.44 -37.88 4.98
C MET H 108 2.97 -38.17 4.75
N ASP H 109 2.47 -37.77 3.58
CA ASP H 109 1.03 -37.57 3.43
C ASP H 109 0.23 -38.86 3.57
N HIS H 110 0.78 -40.00 3.18
CA HIS H 110 0.05 -41.25 3.20
C HIS H 110 0.97 -42.38 3.63
N ASP H 111 0.37 -43.53 3.94
CA ASP H 111 1.09 -44.75 4.27
C ASP H 111 0.64 -45.83 3.29
N LEU H 112 1.59 -46.68 2.87
CA LEU H 112 1.29 -47.62 1.80
C LEU H 112 0.08 -48.48 2.13
N MET H 113 -0.19 -48.72 3.40
CA MET H 113 -1.28 -49.62 3.77
C MET H 113 -2.64 -48.97 3.52
N GLY H 114 -2.80 -47.72 3.95
CA GLY H 114 -4.08 -47.05 3.76
C GLY H 114 -4.42 -46.80 2.31
N LEU H 115 -3.41 -46.60 1.46
CA LEU H 115 -3.65 -46.39 0.04
C LEU H 115 -4.09 -47.69 -0.62
N LEU H 116 -3.45 -48.81 -0.29
CA LEU H 116 -3.85 -50.08 -0.85
C LEU H 116 -5.25 -50.48 -0.39
N GLU H 117 -5.57 -50.22 0.89
CA GLU H 117 -6.85 -50.68 1.44
C GLU H 117 -8.03 -50.07 0.69
N SER H 118 -7.97 -48.76 0.42
CA SER H 118 -9.08 -48.11 -0.27
C SER H 118 -9.31 -48.73 -1.65
N GLY H 119 -8.26 -49.31 -2.24
CA GLY H 119 -8.33 -49.83 -3.59
C GLY H 119 -8.37 -48.76 -4.65
N LEU H 120 -8.59 -47.51 -4.27
CA LEU H 120 -8.40 -46.37 -5.17
C LEU H 120 -7.01 -46.40 -5.78
N VAL H 121 -6.00 -46.61 -4.94
CA VAL H 121 -4.62 -46.61 -5.40
C VAL H 121 -4.45 -47.63 -6.52
N HIS H 122 -3.54 -47.32 -7.44
CA HIS H 122 -3.24 -48.21 -8.56
C HIS H 122 -1.79 -48.00 -8.95
N PHE H 123 -1.01 -49.08 -9.02
CA PHE H 123 0.40 -49.00 -9.38
C PHE H 123 0.60 -49.61 -10.75
N SER H 124 1.16 -48.82 -11.67
CA SER H 124 1.67 -49.34 -12.93
C SER H 124 3.05 -49.93 -12.70
N GLU H 125 3.63 -50.50 -13.75
CA GLU H 125 4.99 -51.02 -13.63
C GLU H 125 5.95 -49.90 -13.24
N ASP H 126 5.97 -48.81 -14.02
CA ASP H 126 6.90 -47.72 -13.75
C ASP H 126 6.72 -47.19 -12.34
N HIS H 127 5.46 -47.06 -11.88
CA HIS H 127 5.22 -46.66 -10.51
C HIS H 127 5.94 -47.58 -9.53
N ILE H 128 5.81 -48.90 -9.73
CA ILE H 128 6.47 -49.84 -8.83
C ILE H 128 7.97 -49.67 -8.91
N LYS H 129 8.51 -49.42 -10.10
CA LYS H 129 9.95 -49.21 -10.23
C LYS H 129 10.41 -48.00 -9.41
N SER H 130 9.66 -46.90 -9.46
CA SER H 130 10.03 -45.72 -8.70
C SER H 130 9.90 -45.96 -7.20
N PHE H 131 8.92 -46.78 -6.80
CA PHE H 131 8.73 -47.12 -5.39
C PHE H 131 9.85 -48.03 -4.90
N MET H 132 10.08 -49.14 -5.61
CA MET H 132 11.08 -50.10 -5.16
C MET H 132 12.48 -49.51 -5.18
N LYS H 133 12.81 -48.74 -6.23
CA LYS H 133 14.14 -48.16 -6.27
C LYS H 133 14.39 -47.27 -5.05
N GLN H 134 13.40 -46.45 -4.67
CA GLN H 134 13.55 -45.64 -3.48
C GLN H 134 13.62 -46.50 -2.23
N LEU H 135 12.69 -47.45 -2.08
CA LEU H 135 12.69 -48.30 -0.89
C LEU H 135 14.02 -49.04 -0.75
N MET H 136 14.48 -49.66 -1.84
CA MET H 136 15.71 -50.44 -1.76
C MET H 136 16.93 -49.53 -1.60
N GLU H 137 16.93 -48.35 -2.20
CA GLU H 137 18.03 -47.42 -1.96
C GLU H 137 18.08 -47.01 -0.49
N GLY H 138 16.93 -46.74 0.11
CA GLY H 138 16.90 -46.52 1.55
C GLY H 138 17.45 -47.71 2.32
N LEU H 139 16.98 -48.91 1.97
CA LEU H 139 17.36 -50.09 2.76
C LEU H 139 18.87 -50.32 2.71
N GLU H 140 19.46 -50.28 1.50
CA GLU H 140 20.90 -50.50 1.40
C GLU H 140 21.66 -49.45 2.20
N TYR H 141 21.17 -48.21 2.24
CA TYR H 141 21.81 -47.21 3.07
C TYR H 141 21.87 -47.67 4.52
N CYS H 142 20.74 -48.14 5.05
CA CYS H 142 20.69 -48.58 6.44
C CYS H 142 21.57 -49.80 6.67
N HIS H 143 21.47 -50.80 5.79
CA HIS H 143 22.33 -51.97 5.91
C HIS H 143 23.80 -51.58 5.80
N LYS H 144 24.12 -50.63 4.92
CA LYS H 144 25.52 -50.18 4.83
C LYS H 144 25.99 -49.59 6.15
N LYS H 145 25.11 -48.94 6.90
CA LYS H 145 25.42 -48.44 8.24
C LYS H 145 25.23 -49.51 9.32
N ASN H 146 24.96 -50.75 8.91
CA ASN H 146 24.88 -51.93 9.80
C ASN H 146 23.68 -51.87 10.75
N PHE H 147 22.51 -51.54 10.19
CA PHE H 147 21.27 -51.53 10.96
C PHE H 147 20.24 -52.49 10.36
N LEU H 148 19.58 -53.25 11.22
CA LEU H 148 18.44 -54.06 10.85
C LEU H 148 17.17 -53.29 11.15
N HIS H 149 16.18 -53.38 10.25
CA HIS H 149 14.92 -52.69 10.54
C HIS H 149 13.99 -53.53 11.40
N ARG H 150 13.75 -54.78 11.00
CA ARG H 150 13.06 -55.81 11.78
C ARG H 150 11.56 -55.60 11.84
N ASP H 151 11.02 -54.48 11.35
CA ASP H 151 9.59 -54.24 11.37
C ASP H 151 9.17 -53.58 10.06
N ILE H 152 9.42 -54.28 8.94
CA ILE H 152 9.05 -53.79 7.62
C ILE H 152 7.63 -54.26 7.35
N LYS H 153 6.66 -53.37 7.55
CA LYS H 153 5.26 -53.64 7.23
C LYS H 153 4.76 -52.45 6.41
N CYS H 154 3.71 -52.69 5.63
CA CYS H 154 3.16 -51.62 4.79
C CYS H 154 2.93 -50.35 5.60
N SER H 155 2.42 -50.49 6.82
CA SER H 155 2.12 -49.32 7.64
C SER H 155 3.36 -48.46 7.90
N ASN H 156 4.53 -49.07 8.00
CA ASN H 156 5.76 -48.34 8.30
C ASN H 156 6.47 -47.83 7.06
N ILE H 157 5.84 -47.90 5.89
CA ILE H 157 6.36 -47.30 4.66
C ILE H 157 5.47 -46.11 4.32
N LEU H 158 6.01 -44.91 4.42
CA LEU H 158 5.26 -43.69 4.18
C LEU H 158 5.48 -43.17 2.77
N LEU H 159 4.60 -42.27 2.34
CA LEU H 159 4.52 -41.87 0.93
C LEU H 159 3.83 -40.51 0.86
N ASN H 160 4.55 -39.50 0.38
CA ASN H 160 3.95 -38.20 0.16
C ASN H 160 3.35 -38.15 -1.25
N ASN H 161 2.61 -37.07 -1.52
CA ASN H 161 1.82 -37.04 -2.75
C ASN H 161 2.69 -37.07 -4.01
N SER H 162 3.84 -36.39 -3.97
CA SER H 162 4.67 -36.29 -5.17
C SER H 162 5.07 -37.67 -5.68
N GLY H 163 5.39 -38.59 -4.76
CA GLY H 163 5.82 -39.91 -5.16
C GLY H 163 7.10 -40.34 -4.46
N GLN H 164 7.60 -39.51 -3.55
CA GLN H 164 8.72 -39.90 -2.71
C GLN H 164 8.25 -40.88 -1.65
N ILE H 165 9.10 -41.85 -1.31
CA ILE H 165 8.82 -42.88 -0.33
C ILE H 165 9.85 -42.76 0.78
N LYS H 166 9.41 -42.94 2.04
CA LYS H 166 10.32 -42.97 3.18
C LYS H 166 9.92 -44.08 4.14
N LEU H 167 10.92 -44.78 4.69
CA LEU H 167 10.73 -45.78 5.74
C LEU H 167 10.59 -45.10 7.08
N ALA H 168 9.88 -45.74 8.01
CA ALA H 168 9.43 -44.99 9.18
C ALA H 168 9.75 -45.53 10.56
N ASP H 169 9.25 -46.70 10.94
CA ASP H 169 9.32 -47.11 12.34
C ASP H 169 10.63 -47.85 12.60
N PHE H 170 11.61 -47.13 13.13
CA PHE H 170 12.91 -47.68 13.52
C PHE H 170 12.95 -48.03 15.00
N GLY H 171 11.79 -48.28 15.62
CA GLY H 171 11.73 -48.61 17.02
C GLY H 171 12.16 -50.01 17.37
N LEU H 172 12.37 -50.87 16.38
CA LEU H 172 12.84 -52.23 16.62
C LEU H 172 14.19 -52.48 15.94
N ALA H 173 14.97 -51.44 15.68
CA ALA H 173 16.20 -51.53 14.90
C ALA H 173 17.42 -51.68 15.80
N ARG H 174 18.39 -52.47 15.33
CA ARG H 174 19.60 -52.72 16.12
C ARG H 174 20.79 -52.89 15.19
N LEU H 175 21.98 -52.67 15.74
CA LEU H 175 23.22 -52.86 14.99
C LEU H 175 23.47 -54.35 14.76
N TYR H 176 23.87 -54.70 13.55
CA TYR H 176 24.23 -56.07 13.19
C TYR H 176 25.74 -56.15 13.06
N ASN H 177 26.33 -57.18 13.66
CA ASN H 177 27.76 -57.46 13.49
C ASN H 177 27.89 -58.89 12.98
N SER H 178 28.48 -59.04 11.78
CA SER H 178 28.72 -60.36 11.24
C SER H 178 29.81 -61.09 12.02
N GLU H 179 30.92 -60.40 12.28
CA GLU H 179 32.04 -61.02 12.98
C GLU H 179 31.63 -61.53 14.35
N GLU H 180 30.88 -60.73 15.10
CA GLU H 180 30.37 -61.11 16.43
C GLU H 180 28.86 -61.32 16.32
N SER H 181 28.44 -62.57 16.51
CA SER H 181 27.03 -62.92 16.44
C SER H 181 26.44 -62.98 17.85
N ARG H 182 25.42 -62.15 18.10
CA ARG H 182 24.75 -62.06 19.38
C ARG H 182 23.29 -62.48 19.22
N PRO H 183 22.71 -63.16 20.21
CA PRO H 183 21.30 -63.54 20.10
C PRO H 183 20.36 -62.34 20.10
N TYR H 184 19.32 -62.42 19.29
CA TYR H 184 18.31 -61.38 19.20
C TYR H 184 16.91 -61.96 19.51
N ASN H 186 13.46 -63.63 18.63
CA ASN H 186 13.01 -64.56 17.59
C ASN H 186 11.88 -63.99 16.72
N LYS H 187 10.90 -63.37 17.37
CA LYS H 187 9.75 -62.79 16.69
C LYS H 187 9.94 -61.28 16.59
N VAL H 188 10.14 -60.77 15.38
CA VAL H 188 10.26 -59.32 15.20
C VAL H 188 9.33 -58.77 14.12
N ILE H 189 9.36 -59.34 12.91
CA ILE H 189 8.60 -58.78 11.79
C ILE H 189 7.15 -59.26 11.86
N THR H 190 6.21 -58.44 11.36
CA THR H 190 4.81 -58.84 11.35
C THR H 190 4.64 -60.13 10.56
N LEU H 191 3.84 -61.05 11.10
CA LEU H 191 3.84 -62.42 10.60
C LEU H 191 3.72 -62.47 9.08
N TRP H 192 2.88 -61.61 8.49
CA TRP H 192 2.67 -61.68 7.05
C TRP H 192 3.96 -61.45 6.28
N TYR H 193 4.81 -60.55 6.76
CA TYR H 193 6.07 -60.24 6.11
C TYR H 193 7.26 -60.89 6.79
N ARG H 194 7.03 -61.84 7.71
CA ARG H 194 8.15 -62.44 8.43
C ARG H 194 8.87 -63.45 7.54
N PRO H 195 10.19 -63.52 7.62
CA PRO H 195 10.94 -64.47 6.77
C PRO H 195 10.92 -65.88 7.33
N PRO H 196 11.14 -66.89 6.48
CA PRO H 196 11.06 -68.28 6.96
C PRO H 196 12.05 -68.60 8.06
N GLU H 197 13.25 -68.02 8.02
CA GLU H 197 14.26 -68.33 9.03
C GLU H 197 13.75 -68.01 10.43
N LEU H 198 13.12 -66.84 10.61
CA LEU H 198 12.60 -66.48 11.92
C LEU H 198 11.46 -67.41 12.34
N LEU H 199 10.60 -67.78 11.39
CA LEU H 199 9.59 -68.78 11.67
C LEU H 199 10.24 -70.05 12.22
N LEU H 200 11.31 -70.50 11.58
CA LEU H 200 12.02 -71.72 11.98
C LEU H 200 12.96 -71.50 13.16
N GLY H 201 12.89 -70.36 13.84
CA GLY H 201 13.54 -70.19 15.12
C GLY H 201 14.91 -69.55 15.13
N GLU H 202 15.38 -69.04 13.99
CA GLU H 202 16.70 -68.41 13.97
C GLU H 202 16.72 -67.21 14.91
N GLU H 203 17.76 -67.14 15.75
CA GLU H 203 17.91 -66.05 16.70
C GLU H 203 19.14 -65.20 16.44
N ARG H 204 19.89 -65.49 15.37
CA ARG H 204 21.03 -64.66 14.96
C ARG H 204 20.84 -64.27 13.50
N TYR H 205 19.77 -63.51 13.25
CA TYR H 205 19.37 -63.22 11.88
C TYR H 205 20.25 -62.14 11.27
N THR H 206 20.25 -62.13 9.94
CA THR H 206 21.01 -61.21 9.11
C THR H 206 20.08 -60.16 8.54
N PRO H 207 20.63 -59.15 7.86
CA PRO H 207 19.75 -58.17 7.18
C PRO H 207 18.84 -58.80 6.15
N ALA H 208 19.12 -60.03 5.72
CA ALA H 208 18.25 -60.72 4.78
C ALA H 208 16.79 -60.70 5.23
N ILE H 209 16.54 -60.55 6.54
CA ILE H 209 15.16 -60.51 7.02
C ILE H 209 14.41 -59.33 6.43
N ASP H 210 15.09 -58.18 6.30
CA ASP H 210 14.43 -57.01 5.74
C ASP H 210 14.22 -57.17 4.24
N VAL H 211 15.13 -57.84 3.55
CA VAL H 211 14.94 -58.08 2.13
C VAL H 211 13.71 -58.95 1.90
N TRP H 212 13.52 -59.98 2.71
CA TRP H 212 12.34 -60.83 2.57
C TRP H 212 11.07 -60.00 2.72
N SER H 213 11.01 -59.15 3.75
CA SER H 213 9.83 -58.33 3.97
C SER H 213 9.53 -57.45 2.76
N CYS H 214 10.56 -56.82 2.19
CA CYS H 214 10.34 -55.92 1.05
C CYS H 214 9.92 -56.72 -0.18
N GLY H 215 10.48 -57.92 -0.35
CA GLY H 215 9.99 -58.79 -1.41
C GLY H 215 8.50 -59.04 -1.31
N CYS H 216 8.04 -59.37 -0.10
CA CYS H 216 6.59 -59.51 0.11
C CYS H 216 5.84 -58.27 -0.33
N ILE H 217 6.44 -57.09 -0.16
CA ILE H 217 5.80 -55.87 -0.62
C ILE H 217 5.88 -55.76 -2.13
N LEU H 218 7.00 -56.17 -2.73
CA LEU H 218 7.09 -56.15 -4.19
C LEU H 218 5.93 -56.94 -4.80
N GLY H 219 5.72 -58.17 -4.34
CA GLY H 219 4.63 -58.97 -4.86
C GLY H 219 3.27 -58.33 -4.61
N GLU H 220 3.09 -57.77 -3.40
CA GLU H 220 1.82 -57.15 -3.02
C GLU H 220 1.46 -56.00 -3.95
N LEU H 221 2.46 -55.30 -4.49
CA LEU H 221 2.18 -54.19 -5.39
C LEU H 221 1.69 -54.67 -6.76
N PHE H 222 1.94 -55.93 -7.11
CA PHE H 222 1.42 -56.49 -8.35
C PHE H 222 0.09 -57.21 -8.18
N THR H 223 -0.33 -57.48 -6.94
CA THR H 223 -1.64 -58.04 -6.68
C THR H 223 -2.56 -57.12 -5.88
N LYS H 224 -2.02 -56.15 -5.15
CA LYS H 224 -2.77 -55.29 -4.23
C LYS H 224 -3.24 -56.03 -2.99
N LYS H 225 -2.74 -57.25 -2.78
CA LYS H 225 -3.10 -58.08 -1.65
C LYS H 225 -1.83 -58.73 -1.12
N PRO H 226 -1.62 -58.76 0.20
CA PRO H 226 -0.44 -59.47 0.73
C PRO H 226 -0.39 -60.90 0.20
N ILE H 227 0.83 -61.43 0.15
CA ILE H 227 1.04 -62.73 -0.46
C ILE H 227 0.75 -63.86 0.52
N PHE H 228 1.27 -63.73 1.75
CA PHE H 228 1.18 -64.77 2.77
C PHE H 228 0.36 -64.23 3.93
N GLN H 229 -0.92 -64.58 3.97
CA GLN H 229 -1.81 -64.13 5.03
C GLN H 229 -2.24 -65.35 5.84
N ALA H 230 -1.70 -65.44 7.06
CA ALA H 230 -2.09 -66.46 8.01
C ALA H 230 -2.01 -65.81 9.39
N ASN H 231 -2.56 -66.50 10.37
CA ASN H 231 -2.61 -65.99 11.73
C ASN H 231 -1.63 -66.68 12.68
N LEU H 232 -1.04 -67.80 12.27
CA LEU H 232 -0.17 -68.57 13.14
C LEU H 232 1.06 -69.00 12.36
N GLU H 233 2.17 -69.13 13.10
CA GLU H 233 3.48 -69.21 12.46
C GLU H 233 3.66 -70.49 11.66
N LEU H 234 2.99 -71.58 12.07
CA LEU H 234 3.04 -72.78 11.24
C LEU H 234 2.16 -72.62 10.00
N ALA H 235 0.99 -72.00 10.14
CA ALA H 235 0.17 -71.72 8.98
C ALA H 235 0.91 -70.83 7.99
N GLN H 236 1.66 -69.85 8.51
CA GLN H 236 2.44 -68.98 7.65
C GLN H 236 3.49 -69.78 6.88
N LEU H 237 4.32 -70.53 7.59
CA LEU H 237 5.35 -71.34 6.93
C LEU H 237 4.74 -72.25 5.86
N GLU H 238 3.52 -72.75 6.09
CA GLU H 238 2.84 -73.57 5.09
C GLU H 238 2.55 -72.77 3.83
N LEU H 239 2.02 -71.55 3.99
CA LEU H 239 1.77 -70.70 2.84
C LEU H 239 3.06 -70.42 2.08
N ILE H 240 4.11 -70.01 2.81
CA ILE H 240 5.41 -69.75 2.18
C ILE H 240 5.87 -70.99 1.42
N SER H 241 5.71 -72.17 2.02
CA SER H 241 6.19 -73.39 1.39
C SER H 241 5.44 -73.69 0.10
N ARG H 242 4.13 -73.44 0.08
CA ARG H 242 3.35 -73.75 -1.11
C ARG H 242 3.82 -72.99 -2.32
N LEU H 243 4.36 -71.79 -2.11
CA LEU H 243 4.78 -70.91 -3.19
C LEU H 243 6.27 -71.02 -3.49
N CYS H 244 7.08 -70.98 -2.45
CA CYS H 244 8.53 -70.93 -2.59
C CYS H 244 9.20 -72.29 -2.58
N GLY H 245 8.47 -73.33 -2.21
CA GLY H 245 9.06 -74.61 -1.89
C GLY H 245 9.24 -74.78 -0.40
N SER H 246 9.21 -76.03 0.06
CA SER H 246 9.40 -76.28 1.47
C SER H 246 10.85 -76.04 1.85
N PRO H 247 11.11 -75.63 3.10
CA PRO H 247 12.50 -75.60 3.59
C PRO H 247 13.06 -77.01 3.69
N CYS H 248 14.21 -77.22 3.07
CA CYS H 248 14.86 -78.53 3.08
C CYS H 248 16.33 -78.36 2.75
N PRO H 249 17.18 -79.29 3.18
CA PRO H 249 18.62 -79.12 2.94
C PRO H 249 19.02 -79.07 1.48
N ALA H 250 18.20 -79.59 0.57
CA ALA H 250 18.57 -79.59 -0.85
C ALA H 250 18.73 -78.15 -1.35
N VAL H 251 17.91 -77.23 -0.85
CA VAL H 251 17.93 -75.84 -1.29
C VAL H 251 18.41 -74.88 -0.21
N TRP H 252 18.58 -75.34 1.03
CA TRP H 252 18.89 -74.48 2.17
C TRP H 252 19.80 -75.27 3.10
N PRO H 253 21.04 -75.53 2.67
CA PRO H 253 21.85 -76.56 3.33
C PRO H 253 21.93 -76.45 4.85
N ASP H 254 21.86 -75.24 5.41
CA ASP H 254 22.05 -75.06 6.84
C ASP H 254 20.75 -75.08 7.62
N VAL H 255 19.62 -75.40 6.97
CA VAL H 255 18.34 -75.35 7.65
C VAL H 255 18.27 -76.38 8.78
N ILE H 256 19.03 -77.47 8.66
CA ILE H 256 19.02 -78.52 9.67
C ILE H 256 19.53 -78.02 11.01
N ARG H 257 20.28 -76.91 11.01
CA ARG H 257 20.73 -76.33 12.27
C ARG H 257 19.60 -75.63 13.02
N LEU H 258 18.50 -75.34 12.36
CA LEU H 258 17.54 -74.44 12.97
C LEU H 258 16.72 -75.17 14.04
N PRO H 259 16.38 -74.47 15.13
CA PRO H 259 15.64 -75.13 16.22
C PRO H 259 14.44 -75.93 15.77
N TYR H 260 13.55 -75.30 14.99
CA TYR H 260 12.24 -75.88 14.69
C TYR H 260 12.21 -76.56 13.33
N PHE H 261 13.36 -76.91 12.76
CA PHE H 261 13.34 -77.51 11.43
C PHE H 261 12.60 -78.85 11.45
N ASN H 262 12.90 -79.70 12.44
CA ASN H 262 12.14 -80.94 12.60
C ASN H 262 10.73 -80.65 13.06
N THR H 263 10.58 -79.62 13.91
CA THR H 263 9.30 -79.35 14.57
C THR H 263 8.26 -78.83 13.59
N MET H 264 8.57 -77.73 12.91
CA MET H 264 7.60 -77.04 12.06
C MET H 264 7.71 -77.54 10.63
N LYS H 265 7.28 -78.76 10.43
CA LYS H 265 7.32 -79.28 9.07
C LYS H 265 6.07 -78.83 8.30
N PRO H 266 6.20 -78.52 7.01
CA PRO H 266 5.01 -78.25 6.20
C PRO H 266 4.23 -79.52 5.90
N LYS H 267 2.98 -79.31 5.46
CA LYS H 267 2.11 -80.44 5.12
C LYS H 267 2.81 -81.41 4.18
N LYS H 268 3.55 -80.90 3.21
CA LYS H 268 4.27 -81.71 2.25
C LYS H 268 5.69 -81.18 2.10
N GLN H 269 6.43 -81.77 1.16
CA GLN H 269 7.69 -81.22 0.66
C GLN H 269 7.35 -80.59 -0.70
N TYR H 270 6.92 -79.34 -0.65
CA TYR H 270 6.41 -78.68 -1.85
C TYR H 270 7.53 -78.26 -2.79
N ARG H 271 7.21 -78.24 -4.07
CA ARG H 271 8.11 -77.67 -5.06
C ARG H 271 7.93 -76.16 -5.13
N ARG H 272 8.91 -75.49 -5.73
CA ARG H 272 8.82 -74.05 -5.94
C ARG H 272 7.92 -73.76 -7.13
N ARG H 273 6.90 -72.92 -6.90
CA ARG H 273 5.94 -72.55 -7.93
C ARG H 273 5.91 -71.05 -8.15
N LEU H 274 6.87 -70.32 -7.59
CA LEU H 274 6.77 -68.86 -7.56
C LEU H 274 6.65 -68.29 -8.96
N ARG H 275 7.56 -68.65 -9.86
CA ARG H 275 7.47 -68.13 -11.22
C ARG H 275 6.15 -68.52 -11.87
N GLU H 276 5.62 -69.70 -11.54
CA GLU H 276 4.36 -70.13 -12.09
C GLU H 276 3.21 -69.29 -11.57
N GLU H 277 3.09 -69.19 -10.24
CA GLU H 277 1.94 -68.50 -9.65
C GLU H 277 2.03 -66.98 -9.79
N PHE H 278 3.18 -66.43 -10.17
CA PHE H 278 3.30 -65.02 -10.52
C PHE H 278 3.61 -64.81 -12.00
N SER H 279 3.24 -65.76 -12.85
CA SER H 279 3.60 -65.68 -14.27
C SER H 279 3.08 -64.42 -14.94
N PHE H 280 2.15 -63.69 -14.31
CA PHE H 280 1.61 -62.46 -14.88
C PHE H 280 2.47 -61.23 -14.59
N ILE H 281 3.60 -61.40 -13.90
CA ILE H 281 4.46 -60.27 -13.55
C ILE H 281 5.51 -60.09 -14.64
N PRO H 282 5.93 -58.85 -14.92
CA PRO H 282 6.98 -58.64 -15.93
C PRO H 282 8.25 -59.40 -15.61
N SER H 283 8.98 -59.76 -16.67
CA SER H 283 10.13 -60.65 -16.52
C SER H 283 11.19 -60.05 -15.60
N ALA H 284 11.55 -58.79 -15.84
CA ALA H 284 12.58 -58.17 -15.01
C ALA H 284 12.15 -58.15 -13.54
N ALA H 285 10.86 -57.96 -13.29
CA ALA H 285 10.36 -57.93 -11.92
C ALA H 285 10.30 -59.34 -11.33
N LEU H 286 9.70 -60.27 -12.06
CA LEU H 286 9.57 -61.64 -11.55
C LEU H 286 10.92 -62.18 -11.10
N ASP H 287 11.96 -61.96 -11.91
CA ASP H 287 13.31 -62.36 -11.52
C ASP H 287 13.69 -61.75 -10.17
N LEU H 288 13.37 -60.47 -9.96
CA LEU H 288 13.65 -59.83 -8.69
C LEU H 288 12.95 -60.56 -7.55
N LEU H 289 11.65 -60.82 -7.70
CA LEU H 289 10.90 -61.51 -6.65
C LEU H 289 11.50 -62.87 -6.32
N ASP H 290 11.88 -63.64 -7.34
CA ASP H 290 12.41 -64.97 -7.11
C ASP H 290 13.59 -64.93 -6.15
N HIS H 291 14.42 -63.89 -6.27
CA HIS H 291 15.63 -63.77 -5.47
C HIS H 291 15.36 -63.19 -4.09
N MET H 292 14.42 -62.26 -3.98
CA MET H 292 14.08 -61.70 -2.69
C MET H 292 13.35 -62.72 -1.83
N LEU H 293 12.41 -63.46 -2.43
CA LEU H 293 11.67 -64.51 -1.72
C LEU H 293 12.37 -65.86 -1.95
N THR H 294 13.64 -65.90 -1.57
CA THR H 294 14.47 -67.11 -1.60
C THR H 294 14.69 -67.57 -0.17
N LEU H 295 14.47 -68.86 0.08
CA LEU H 295 14.35 -69.35 1.45
C LEU H 295 15.66 -69.21 2.21
N ASP H 296 16.78 -69.62 1.63
CA ASP H 296 18.05 -69.59 2.34
C ASP H 296 18.58 -68.17 2.43
N PRO H 297 18.60 -67.56 3.62
CA PRO H 297 19.02 -66.14 3.69
C PRO H 297 20.42 -65.89 3.13
N SER H 298 21.31 -66.88 3.19
CA SER H 298 22.63 -66.72 2.61
C SER H 298 22.62 -66.82 1.09
N LYS H 299 21.49 -67.24 0.51
CA LYS H 299 21.29 -67.21 -0.94
C LYS H 299 20.33 -66.10 -1.37
N ARG H 300 19.68 -65.44 -0.42
CA ARG H 300 18.76 -64.35 -0.73
C ARG H 300 19.56 -63.11 -1.09
N CYS H 301 19.19 -62.48 -2.21
CA CYS H 301 19.90 -61.31 -2.68
C CYS H 301 19.91 -60.20 -1.61
N THR H 302 20.86 -59.30 -1.76
CA THR H 302 21.00 -58.14 -0.88
C THR H 302 20.30 -56.93 -1.48
N ALA H 303 20.22 -55.87 -0.67
CA ALA H 303 19.66 -54.62 -1.18
C ALA H 303 20.48 -54.08 -2.35
N GLU H 304 21.81 -54.06 -2.20
CA GLU H 304 22.65 -53.57 -3.28
C GLU H 304 22.36 -54.33 -4.57
N GLN H 305 22.19 -55.65 -4.47
CA GLN H 305 21.99 -56.45 -5.67
C GLN H 305 20.67 -56.11 -6.35
N THR H 306 19.63 -55.82 -5.57
CA THR H 306 18.34 -55.46 -6.17
C THR H 306 18.46 -54.15 -6.96
N LEU H 307 19.28 -53.22 -6.47
CA LEU H 307 19.51 -51.96 -7.20
C LEU H 307 20.33 -52.19 -8.45
N GLN H 308 21.07 -53.31 -8.52
CA GLN H 308 21.77 -53.72 -9.72
C GLN H 308 20.99 -54.77 -10.51
N SER H 309 19.66 -54.67 -10.48
CA SER H 309 18.79 -55.60 -11.17
C SER H 309 18.31 -54.99 -12.48
N ASP H 310 17.96 -55.85 -13.43
CA ASP H 310 17.36 -55.35 -14.65
C ASP H 310 16.14 -54.50 -14.36
N PHE H 311 15.43 -54.83 -13.28
CA PHE H 311 14.21 -54.09 -12.95
C PHE H 311 14.51 -52.68 -12.47
N LEU H 312 15.53 -52.52 -11.62
CA LEU H 312 15.80 -51.24 -10.97
C LEU H 312 17.11 -50.59 -11.38
N LYS H 313 18.00 -51.31 -12.04
CA LYS H 313 19.31 -50.77 -12.37
C LYS H 313 19.18 -49.45 -13.11
N ASP H 314 18.31 -49.38 -14.10
CA ASP H 314 18.24 -48.26 -15.03
C ASP H 314 17.13 -47.28 -14.72
N VAL H 315 16.48 -47.41 -13.56
CA VAL H 315 15.41 -46.49 -13.19
C VAL H 315 16.02 -45.15 -12.78
N GLU H 316 15.44 -44.07 -13.30
CA GLU H 316 15.89 -42.72 -12.96
C GLU H 316 14.94 -42.11 -11.93
N LEU H 317 15.48 -41.81 -10.74
CA LEU H 317 14.66 -41.24 -9.67
C LEU H 317 14.13 -39.86 -10.04
N SER H 318 14.71 -39.21 -11.05
CA SER H 318 14.29 -37.85 -11.38
C SER H 318 12.88 -37.80 -11.97
N LYS H 319 12.48 -38.82 -12.73
CA LYS H 319 11.13 -38.82 -13.28
C LYS H 319 10.09 -38.76 -12.18
N MET H 320 10.21 -39.63 -11.18
CA MET H 320 9.38 -39.60 -9.97
C MET H 320 7.90 -39.42 -10.30
N ALA H 321 7.43 -40.19 -11.28
CA ALA H 321 6.04 -40.07 -11.72
C ALA H 321 5.08 -40.19 -10.53
N PRO H 322 4.26 -39.17 -10.27
CA PRO H 322 3.32 -39.24 -9.14
C PRO H 322 2.43 -40.48 -9.23
N PRO H 323 2.15 -41.13 -8.11
CA PRO H 323 1.30 -42.33 -8.15
C PRO H 323 -0.15 -41.98 -8.49
N ASP H 324 -0.89 -43.01 -8.90
CA ASP H 324 -2.28 -42.83 -9.33
C ASP H 324 -3.19 -42.81 -8.10
N LEU H 325 -3.23 -41.66 -7.43
CA LEU H 325 -4.14 -41.46 -6.31
C LEU H 325 -5.55 -41.22 -6.81
N PRO H 326 -6.56 -41.47 -5.98
CA PRO H 326 -7.95 -41.32 -6.44
C PRO H 326 -8.24 -39.90 -6.91
N HIS H 327 -8.91 -39.81 -8.06
CA HIS H 327 -9.48 -38.55 -8.52
C HIS H 327 -10.76 -38.27 -7.75
N TRP H 328 -11.06 -36.98 -7.55
CA TRP H 328 -12.31 -36.64 -6.87
C TRP H 328 -13.52 -37.08 -7.69
N GLN H 329 -13.37 -37.20 -9.01
CA GLN H 329 -14.45 -37.73 -9.84
C GLN H 329 -14.68 -39.21 -9.58
N ASP H 330 -13.59 -39.95 -9.33
CA ASP H 330 -13.73 -41.36 -8.98
C ASP H 330 -14.34 -41.54 -7.61
N CYS H 331 -14.11 -40.60 -6.70
CA CYS H 331 -14.61 -40.75 -5.33
C CYS H 331 -16.13 -40.76 -5.30
N HIS H 332 -16.77 -39.93 -6.12
CA HIS H 332 -18.22 -39.96 -6.27
C HIS H 332 -18.62 -41.14 -7.16
N GLU H 333 -19.78 -41.72 -6.86
CA GLU H 333 -20.25 -42.87 -7.61
C GLU H 333 -20.43 -42.52 -9.09
N LEU H 334 -19.95 -43.39 -9.96
CA LEU H 334 -19.96 -43.16 -11.39
C LEU H 334 -21.05 -44.03 -12.01
N TRP H 335 -22.29 -43.51 -12.00
CA TRP H 335 -23.36 -44.18 -12.74
C TRP H 335 -22.96 -44.38 -14.19
N SER H 336 -22.18 -43.45 -14.75
CA SER H 336 -21.65 -43.59 -16.10
C SER H 336 -20.37 -44.42 -16.08
N THR I 24 23.42 -29.11 12.94
CA THR I 24 22.89 -30.47 12.85
C THR I 24 23.02 -31.16 14.20
N LYS I 25 24.23 -31.65 14.53
CA LYS I 25 24.52 -32.31 15.81
C LYS I 25 25.49 -31.45 16.63
N PRO I 26 25.41 -31.53 17.95
CA PRO I 26 26.15 -30.58 18.80
C PRO I 26 27.64 -30.89 18.97
N CYS I 27 28.35 -29.87 19.43
CA CYS I 27 29.78 -29.95 19.74
C CYS I 27 29.97 -30.31 21.21
N TRP I 28 30.71 -31.39 21.47
CA TRP I 28 30.91 -31.89 22.83
C TRP I 28 32.35 -31.77 23.33
N TYR I 29 33.13 -30.81 22.82
CA TYR I 29 34.51 -30.69 23.24
C TYR I 29 34.85 -29.25 23.62
N TRP I 30 35.59 -29.12 24.72
CA TRP I 30 36.00 -27.85 25.30
C TRP I 30 37.52 -27.81 25.37
N ASP I 31 38.06 -26.61 25.60
CA ASP I 31 39.48 -26.46 25.88
C ASP I 31 39.72 -26.57 27.38
N LYS I 32 40.90 -27.09 27.74
CA LYS I 32 41.26 -27.23 29.14
C LYS I 32 40.98 -25.95 29.90
N LYS I 33 41.29 -24.79 29.29
CA LYS I 33 41.08 -23.52 29.96
C LYS I 33 39.62 -23.32 30.37
N ASP I 34 38.69 -23.93 29.64
CA ASP I 34 37.26 -23.73 29.90
C ASP I 34 36.78 -24.40 31.18
N LEU I 35 37.50 -25.42 31.66
CA LEU I 35 37.07 -26.12 32.86
C LEU I 35 37.19 -25.27 34.12
N ALA I 36 37.85 -24.11 34.02
CA ALA I 36 37.88 -23.16 35.12
C ALA I 36 36.54 -22.46 35.32
N HIS I 37 35.58 -22.70 34.43
CA HIS I 37 34.32 -21.96 34.43
C HIS I 37 33.12 -22.89 34.36
N THR I 38 33.26 -24.11 34.86
CA THR I 38 32.10 -24.99 34.95
C THR I 38 31.15 -24.44 36.02
N PRO I 39 29.86 -24.81 35.95
CA PRO I 39 28.95 -24.42 37.03
C PRO I 39 29.51 -24.71 38.41
N SER I 40 30.20 -25.84 38.58
CA SER I 40 30.76 -26.19 39.88
C SER I 40 31.81 -25.17 40.34
N GLN I 41 32.73 -24.80 39.44
CA GLN I 41 33.73 -23.81 39.81
C GLN I 41 33.08 -22.49 40.22
N LEU I 42 32.07 -22.06 39.47
CA LEU I 42 31.45 -20.76 39.69
C LEU I 42 30.55 -20.74 40.91
N GLU I 43 30.16 -21.91 41.42
CA GLU I 43 29.47 -21.99 42.71
C GLU I 43 30.43 -22.19 43.88
N GLY I 44 31.72 -21.95 43.69
CA GLY I 44 32.67 -21.95 44.78
C GLY I 44 33.41 -23.25 44.98
N LEU I 45 33.14 -24.26 44.16
CA LEU I 45 33.90 -25.50 44.22
C LEU I 45 35.28 -25.27 43.60
N ASP I 46 36.32 -25.70 44.29
CA ASP I 46 37.67 -25.45 43.78
C ASP I 46 38.10 -26.54 42.81
N PRO I 47 39.15 -26.27 42.02
CA PRO I 47 39.51 -27.22 40.95
C PRO I 47 39.82 -28.62 41.44
N ALA I 48 40.52 -28.74 42.57
CA ALA I 48 40.84 -30.07 43.07
C ALA I 48 39.58 -30.85 43.42
N THR I 49 38.61 -30.19 44.06
CA THR I 49 37.40 -30.88 44.50
C THR I 49 36.59 -31.38 43.32
N GLU I 50 36.38 -30.52 42.30
CA GLU I 50 35.60 -30.97 41.16
C GLU I 50 36.27 -32.15 40.48
N ALA I 51 37.59 -32.12 40.37
CA ALA I 51 38.33 -33.27 39.84
C ALA I 51 38.08 -34.50 40.71
N ARG I 52 38.18 -34.34 42.04
CA ARG I 52 37.96 -35.46 42.93
C ARG I 52 36.54 -36.00 42.79
N TYR I 53 35.57 -35.10 42.73
CA TYR I 53 34.18 -35.51 42.56
C TYR I 53 33.95 -36.25 41.25
N ARG I 54 34.69 -35.89 40.19
CA ARG I 54 34.53 -36.60 38.93
C ARG I 54 35.10 -38.00 39.02
N ARG I 55 36.33 -38.13 39.53
CA ARG I 55 36.92 -39.45 39.71
C ARG I 55 36.00 -40.34 40.54
N GLU I 56 35.48 -39.79 41.64
CA GLU I 56 34.60 -40.57 42.50
C GLU I 56 33.34 -40.98 41.73
N GLY I 57 32.79 -40.05 40.96
CA GLY I 57 31.62 -40.38 40.17
C GLY I 57 31.92 -41.35 39.05
N ALA I 58 33.01 -41.11 38.32
CA ALA I 58 33.41 -42.02 37.26
C ALA I 58 33.67 -43.42 37.81
N ARG I 59 34.48 -43.54 38.86
CA ARG I 59 34.79 -44.85 39.41
C ARG I 59 33.56 -45.51 40.02
N PHE I 60 32.64 -44.73 40.59
CA PHE I 60 31.37 -45.29 41.04
C PHE I 60 30.63 -45.95 39.88
N ILE I 61 30.52 -45.24 38.74
CA ILE I 61 29.87 -45.83 37.57
C ILE I 61 30.60 -47.09 37.12
N PHE I 62 31.93 -47.06 37.09
CA PHE I 62 32.70 -48.21 36.65
C PHE I 62 32.45 -49.41 37.57
N ASP I 63 32.47 -49.18 38.89
CA ASP I 63 32.38 -50.28 39.83
C ASP I 63 30.98 -50.88 39.85
N VAL I 64 29.95 -50.03 39.85
CA VAL I 64 28.58 -50.52 39.86
C VAL I 64 28.33 -51.40 38.65
N GLY I 65 28.67 -50.88 37.46
CA GLY I 65 28.40 -51.62 36.24
C GLY I 65 29.22 -52.88 36.11
N THR I 66 30.45 -52.87 36.62
CA THR I 66 31.27 -54.08 36.57
C THR I 66 30.63 -55.19 37.37
N ARG I 67 30.10 -54.88 38.56
CA ARG I 67 29.40 -55.88 39.35
C ARG I 67 28.18 -56.43 38.59
N LEU I 68 27.54 -55.59 37.79
CA LEU I 68 26.38 -56.02 37.02
C LEU I 68 26.76 -56.78 35.76
N GLY I 69 28.05 -56.93 35.46
CA GLY I 69 28.46 -57.69 34.32
C GLY I 69 28.35 -56.93 33.01
N LEU I 70 28.41 -55.60 33.05
CA LEU I 70 28.11 -54.80 31.88
C LEU I 70 29.31 -54.70 30.95
N HIS I 71 29.01 -54.64 29.66
CA HIS I 71 30.01 -54.45 28.62
C HIS I 71 30.77 -53.15 28.86
N TYR I 72 32.02 -53.11 28.41
CA TYR I 72 32.87 -51.96 28.69
C TYR I 72 32.35 -50.69 28.04
N ASP I 73 31.75 -50.80 26.85
CA ASP I 73 31.19 -49.62 26.19
C ASP I 73 30.09 -49.00 27.03
N THR I 74 29.25 -49.83 27.65
CA THR I 74 28.16 -49.32 28.46
C THR I 74 28.67 -48.47 29.61
N LEU I 75 29.75 -48.92 30.26
CA LEU I 75 30.34 -48.14 31.34
C LEU I 75 30.83 -46.79 30.83
N ALA I 76 31.56 -46.81 29.72
CA ALA I 76 32.13 -45.57 29.19
C ALA I 76 31.02 -44.61 28.79
N THR I 77 29.98 -45.11 28.11
CA THR I 77 28.89 -44.24 27.70
C THR I 77 28.29 -43.53 28.90
N GLY I 78 27.98 -44.28 29.97
CA GLY I 78 27.46 -43.66 31.16
C GLY I 78 28.41 -42.61 31.72
N ILE I 79 29.72 -42.92 31.73
CA ILE I 79 30.68 -41.99 32.31
C ILE I 79 30.76 -40.71 31.49
N ILE I 80 30.67 -40.81 30.17
CA ILE I 80 30.72 -39.59 29.36
C ILE I 80 29.44 -38.77 29.55
N TYR I 81 28.28 -39.44 29.61
CA TYR I 81 27.08 -38.73 30.04
C TYR I 81 27.34 -37.97 31.34
N PHE I 82 27.94 -38.67 32.31
CA PHE I 82 28.23 -38.08 33.60
C PHE I 82 29.13 -36.86 33.47
N HIS I 83 30.29 -37.00 32.80
CA HIS I 83 31.20 -35.88 32.68
C HIS I 83 30.52 -34.69 32.00
N ARG I 84 29.82 -34.97 30.90
CA ARG I 84 29.14 -33.90 30.19
C ARG I 84 28.11 -33.22 31.07
N PHE I 85 27.36 -34.02 31.83
CA PHE I 85 26.35 -33.48 32.71
C PHE I 85 26.90 -32.33 33.56
N TYR I 86 28.06 -32.53 34.15
CA TYR I 86 28.63 -31.53 35.06
C TYR I 86 29.37 -30.43 34.35
N MET I 87 29.30 -30.41 33.01
CA MET I 87 29.60 -29.20 32.25
C MET I 87 28.39 -28.27 32.20
N PHE I 88 27.19 -28.79 32.46
CA PHE I 88 25.95 -28.03 32.44
C PHE I 88 25.32 -27.83 33.80
N HIS I 89 25.79 -28.50 34.83
CA HIS I 89 25.20 -28.40 36.15
C HIS I 89 26.32 -28.38 37.17
N SER I 90 25.96 -28.04 38.40
CA SER I 90 26.92 -27.97 39.49
C SER I 90 26.84 -29.23 40.33
N PHE I 91 28.00 -29.66 40.84
CA PHE I 91 28.01 -30.78 41.76
C PHE I 91 27.27 -30.45 43.05
N LYS I 92 27.13 -29.16 43.38
CA LYS I 92 26.47 -28.78 44.61
C LYS I 92 24.95 -28.89 44.53
N GLN I 93 24.39 -28.91 43.32
CA GLN I 93 22.94 -29.03 43.16
C GLN I 93 22.50 -30.43 42.78
N PHE I 94 23.41 -31.25 42.26
CA PHE I 94 23.11 -32.62 41.83
C PHE I 94 24.12 -33.58 42.46
N PRO I 95 23.73 -34.33 43.48
CA PRO I 95 24.65 -35.33 44.05
C PRO I 95 25.23 -36.22 42.97
N ARG I 96 26.55 -36.41 43.01
CA ARG I 96 27.24 -37.12 41.94
C ARG I 96 26.75 -38.57 41.83
N TYR I 97 26.64 -39.25 42.98
CA TYR I 97 26.34 -40.69 42.92
C TYR I 97 24.95 -40.93 42.34
N VAL I 98 23.97 -40.08 42.65
CA VAL I 98 22.66 -40.21 42.01
C VAL I 98 22.80 -39.99 40.51
N THR I 99 23.46 -38.89 40.12
CA THR I 99 23.71 -38.63 38.71
C THR I 99 24.37 -39.83 38.04
N GLY I 100 25.43 -40.34 38.65
CA GLY I 100 26.08 -41.52 38.09
C GLY I 100 25.13 -42.66 37.84
N ALA I 101 24.34 -43.01 38.86
CA ALA I 101 23.38 -44.10 38.72
C ALA I 101 22.42 -43.85 37.57
N CYS I 102 21.95 -42.61 37.43
CA CYS I 102 21.05 -42.29 36.33
C CYS I 102 21.74 -42.45 34.98
N CYS I 103 22.98 -41.99 34.88
CA CYS I 103 23.72 -42.12 33.62
C CYS I 103 23.86 -43.58 33.22
N LEU I 104 24.26 -44.44 34.15
CA LEU I 104 24.40 -45.85 33.82
C LEU I 104 23.05 -46.45 33.44
N PHE I 105 21.99 -46.09 34.16
CA PHE I 105 20.67 -46.59 33.82
C PHE I 105 20.32 -46.24 32.38
N LEU I 106 20.54 -44.98 32.00
CA LEU I 106 20.24 -44.58 30.64
C LEU I 106 21.20 -45.25 29.66
N ALA I 107 22.48 -45.31 30.02
CA ALA I 107 23.47 -45.92 29.16
C ALA I 107 23.08 -47.35 28.79
N GLY I 108 22.61 -48.12 29.76
CA GLY I 108 22.22 -49.50 29.48
C GLY I 108 21.17 -49.62 28.40
N LYS I 109 20.17 -48.75 28.44
CA LYS I 109 19.13 -48.78 27.41
C LYS I 109 19.69 -48.31 26.08
N VAL I 110 20.59 -47.32 26.12
CA VAL I 110 21.18 -46.79 24.89
C VAL I 110 22.02 -47.86 24.20
N GLU I 111 22.86 -48.56 24.98
CA GLU I 111 23.80 -49.53 24.42
C GLU I 111 23.23 -50.94 24.30
N GLU I 112 21.92 -51.12 24.54
CA GLU I 112 21.28 -52.43 24.43
C GLU I 112 21.85 -53.42 25.44
N THR I 113 22.21 -52.93 26.63
CA THR I 113 22.55 -53.79 27.77
C THR I 113 21.73 -53.35 28.97
N PRO I 114 20.40 -53.38 28.88
CA PRO I 114 19.59 -52.72 29.90
C PRO I 114 19.62 -53.45 31.24
N LYS I 115 19.49 -52.66 32.31
CA LYS I 115 19.37 -53.15 33.67
C LYS I 115 18.26 -52.39 34.36
N LYS I 116 17.63 -53.04 35.32
CA LYS I 116 16.53 -52.44 36.05
C LYS I 116 17.04 -51.39 37.03
N CYS I 117 16.31 -50.29 37.15
CA CYS I 117 16.73 -49.26 38.10
C CYS I 117 16.82 -49.85 39.49
N LYS I 118 15.95 -50.81 39.80
CA LYS I 118 15.97 -51.49 41.08
C LYS I 118 17.32 -52.16 41.33
N ASP I 119 17.89 -52.76 40.28
CA ASP I 119 19.15 -53.48 40.43
C ASP I 119 20.32 -52.53 40.60
N ILE I 120 20.30 -51.40 39.89
CA ILE I 120 21.39 -50.43 40.01
C ILE I 120 21.44 -49.86 41.42
N ILE I 121 20.28 -49.56 42.01
CA ILE I 121 20.27 -49.04 43.37
C ILE I 121 20.84 -50.07 44.33
N LYS I 122 20.38 -51.32 44.23
CA LYS I 122 20.86 -52.38 45.11
C LYS I 122 22.38 -52.48 45.06
N THR I 123 22.96 -52.48 43.86
CA THR I 123 24.41 -52.56 43.74
C THR I 123 25.09 -51.33 44.31
N ALA I 124 24.50 -50.15 44.06
CA ALA I 124 25.06 -48.93 44.63
C ALA I 124 25.09 -48.99 46.15
N ARG I 125 24.11 -49.64 46.75
CA ARG I 125 24.10 -49.76 48.21
C ARG I 125 25.26 -50.62 48.69
N SER I 126 25.61 -51.67 47.94
CA SER I 126 26.74 -52.52 48.32
C SER I 126 28.03 -51.73 48.36
N LEU I 127 28.23 -50.84 47.40
CA LEU I 127 29.51 -50.15 47.22
C LEU I 127 29.62 -48.86 47.99
N LEU I 128 28.51 -48.19 48.25
CA LEU I 128 28.53 -46.91 48.96
C LEU I 128 28.30 -47.16 50.45
N ASN I 129 28.95 -46.35 51.28
CA ASN I 129 28.73 -46.39 52.72
C ASN I 129 27.43 -45.66 53.05
N ASP I 130 27.15 -45.49 54.34
CA ASP I 130 25.88 -44.90 54.75
C ASP I 130 25.83 -43.41 54.45
N VAL I 131 26.96 -42.71 54.68
CA VAL I 131 27.03 -41.29 54.38
C VAL I 131 26.82 -41.06 52.89
N GLN I 132 27.55 -41.81 52.06
CA GLN I 132 27.46 -41.64 50.62
C GLN I 132 26.06 -41.95 50.12
N PHE I 133 25.49 -43.06 50.57
CA PHE I 133 24.15 -43.42 50.13
C PHE I 133 23.09 -42.46 50.61
N GLY I 134 23.42 -41.54 51.52
CA GLY I 134 22.46 -40.53 51.92
C GLY I 134 22.01 -39.64 50.79
N GLN I 135 22.81 -39.56 49.71
CA GLN I 135 22.42 -38.78 48.56
C GLN I 135 21.12 -39.28 47.95
N PHE I 136 20.92 -40.59 47.94
CA PHE I 136 19.72 -41.16 47.32
C PHE I 136 18.46 -40.90 48.13
N GLY I 137 18.58 -40.34 49.33
CA GLY I 137 17.40 -39.88 50.03
C GLY I 137 16.45 -41.00 50.40
N ASP I 138 15.18 -40.62 50.56
CA ASP I 138 14.19 -41.56 51.07
C ASP I 138 13.74 -42.57 50.03
N ASP I 139 13.78 -42.23 48.74
CA ASP I 139 13.38 -43.14 47.68
C ASP I 139 14.47 -43.14 46.63
N PRO I 140 15.46 -44.03 46.76
CA PRO I 140 16.56 -44.02 45.78
C PRO I 140 16.09 -44.15 44.33
N LYS I 141 15.19 -45.09 44.05
CA LYS I 141 14.76 -45.29 42.67
C LYS I 141 14.16 -44.02 42.07
N GLU I 142 13.23 -43.38 42.77
CA GLU I 142 12.56 -42.23 42.19
C GLU I 142 13.55 -41.10 41.90
N GLU I 143 14.45 -40.81 42.85
CA GLU I 143 15.42 -39.74 42.66
C GLU I 143 16.18 -39.95 41.36
N VAL I 144 16.54 -41.20 41.08
CA VAL I 144 17.25 -41.52 39.85
C VAL I 144 16.31 -41.42 38.66
N MET I 145 15.12 -42.02 38.76
CA MET I 145 14.22 -42.06 37.63
C MET I 145 13.82 -40.67 37.12
N VAL I 146 13.57 -39.73 38.03
CA VAL I 146 13.17 -38.41 37.56
C VAL I 146 14.35 -37.73 36.87
N LEU I 147 15.55 -37.93 37.41
CA LEU I 147 16.73 -37.25 36.87
C LEU I 147 16.93 -37.58 35.40
N GLU I 148 16.41 -38.73 34.97
CA GLU I 148 16.54 -39.14 33.57
C GLU I 148 16.06 -38.04 32.64
N ARG I 149 14.97 -37.37 33.00
CA ARG I 149 14.44 -36.31 32.16
C ARG I 149 15.48 -35.22 31.96
N ILE I 150 16.08 -34.77 33.07
CA ILE I 150 17.10 -33.72 32.98
C ILE I 150 18.33 -34.25 32.26
N LEU I 151 18.71 -35.51 32.52
CA LEU I 151 19.87 -36.08 31.84
C LEU I 151 19.66 -36.03 30.33
N LEU I 152 18.51 -36.52 29.86
CA LEU I 152 18.21 -36.54 28.44
C LEU I 152 18.24 -35.14 27.85
N GLN I 153 17.62 -34.18 28.53
CA GLN I 153 17.67 -32.81 28.05
C GLN I 153 19.08 -32.26 28.11
N THR I 154 19.83 -32.58 29.17
CA THR I 154 21.16 -32.02 29.32
C THR I 154 22.08 -32.48 28.19
N ILE I 155 22.04 -33.76 27.86
CA ILE I 155 22.89 -34.30 26.80
C ILE I 155 22.23 -34.08 25.44
N LYS I 156 21.20 -33.24 25.42
CA LYS I 156 20.58 -32.79 24.17
C LYS I 156 20.13 -33.98 23.31
N PHE I 157 19.70 -35.05 23.96
CA PHE I 157 19.24 -36.26 23.28
C PHE I 157 20.23 -36.76 22.23
N ASP I 158 21.49 -36.34 22.33
CA ASP I 158 22.55 -36.86 21.47
C ASP I 158 23.10 -38.10 22.17
N LEU I 159 22.47 -39.25 21.92
CA LEU I 159 22.73 -40.44 22.69
C LEU I 159 23.88 -41.27 22.14
N GLN I 160 24.14 -41.22 20.84
CA GLN I 160 25.21 -42.02 20.25
C GLN I 160 26.58 -41.48 20.67
N VAL I 161 27.42 -42.36 21.18
CA VAL I 161 28.76 -42.01 21.65
C VAL I 161 29.75 -43.06 21.19
N GLU I 162 30.92 -42.62 20.74
CA GLU I 162 32.02 -43.48 20.35
C GLU I 162 33.08 -43.43 21.44
N HIS I 163 33.81 -44.53 21.62
CA HIS I 163 34.78 -44.60 22.71
C HIS I 163 36.15 -45.01 22.18
N PRO I 164 37.22 -44.63 22.88
CA PRO I 164 38.57 -44.96 22.38
C PRO I 164 38.81 -46.44 22.14
N TYR I 165 38.08 -47.32 22.82
CA TYR I 165 38.40 -48.74 22.74
C TYR I 165 38.33 -49.24 21.30
N GLN I 166 37.25 -48.91 20.59
CA GLN I 166 37.07 -49.45 19.25
C GLN I 166 38.16 -48.97 18.31
N PHE I 167 38.67 -47.76 18.52
CA PHE I 167 39.74 -47.25 17.66
C PHE I 167 41.07 -47.85 18.05
N LEU I 168 41.28 -48.08 19.35
CA LEU I 168 42.45 -48.83 19.79
C LEU I 168 42.52 -50.17 19.10
N LEU I 169 41.39 -50.84 18.94
CA LEU I 169 41.37 -52.14 18.28
C LEU I 169 41.48 -52.00 16.77
N LYS I 170 40.74 -51.04 16.19
CA LYS I 170 40.82 -50.82 14.74
C LYS I 170 42.23 -50.50 14.30
N TYR I 171 42.93 -49.65 15.06
CA TYR I 171 44.28 -49.24 14.66
C TYR I 171 45.29 -50.35 14.91
N ALA I 172 45.20 -51.03 16.05
CA ALA I 172 46.15 -52.11 16.34
C ALA I 172 46.01 -53.24 15.32
N LYS I 173 44.79 -53.49 14.83
CA LYS I 173 44.55 -54.57 13.87
C LYS I 173 45.36 -54.38 12.60
N GLN I 174 45.74 -53.14 12.28
CA GLN I 174 46.54 -52.84 11.10
C GLN I 174 48.04 -52.91 11.38
N LEU I 175 48.44 -53.26 12.61
CA LEU I 175 49.83 -53.47 12.94
C LEU I 175 50.21 -54.93 12.70
N LYS I 176 51.40 -55.14 12.15
CA LYS I 176 51.92 -56.48 11.89
C LYS I 176 53.34 -56.58 12.41
N GLY I 177 53.63 -57.65 13.15
CA GLY I 177 54.93 -57.85 13.75
C GLY I 177 54.84 -58.88 14.86
N ASP I 178 55.76 -58.78 15.81
CA ASP I 178 55.73 -59.67 16.97
C ASP I 178 54.36 -59.57 17.62
N LYS I 179 53.56 -60.64 17.55
CA LYS I 179 52.21 -60.57 18.10
C LYS I 179 52.24 -60.23 19.58
N ASN I 180 53.17 -60.81 20.33
CA ASN I 180 53.15 -60.64 21.78
C ASN I 180 53.57 -59.23 22.18
N LYS I 181 54.45 -58.60 21.40
CA LYS I 181 54.77 -57.20 21.69
C LYS I 181 53.58 -56.29 21.38
N ILE I 182 52.82 -56.60 20.33
CA ILE I 182 51.67 -55.77 19.97
C ILE I 182 50.55 -55.95 20.97
N GLN I 183 50.38 -57.17 21.49
CA GLN I 183 49.35 -57.41 22.50
C GLN I 183 49.66 -56.67 23.80
N LYS I 184 50.93 -56.63 24.20
CA LYS I 184 51.28 -55.88 25.40
C LYS I 184 50.95 -54.41 25.22
N LEU I 185 51.19 -53.87 24.02
CA LEU I 185 50.82 -52.50 23.73
C LEU I 185 49.33 -52.28 23.93
N VAL I 186 48.51 -53.17 23.35
CA VAL I 186 47.06 -53.02 23.41
C VAL I 186 46.58 -53.05 24.85
N GLN I 187 47.03 -54.04 25.62
CA GLN I 187 46.58 -54.19 26.99
C GLN I 187 46.94 -52.97 27.82
N MET I 188 48.17 -52.47 27.68
CA MET I 188 48.57 -51.29 28.41
C MET I 188 47.74 -50.08 27.99
N ALA I 189 47.52 -49.91 26.69
CA ALA I 189 46.66 -48.83 26.22
C ALA I 189 45.24 -48.99 26.75
N TRP I 190 44.72 -50.21 26.72
CA TRP I 190 43.38 -50.45 27.27
C TRP I 190 43.31 -50.01 28.72
N THR I 191 44.35 -50.36 29.50
CA THR I 191 44.41 -49.92 30.88
C THR I 191 44.41 -48.39 30.97
N PHE I 192 45.17 -47.73 30.08
CA PHE I 192 45.21 -46.27 30.07
C PHE I 192 43.86 -45.66 29.72
N VAL I 193 43.14 -46.27 28.77
CA VAL I 193 41.80 -45.77 28.44
C VAL I 193 40.90 -45.83 29.65
N ASN I 194 40.89 -46.98 30.34
CA ASN I 194 40.06 -47.11 31.53
C ASN I 194 40.39 -46.03 32.54
N ASP I 195 41.67 -45.66 32.66
CA ASP I 195 42.08 -44.64 33.60
C ASP I 195 41.72 -43.24 33.14
N SER I 196 41.72 -43.01 31.82
CA SER I 196 41.38 -41.70 31.29
C SER I 196 39.90 -41.36 31.50
N LEU I 197 39.08 -42.36 31.83
CA LEU I 197 37.67 -42.14 32.09
C LEU I 197 37.44 -41.38 33.38
N CYS I 198 38.43 -41.37 34.28
CA CYS I 198 38.33 -40.58 35.49
C CYS I 198 38.68 -39.12 35.27
N THR I 199 39.04 -38.76 34.04
CA THR I 199 39.51 -37.42 33.72
C THR I 199 38.55 -36.79 32.72
N THR I 200 38.76 -35.49 32.50
CA THR I 200 38.00 -34.71 31.54
C THR I 200 38.56 -34.82 30.12
N LEU I 201 39.49 -35.74 29.88
CA LEU I 201 39.95 -35.95 28.50
C LEU I 201 38.78 -36.33 27.60
N SER I 202 37.82 -37.09 28.14
CA SER I 202 36.62 -37.42 27.39
C SER I 202 35.95 -36.17 26.84
N LEU I 203 36.17 -35.03 27.49
CA LEU I 203 35.56 -33.77 27.11
C LEU I 203 36.48 -32.87 26.29
N GLN I 204 37.75 -33.24 26.12
CA GLN I 204 38.70 -32.39 25.42
C GLN I 204 39.03 -32.86 24.01
N TRP I 205 39.07 -34.16 23.78
CA TRP I 205 39.60 -34.69 22.53
C TRP I 205 38.71 -35.82 22.04
N GLU I 206 38.55 -35.89 20.72
CA GLU I 206 37.78 -36.97 20.10
C GLU I 206 38.36 -38.33 20.53
N PRO I 207 37.52 -39.38 20.53
CA PRO I 207 38.04 -40.69 20.95
C PRO I 207 39.18 -41.21 20.09
N GLU I 208 39.13 -40.97 18.78
CA GLU I 208 40.21 -41.42 17.91
C GLU I 208 41.55 -40.87 18.40
N ILE I 209 41.59 -39.61 18.82
CA ILE I 209 42.82 -39.01 19.31
C ILE I 209 43.25 -39.67 20.62
N ILE I 210 42.29 -39.93 21.52
CA ILE I 210 42.63 -40.62 22.76
C ILE I 210 43.25 -41.98 22.45
N ALA I 211 42.65 -42.71 21.52
CA ALA I 211 43.16 -44.04 21.18
C ALA I 211 44.60 -43.97 20.71
N VAL I 212 44.93 -42.99 19.88
CA VAL I 212 46.31 -42.83 19.44
C VAL I 212 47.21 -42.47 20.62
N ALA I 213 46.76 -41.55 21.47
CA ALA I 213 47.59 -41.11 22.59
C ALA I 213 47.98 -42.28 23.47
N VAL I 214 47.03 -43.17 23.77
CA VAL I 214 47.36 -44.28 24.67
C VAL I 214 48.26 -45.29 23.97
N MET I 215 48.10 -45.47 22.65
CA MET I 215 49.07 -46.26 21.91
C MET I 215 50.44 -45.60 21.95
N TYR I 216 50.48 -44.29 21.74
CA TYR I 216 51.71 -43.51 21.80
C TYR I 216 52.40 -43.67 23.14
N LEU I 217 51.66 -43.55 24.24
CA LEU I 217 52.25 -43.70 25.57
C LEU I 217 52.79 -45.11 25.77
N ALA I 218 51.95 -46.12 25.54
CA ALA I 218 52.37 -47.50 25.73
C ALA I 218 53.60 -47.80 24.89
N GLY I 219 53.67 -47.24 23.70
CA GLY I 219 54.87 -47.41 22.89
C GLY I 219 56.09 -46.83 23.59
N ARG I 220 55.95 -45.63 24.14
CA ARG I 220 57.07 -45.03 24.87
C ARG I 220 57.49 -45.90 26.05
N LEU I 221 56.52 -46.33 26.86
CA LEU I 221 56.84 -47.09 28.07
C LEU I 221 57.45 -48.44 27.72
N CYS I 222 56.87 -49.14 26.74
CA CYS I 222 57.40 -50.44 26.34
C CYS I 222 58.58 -50.33 25.37
N LYS I 223 59.04 -49.12 25.05
CA LYS I 223 60.18 -48.94 24.17
C LYS I 223 59.98 -49.64 22.83
N PHE I 224 58.77 -49.52 22.29
CA PHE I 224 58.40 -50.05 20.99
C PHE I 224 58.40 -48.92 19.96
N GLU I 225 58.72 -49.26 18.72
CA GLU I 225 58.67 -48.33 17.59
C GLU I 225 57.49 -48.70 16.72
N ILE I 226 56.35 -48.03 16.95
CA ILE I 226 55.11 -48.49 16.33
C ILE I 226 55.17 -48.31 14.82
N GLN I 227 56.00 -47.38 14.33
CA GLN I 227 56.11 -47.19 12.89
C GLN I 227 56.44 -48.49 12.17
N GLU I 228 57.29 -49.32 12.77
CA GLU I 228 57.72 -50.55 12.11
C GLU I 228 56.57 -51.49 11.82
N TRP I 229 55.57 -51.53 12.69
CA TRP I 229 54.47 -52.48 12.55
C TRP I 229 53.43 -52.02 11.54
N THR I 230 53.57 -50.81 11.01
CA THR I 230 52.62 -50.21 10.07
C THR I 230 53.00 -50.53 8.63
N SER I 231 52.09 -50.19 7.72
CA SER I 231 52.33 -50.33 6.28
C SER I 231 53.34 -49.34 5.74
N LYS I 232 53.79 -48.38 6.54
CA LYS I 232 54.71 -47.34 6.11
C LYS I 232 55.86 -47.24 7.09
N PRO I 233 56.72 -48.26 7.12
CA PRO I 233 57.67 -48.39 8.25
C PRO I 233 58.68 -47.26 8.38
N MET I 234 58.81 -46.37 7.41
CA MET I 234 59.77 -45.28 7.48
C MET I 234 59.12 -43.92 7.71
N TYR I 235 57.83 -43.92 8.04
CA TYR I 235 57.06 -42.73 8.38
C TYR I 235 56.99 -42.66 9.91
N ARG I 236 57.90 -41.89 10.49
CA ARG I 236 58.09 -41.90 11.94
C ARG I 236 56.88 -41.38 12.70
N ARG I 237 56.10 -40.48 12.10
CA ARG I 237 54.83 -40.06 12.70
C ARG I 237 53.77 -41.06 12.24
N TRP I 238 53.79 -42.23 12.87
CA TRP I 238 53.00 -43.36 12.41
C TRP I 238 51.51 -43.12 12.49
N TRP I 239 51.05 -42.34 13.48
CA TRP I 239 49.61 -42.24 13.70
C TRP I 239 48.89 -41.46 12.60
N GLU I 240 49.59 -40.60 11.88
CA GLU I 240 48.94 -39.74 10.90
C GLU I 240 48.17 -40.53 9.86
N GLN I 241 48.50 -41.81 9.67
CA GLN I 241 47.71 -42.64 8.75
C GLN I 241 46.41 -43.10 9.40
N PHE I 242 46.29 -43.03 10.73
CA PHE I 242 45.05 -43.35 11.44
C PHE I 242 44.22 -42.12 11.75
N VAL I 243 44.84 -41.05 12.25
CA VAL I 243 44.16 -39.85 12.68
C VAL I 243 44.91 -38.68 12.03
N GLN I 244 44.26 -38.01 11.10
CA GLN I 244 44.90 -36.93 10.37
C GLN I 244 44.94 -35.67 11.22
N ASP I 245 46.02 -34.91 11.07
CA ASP I 245 46.14 -33.57 11.66
C ASP I 245 46.24 -33.58 13.17
N VAL I 246 46.99 -34.51 13.74
CA VAL I 246 47.18 -34.51 15.19
C VAL I 246 48.63 -34.15 15.47
N PRO I 247 48.91 -32.96 16.01
CA PRO I 247 50.28 -32.61 16.38
C PRO I 247 50.73 -33.36 17.62
N VAL I 248 52.06 -33.51 17.74
CA VAL I 248 52.63 -34.25 18.86
C VAL I 248 52.30 -33.58 20.18
N ASP I 249 52.24 -32.25 20.20
CA ASP I 249 51.88 -31.54 21.43
C ASP I 249 50.64 -32.15 22.08
N VAL I 250 49.63 -32.44 21.27
CA VAL I 250 48.38 -32.97 21.80
C VAL I 250 48.61 -34.34 22.43
N LEU I 251 49.30 -35.23 21.72
CA LEU I 251 49.59 -36.55 22.28
C LEU I 251 50.39 -36.44 23.57
N GLU I 252 51.26 -35.44 23.66
CA GLU I 252 51.99 -35.23 24.91
C GLU I 252 51.09 -34.67 26.01
N ASP I 253 50.21 -33.73 25.66
CA ASP I 253 49.27 -33.21 26.64
C ASP I 253 48.40 -34.33 27.22
N ILE I 254 47.94 -35.23 26.36
CA ILE I 254 47.08 -36.32 26.83
C ILE I 254 47.86 -37.28 27.70
N CYS I 255 49.03 -37.74 27.21
CA CYS I 255 49.82 -38.69 27.98
C CYS I 255 50.16 -38.12 29.36
N HIS I 256 50.54 -36.85 29.39
CA HIS I 256 50.87 -36.19 30.64
C HIS I 256 49.76 -36.33 31.67
N GLN I 257 48.51 -36.12 31.26
CA GLN I 257 47.42 -36.20 32.22
C GLN I 257 47.30 -37.60 32.80
N ILE I 258 47.49 -38.63 31.99
CA ILE I 258 47.40 -39.99 32.51
C ILE I 258 48.55 -40.23 33.48
N LEU I 259 49.76 -39.80 33.11
CA LEU I 259 50.90 -40.00 33.97
C LEU I 259 50.76 -39.23 35.28
N ASP I 260 50.06 -38.10 35.26
CA ASP I 260 49.82 -37.35 36.49
C ASP I 260 48.95 -38.13 37.46
N LEU I 261 47.87 -38.75 36.96
CA LEU I 261 47.02 -39.53 37.85
C LEU I 261 47.81 -40.61 38.57
N TYR I 262 48.68 -41.32 37.85
CA TYR I 262 49.45 -42.39 38.46
C TYR I 262 50.44 -41.88 39.48
N SER I 263 51.16 -40.80 39.18
CA SER I 263 52.15 -40.28 40.14
C SER I 263 51.46 -39.66 41.34
N GLN I 264 50.34 -38.97 41.12
CA GLN I 264 49.60 -38.32 42.20
C GLN I 264 49.15 -39.32 43.26
N GLY I 265 48.52 -40.40 42.84
CA GLY I 265 47.98 -41.41 43.73
C GLY I 265 49.09 -42.23 44.35
N LYS I 266 48.71 -43.43 44.75
CA LYS I 266 49.69 -44.47 45.10
C LYS I 266 49.92 -45.48 43.98
N GLN I 267 48.99 -45.61 43.03
CA GLN I 267 49.07 -46.57 41.94
C GLN I 267 50.25 -46.24 41.01
N GLN I 268 50.78 -47.28 40.36
CA GLN I 268 51.95 -47.11 39.50
C GLN I 268 51.67 -47.52 38.05
N MET I 269 52.58 -47.11 37.16
CA MET I 269 52.40 -47.38 35.74
C MET I 269 52.33 -48.88 35.48
N PRO I 270 51.45 -49.35 34.59
CA PRO I 270 51.29 -50.81 34.44
C PRO I 270 52.58 -51.48 33.99
N HIS I 271 53.24 -50.92 32.99
CA HIS I 271 54.46 -51.47 32.43
C HIS I 271 54.56 -53.00 32.57
#